data_7A3F
#
_entry.id   7A3F
#
_cell.length_a   95.170
_cell.length_b   95.310
_cell.length_c   127.196
_cell.angle_alpha   86.560
_cell.angle_beta   102.540
_cell.angle_gamma   102.440
#
_symmetry.space_group_name_H-M   'P 1'
#
loop_
_entity.id
_entity.type
_entity.pdbx_description
1 polymer 'Dipeptidyl peptidase 9'
2 non-polymer 'PHOSPHATE ION'
3 non-polymer GLYCEROL
4 water water
#
_entity_poly.entity_id   1
_entity_poly.type   'polypeptide(L)'
_entity_poly.pdbx_seq_one_letter_code
;MRKVKKLRLDKENTGSWRSFSLNSEGAERMATTGTPTADRGDAAATDDPAARFQVQKHSWDGLRSIIHGSRKYSGLIVNK
APHDFQFVQKTDESGPHSHRLYYLGMPYGSRENSLLYSEIPKKVRKEALLLLSWKQMLDHFQATPHHGVYSREEELLRER
KRLGVFGITSYDFHSESGLFLFQASNSLFHCRDGGKNGFMVSPMKPLEIKTQCSGPRMDPKICPADPAFFSFINNSDLWV
ANIETGEERRLTFCHQGLSNVLDDPKSAGVATFVIQEEFDRFTGYWWCPTASWEGSEGLKTLRILYEEVDESEVEVIHVP
SPALEERKTDSYRYPRTGSKNPKIALKLAEFQTDSQGKIVSTQEKELVQPFSSLFPKVEYIARAGWTRDGKYAWAMFLDR
PQQWLQLVLLPPALFIPSTENEEQRLASARAVPRNVQPYVVYEEVTNVWINVHDIFYPFPQSEGEDELCFLRANECKTGF
CHLYKVTAVLKSQGYDWSEPFSPGEDEFKCPIKEEIALTSGEWEVLARHGSKIWVNEETKLVYFQGTKDTPLEHHLYVVS
YEAAGEIVRLTTPGFSHSCSMSQNFDMFVSHYSSVSTPPCVHVYKLSGPDDDPLHKQPRFWASMMEAASCPPDYVPPEIF
HFHTRSDVRLYGMIYKPHALQPGKKHPTVLFVYGGPQVQLVNNSFKGIKYLRLNTLASLGYAVVVIDGRGSCQRGLRFEG
ALKNQMGQVEIEDQVEGLQFVAEKYGFIDLSRVAIHGWSYGGFLSLMGLIHKPQVFKVAIAGAPVTVWMAYDTGYTERYM
DVPENNQHGYEAGSVALHVEKLPNEPNRLLILHGFLDENVHFFHTNFLVSQLIRAGKPYQLQIYPNERHSIRCPESGEHY
EVTLLHFLQEYLHHHHHH
;
_entity_poly.pdbx_strand_id   B,A,C,D
#
# COMPACT_ATOMS: atom_id res chain seq x y z
N PRO A 49 -6.17 4.22 48.76
CA PRO A 49 -5.98 5.58 48.20
C PRO A 49 -5.92 5.59 46.66
N ALA A 50 -6.71 6.45 46.02
CA ALA A 50 -6.86 6.56 44.54
C ALA A 50 -5.72 7.41 43.95
N ALA A 51 -4.52 7.27 44.50
CA ALA A 51 -3.28 7.97 44.08
C ALA A 51 -2.45 7.05 43.16
N ARG A 52 -2.82 5.76 43.07
CA ARG A 52 -2.25 4.79 42.10
C ARG A 52 -2.53 5.33 40.69
N PHE A 53 -1.48 5.56 39.90
CA PHE A 53 -1.60 6.00 38.47
C PHE A 53 -1.91 4.79 37.59
N GLN A 54 -3.00 4.86 36.83
CA GLN A 54 -3.38 3.88 35.78
C GLN A 54 -2.92 4.42 34.42
N VAL A 55 -2.11 3.68 33.68
CA VAL A 55 -1.67 4.07 32.31
C VAL A 55 -2.89 3.99 31.39
N GLN A 56 -3.09 5.02 30.56
CA GLN A 56 -4.05 5.01 29.43
C GLN A 56 -3.95 3.66 28.73
N LYS A 57 -5.05 2.91 28.68
CA LYS A 57 -5.14 1.59 28.01
C LYS A 57 -5.55 1.84 26.56
N HIS A 58 -4.75 1.38 25.60
CA HIS A 58 -4.92 1.63 24.15
C HIS A 58 -5.39 0.34 23.47
N SER A 59 -6.05 0.49 22.32
CA SER A 59 -6.24 -0.60 21.32
C SER A 59 -4.86 -0.95 20.76
N TRP A 60 -4.73 -2.13 20.14
CA TRP A 60 -3.45 -2.64 19.57
C TRP A 60 -3.02 -1.71 18.43
N ASP A 61 -3.91 -1.43 17.48
CA ASP A 61 -3.64 -0.52 16.33
C ASP A 61 -3.31 0.87 16.87
N GLY A 62 -3.92 1.25 18.00
CA GLY A 62 -3.51 2.41 18.82
C GLY A 62 -2.05 2.30 19.27
N LEU A 63 -1.71 1.26 20.03
CA LEU A 63 -0.33 1.01 20.53
C LEU A 63 0.64 0.98 19.33
N ARG A 64 0.21 0.40 18.21
CA ARG A 64 1.08 0.24 17.00
C ARG A 64 1.41 1.63 16.44
N SER A 65 0.44 2.55 16.39
CA SER A 65 0.62 3.92 15.87
C SER A 65 1.43 4.77 16.84
N ILE A 66 1.44 4.42 18.14
CA ILE A 66 2.30 5.08 19.18
C ILE A 66 3.76 4.63 18.96
N ILE A 67 3.98 3.37 18.61
CA ILE A 67 5.35 2.80 18.42
C ILE A 67 5.87 3.22 17.05
N HIS A 68 5.02 3.31 16.02
CA HIS A 68 5.38 3.84 14.68
C HIS A 68 5.61 5.35 14.77
N GLY A 69 4.86 6.06 15.62
CA GLY A 69 5.13 7.46 15.99
C GLY A 69 6.57 7.63 16.45
N SER A 70 7.03 6.79 17.38
CA SER A 70 8.36 6.85 18.05
C SER A 70 9.46 7.05 17.01
N ARG A 71 9.64 6.07 16.13
CA ARG A 71 10.72 6.04 15.11
C ARG A 71 10.36 6.96 13.95
N LYS A 72 10.93 8.17 13.92
CA LYS A 72 10.68 9.20 12.89
C LYS A 72 11.85 10.20 12.85
N ALA A 81 26.08 8.73 11.81
CA ALA A 81 27.02 8.44 12.93
C ALA A 81 28.36 7.93 12.37
N PRO A 82 29.28 8.82 11.94
CA PRO A 82 30.51 8.39 11.27
C PRO A 82 31.50 7.72 12.23
N HIS A 83 32.30 6.79 11.72
CA HIS A 83 33.26 5.94 12.47
C HIS A 83 34.45 5.57 11.59
N ASP A 84 35.53 5.07 12.19
CA ASP A 84 36.74 4.57 11.49
C ASP A 84 37.34 5.72 10.68
N PHE A 85 38.00 6.66 11.38
CA PHE A 85 38.60 7.89 10.80
C PHE A 85 40.07 7.63 10.43
N GLN A 86 40.54 8.22 9.33
CA GLN A 86 41.93 8.11 8.82
C GLN A 86 42.41 9.49 8.33
N PHE A 87 43.41 10.07 9.01
CA PHE A 87 44.00 11.39 8.67
C PHE A 87 45.11 11.24 7.63
N VAL A 88 45.08 12.09 6.60
CA VAL A 88 46.16 12.25 5.57
C VAL A 88 46.52 13.74 5.48
N GLN A 89 47.79 14.05 5.17
CA GLN A 89 48.28 15.45 4.99
C GLN A 89 48.39 15.79 3.50
N LYS A 90 48.13 17.05 3.15
CA LYS A 90 48.19 17.59 1.76
C LYS A 90 49.61 18.06 1.44
N THR A 91 50.36 18.49 2.45
CA THR A 91 51.80 18.91 2.39
C THR A 91 52.02 19.82 1.18
N ASP A 92 51.18 20.84 1.01
CA ASP A 92 51.22 21.83 -0.10
C ASP A 92 51.61 23.20 0.48
N GLY A 95 47.62 25.26 -1.81
CA GLY A 95 47.34 24.72 -0.46
C GLY A 95 46.31 25.54 0.29
N PRO A 96 45.01 25.45 -0.08
CA PRO A 96 43.93 26.02 0.74
C PRO A 96 43.56 25.12 1.93
N HIS A 97 43.60 23.80 1.73
CA HIS A 97 43.29 22.75 2.75
C HIS A 97 44.61 22.17 3.29
N SER A 98 44.59 21.65 4.53
CA SER A 98 45.79 21.17 5.28
C SER A 98 45.82 19.63 5.31
N HIS A 99 44.90 19.02 6.05
CA HIS A 99 44.73 17.54 6.17
C HIS A 99 43.62 17.09 5.22
N ARG A 100 43.12 15.86 5.39
CA ARG A 100 41.87 15.35 4.77
C ARG A 100 41.40 14.13 5.56
N LEU A 101 40.23 14.24 6.21
CA LEU A 101 39.54 13.14 6.94
C LEU A 101 38.97 12.16 5.94
N TYR A 102 39.32 10.88 6.06
CA TYR A 102 38.61 9.73 5.43
C TYR A 102 37.87 8.99 6.53
N TYR A 103 36.66 8.50 6.25
CA TYR A 103 35.74 7.91 7.26
C TYR A 103 34.57 7.19 6.57
N LEU A 104 33.71 6.58 7.37
CA LEU A 104 32.45 5.92 6.93
C LEU A 104 31.26 6.79 7.35
N GLY A 105 30.08 6.57 6.76
CA GLY A 105 28.84 7.33 7.03
C GLY A 105 27.72 7.00 6.06
N MET A 106 26.50 7.46 6.36
CA MET A 106 25.24 7.18 5.61
C MET A 106 24.64 8.50 5.12
N PRO A 107 23.55 8.47 4.30
CA PRO A 107 22.90 9.72 3.88
C PRO A 107 22.04 10.35 4.99
N ASN A 113 25.84 3.26 3.66
CA ASN A 113 27.08 3.16 4.47
C ASN A 113 28.27 2.91 3.53
N SER A 114 29.16 3.89 3.34
CA SER A 114 30.30 3.83 2.40
C SER A 114 31.38 4.89 2.72
N LEU A 115 32.47 4.90 1.94
CA LEU A 115 33.66 5.77 2.13
C LEU A 115 33.34 7.23 1.75
N LEU A 116 33.56 8.15 2.69
CA LEU A 116 33.37 9.61 2.55
C LEU A 116 34.67 10.32 2.99
N TYR A 117 34.91 11.53 2.49
CA TYR A 117 36.04 12.39 2.93
C TYR A 117 35.52 13.80 3.24
N SER A 118 36.25 14.52 4.10
CA SER A 118 36.04 15.95 4.43
C SER A 118 37.37 16.70 4.26
N GLU A 119 37.34 17.84 3.58
CA GLU A 119 38.53 18.72 3.35
C GLU A 119 38.71 19.62 4.58
N ILE A 120 39.82 19.45 5.30
CA ILE A 120 40.14 20.28 6.51
C ILE A 120 40.90 21.52 6.05
N PRO A 121 40.38 22.73 6.35
CA PRO A 121 41.03 23.98 5.94
C PRO A 121 42.27 24.35 6.78
N LYS A 122 43.10 25.25 6.27
CA LYS A 122 44.25 25.85 7.00
C LYS A 122 43.72 26.94 7.94
N LYS A 123 42.52 27.46 7.68
CA LYS A 123 41.82 28.48 8.50
C LYS A 123 40.32 28.23 8.48
N LEU A 130 31.97 26.34 12.31
CA LEU A 130 31.45 26.03 10.95
C LEU A 130 31.51 24.51 10.70
N LEU A 131 30.56 23.99 9.90
CA LEU A 131 30.42 22.54 9.57
C LEU A 131 31.32 22.20 8.37
N LEU A 132 31.50 20.90 8.10
CA LEU A 132 32.36 20.37 7.00
C LEU A 132 31.51 19.59 6.01
N SER A 133 31.88 19.62 4.73
CA SER A 133 31.18 18.94 3.61
C SER A 133 31.57 17.45 3.60
N TRP A 134 30.57 16.57 3.68
CA TRP A 134 30.72 15.09 3.52
C TRP A 134 30.75 14.77 2.02
N LYS A 135 31.91 14.89 1.39
CA LYS A 135 32.17 14.51 -0.02
C LYS A 135 32.09 12.98 -0.15
N GLN A 136 32.01 12.48 -1.39
CA GLN A 136 32.01 11.03 -1.68
C GLN A 136 33.24 10.69 -2.54
N MET A 137 33.79 9.48 -2.34
CA MET A 137 34.93 8.92 -3.14
C MET A 137 34.37 8.07 -4.28
N LEU A 138 33.30 7.30 -4.03
CA LEU A 138 32.81 6.19 -4.90
C LEU A 138 31.63 6.66 -5.77
N ASP A 139 31.38 5.91 -6.85
CA ASP A 139 30.31 6.14 -7.87
C ASP A 139 28.93 5.99 -7.20
N ILE A 168 29.43 -1.55 2.84
CA ILE A 168 30.83 -1.33 3.31
C ILE A 168 30.81 -1.21 4.84
N THR A 169 31.45 -2.16 5.54
CA THR A 169 31.58 -2.19 7.03
C THR A 169 32.94 -1.60 7.42
N SER A 170 34.03 -2.13 6.84
CA SER A 170 35.44 -1.78 7.15
C SER A 170 36.25 -1.67 5.86
N TYR A 171 37.39 -0.97 5.93
CA TYR A 171 38.40 -0.88 4.85
C TYR A 171 39.80 -1.04 5.45
N ASP A 172 40.77 -1.37 4.59
CA ASP A 172 42.23 -1.24 4.89
C ASP A 172 42.75 -0.04 4.09
N PHE A 173 43.73 0.68 4.66
CA PHE A 173 44.38 1.86 4.04
C PHE A 173 45.90 1.73 4.21
N HIS A 174 46.65 2.20 3.20
CA HIS A 174 48.14 2.19 3.16
C HIS A 174 48.59 3.60 2.73
N SER A 175 49.02 4.42 3.70
CA SER A 175 49.27 5.88 3.52
C SER A 175 50.27 6.11 2.37
N GLU A 176 51.37 5.36 2.35
CA GLU A 176 52.47 5.52 1.35
C GLU A 176 51.91 5.63 -0.07
N SER A 177 51.10 4.65 -0.49
CA SER A 177 50.54 4.54 -1.87
C SER A 177 49.14 5.15 -1.95
N GLY A 178 48.52 5.43 -0.79
CA GLY A 178 47.14 5.96 -0.69
C GLY A 178 46.11 4.95 -1.15
N LEU A 179 46.37 3.65 -0.95
CA LEU A 179 45.58 2.52 -1.50
C LEU A 179 44.46 2.16 -0.50
N PHE A 180 43.21 2.10 -0.99
CA PHE A 180 42.00 1.67 -0.24
C PHE A 180 41.57 0.29 -0.71
N LEU A 181 41.49 -0.69 0.20
CA LEU A 181 40.96 -2.05 -0.06
C LEU A 181 39.80 -2.32 0.90
N PHE A 182 38.68 -2.85 0.40
CA PHE A 182 37.43 -3.04 1.18
C PHE A 182 36.56 -4.12 0.52
N GLN A 183 35.44 -4.46 1.16
CA GLN A 183 34.57 -5.62 0.80
C GLN A 183 33.12 -5.17 0.53
N ALA A 184 32.93 -4.29 -0.47
CA ALA A 184 31.60 -3.87 -0.98
C ALA A 184 30.99 -5.00 -1.81
N SER A 185 29.67 -5.23 -1.65
CA SER A 185 28.94 -6.44 -2.11
C SER A 185 29.56 -7.67 -1.43
N ASN A 186 29.72 -8.79 -2.16
CA ASN A 186 30.51 -9.97 -1.71
C ASN A 186 31.82 -10.04 -2.50
N SER A 187 32.13 -8.99 -3.28
CA SER A 187 33.37 -8.83 -4.09
C SER A 187 34.38 -7.96 -3.34
N LEU A 188 35.53 -7.66 -3.97
CA LEU A 188 36.58 -6.75 -3.44
C LEU A 188 36.79 -5.59 -4.42
N PHE A 189 36.97 -4.37 -3.91
CA PHE A 189 37.18 -3.14 -4.70
C PHE A 189 38.34 -2.34 -4.11
N HIS A 190 38.92 -1.42 -4.89
CA HIS A 190 40.03 -0.52 -4.46
C HIS A 190 40.01 0.79 -5.25
N CYS A 191 40.87 1.74 -4.84
CA CYS A 191 40.96 3.14 -5.35
C CYS A 191 42.08 3.89 -4.60
N ARG A 192 42.71 4.88 -5.25
CA ARG A 192 43.94 5.56 -4.77
C ARG A 192 43.67 7.01 -4.36
N ASP A 193 44.36 7.49 -3.33
CA ASP A 193 44.38 8.91 -2.87
C ASP A 193 45.32 9.04 -1.67
N GLY A 198 48.10 12.06 -6.69
CA GLY A 198 47.18 13.22 -6.67
C GLY A 198 46.17 13.13 -5.54
N PHE A 199 45.30 14.15 -5.43
CA PHE A 199 44.19 14.25 -4.44
C PHE A 199 42.90 14.64 -5.16
N MET A 200 42.06 13.65 -5.49
CA MET A 200 40.89 13.77 -6.40
C MET A 200 39.91 14.83 -5.89
N VAL A 201 39.22 15.51 -6.82
CA VAL A 201 38.21 16.58 -6.55
C VAL A 201 36.81 15.96 -6.60
N SER A 202 36.44 15.36 -7.73
CA SER A 202 35.13 14.70 -7.97
C SER A 202 35.27 13.18 -7.79
N PRO A 203 34.15 12.46 -7.49
CA PRO A 203 34.20 11.00 -7.27
C PRO A 203 34.68 10.16 -8.46
N MET A 204 35.70 9.33 -8.23
CA MET A 204 36.22 8.30 -9.18
C MET A 204 35.42 7.00 -8.98
N LYS A 205 35.62 6.00 -9.86
CA LYS A 205 34.90 4.70 -9.82
C LYS A 205 35.65 3.72 -8.90
N PRO A 206 34.93 2.76 -8.28
CA PRO A 206 35.59 1.68 -7.53
C PRO A 206 36.06 0.55 -8.46
N LEU A 207 37.38 0.39 -8.60
CA LEU A 207 38.01 -0.65 -9.46
C LEU A 207 37.82 -2.01 -8.79
N GLU A 208 37.24 -2.99 -9.51
CA GLU A 208 36.89 -4.35 -9.00
C GLU A 208 38.08 -5.29 -9.18
N ILE A 209 38.19 -6.33 -8.34
CA ILE A 209 39.25 -7.38 -8.41
C ILE A 209 38.64 -8.70 -8.86
N LYS A 210 39.14 -9.26 -9.97
CA LYS A 210 38.72 -10.58 -10.54
C LYS A 210 39.23 -11.69 -9.61
N THR A 211 38.71 -12.90 -9.75
CA THR A 211 39.07 -14.06 -8.88
C THR A 211 38.81 -15.39 -9.59
N GLN A 212 39.54 -16.43 -9.20
CA GLN A 212 39.36 -17.85 -9.63
C GLN A 212 38.45 -18.56 -8.62
N CYS A 213 38.35 -17.99 -7.42
CA CYS A 213 37.84 -18.66 -6.19
C CYS A 213 36.32 -18.79 -6.24
N SER A 214 35.80 -19.88 -5.68
CA SER A 214 34.36 -20.24 -5.66
C SER A 214 33.59 -19.27 -4.75
N GLY A 215 33.85 -19.35 -3.44
CA GLY A 215 33.07 -18.65 -2.41
C GLY A 215 33.45 -17.17 -2.31
N PRO A 216 33.20 -16.51 -1.16
CA PRO A 216 33.61 -15.13 -0.96
C PRO A 216 35.06 -14.99 -0.51
N ARG A 217 35.57 -13.76 -0.47
CA ARG A 217 36.93 -13.38 -0.01
C ARG A 217 36.81 -12.53 1.26
N MET A 218 36.83 -13.20 2.42
CA MET A 218 36.60 -12.60 3.76
C MET A 218 37.94 -12.12 4.34
N ASP A 219 37.90 -11.11 5.21
CA ASP A 219 39.04 -10.65 6.05
C ASP A 219 40.15 -10.11 5.15
N PRO A 220 39.83 -9.27 4.13
CA PRO A 220 40.85 -8.75 3.21
C PRO A 220 41.78 -7.75 3.91
N LYS A 221 43.09 -7.86 3.65
CA LYS A 221 44.13 -6.96 4.21
C LYS A 221 45.21 -6.72 3.15
N ILE A 222 45.75 -5.51 3.12
CA ILE A 222 46.91 -5.13 2.27
C ILE A 222 48.18 -5.55 3.02
N CYS A 223 49.16 -6.07 2.27
CA CYS A 223 50.57 -6.27 2.73
C CYS A 223 51.18 -4.91 3.07
N PRO A 224 51.59 -4.65 4.33
CA PRO A 224 52.18 -3.38 4.71
C PRO A 224 53.49 -3.10 3.96
N ALA A 225 54.35 -4.11 3.81
CA ALA A 225 55.70 -4.03 3.22
C ALA A 225 55.63 -3.61 1.74
N ASP A 226 54.70 -4.19 0.97
CA ASP A 226 54.46 -3.87 -0.47
C ASP A 226 52.95 -3.84 -0.75
N PRO A 227 52.38 -2.65 -1.07
CA PRO A 227 50.95 -2.52 -1.32
C PRO A 227 50.44 -3.15 -2.63
N ALA A 228 51.35 -3.57 -3.52
CA ALA A 228 51.06 -4.37 -4.72
C ALA A 228 50.31 -5.65 -4.32
N PHE A 229 50.65 -6.24 -3.18
CA PHE A 229 50.05 -7.50 -2.66
C PHE A 229 48.93 -7.16 -1.68
N PHE A 230 48.13 -8.19 -1.37
CA PHE A 230 46.97 -8.16 -0.45
C PHE A 230 46.45 -9.59 -0.26
N SER A 231 46.10 -9.93 0.98
CA SER A 231 45.69 -11.30 1.40
C SER A 231 44.17 -11.35 1.60
N PHE A 232 43.62 -12.55 1.80
CA PHE A 232 42.19 -12.83 2.07
C PHE A 232 42.01 -14.31 2.44
N ILE A 233 40.91 -14.65 3.10
CA ILE A 233 40.49 -16.05 3.40
C ILE A 233 39.46 -16.47 2.35
N ASN A 234 39.44 -17.76 1.99
CA ASN A 234 38.48 -18.35 1.02
C ASN A 234 38.45 -19.88 1.22
N ASN A 235 37.28 -20.42 1.56
CA ASN A 235 37.11 -21.83 2.01
C ASN A 235 38.16 -22.10 3.09
N SER A 236 38.07 -21.30 4.17
CA SER A 236 38.94 -21.28 5.38
C SER A 236 40.38 -21.70 5.06
N ASP A 237 40.99 -21.02 4.07
CA ASP A 237 42.44 -21.10 3.80
C ASP A 237 42.96 -19.70 3.43
N LEU A 238 44.26 -19.47 3.60
CA LEU A 238 44.92 -18.16 3.36
C LEU A 238 45.38 -18.08 1.90
N TRP A 239 44.90 -17.07 1.19
CA TRP A 239 45.23 -16.76 -0.22
C TRP A 239 46.00 -15.44 -0.30
N VAL A 240 46.80 -15.26 -1.34
CA VAL A 240 47.58 -14.02 -1.62
C VAL A 240 47.40 -13.66 -3.10
N ALA A 241 47.05 -12.40 -3.39
CA ALA A 241 46.79 -11.88 -4.74
C ALA A 241 47.66 -10.66 -5.03
N ASN A 242 47.57 -10.11 -6.24
CA ASN A 242 48.33 -8.92 -6.69
C ASN A 242 47.37 -7.97 -7.41
N ILE A 243 47.07 -6.80 -6.84
CA ILE A 243 46.15 -5.78 -7.43
C ILE A 243 46.65 -5.39 -8.82
N GLU A 244 47.97 -5.34 -9.02
CA GLU A 244 48.62 -4.82 -10.25
C GLU A 244 48.53 -5.88 -11.35
N THR A 245 48.92 -7.13 -11.05
CA THR A 245 49.00 -8.24 -12.03
C THR A 245 47.66 -8.97 -12.09
N GLY A 246 47.06 -9.26 -10.93
CA GLY A 246 45.82 -10.05 -10.80
C GLY A 246 46.11 -11.50 -10.42
N GLU A 247 47.40 -11.86 -10.35
CA GLU A 247 47.89 -13.21 -10.00
C GLU A 247 47.48 -13.54 -8.56
N GLU A 248 46.73 -14.63 -8.37
CA GLU A 248 46.29 -15.16 -7.05
C GLU A 248 47.16 -16.36 -6.68
N ARG A 249 47.23 -16.71 -5.39
CA ARG A 249 48.00 -17.90 -4.94
C ARG A 249 47.55 -18.35 -3.55
N ARG A 250 47.20 -19.63 -3.43
CA ARG A 250 46.77 -20.30 -2.18
C ARG A 250 48.02 -20.72 -1.39
N LEU A 251 48.07 -20.38 -0.11
CA LEU A 251 49.26 -20.62 0.77
C LEU A 251 49.00 -21.80 1.71
N THR A 252 47.86 -21.79 2.41
CA THR A 252 47.46 -22.85 3.37
C THR A 252 46.57 -23.85 2.62
N PHE A 253 46.62 -25.13 3.01
CA PHE A 253 45.90 -26.25 2.33
C PHE A 253 45.25 -27.15 3.39
N CYS A 254 44.39 -26.56 4.22
CA CYS A 254 43.69 -27.22 5.36
C CYS A 254 42.29 -27.70 4.94
N HIS A 255 41.76 -27.20 3.82
CA HIS A 255 40.36 -27.49 3.37
C HIS A 255 40.37 -28.39 2.14
N GLN A 256 39.42 -29.33 2.09
CA GLN A 256 39.01 -30.13 0.89
C GLN A 256 37.71 -29.50 0.36
N GLY A 257 36.85 -30.28 -0.32
CA GLY A 257 35.60 -29.77 -0.93
C GLY A 257 34.41 -30.70 -0.70
N LEU A 258 34.04 -30.91 0.57
CA LEU A 258 32.91 -31.80 0.98
C LEU A 258 31.60 -31.00 0.96
N VAL A 261 30.29 -30.85 5.27
CA VAL A 261 31.54 -30.56 6.05
C VAL A 261 31.73 -31.68 7.09
N LEU A 262 32.20 -31.36 8.31
CA LEU A 262 32.29 -32.28 9.48
C LEU A 262 33.39 -33.32 9.27
N ASP A 263 33.81 -33.54 8.02
CA ASP A 263 34.97 -34.40 7.66
C ASP A 263 36.17 -33.49 7.40
N ASP A 264 35.92 -32.17 7.30
CA ASP A 264 36.90 -31.12 6.96
C ASP A 264 37.03 -30.15 8.14
N PRO A 265 37.65 -30.59 9.26
CA PRO A 265 37.67 -29.82 10.50
C PRO A 265 38.75 -28.73 10.57
N LYS A 266 39.94 -29.00 10.02
CA LYS A 266 41.08 -28.04 10.01
C LYS A 266 40.76 -26.82 9.14
N SER A 267 41.52 -25.76 9.32
CA SER A 267 41.31 -24.40 8.73
C SER A 267 42.42 -23.46 9.18
N ALA A 268 42.81 -22.52 8.31
CA ALA A 268 43.95 -21.60 8.50
C ALA A 268 43.49 -20.14 8.33
N GLY A 269 43.97 -19.25 9.21
CA GLY A 269 43.79 -17.79 9.08
C GLY A 269 42.41 -17.30 9.48
N VAL A 270 41.58 -18.16 10.07
CA VAL A 270 40.20 -17.80 10.54
C VAL A 270 40.18 -17.80 12.07
N ALA A 271 39.37 -16.90 12.65
CA ALA A 271 39.05 -16.86 14.10
C ALA A 271 37.82 -17.74 14.34
N THR A 272 37.93 -18.73 15.23
CA THR A 272 36.84 -19.69 15.55
C THR A 272 35.69 -18.94 16.25
N PHE A 273 34.64 -19.67 16.64
CA PHE A 273 33.37 -19.13 17.18
C PHE A 273 33.61 -18.45 18.52
N VAL A 274 34.13 -19.19 19.51
CA VAL A 274 34.38 -18.73 20.91
C VAL A 274 35.41 -17.60 20.90
N ILE A 275 36.36 -17.64 19.96
CA ILE A 275 37.41 -16.60 19.78
C ILE A 275 36.75 -15.29 19.32
N GLN A 276 35.71 -15.35 18.48
CA GLN A 276 35.04 -14.15 17.90
C GLN A 276 33.97 -13.59 18.85
N GLU A 277 33.28 -14.45 19.61
CA GLU A 277 32.05 -14.08 20.36
C GLU A 277 32.35 -13.86 21.85
N GLU A 278 33.56 -14.20 22.33
CA GLU A 278 33.93 -14.13 23.78
C GLU A 278 35.36 -13.60 23.99
N PHE A 279 36.17 -13.40 22.94
CA PHE A 279 37.50 -12.73 22.99
C PHE A 279 37.63 -11.60 21.97
N ASP A 280 36.65 -11.44 21.08
CA ASP A 280 36.50 -10.28 20.14
C ASP A 280 37.77 -10.13 19.27
N ARG A 281 38.38 -11.24 18.87
CA ARG A 281 39.37 -11.31 17.74
C ARG A 281 38.63 -11.86 16.52
N PHE A 282 38.73 -11.16 15.39
CA PHE A 282 37.92 -11.44 14.17
C PHE A 282 38.80 -11.88 12.99
N THR A 283 40.13 -11.87 13.17
CA THR A 283 41.11 -12.40 12.19
C THR A 283 42.00 -13.45 12.87
N GLY A 284 42.60 -14.31 12.04
CA GLY A 284 43.50 -15.40 12.48
C GLY A 284 44.81 -15.38 11.71
N TYR A 285 45.14 -14.23 11.12
CA TYR A 285 46.44 -14.00 10.44
C TYR A 285 46.88 -12.55 10.64
N TRP A 286 48.17 -12.31 10.41
CA TRP A 286 48.85 -11.02 10.70
C TRP A 286 50.05 -10.88 9.76
N TRP A 287 49.99 -9.93 8.81
CA TRP A 287 51.14 -9.58 7.93
C TRP A 287 52.35 -9.26 8.81
N CYS A 288 53.54 -9.66 8.35
CA CYS A 288 54.82 -9.03 8.76
C CYS A 288 54.95 -7.69 8.02
N PRO A 289 55.24 -6.57 8.74
CA PRO A 289 55.25 -5.25 8.10
C PRO A 289 56.52 -4.91 7.31
N THR A 290 57.48 -5.85 7.24
CA THR A 290 58.79 -5.70 6.54
C THR A 290 58.99 -6.88 5.59
N ALA A 291 60.03 -6.78 4.75
CA ALA A 291 60.44 -7.78 3.74
C ALA A 291 61.95 -8.01 3.86
N SER A 292 62.44 -9.17 3.40
CA SER A 292 63.88 -9.54 3.40
C SER A 292 64.28 -10.01 2.00
N TRP A 293 65.54 -9.79 1.60
CA TRP A 293 66.06 -9.93 0.22
C TRP A 293 67.23 -10.92 0.18
N LEU A 299 64.59 -10.37 -5.96
CA LEU A 299 63.95 -11.40 -5.08
C LEU A 299 63.75 -10.82 -3.66
N LYS A 300 62.57 -11.05 -3.08
CA LYS A 300 62.26 -10.71 -1.66
C LYS A 300 61.12 -11.61 -1.14
N THR A 301 61.22 -12.03 0.12
CA THR A 301 60.24 -12.94 0.79
C THR A 301 59.35 -12.12 1.74
N LEU A 302 58.06 -12.49 1.82
CA LEU A 302 57.01 -11.79 2.60
C LEU A 302 56.32 -12.80 3.51
N ARG A 303 56.33 -12.56 4.82
CA ARG A 303 55.86 -13.51 5.86
C ARG A 303 54.40 -13.19 6.21
N ILE A 304 53.67 -14.21 6.68
CA ILE A 304 52.38 -14.09 7.40
C ILE A 304 52.37 -15.09 8.57
N LEU A 305 52.16 -14.60 9.78
CA LEU A 305 51.73 -15.41 10.95
C LEU A 305 50.25 -15.71 10.79
N TYR A 306 49.84 -16.96 11.02
CA TYR A 306 48.44 -17.40 10.96
C TYR A 306 48.21 -18.52 11.98
N GLU A 307 46.95 -18.69 12.40
CA GLU A 307 46.53 -19.77 13.32
C GLU A 307 45.95 -20.90 12.47
N GLU A 308 46.67 -22.03 12.36
CA GLU A 308 46.08 -23.33 11.93
C GLU A 308 45.27 -23.86 13.11
N VAL A 309 44.09 -24.43 12.82
CA VAL A 309 43.10 -24.83 13.85
C VAL A 309 42.45 -26.15 13.43
N ASP A 310 42.34 -27.10 14.36
CA ASP A 310 41.65 -28.40 14.16
C ASP A 310 40.45 -28.48 15.12
N GLU A 311 39.24 -28.39 14.58
CA GLU A 311 37.96 -28.44 15.35
C GLU A 311 37.37 -29.85 15.29
N SER A 312 38.22 -30.88 15.13
CA SER A 312 37.85 -32.31 14.97
C SER A 312 37.04 -32.80 16.17
N GLU A 313 37.46 -32.43 17.39
CA GLU A 313 36.90 -32.94 18.67
C GLU A 313 36.03 -31.88 19.36
N VAL A 314 35.53 -30.90 18.60
CA VAL A 314 34.60 -29.86 19.12
C VAL A 314 33.16 -30.30 18.82
N GLU A 315 32.29 -30.26 19.83
CA GLU A 315 30.88 -30.76 19.76
C GLU A 315 30.11 -29.92 18.74
N VAL A 316 29.48 -30.59 17.77
CA VAL A 316 28.66 -29.96 16.69
C VAL A 316 27.24 -29.81 17.23
N ILE A 317 26.67 -28.60 17.08
CA ILE A 317 25.23 -28.32 17.33
C ILE A 317 24.68 -27.69 16.05
N HIS A 318 23.44 -28.03 15.69
CA HIS A 318 22.75 -27.51 14.46
C HIS A 318 21.91 -26.28 14.84
N VAL A 319 21.81 -25.31 13.94
CA VAL A 319 21.02 -24.06 14.13
C VAL A 319 20.22 -23.83 12.85
N PRO A 320 18.93 -23.41 12.92
CA PRO A 320 18.15 -23.14 11.72
C PRO A 320 18.84 -22.06 10.85
N SER A 321 18.67 -22.14 9.52
CA SER A 321 19.22 -21.19 8.52
C SER A 321 18.25 -20.03 8.33
N PRO A 322 18.73 -18.79 8.04
CA PRO A 322 17.86 -17.65 7.75
C PRO A 322 16.75 -17.89 6.71
N ALA A 323 17.05 -18.69 5.68
CA ALA A 323 16.07 -19.16 4.67
C ALA A 323 15.22 -20.29 5.28
N LEU A 324 14.13 -19.92 5.94
CA LEU A 324 13.20 -20.85 6.65
C LEU A 324 12.54 -21.77 5.63
N GLU A 325 12.38 -21.27 4.39
CA GLU A 325 11.66 -21.92 3.25
C GLU A 325 12.34 -23.25 2.90
N GLU A 326 13.67 -23.25 2.76
CA GLU A 326 14.49 -24.44 2.40
C GLU A 326 14.52 -25.42 3.59
N ARG A 327 14.33 -24.91 4.82
CA ARG A 327 14.09 -25.70 6.07
C ARG A 327 15.37 -26.36 6.59
N LYS A 328 16.55 -25.95 6.10
CA LYS A 328 17.84 -26.61 6.44
C LYS A 328 18.52 -25.83 7.58
N THR A 329 19.27 -26.55 8.42
CA THR A 329 20.10 -25.98 9.53
C THR A 329 21.52 -25.72 9.03
N ASP A 330 22.21 -24.77 9.67
CA ASP A 330 23.69 -24.61 9.60
C ASP A 330 24.31 -25.44 10.73
N SER A 331 25.54 -25.93 10.52
CA SER A 331 26.33 -26.70 11.51
C SER A 331 27.48 -25.81 12.04
N TYR A 332 27.39 -25.38 13.29
CA TYR A 332 28.47 -24.66 14.02
C TYR A 332 29.37 -25.68 14.74
N ARG A 333 30.55 -25.25 15.17
CA ARG A 333 31.34 -25.91 16.25
C ARG A 333 31.18 -25.06 17.51
N TYR A 334 30.21 -25.38 18.37
CA TYR A 334 29.95 -24.71 19.67
C TYR A 334 30.48 -25.61 20.80
N PRO A 335 31.66 -25.32 21.37
CA PRO A 335 32.17 -26.08 22.50
C PRO A 335 31.53 -25.63 23.82
N ARG A 336 30.72 -26.48 24.44
CA ARG A 336 30.04 -26.15 25.72
C ARG A 336 31.05 -26.27 26.86
N THR A 337 30.94 -25.37 27.83
CA THR A 337 31.73 -25.34 29.10
C THR A 337 31.96 -26.78 29.58
N GLY A 338 33.22 -27.20 29.67
CA GLY A 338 33.61 -28.55 30.12
C GLY A 338 34.07 -29.44 28.96
N SER A 339 33.65 -29.12 27.73
CA SER A 339 34.00 -29.85 26.49
C SER A 339 35.33 -29.34 25.92
N LYS A 340 35.83 -29.97 24.86
CA LYS A 340 37.14 -29.64 24.22
C LYS A 340 36.99 -28.36 23.38
N ASN A 341 37.93 -27.42 23.53
CA ASN A 341 38.13 -26.23 22.65
C ASN A 341 38.97 -26.66 21.45
N PRO A 342 38.99 -25.88 20.35
CA PRO A 342 39.80 -26.24 19.19
C PRO A 342 41.29 -26.47 19.52
N LYS A 343 41.93 -27.46 18.88
CA LYS A 343 43.41 -27.60 18.80
C LYS A 343 43.94 -26.48 17.90
N ILE A 344 44.93 -25.72 18.38
CA ILE A 344 45.44 -24.49 17.71
C ILE A 344 46.97 -24.54 17.65
N ALA A 345 47.54 -23.76 16.74
CA ALA A 345 49.00 -23.54 16.57
C ALA A 345 49.21 -22.25 15.78
N LEU A 346 50.30 -21.54 16.06
CA LEU A 346 50.79 -20.42 15.23
C LEU A 346 51.71 -20.99 14.14
N LYS A 347 51.65 -20.42 12.93
CA LYS A 347 52.35 -20.91 11.72
C LYS A 347 52.89 -19.73 10.92
N LEU A 348 53.85 -19.97 10.04
CA LEU A 348 54.41 -18.96 9.09
C LEU A 348 54.08 -19.37 7.65
N ALA A 349 53.39 -18.49 6.92
CA ALA A 349 53.21 -18.61 5.45
C ALA A 349 54.10 -17.58 4.77
N GLU A 350 55.28 -17.99 4.31
CA GLU A 350 56.24 -17.15 3.54
C GLU A 350 56.02 -17.38 2.05
N PHE A 351 56.49 -16.44 1.23
CA PHE A 351 56.55 -16.59 -0.25
C PHE A 351 57.52 -15.55 -0.80
N GLN A 352 58.40 -15.97 -1.72
CA GLN A 352 59.30 -15.06 -2.50
C GLN A 352 58.50 -14.41 -3.62
N THR A 353 58.93 -13.22 -4.05
CA THR A 353 58.46 -12.52 -5.28
C THR A 353 59.68 -11.92 -6.00
N ASP A 354 59.70 -12.03 -7.34
CA ASP A 354 60.73 -11.39 -8.20
C ASP A 354 60.31 -9.94 -8.46
N SER A 355 61.13 -9.19 -9.22
CA SER A 355 60.99 -7.73 -9.45
C SER A 355 59.71 -7.40 -10.24
N GLN A 356 59.23 -8.31 -11.09
CA GLN A 356 58.03 -8.09 -11.95
C GLN A 356 56.75 -8.20 -11.11
N GLY A 357 56.84 -8.73 -9.88
CA GLY A 357 55.70 -8.87 -8.95
C GLY A 357 54.98 -10.21 -9.11
N LYS A 358 55.72 -11.25 -9.53
CA LYS A 358 55.22 -12.65 -9.57
C LYS A 358 55.56 -13.33 -8.25
N ILE A 359 54.71 -14.26 -7.81
CA ILE A 359 54.98 -15.20 -6.69
C ILE A 359 55.74 -16.40 -7.27
N VAL A 360 57.04 -16.49 -6.98
CA VAL A 360 57.98 -17.47 -7.60
C VAL A 360 58.02 -18.74 -6.72
N SER A 361 57.70 -18.62 -5.43
CA SER A 361 57.69 -19.76 -4.47
C SER A 361 56.94 -19.39 -3.20
N THR A 362 56.25 -20.35 -2.58
CA THR A 362 55.56 -20.23 -1.27
C THR A 362 56.20 -21.22 -0.28
N GLN A 363 55.73 -21.25 0.97
CA GLN A 363 56.21 -22.21 2.01
C GLN A 363 55.31 -22.19 3.26
N GLU A 364 54.72 -23.34 3.62
CA GLU A 364 54.19 -23.60 4.99
C GLU A 364 55.39 -23.77 5.95
N LYS A 365 55.34 -23.15 7.13
CA LYS A 365 56.43 -23.21 8.15
C LYS A 365 55.83 -23.46 9.54
N GLU A 366 56.02 -24.66 10.09
CA GLU A 366 55.64 -25.03 11.48
C GLU A 366 56.78 -24.66 12.43
N LEU A 367 56.49 -24.50 13.72
CA LEU A 367 57.49 -24.24 14.78
C LEU A 367 58.29 -25.52 15.04
N VAL A 368 59.61 -25.38 15.19
CA VAL A 368 60.65 -26.46 15.24
C VAL A 368 60.29 -27.50 16.32
N GLN A 369 59.73 -27.07 17.45
CA GLN A 369 59.06 -27.99 18.42
C GLN A 369 57.55 -27.74 18.32
N PRO A 370 56.71 -28.80 18.32
CA PRO A 370 55.25 -28.62 18.27
C PRO A 370 54.76 -27.57 19.27
N PHE A 371 53.72 -26.82 18.89
CA PHE A 371 53.18 -25.67 19.65
C PHE A 371 52.80 -26.11 21.08
N SER A 372 52.22 -27.31 21.23
CA SER A 372 51.65 -27.83 22.50
C SER A 372 52.75 -28.28 23.47
N SER A 373 53.96 -28.52 22.99
CA SER A 373 55.15 -28.87 23.82
C SER A 373 55.90 -27.59 24.25
N LEU A 374 56.03 -26.61 23.35
CA LEU A 374 56.67 -25.28 23.64
C LEU A 374 55.88 -24.51 24.69
N PHE A 375 54.55 -24.58 24.64
CA PHE A 375 53.64 -23.73 25.43
C PHE A 375 52.51 -24.57 26.00
N PRO A 376 52.78 -25.51 26.93
CA PRO A 376 51.72 -26.32 27.54
C PRO A 376 50.83 -25.37 28.37
N LYS A 377 49.57 -25.75 28.59
CA LYS A 377 48.61 -25.01 29.46
C LYS A 377 48.03 -23.80 28.73
N VAL A 378 48.54 -23.46 27.54
CA VAL A 378 47.96 -22.44 26.62
C VAL A 378 46.73 -23.07 25.95
N GLU A 379 45.54 -22.47 26.13
CA GLU A 379 44.24 -22.92 25.53
C GLU A 379 43.85 -22.01 24.36
N TYR A 380 43.91 -20.68 24.54
CA TYR A 380 43.47 -19.69 23.52
C TYR A 380 44.61 -18.73 23.15
N ILE A 381 44.64 -18.33 21.87
CA ILE A 381 45.47 -17.22 21.35
C ILE A 381 44.57 -15.98 21.25
N ALA A 382 44.50 -15.20 22.32
CA ALA A 382 43.66 -13.98 22.42
C ALA A 382 43.98 -13.04 21.25
N ARG A 383 45.24 -12.60 21.16
CA ARG A 383 45.73 -11.61 20.16
C ARG A 383 47.08 -12.07 19.61
N ALA A 384 47.45 -11.57 18.43
CA ALA A 384 48.81 -11.71 17.86
C ALA A 384 49.12 -10.52 16.94
N GLY A 385 50.38 -10.47 16.48
CA GLY A 385 50.87 -9.45 15.54
C GLY A 385 52.37 -9.54 15.36
N TRP A 386 53.01 -8.43 14.98
CA TRP A 386 54.48 -8.30 14.81
C TRP A 386 54.94 -6.98 15.43
N THR A 387 56.25 -6.84 15.68
CA THR A 387 56.91 -5.56 16.04
C THR A 387 57.07 -4.76 14.74
N ARG A 388 57.20 -3.44 14.83
CA ARG A 388 57.16 -2.53 13.66
C ARG A 388 58.30 -2.90 12.69
N ASP A 389 59.41 -3.43 13.22
CA ASP A 389 60.63 -3.80 12.45
C ASP A 389 60.53 -5.23 11.90
N GLY A 390 59.42 -5.94 12.17
CA GLY A 390 59.21 -7.32 11.67
C GLY A 390 60.23 -8.29 12.24
N LYS A 391 60.96 -7.87 13.27
CA LYS A 391 62.02 -8.69 13.91
C LYS A 391 61.34 -9.89 14.58
N TYR A 392 60.34 -9.63 15.42
CA TYR A 392 59.62 -10.66 16.22
C TYR A 392 58.12 -10.61 15.92
N ALA A 393 57.52 -11.75 15.60
CA ALA A 393 56.06 -11.99 15.75
C ALA A 393 55.78 -12.08 17.26
N TRP A 394 54.56 -11.76 17.69
CA TRP A 394 54.12 -11.86 19.10
C TRP A 394 52.69 -12.39 19.20
N ALA A 395 52.34 -12.94 20.36
CA ALA A 395 51.01 -13.51 20.67
C ALA A 395 50.71 -13.33 22.17
N MET A 396 49.43 -13.19 22.53
CA MET A 396 48.92 -13.23 23.93
C MET A 396 48.22 -14.58 24.15
N PHE A 397 48.80 -15.43 25.02
CA PHE A 397 48.34 -16.80 25.32
C PHE A 397 47.62 -16.81 26.66
N LEU A 398 46.40 -17.36 26.71
CA LEU A 398 45.62 -17.62 27.95
C LEU A 398 45.65 -19.11 28.27
N ASP A 399 45.34 -19.47 29.53
CA ASP A 399 45.07 -20.88 29.93
C ASP A 399 43.54 -21.03 29.99
N ARG A 400 43.06 -22.28 29.96
CA ARG A 400 41.61 -22.60 29.92
C ARG A 400 40.89 -21.90 31.07
N PRO A 401 41.47 -21.89 32.30
CA PRO A 401 40.96 -21.08 33.41
C PRO A 401 40.83 -19.57 33.17
N GLN A 402 41.72 -19.01 32.36
CA GLN A 402 41.76 -17.57 31.98
C GLN A 402 42.21 -16.72 33.18
N GLN A 403 43.03 -17.31 34.06
CA GLN A 403 43.63 -16.64 35.25
C GLN A 403 45.14 -16.44 35.03
N TRP A 404 45.66 -16.83 33.88
CA TRP A 404 47.10 -16.78 33.51
C TRP A 404 47.24 -16.30 32.07
N LEU A 405 48.04 -15.26 31.83
CA LEU A 405 48.24 -14.65 30.50
C LEU A 405 49.75 -14.45 30.35
N GLN A 406 50.30 -14.76 29.18
CA GLN A 406 51.70 -14.38 28.89
C GLN A 406 51.80 -13.88 27.44
N LEU A 407 52.48 -12.75 27.28
CA LEU A 407 52.87 -12.12 25.98
C LEU A 407 54.16 -12.79 25.53
N VAL A 408 54.17 -13.43 24.35
CA VAL A 408 55.34 -14.21 23.83
C VAL A 408 55.86 -13.57 22.53
N LEU A 409 57.19 -13.56 22.36
CA LEU A 409 57.87 -13.16 21.11
C LEU A 409 58.36 -14.40 20.38
N LEU A 410 57.88 -14.60 19.15
CA LEU A 410 58.28 -15.71 18.26
C LEU A 410 59.16 -15.13 17.14
N PRO A 411 60.49 -15.32 17.21
CA PRO A 411 61.38 -14.97 16.09
C PRO A 411 61.14 -15.93 14.91
N PRO A 412 60.99 -15.40 13.67
CA PRO A 412 60.75 -16.24 12.49
C PRO A 412 61.68 -17.46 12.36
N ALA A 413 62.96 -17.26 12.65
CA ALA A 413 64.04 -18.28 12.51
C ALA A 413 63.72 -19.53 13.33
N LEU A 414 62.81 -19.43 14.31
CA LEU A 414 62.31 -20.58 15.12
C LEU A 414 61.29 -21.42 14.33
N PHE A 415 60.92 -20.95 13.12
CA PHE A 415 59.96 -21.61 12.20
C PHE A 415 60.74 -22.38 11.12
N ILE A 416 60.37 -23.64 10.89
CA ILE A 416 61.05 -24.54 9.91
C ILE A 416 60.04 -24.95 8.83
N PRO A 417 60.45 -25.13 7.57
CA PRO A 417 59.54 -25.63 6.53
C PRO A 417 58.92 -26.98 6.90
N SER A 418 57.60 -27.10 6.76
CA SER A 418 56.84 -28.36 6.91
C SER A 418 57.25 -29.35 5.81
N THR A 419 57.52 -30.60 6.20
CA THR A 419 57.71 -31.77 5.29
C THR A 419 57.42 -33.06 6.06
N GLU A 420 56.92 -34.08 5.34
CA GLU A 420 56.67 -35.45 5.87
C GLU A 420 58.01 -36.18 6.05
N ASN A 421 59.07 -35.74 5.35
CA ASN A 421 60.46 -36.26 5.48
C ASN A 421 61.02 -35.91 6.86
N GLU A 422 61.03 -36.87 7.79
CA GLU A 422 61.40 -36.65 9.22
C GLU A 422 62.93 -36.59 9.37
N GLU A 423 63.69 -36.88 8.30
CA GLU A 423 65.16 -36.62 8.24
C GLU A 423 65.38 -35.19 7.75
N GLN A 424 64.67 -34.78 6.68
CA GLN A 424 64.73 -33.41 6.11
C GLN A 424 64.35 -32.40 7.20
N ARG A 425 63.36 -32.73 8.04
CA ARG A 425 62.91 -31.85 9.15
C ARG A 425 64.06 -31.74 10.17
N LEU A 426 64.59 -32.89 10.63
CA LEU A 426 65.77 -32.96 11.55
C LEU A 426 66.91 -32.10 10.99
N ALA A 427 67.11 -32.11 9.67
CA ALA A 427 68.10 -31.26 8.97
C ALA A 427 67.84 -29.80 9.33
N SER A 428 66.59 -29.36 9.19
CA SER A 428 66.15 -27.98 9.51
C SER A 428 66.29 -27.72 11.02
N ALA A 429 65.83 -28.66 11.85
CA ALA A 429 65.89 -28.61 13.34
C ALA A 429 67.31 -28.28 13.79
N ARG A 430 68.32 -28.90 13.16
CA ARG A 430 69.76 -28.62 13.42
C ARG A 430 70.12 -27.19 12.96
N ALA A 431 69.55 -26.70 11.86
CA ALA A 431 69.92 -25.43 11.19
C ALA A 431 69.33 -24.20 11.92
N VAL A 432 68.33 -24.39 12.79
CA VAL A 432 67.81 -23.32 13.70
C VAL A 432 68.85 -23.12 14.80
N PRO A 433 69.45 -21.91 14.94
CA PRO A 433 70.51 -21.67 15.93
C PRO A 433 70.02 -21.81 17.37
N ARG A 434 70.91 -22.22 18.28
CA ARG A 434 70.59 -22.44 19.72
C ARG A 434 70.25 -21.09 20.37
N ASN A 435 70.80 -19.99 19.84
CA ASN A 435 70.50 -18.58 20.25
C ASN A 435 68.99 -18.34 20.18
N VAL A 436 68.43 -18.25 18.96
CA VAL A 436 66.98 -18.03 18.68
C VAL A 436 66.15 -18.87 19.66
N GLN A 437 65.04 -18.30 20.16
CA GLN A 437 64.22 -18.86 21.27
C GLN A 437 62.97 -18.02 21.47
N PRO A 438 61.85 -18.59 21.98
CA PRO A 438 60.72 -17.81 22.42
C PRO A 438 61.08 -17.02 23.69
N TYR A 439 60.61 -15.77 23.77
CA TYR A 439 60.79 -14.87 24.94
C TYR A 439 59.42 -14.52 25.52
N VAL A 440 59.08 -15.10 26.68
CA VAL A 440 57.91 -14.65 27.50
C VAL A 440 58.31 -13.32 28.14
N VAL A 441 57.79 -12.23 27.57
CA VAL A 441 58.21 -10.82 27.87
C VAL A 441 57.27 -10.24 28.94
N TYR A 442 56.16 -10.92 29.25
CA TYR A 442 55.17 -10.45 30.25
C TYR A 442 54.31 -11.62 30.75
N GLU A 443 53.82 -11.51 31.99
CA GLU A 443 52.93 -12.51 32.63
C GLU A 443 51.95 -11.77 33.54
N GLU A 444 50.65 -12.00 33.36
CA GLU A 444 49.55 -11.45 34.19
C GLU A 444 48.88 -12.62 34.90
N VAL A 445 49.00 -12.69 36.23
CA VAL A 445 48.38 -13.75 37.08
C VAL A 445 47.28 -13.08 37.90
N THR A 446 46.31 -13.86 38.38
CA THR A 446 45.12 -13.38 39.15
C THR A 446 44.40 -14.57 39.79
N ASN A 447 43.55 -14.28 40.78
CA ASN A 447 42.68 -15.25 41.50
C ASN A 447 41.21 -15.07 41.04
N VAL A 448 40.93 -14.02 40.26
CA VAL A 448 39.57 -13.70 39.73
C VAL A 448 39.51 -14.14 38.26
N TRP A 449 39.78 -13.25 37.29
CA TRP A 449 39.91 -13.58 35.85
C TRP A 449 40.80 -12.56 35.14
N ILE A 450 41.43 -12.99 34.04
CA ILE A 450 42.23 -12.11 33.14
C ILE A 450 41.30 -11.51 32.09
N ASN A 451 40.89 -10.26 32.27
CA ASN A 451 40.31 -9.50 31.14
C ASN A 451 41.43 -9.33 30.10
N VAL A 452 41.11 -9.54 28.82
CA VAL A 452 42.05 -9.37 27.67
C VAL A 452 42.07 -7.90 27.26
N HIS A 453 43.26 -7.29 27.23
CA HIS A 453 43.49 -5.85 26.91
C HIS A 453 44.32 -5.72 25.63
N ASP A 454 43.89 -4.82 24.73
CA ASP A 454 44.41 -4.68 23.35
C ASP A 454 45.75 -3.92 23.35
N ILE A 455 46.02 -3.11 24.38
CA ILE A 455 47.20 -2.19 24.42
C ILE A 455 48.48 -3.00 24.65
N PHE A 456 49.34 -3.01 23.63
CA PHE A 456 50.73 -3.54 23.65
C PHE A 456 51.48 -2.86 22.50
N TYR A 457 52.36 -1.92 22.83
CA TYR A 457 53.14 -1.07 21.89
C TYR A 457 54.62 -1.26 22.19
N PRO A 458 55.30 -2.26 21.57
CA PRO A 458 56.75 -2.37 21.70
C PRO A 458 57.47 -1.25 20.96
N PHE A 459 58.50 -0.69 21.58
CA PHE A 459 59.46 0.27 20.97
C PHE A 459 60.47 -0.53 20.17
N PRO A 460 60.98 0.00 19.03
CA PRO A 460 62.00 -0.71 18.25
C PRO A 460 63.35 -0.73 18.98
N GLN A 461 64.16 -1.77 18.74
CA GLN A 461 65.50 -1.97 19.37
C GLN A 461 66.58 -1.56 18.37
N SER A 462 67.84 -1.94 18.61
CA SER A 462 68.97 -1.86 17.65
C SER A 462 70.18 -2.65 18.18
N ASP A 466 69.16 -7.05 23.27
CA ASP A 466 69.19 -7.57 24.66
C ASP A 466 68.07 -6.92 25.49
N GLU A 467 67.87 -5.61 25.32
CA GLU A 467 66.74 -4.85 25.91
C GLU A 467 65.52 -4.99 24.98
N LEU A 468 64.32 -4.86 25.53
CA LEU A 468 63.07 -4.57 24.77
C LEU A 468 62.13 -3.74 25.65
N CYS A 469 61.92 -2.47 25.28
CA CYS A 469 60.97 -1.55 25.94
C CYS A 469 59.61 -1.70 25.25
N PHE A 470 58.52 -1.65 26.02
CA PHE A 470 57.12 -1.71 25.52
C PHE A 470 56.14 -1.12 26.54
N LEU A 471 55.03 -0.56 26.05
CA LEU A 471 53.84 -0.17 26.83
C LEU A 471 52.82 -1.32 26.78
N ARG A 472 52.20 -1.61 27.92
CA ARG A 472 51.22 -2.72 28.09
C ARG A 472 50.18 -2.25 29.12
N ALA A 473 48.89 -2.41 28.81
CA ALA A 473 47.77 -2.25 29.76
C ALA A 473 47.77 -3.45 30.72
N ASN A 474 47.68 -3.19 32.04
CA ASN A 474 47.69 -4.25 33.09
C ASN A 474 46.65 -3.90 34.14
N GLU A 475 45.68 -4.79 34.38
CA GLU A 475 44.57 -4.63 35.36
C GLU A 475 44.83 -5.51 36.59
N CYS A 476 45.61 -6.58 36.45
CA CYS A 476 45.90 -7.59 37.50
C CYS A 476 46.70 -6.97 38.65
N LYS A 477 47.68 -6.13 38.31
CA LYS A 477 48.67 -5.54 39.25
C LYS A 477 47.94 -4.87 40.42
N THR A 478 47.21 -3.79 40.14
CA THR A 478 46.61 -2.88 41.15
C THR A 478 45.08 -2.99 41.16
N GLY A 479 44.51 -3.95 40.41
CA GLY A 479 43.05 -4.18 40.30
C GLY A 479 42.37 -3.20 39.35
N PHE A 480 43.12 -2.26 38.76
CA PHE A 480 42.62 -1.20 37.87
C PHE A 480 43.53 -1.11 36.64
N CYS A 481 42.94 -1.19 35.44
CA CYS A 481 43.65 -1.16 34.14
C CYS A 481 44.41 0.15 33.99
N HIS A 482 45.74 0.05 33.86
CA HIS A 482 46.70 1.19 33.79
C HIS A 482 47.84 0.89 32.81
N LEU A 483 48.45 1.94 32.26
CA LEU A 483 49.60 1.84 31.32
C LEU A 483 50.88 1.62 32.13
N TYR A 484 51.77 0.75 31.63
CA TYR A 484 53.08 0.43 32.24
C TYR A 484 54.16 0.46 31.15
N LYS A 485 55.26 1.17 31.40
CA LYS A 485 56.52 1.10 30.61
C LYS A 485 57.33 -0.07 31.14
N VAL A 486 57.58 -1.08 30.30
CA VAL A 486 58.25 -2.36 30.69
C VAL A 486 59.47 -2.57 29.80
N THR A 487 60.67 -2.45 30.38
CA THR A 487 61.93 -2.95 29.79
C THR A 487 62.10 -4.43 30.15
N ALA A 488 62.41 -5.27 29.16
CA ALA A 488 62.48 -6.73 29.27
C ALA A 488 63.83 -7.22 28.77
N VAL A 489 64.50 -8.09 29.54
CA VAL A 489 65.81 -8.70 29.15
C VAL A 489 65.51 -9.92 28.27
N LEU A 490 65.91 -9.84 27.00
CA LEU A 490 65.89 -10.96 26.03
C LEU A 490 67.31 -11.55 25.97
N LYS A 491 67.64 -12.48 26.89
CA LYS A 491 68.99 -13.10 26.96
C LYS A 491 68.90 -14.57 26.53
N SER A 492 69.21 -14.84 25.26
CA SER A 492 69.26 -16.19 24.63
C SER A 492 69.93 -17.19 25.58
N GLN A 493 69.24 -18.29 25.89
CA GLN A 493 69.67 -19.31 26.89
C GLN A 493 70.48 -20.42 26.19
N GLY A 494 70.30 -20.60 24.88
CA GLY A 494 70.89 -21.71 24.12
C GLY A 494 70.11 -23.00 24.29
N TYR A 495 69.57 -23.56 23.20
CA TYR A 495 68.81 -24.84 23.16
C TYR A 495 69.17 -25.65 21.91
N ASP A 496 69.28 -26.97 22.05
CA ASP A 496 69.32 -27.91 20.89
C ASP A 496 67.88 -28.18 20.46
N TRP A 497 67.49 -27.65 19.31
CA TRP A 497 66.11 -27.78 18.76
C TRP A 497 65.93 -29.11 18.03
N SER A 498 67.04 -29.80 17.76
CA SER A 498 67.07 -31.13 17.10
C SER A 498 66.52 -32.21 18.05
N GLU A 499 66.91 -32.16 19.34
CA GLU A 499 66.38 -33.04 20.41
C GLU A 499 64.98 -32.58 20.79
N PRO A 500 63.96 -33.48 20.82
CA PRO A 500 62.65 -33.11 21.35
C PRO A 500 62.81 -32.85 22.85
N PHE A 501 62.28 -31.74 23.35
CA PHE A 501 62.25 -31.42 24.81
C PHE A 501 60.93 -30.74 25.17
N SER A 502 60.55 -30.89 26.45
CA SER A 502 59.30 -30.37 27.07
C SER A 502 59.66 -29.39 28.18
N PRO A 503 59.60 -28.06 27.93
CA PRO A 503 59.78 -27.06 28.97
C PRO A 503 58.50 -26.90 29.80
N GLY A 504 58.44 -25.89 30.66
CA GLY A 504 57.23 -25.61 31.47
C GLY A 504 57.31 -24.29 32.21
N GLU A 505 56.16 -23.64 32.39
CA GLU A 505 55.99 -22.42 33.24
C GLU A 505 56.92 -21.32 32.73
N ASP A 506 58.10 -21.18 33.35
CA ASP A 506 58.97 -19.98 33.29
C ASP A 506 60.29 -20.31 32.55
N GLU A 507 60.30 -21.31 31.66
CA GLU A 507 61.50 -21.62 30.83
C GLU A 507 61.90 -20.35 30.07
N PHE A 508 60.93 -19.74 29.39
CA PHE A 508 61.15 -18.59 28.47
C PHE A 508 60.82 -17.26 29.18
N LYS A 509 60.56 -17.29 30.49
CA LYS A 509 60.19 -16.08 31.29
C LYS A 509 61.41 -15.15 31.36
N CYS A 510 61.32 -13.99 30.73
CA CYS A 510 62.39 -12.96 30.67
C CYS A 510 62.51 -12.26 32.02
N PRO A 511 63.73 -11.87 32.44
CA PRO A 511 63.89 -10.87 33.49
C PRO A 511 63.38 -9.49 33.02
N ILE A 512 62.49 -8.88 33.79
CA ILE A 512 62.01 -7.48 33.61
C ILE A 512 63.03 -6.56 34.29
N LYS A 513 63.57 -5.56 33.58
CA LYS A 513 64.68 -4.70 34.08
C LYS A 513 64.13 -3.40 34.68
N GLU A 514 63.05 -2.84 34.11
CA GLU A 514 62.27 -1.73 34.72
C GLU A 514 60.78 -1.98 34.48
N GLU A 515 59.92 -1.52 35.39
CA GLU A 515 58.44 -1.54 35.28
C GLU A 515 57.90 -0.26 35.93
N ILE A 516 57.74 0.80 35.13
CA ILE A 516 57.16 2.11 35.54
C ILE A 516 55.64 1.97 35.50
N ALA A 517 54.91 2.77 36.28
CA ALA A 517 53.44 2.96 36.18
C ALA A 517 53.15 4.38 35.69
N LEU A 518 52.72 4.53 34.43
CA LEU A 518 52.48 5.86 33.78
C LEU A 518 51.13 6.46 34.27
N THR A 519 50.23 5.60 34.77
CA THR A 519 48.90 5.98 35.34
C THR A 519 48.64 5.17 36.61
N SER A 520 47.90 5.76 37.56
CA SER A 520 47.38 5.09 38.79
C SER A 520 46.21 5.92 39.35
N GLY A 521 45.32 5.26 40.10
CA GLY A 521 44.10 5.86 40.66
C GLY A 521 42.88 5.00 40.38
N GLU A 522 41.97 4.85 41.35
CA GLU A 522 40.84 3.89 41.28
C GLU A 522 39.92 4.27 40.12
N TRP A 523 40.49 4.31 38.91
CA TRP A 523 39.78 4.51 37.61
C TRP A 523 40.47 3.60 36.60
N GLU A 524 40.02 3.55 35.35
CA GLU A 524 40.70 2.70 34.35
C GLU A 524 41.03 3.48 33.07
N VAL A 525 42.15 3.06 32.47
CA VAL A 525 42.54 3.27 31.06
C VAL A 525 41.71 2.28 30.22
N LEU A 526 41.04 2.77 29.18
CA LEU A 526 40.18 1.92 28.31
C LEU A 526 41.08 1.19 27.32
N ALA A 527 40.89 -0.13 27.17
CA ALA A 527 41.77 -1.04 26.41
C ALA A 527 41.04 -2.27 25.88
N ARG A 528 39.70 -2.33 26.01
CA ARG A 528 38.88 -3.53 25.66
C ARG A 528 37.98 -3.18 24.47
N HIS A 529 37.55 -4.20 23.72
CA HIS A 529 36.65 -4.03 22.56
C HIS A 529 37.16 -2.86 21.71
N GLY A 530 38.43 -2.89 21.32
CA GLY A 530 39.00 -2.04 20.26
C GLY A 530 39.31 -0.62 20.69
N SER A 531 39.36 -0.34 22.01
CA SER A 531 39.99 0.88 22.57
C SER A 531 41.50 0.79 22.31
N LYS A 532 42.17 1.92 22.10
CA LYS A 532 43.61 1.93 21.71
C LYS A 532 44.31 3.22 22.19
N ILE A 533 45.63 3.13 22.39
CA ILE A 533 46.54 4.29 22.70
C ILE A 533 47.18 4.76 21.38
N TRP A 534 47.57 6.03 21.35
CA TRP A 534 48.35 6.68 20.25
C TRP A 534 49.66 7.19 20.84
N VAL A 535 50.79 6.74 20.29
CA VAL A 535 52.14 6.98 20.86
C VAL A 535 52.91 7.86 19.87
N ASN A 536 53.19 9.10 20.28
CA ASN A 536 54.11 10.02 19.57
C ASN A 536 55.52 9.81 20.13
N GLU A 537 56.34 9.04 19.40
CA GLU A 537 57.73 8.70 19.78
C GLU A 537 58.61 9.96 19.73
N GLU A 538 58.23 10.97 18.95
CA GLU A 538 58.99 12.25 18.82
C GLU A 538 58.85 13.03 20.13
N THR A 539 57.61 13.28 20.57
CA THR A 539 57.29 14.12 21.76
C THR A 539 57.36 13.28 23.04
N LYS A 540 57.50 11.95 22.90
CA LYS A 540 57.64 10.98 24.04
C LYS A 540 56.38 11.00 24.92
N LEU A 541 55.21 11.22 24.31
CA LEU A 541 53.88 11.25 24.97
C LEU A 541 53.08 10.03 24.48
N VAL A 542 52.24 9.46 25.35
CA VAL A 542 51.22 8.44 24.98
C VAL A 542 49.84 9.02 25.28
N TYR A 543 49.07 9.29 24.23
CA TYR A 543 47.63 9.67 24.28
C TYR A 543 46.80 8.40 24.54
N PHE A 544 45.79 8.50 25.41
CA PHE A 544 44.93 7.35 25.83
C PHE A 544 43.55 7.84 26.31
N GLN A 545 42.58 6.92 26.30
CA GLN A 545 41.19 7.13 26.80
C GLN A 545 41.09 6.59 28.24
N GLY A 546 40.19 7.14 29.06
CA GLY A 546 40.11 6.73 30.48
C GLY A 546 38.95 7.30 31.27
N THR A 547 38.69 6.69 32.44
CA THR A 547 37.62 7.05 33.41
C THR A 547 38.22 7.82 34.60
N LYS A 548 39.37 8.46 34.42
CA LYS A 548 40.12 9.19 35.48
C LYS A 548 39.23 10.27 36.12
N ASP A 549 38.43 10.96 35.32
CA ASP A 549 37.56 12.07 35.82
C ASP A 549 36.30 11.49 36.49
N THR A 550 35.66 10.51 35.86
CA THR A 550 34.39 9.88 36.36
C THR A 550 34.08 8.62 35.56
N PRO A 551 33.50 7.56 36.17
CA PRO A 551 33.12 6.36 35.41
C PRO A 551 32.03 6.65 34.36
N LEU A 552 31.23 7.68 34.59
CA LEU A 552 30.05 8.04 33.73
C LEU A 552 30.49 8.81 32.48
N GLU A 553 31.79 9.05 32.25
CA GLU A 553 32.31 9.72 31.04
C GLU A 553 33.62 9.06 30.58
N HIS A 554 33.81 8.96 29.26
CA HIS A 554 35.03 8.42 28.59
C HIS A 554 35.86 9.57 28.00
N HIS A 555 36.88 10.02 28.71
CA HIS A 555 37.68 11.24 28.34
C HIS A 555 38.99 10.85 27.67
N LEU A 556 39.58 11.81 26.94
CA LEU A 556 40.90 11.69 26.28
C LEU A 556 41.94 12.36 27.16
N TYR A 557 43.04 11.66 27.44
CA TYR A 557 44.16 12.10 28.33
C TYR A 557 45.48 11.89 27.58
N VAL A 558 46.51 12.65 27.96
CA VAL A 558 47.92 12.43 27.51
C VAL A 558 48.80 12.31 28.76
N VAL A 559 49.79 11.41 28.71
CA VAL A 559 50.91 11.33 29.70
C VAL A 559 52.20 11.16 28.88
N SER A 560 53.33 11.56 29.45
CA SER A 560 54.70 11.27 28.95
C SER A 560 55.04 9.83 29.34
N TYR A 561 55.52 9.02 28.39
CA TYR A 561 55.94 7.62 28.64
C TYR A 561 57.37 7.62 29.21
N GLU A 562 58.09 8.75 29.11
CA GLU A 562 59.39 9.00 29.78
C GLU A 562 59.20 8.98 31.30
N ALA A 563 58.51 10.01 31.82
CA ALA A 563 58.23 10.22 33.26
C ALA A 563 56.71 10.18 33.48
N ALA A 564 56.26 9.31 34.38
CA ALA A 564 54.88 9.28 34.92
C ALA A 564 54.61 10.60 35.65
N GLY A 565 54.38 11.67 34.89
CA GLY A 565 54.23 13.04 35.41
C GLY A 565 52.77 13.46 35.40
N GLU A 566 52.53 14.74 35.10
CA GLU A 566 51.16 15.32 34.94
C GLU A 566 50.43 14.55 33.83
N ILE A 567 49.21 14.11 34.12
CA ILE A 567 48.22 13.59 33.13
C ILE A 567 47.27 14.75 32.79
N VAL A 568 47.35 15.26 31.56
CA VAL A 568 46.46 16.35 31.03
C VAL A 568 45.24 15.71 30.38
N ARG A 569 44.04 16.24 30.63
CA ARG A 569 42.79 15.87 29.93
C ARG A 569 42.55 16.85 28.78
N LEU A 570 42.09 16.35 27.64
CA LEU A 570 41.97 17.09 26.36
C LEU A 570 40.50 17.36 26.05
N THR A 571 39.64 16.35 26.23
CA THR A 571 38.16 16.42 26.04
C THR A 571 37.53 17.24 27.18
N THR A 572 36.44 17.98 26.87
CA THR A 572 35.77 18.93 27.81
C THR A 572 34.76 18.16 28.64
N PRO A 573 34.67 18.42 29.97
CA PRO A 573 33.83 17.60 30.85
C PRO A 573 32.33 17.81 30.58
N GLY A 574 31.49 16.89 31.07
CA GLY A 574 30.03 16.90 30.88
C GLY A 574 29.59 15.88 29.86
N PHE A 575 30.50 15.36 29.04
CA PHE A 575 30.21 14.45 27.89
C PHE A 575 31.17 13.26 27.93
N SER A 576 30.66 12.07 27.62
CA SER A 576 31.49 10.89 27.24
C SER A 576 32.03 11.16 25.83
N HIS A 577 33.28 10.75 25.57
CA HIS A 577 33.95 10.97 24.25
C HIS A 577 34.47 9.65 23.71
N SER A 578 34.50 9.53 22.38
CA SER A 578 35.25 8.50 21.62
C SER A 578 36.10 9.22 20.57
N CYS A 579 37.42 9.06 20.62
CA CYS A 579 38.39 9.88 19.86
C CYS A 579 39.32 9.03 18.97
N SER A 580 39.85 9.65 17.92
CA SER A 580 40.94 9.13 17.06
C SER A 580 41.94 10.25 16.78
N MET A 581 43.24 9.98 16.95
CA MET A 581 44.35 10.96 16.77
C MET A 581 44.83 10.93 15.32
N SER A 582 45.17 12.11 14.77
CA SER A 582 45.98 12.24 13.54
C SER A 582 47.29 11.47 13.73
N GLN A 583 47.72 10.75 12.71
CA GLN A 583 48.97 9.94 12.73
C GLN A 583 50.16 10.88 13.00
N ASN A 584 49.99 12.19 12.74
CA ASN A 584 51.01 13.26 12.94
C ASN A 584 50.69 14.08 14.20
N PHE A 585 49.89 13.52 15.11
CA PHE A 585 49.60 14.04 16.48
C PHE A 585 49.46 15.57 16.47
N ASP A 586 48.81 16.12 15.44
CA ASP A 586 48.52 17.57 15.26
C ASP A 586 47.03 17.82 15.54
N MET A 587 46.15 16.90 15.12
CA MET A 587 44.67 17.00 15.28
C MET A 587 44.10 15.70 15.85
N PHE A 588 42.83 15.76 16.27
CA PHE A 588 42.02 14.59 16.67
C PHE A 588 40.53 14.94 16.51
N VAL A 589 39.72 13.93 16.17
CA VAL A 589 38.23 13.98 16.15
C VAL A 589 37.74 13.48 17.52
N SER A 590 36.57 13.94 17.95
CA SER A 590 35.84 13.38 19.13
C SER A 590 34.36 13.23 18.82
N HIS A 591 33.91 12.00 18.62
CA HIS A 591 32.49 11.56 18.64
C HIS A 591 32.01 11.58 20.10
N TYR A 592 31.41 12.70 20.52
CA TYR A 592 30.99 12.95 21.92
C TYR A 592 29.47 13.11 21.98
N SER A 593 28.86 12.58 23.04
CA SER A 593 27.41 12.69 23.35
C SER A 593 27.23 12.90 24.86
N SER A 594 25.98 13.03 25.31
CA SER A 594 25.58 13.13 26.75
C SER A 594 24.11 12.73 26.91
N VAL A 595 23.73 12.31 28.13
CA VAL A 595 22.36 11.83 28.47
C VAL A 595 21.32 12.72 27.78
N SER A 596 21.51 14.04 27.86
CA SER A 596 20.54 15.08 27.40
C SER A 596 20.76 15.47 25.93
N THR A 597 22.01 15.44 25.45
CA THR A 597 22.41 15.99 24.13
C THR A 597 22.79 14.84 23.20
N PRO A 598 22.21 14.75 21.97
CA PRO A 598 22.63 13.75 20.99
C PRO A 598 24.11 13.89 20.58
N PRO A 599 24.68 12.88 19.89
CA PRO A 599 26.11 12.88 19.57
C PRO A 599 26.46 13.92 18.49
N CYS A 600 27.50 14.72 18.77
CA CYS A 600 28.23 15.57 17.80
C CYS A 600 29.57 14.91 17.45
N VAL A 601 30.13 15.25 16.29
CA VAL A 601 31.53 14.90 15.90
C VAL A 601 32.26 16.21 15.61
N HIS A 602 33.13 16.62 16.53
CA HIS A 602 33.95 17.86 16.46
C HIS A 602 35.41 17.48 16.15
N VAL A 603 36.09 18.33 15.39
CA VAL A 603 37.54 18.18 15.04
C VAL A 603 38.31 19.27 15.80
N TYR A 604 39.38 18.87 16.51
CA TYR A 604 40.17 19.71 17.43
C TYR A 604 41.63 19.75 16.95
N LYS A 605 42.25 20.93 17.02
CA LYS A 605 43.66 21.21 16.60
C LYS A 605 44.51 21.48 17.85
N LEU A 606 45.48 20.60 18.13
CA LEU A 606 46.43 20.73 19.28
C LEU A 606 47.41 21.88 19.00
N SER A 607 47.04 23.11 19.37
CA SER A 607 47.83 24.36 19.14
C SER A 607 48.77 24.61 20.33
N GLY A 608 49.79 25.44 20.12
CA GLY A 608 50.64 26.01 21.19
C GLY A 608 52.14 25.86 20.91
N PRO A 609 53.00 26.31 21.85
CA PRO A 609 54.44 26.04 21.80
C PRO A 609 54.82 24.57 21.60
N ASP A 610 55.68 24.28 20.62
CA ASP A 610 56.24 22.93 20.34
C ASP A 610 57.22 22.53 21.45
N ASP A 611 57.74 23.50 22.21
CA ASP A 611 58.73 23.30 23.30
C ASP A 611 58.01 22.98 24.62
N ASP A 612 56.67 22.92 24.60
CA ASP A 612 55.85 22.28 25.66
C ASP A 612 54.77 21.43 25.00
N PRO A 613 55.05 20.14 24.68
CA PRO A 613 54.10 19.28 23.96
C PRO A 613 52.93 18.80 24.82
N LEU A 614 53.20 18.42 26.08
CA LEU A 614 52.21 17.87 27.05
C LEU A 614 51.03 18.84 27.22
N HIS A 615 51.30 20.15 27.15
CA HIS A 615 50.34 21.25 27.42
C HIS A 615 49.84 21.90 26.12
N LYS A 616 50.06 21.27 24.96
CA LYS A 616 49.38 21.66 23.69
C LYS A 616 47.87 21.67 23.94
N GLN A 617 47.21 22.81 23.75
CA GLN A 617 45.77 23.00 24.09
C GLN A 617 44.88 22.55 22.92
N PRO A 618 43.83 21.74 23.16
CA PRO A 618 42.86 21.42 22.12
C PRO A 618 41.93 22.61 21.87
N ARG A 619 42.06 23.23 20.70
CA ARG A 619 41.23 24.41 20.29
C ARG A 619 40.34 23.98 19.13
N PHE A 620 39.02 24.05 19.35
CA PHE A 620 37.95 23.62 18.40
C PHE A 620 38.22 24.23 17.02
N TRP A 621 38.30 23.38 16.00
CA TRP A 621 38.70 23.75 14.62
C TRP A 621 37.49 23.72 13.69
N ALA A 622 36.74 22.61 13.66
CA ALA A 622 35.56 22.42 12.79
C ALA A 622 34.67 21.30 13.33
N SER A 623 33.38 21.36 13.01
CA SER A 623 32.36 20.33 13.31
C SER A 623 32.06 19.51 12.05
N MET A 624 31.75 18.23 12.21
CA MET A 624 31.40 17.28 11.11
C MET A 624 29.91 16.91 11.20
N MET A 625 29.44 16.66 12.42
CA MET A 625 28.02 16.31 12.71
C MET A 625 27.59 17.09 13.97
N GLU A 626 26.39 17.67 13.93
CA GLU A 626 25.78 18.40 15.07
C GLU A 626 24.56 17.62 15.56
N ALA A 627 24.37 17.56 16.89
CA ALA A 627 23.26 16.85 17.56
C ALA A 627 21.95 17.16 16.82
N ALA A 628 21.37 16.16 16.15
CA ALA A 628 20.08 16.26 15.44
C ALA A 628 18.94 16.25 16.47
N SER A 629 17.92 17.09 16.27
CA SER A 629 16.75 17.27 17.17
C SER A 629 16.23 15.90 17.65
N CYS A 630 15.98 15.74 18.95
CA CYS A 630 15.44 14.51 19.59
C CYS A 630 14.03 14.23 19.07
N PRO A 631 13.53 12.96 19.08
CA PRO A 631 12.14 12.69 18.71
C PRO A 631 11.20 13.49 19.61
N PRO A 632 10.48 14.51 19.08
CA PRO A 632 9.86 15.55 19.90
C PRO A 632 9.29 15.16 21.27
N ASP A 633 8.99 13.88 21.48
CA ASP A 633 8.44 13.33 22.75
C ASP A 633 9.57 12.89 23.69
N TYR A 634 10.84 13.24 23.41
CA TYR A 634 12.02 12.73 24.18
C TYR A 634 12.37 13.66 25.36
N VAL A 635 12.28 13.11 26.57
CA VAL A 635 12.74 13.73 27.85
C VAL A 635 13.82 12.82 28.41
N PRO A 636 15.10 13.28 28.50
CA PRO A 636 16.21 12.38 28.80
C PRO A 636 16.22 11.90 30.25
N PRO A 637 16.90 10.77 30.54
CA PRO A 637 16.96 10.24 31.90
C PRO A 637 17.86 11.15 32.76
N GLU A 638 17.89 10.94 34.07
CA GLU A 638 18.83 11.66 34.96
C GLU A 638 19.56 10.64 35.82
N ILE A 639 20.88 10.80 35.93
CA ILE A 639 21.78 9.84 36.63
C ILE A 639 21.71 10.14 38.13
N PHE A 640 21.88 9.10 38.94
CA PHE A 640 21.94 9.20 40.42
C PHE A 640 22.93 8.14 40.92
N HIS A 641 23.30 8.27 42.19
CA HIS A 641 24.08 7.25 42.91
C HIS A 641 23.48 7.06 44.31
N PHE A 642 23.73 5.90 44.88
CA PHE A 642 23.42 5.55 46.28
C PHE A 642 24.46 4.53 46.72
N HIS A 643 24.52 4.25 48.02
CA HIS A 643 25.42 3.24 48.63
C HIS A 643 24.56 2.07 49.08
N THR A 644 25.09 0.85 48.97
CA THR A 644 24.48 -0.40 49.50
C THR A 644 24.70 -0.44 51.01
N ARG A 645 24.21 -1.49 51.68
CA ARG A 645 24.45 -1.73 53.14
C ARG A 645 25.92 -2.11 53.37
N SER A 646 26.64 -2.53 52.32
CA SER A 646 28.10 -2.75 52.31
C SER A 646 28.86 -1.44 52.05
N ASP A 647 28.13 -0.32 51.96
CA ASP A 647 28.66 1.07 51.72
C ASP A 647 29.39 1.14 50.37
N VAL A 648 29.03 0.29 49.41
CA VAL A 648 29.61 0.25 48.02
C VAL A 648 28.73 1.12 47.12
N ARG A 649 29.35 2.03 46.36
CA ARG A 649 28.62 3.04 45.54
C ARG A 649 28.12 2.38 44.25
N LEU A 650 26.84 2.61 43.91
CA LEU A 650 26.22 2.17 42.63
C LEU A 650 25.62 3.38 41.92
N TYR A 651 25.75 3.44 40.60
CA TYR A 651 25.13 4.45 39.72
C TYR A 651 23.86 3.86 39.07
N GLY A 652 22.83 4.69 38.93
CA GLY A 652 21.59 4.36 38.21
C GLY A 652 21.15 5.51 37.33
N MET A 653 20.45 5.22 36.23
CA MET A 653 19.66 6.20 35.45
C MET A 653 18.21 6.05 35.88
N ILE A 654 17.40 7.09 35.70
CA ILE A 654 15.91 6.97 35.74
C ILE A 654 15.31 7.81 34.62
N TYR A 655 14.25 7.26 34.01
CA TYR A 655 13.33 7.91 33.05
C TYR A 655 12.05 8.29 33.80
N LYS A 656 11.92 9.55 34.26
CA LYS A 656 10.75 10.04 35.02
C LYS A 656 9.50 9.98 34.15
N PRO A 657 8.33 9.63 34.72
CA PRO A 657 7.08 9.59 33.95
C PRO A 657 6.81 10.97 33.35
N HIS A 658 6.60 11.04 32.04
CA HIS A 658 6.37 12.30 31.28
C HIS A 658 5.13 12.99 31.84
N ALA A 659 5.14 14.33 31.87
CA ALA A 659 4.08 15.19 32.44
C ALA A 659 3.67 14.61 33.80
N LEU A 660 4.53 14.76 34.80
CA LEU A 660 4.35 14.13 36.13
C LEU A 660 3.45 15.02 37.00
N GLN A 661 2.57 14.40 37.78
CA GLN A 661 1.78 15.05 38.86
C GLN A 661 2.27 14.51 40.20
N PRO A 662 3.20 15.21 40.88
CA PRO A 662 3.62 14.83 42.23
C PRO A 662 2.47 14.35 43.12
N GLY A 663 2.72 13.29 43.90
CA GLY A 663 1.74 12.66 44.81
C GLY A 663 1.12 11.42 44.20
N LYS A 664 1.38 11.19 42.90
CA LYS A 664 0.93 10.00 42.13
C LYS A 664 2.07 8.98 42.13
N LYS A 665 1.78 7.73 42.48
CA LYS A 665 2.74 6.59 42.36
C LYS A 665 2.48 5.91 41.01
N HIS A 666 3.51 5.82 40.15
CA HIS A 666 3.43 5.27 38.78
C HIS A 666 3.89 3.81 38.76
N PRO A 667 3.46 3.00 37.76
CA PRO A 667 3.92 1.61 37.63
C PRO A 667 5.30 1.58 36.97
N THR A 668 6.21 0.80 37.55
CA THR A 668 7.67 0.88 37.26
C THR A 668 8.12 -0.34 36.46
N VAL A 669 8.95 -0.11 35.45
CA VAL A 669 9.65 -1.15 34.63
C VAL A 669 11.14 -1.05 34.94
N LEU A 670 11.69 -1.99 35.72
CA LEU A 670 13.14 -2.06 35.99
C LEU A 670 13.82 -2.76 34.80
N PHE A 671 14.45 -1.99 33.92
CA PHE A 671 15.23 -2.53 32.77
C PHE A 671 16.61 -2.97 33.27
N VAL A 672 17.05 -4.15 32.87
CA VAL A 672 18.25 -4.79 33.48
C VAL A 672 19.08 -5.46 32.39
N TYR A 673 20.40 -5.36 32.52
CA TYR A 673 21.39 -6.31 31.94
C TYR A 673 22.05 -7.04 33.12
N GLY A 674 22.96 -6.35 33.83
CA GLY A 674 23.56 -6.84 35.10
C GLY A 674 24.65 -7.87 34.88
N GLY A 675 24.95 -8.20 33.61
CA GLY A 675 26.00 -9.16 33.22
C GLY A 675 27.35 -8.47 33.05
N PRO A 676 28.47 -9.23 33.10
CA PRO A 676 29.81 -8.66 32.95
C PRO A 676 30.06 -8.17 31.53
N GLN A 677 31.07 -7.33 31.35
CA GLN A 677 31.52 -6.74 30.06
C GLN A 677 30.59 -5.60 29.61
N VAL A 678 29.76 -5.06 30.51
CA VAL A 678 28.69 -4.08 30.13
C VAL A 678 28.53 -3.00 31.21
N GLN A 679 28.17 -1.79 30.76
CA GLN A 679 27.79 -0.62 31.59
C GLN A 679 26.68 0.15 30.83
N LEU A 680 25.46 0.10 31.36
CA LEU A 680 24.27 0.79 30.81
C LEU A 680 24.24 2.25 31.31
N VAL A 681 24.65 2.45 32.57
CA VAL A 681 24.60 3.75 33.29
C VAL A 681 25.92 4.51 33.07
N ASN A 682 25.86 5.54 32.21
CA ASN A 682 26.94 6.55 32.03
C ASN A 682 26.35 7.75 31.30
N ASN A 683 27.15 8.80 31.10
CA ASN A 683 26.68 10.10 30.53
C ASN A 683 26.93 10.11 29.02
N SER A 684 26.09 9.40 28.28
CA SER A 684 26.04 9.39 26.79
C SER A 684 24.59 9.24 26.35
N PHE A 685 24.21 9.83 25.23
CA PHE A 685 22.81 9.82 24.72
C PHE A 685 22.36 8.37 24.58
N LYS A 686 21.24 8.02 25.22
CA LYS A 686 20.66 6.65 25.26
C LYS A 686 19.42 6.56 24.36
N GLY A 687 18.96 7.70 23.83
CA GLY A 687 17.68 7.82 23.10
C GLY A 687 17.79 7.46 21.64
N ILE A 688 18.75 6.61 21.25
CA ILE A 688 18.82 5.99 19.90
C ILE A 688 18.61 4.48 20.07
N LYS A 689 19.50 3.84 20.82
CA LYS A 689 19.43 2.37 21.11
C LYS A 689 18.30 2.07 22.10
N TYR A 690 18.05 2.95 23.08
CA TYR A 690 17.06 2.74 24.17
C TYR A 690 15.94 3.79 24.09
N LEU A 691 15.48 4.09 22.87
CA LEU A 691 14.35 5.01 22.60
C LEU A 691 13.07 4.47 23.27
N ARG A 692 12.91 3.15 23.28
CA ARG A 692 11.69 2.45 23.80
C ARG A 692 11.52 2.74 25.30
N LEU A 693 12.61 2.93 26.05
CA LEU A 693 12.56 3.29 27.49
C LEU A 693 11.90 4.67 27.64
N ASN A 694 12.16 5.60 26.71
CA ASN A 694 11.53 6.95 26.68
C ASN A 694 10.05 6.84 26.34
N THR A 695 9.69 5.99 25.37
CA THR A 695 8.28 5.71 24.98
C THR A 695 7.54 5.18 26.22
N LEU A 696 8.12 4.16 26.88
CA LEU A 696 7.67 3.58 28.19
C LEU A 696 7.41 4.70 29.21
N ALA A 697 8.30 5.69 29.28
CA ALA A 697 8.12 6.91 30.12
C ALA A 697 6.93 7.73 29.60
N SER A 698 6.82 7.91 28.28
CA SER A 698 5.81 8.79 27.61
C SER A 698 4.37 8.26 27.80
N LEU A 699 4.20 7.01 28.27
CA LEU A 699 2.89 6.43 28.62
C LEU A 699 2.67 6.46 30.13
N GLY A 700 3.65 6.91 30.92
CA GLY A 700 3.49 7.15 32.36
C GLY A 700 4.07 6.03 33.22
N TYR A 701 4.86 5.13 32.63
CA TYR A 701 5.66 4.14 33.39
C TYR A 701 6.95 4.83 33.86
N ALA A 702 7.29 4.67 35.14
CA ALA A 702 8.67 4.86 35.65
C ALA A 702 9.53 3.73 35.07
N VAL A 703 10.73 4.07 34.59
CA VAL A 703 11.73 3.10 34.06
C VAL A 703 13.05 3.34 34.80
N VAL A 704 13.51 2.33 35.57
CA VAL A 704 14.74 2.38 36.40
C VAL A 704 15.77 1.46 35.75
N VAL A 705 17.00 1.95 35.54
CA VAL A 705 18.17 1.14 35.11
C VAL A 705 19.24 1.28 36.19
N ILE A 706 19.84 0.15 36.59
CA ILE A 706 20.83 0.10 37.71
C ILE A 706 21.97 -0.82 37.29
N ASP A 707 23.18 -0.27 37.18
CA ASP A 707 24.42 -1.07 37.04
C ASP A 707 24.80 -1.58 38.43
N GLY A 708 24.38 -2.81 38.72
CA GLY A 708 24.76 -3.53 39.95
C GLY A 708 26.16 -4.08 39.84
N ARG A 709 26.69 -4.61 40.94
CA ARG A 709 28.02 -5.26 40.99
C ARG A 709 28.08 -6.34 39.91
N GLY A 710 29.28 -6.57 39.38
CA GLY A 710 29.53 -7.48 38.24
C GLY A 710 29.71 -6.71 36.94
N SER A 711 29.22 -5.46 36.88
CA SER A 711 29.23 -4.64 35.65
C SER A 711 30.62 -4.02 35.45
N CYS A 712 30.81 -3.40 34.28
CA CYS A 712 32.10 -2.94 33.71
C CYS A 712 32.44 -1.51 34.20
N GLN A 713 33.72 -1.12 34.04
CA GLN A 713 34.26 0.26 34.18
C GLN A 713 34.51 0.64 35.65
N ARG A 714 34.54 -0.31 36.58
CA ARG A 714 34.80 -0.01 38.02
C ARG A 714 35.92 -0.90 38.54
N GLY A 715 36.77 -1.39 37.64
CA GLY A 715 37.90 -2.26 38.00
C GLY A 715 37.42 -3.65 38.40
N LEU A 716 38.39 -4.51 38.75
CA LEU A 716 38.29 -5.98 38.70
C LEU A 716 37.55 -6.54 39.92
N ARG A 717 37.67 -5.94 41.10
CA ARG A 717 37.06 -6.48 42.35
C ARG A 717 35.57 -6.16 42.37
N PHE A 718 35.15 -5.06 41.72
CA PHE A 718 33.73 -4.67 41.54
C PHE A 718 33.05 -5.65 40.58
N GLU A 719 33.75 -6.01 39.50
CA GLU A 719 33.33 -7.03 38.51
C GLU A 719 33.36 -8.42 39.16
N GLY A 720 34.36 -8.67 40.01
CA GLY A 720 34.69 -10.00 40.56
C GLY A 720 33.70 -10.48 41.59
N ALA A 721 32.73 -9.64 41.98
CA ALA A 721 31.61 -10.00 42.88
C ALA A 721 30.80 -11.17 42.30
N LEU A 722 30.71 -11.26 40.97
CA LEU A 722 29.98 -12.33 40.21
C LEU A 722 30.61 -13.69 40.46
N LYS A 723 31.94 -13.76 40.55
CA LYS A 723 32.72 -15.00 40.38
C LYS A 723 32.01 -16.18 41.05
N ASN A 724 31.59 -17.15 40.23
CA ASN A 724 31.08 -18.50 40.60
C ASN A 724 29.64 -18.43 41.15
N GLN A 725 29.03 -17.24 41.21
CA GLN A 725 27.70 -17.01 41.85
C GLN A 725 26.74 -16.32 40.87
N MET A 726 26.93 -16.44 39.56
CA MET A 726 26.10 -15.70 38.58
C MET A 726 24.62 -15.95 38.93
N GLY A 727 23.84 -14.86 39.03
CA GLY A 727 22.43 -14.86 39.42
C GLY A 727 22.22 -14.26 40.81
N GLN A 728 23.02 -14.69 41.78
CA GLN A 728 22.75 -14.53 43.25
C GLN A 728 22.98 -13.09 43.71
N VAL A 729 24.14 -12.51 43.39
CA VAL A 729 24.59 -11.20 43.92
C VAL A 729 23.83 -10.06 43.22
N GLU A 730 23.34 -10.30 42.00
CA GLU A 730 22.96 -9.23 41.03
C GLU A 730 21.60 -8.63 41.41
N ILE A 731 20.64 -9.46 41.81
CA ILE A 731 19.22 -9.06 42.04
C ILE A 731 19.12 -8.19 43.30
N GLU A 732 19.88 -8.53 44.33
CA GLU A 732 19.83 -7.86 45.67
C GLU A 732 20.21 -6.39 45.48
N ASP A 733 21.18 -6.12 44.57
CA ASP A 733 21.61 -4.76 44.16
C ASP A 733 20.49 -4.04 43.41
N GLN A 734 19.86 -4.71 42.43
CA GLN A 734 18.75 -4.14 41.60
C GLN A 734 17.62 -3.67 42.52
N VAL A 735 17.33 -4.42 43.59
CA VAL A 735 16.27 -4.10 44.58
C VAL A 735 16.74 -2.91 45.43
N GLU A 736 17.97 -2.98 45.95
CA GLU A 736 18.56 -1.90 46.80
C GLU A 736 18.42 -0.57 46.06
N GLY A 737 18.68 -0.57 44.75
CA GLY A 737 18.49 0.60 43.86
C GLY A 737 17.03 1.00 43.78
N LEU A 738 16.21 0.14 43.19
CA LEU A 738 14.73 0.25 43.09
C LEU A 738 14.13 0.87 44.36
N GLN A 739 14.50 0.37 45.56
CA GLN A 739 14.02 0.84 46.89
C GLN A 739 14.42 2.30 47.11
N PHE A 740 15.70 2.63 46.91
CA PHE A 740 16.28 4.00 47.00
C PHE A 740 15.50 4.93 46.05
N VAL A 741 15.23 4.45 44.84
CA VAL A 741 14.57 5.20 43.73
C VAL A 741 13.18 5.66 44.20
N ALA A 742 12.45 4.76 44.87
CA ALA A 742 11.06 4.98 45.37
C ALA A 742 11.05 6.07 46.45
N GLU A 743 12.15 6.15 47.22
CA GLU A 743 12.33 7.08 48.38
C GLU A 743 12.73 8.47 47.88
N LYS A 744 13.79 8.54 47.06
CA LYS A 744 14.34 9.80 46.50
C LYS A 744 13.32 10.47 45.58
N TYR A 745 12.86 9.74 44.56
CA TYR A 745 11.78 10.15 43.63
C TYR A 745 10.47 9.54 44.13
N GLY A 746 9.46 10.35 44.49
CA GLY A 746 8.29 9.86 45.23
C GLY A 746 7.17 9.34 44.35
N PHE A 747 7.49 8.80 43.17
CA PHE A 747 6.50 8.47 42.10
C PHE A 747 6.52 6.97 41.74
N ILE A 748 7.27 6.15 42.50
CA ILE A 748 7.30 4.67 42.29
C ILE A 748 6.12 4.05 43.05
N ASP A 749 5.31 3.25 42.36
CA ASP A 749 4.36 2.31 43.01
C ASP A 749 5.02 0.93 43.06
N LEU A 750 5.61 0.57 44.20
CA LEU A 750 6.39 -0.69 44.39
C LEU A 750 5.49 -1.92 44.18
N SER A 751 4.18 -1.79 44.43
CA SER A 751 3.19 -2.90 44.27
C SER A 751 3.16 -3.38 42.81
N ARG A 752 3.59 -2.53 41.87
CA ARG A 752 3.51 -2.77 40.40
C ARG A 752 4.87 -2.48 39.73
N VAL A 753 5.84 -3.37 39.92
CA VAL A 753 7.17 -3.26 39.24
C VAL A 753 7.36 -4.47 38.32
N ALA A 754 7.47 -4.22 37.01
CA ALA A 754 7.87 -5.18 35.97
C ALA A 754 9.39 -5.26 35.91
N ILE A 755 9.94 -6.41 35.51
CA ILE A 755 11.39 -6.58 35.14
C ILE A 755 11.48 -7.00 33.67
N HIS A 756 12.53 -6.55 32.99
CA HIS A 756 12.72 -6.74 31.54
C HIS A 756 14.22 -6.84 31.28
N GLY A 757 14.63 -7.60 30.25
CA GLY A 757 16.04 -7.64 29.84
C GLY A 757 16.29 -8.68 28.76
N TRP A 758 17.41 -8.55 28.05
CA TRP A 758 17.82 -9.44 26.94
C TRP A 758 19.12 -10.13 27.30
N SER A 759 19.23 -11.43 26.98
CA SER A 759 20.41 -12.29 27.20
C SER A 759 20.61 -12.52 28.71
N TYR A 760 21.70 -12.01 29.30
CA TYR A 760 21.90 -11.93 30.77
C TYR A 760 20.69 -11.26 31.42
N GLY A 761 20.13 -10.23 30.79
CA GLY A 761 18.97 -9.46 31.30
C GLY A 761 17.69 -10.27 31.30
N GLY A 762 17.57 -11.21 30.36
CA GLY A 762 16.49 -12.21 30.36
C GLY A 762 16.71 -13.19 31.50
N PHE A 763 17.95 -13.62 31.67
CA PHE A 763 18.41 -14.50 32.77
C PHE A 763 18.10 -13.84 34.11
N LEU A 764 18.25 -12.52 34.22
CA LEU A 764 18.11 -11.79 35.50
C LEU A 764 16.64 -11.44 35.79
N SER A 765 15.79 -11.44 34.78
CA SER A 765 14.33 -11.24 34.99
C SER A 765 13.78 -12.50 35.65
N LEU A 766 14.09 -13.66 35.05
CA LEU A 766 13.68 -15.00 35.52
C LEU A 766 14.23 -15.25 36.94
N MET A 767 15.46 -14.83 37.22
CA MET A 767 16.05 -14.87 38.59
C MET A 767 15.22 -14.00 39.53
N GLY A 768 14.99 -12.74 39.16
CA GLY A 768 14.23 -11.77 39.99
C GLY A 768 12.85 -12.30 40.37
N LEU A 769 12.16 -12.95 39.44
CA LEU A 769 10.77 -13.45 39.60
C LEU A 769 10.77 -14.73 40.43
N ILE A 770 11.91 -15.44 40.47
CA ILE A 770 12.16 -16.63 41.34
C ILE A 770 12.48 -16.14 42.75
N HIS A 771 13.56 -15.37 42.88
CA HIS A 771 14.19 -14.98 44.16
C HIS A 771 13.42 -13.83 44.84
N LYS A 772 12.62 -13.07 44.10
CA LYS A 772 11.90 -11.86 44.59
C LYS A 772 10.54 -11.71 43.90
N PRO A 773 9.58 -12.62 44.13
CA PRO A 773 8.24 -12.51 43.54
C PRO A 773 7.39 -11.38 44.15
N GLN A 774 7.57 -11.13 45.45
CA GLN A 774 6.88 -10.07 46.23
C GLN A 774 7.17 -8.69 45.63
N VAL A 775 8.33 -8.51 44.98
CA VAL A 775 8.81 -7.22 44.39
C VAL A 775 8.28 -7.10 42.96
N PHE A 776 8.59 -8.10 42.13
CA PHE A 776 8.31 -8.11 40.68
C PHE A 776 7.02 -8.90 40.42
N LYS A 777 5.97 -8.20 39.96
CA LYS A 777 4.67 -8.82 39.59
C LYS A 777 4.83 -9.63 38.30
N VAL A 778 5.69 -9.18 37.38
CA VAL A 778 5.89 -9.82 36.05
C VAL A 778 7.38 -9.91 35.73
N ALA A 779 7.75 -10.81 34.81
CA ALA A 779 9.04 -10.82 34.08
C ALA A 779 8.76 -10.86 32.56
N ILE A 780 9.47 -10.04 31.79
CA ILE A 780 9.56 -10.17 30.30
C ILE A 780 11.02 -10.49 29.98
N ALA A 781 11.33 -11.77 29.83
CA ALA A 781 12.69 -12.32 29.62
C ALA A 781 12.91 -12.50 28.11
N GLY A 782 13.94 -11.82 27.59
CA GLY A 782 14.36 -11.86 26.16
C GLY A 782 15.64 -12.65 26.01
N ALA A 783 15.67 -13.59 25.06
CA ALA A 783 16.84 -14.43 24.72
C ALA A 783 17.55 -14.87 26.00
N PRO A 784 16.85 -15.51 26.97
CA PRO A 784 17.43 -15.74 28.30
C PRO A 784 18.33 -16.98 28.34
N VAL A 785 19.46 -16.88 29.04
CA VAL A 785 20.37 -18.03 29.33
C VAL A 785 19.77 -18.82 30.50
N THR A 786 19.13 -19.96 30.21
CA THR A 786 18.33 -20.74 31.18
C THR A 786 19.11 -21.94 31.72
N VAL A 787 20.29 -22.24 31.17
CA VAL A 787 21.18 -23.36 31.59
C VAL A 787 22.62 -22.98 31.25
N TRP A 788 23.43 -22.60 32.25
CA TRP A 788 24.86 -22.22 32.04
C TRP A 788 25.65 -23.42 31.52
N MET A 789 25.28 -24.64 31.93
CA MET A 789 25.97 -25.89 31.51
C MET A 789 25.85 -26.10 29.99
N ALA A 790 24.89 -25.44 29.34
CA ALA A 790 24.65 -25.50 27.88
C ALA A 790 25.45 -24.41 27.15
N TYR A 791 25.75 -23.28 27.82
CA TYR A 791 26.50 -22.13 27.24
C TYR A 791 27.96 -22.56 26.96
N ASP A 792 28.74 -21.71 26.31
CA ASP A 792 30.08 -22.04 25.77
C ASP A 792 31.15 -21.98 26.88
N THR A 793 32.39 -22.34 26.54
CA THR A 793 33.58 -22.36 27.45
C THR A 793 34.08 -20.94 27.72
N GLY A 794 34.27 -20.16 26.65
CA GLY A 794 34.86 -18.80 26.70
C GLY A 794 34.31 -17.97 27.83
N TYR A 795 32.99 -17.73 27.81
CA TYR A 795 32.24 -16.92 28.80
C TYR A 795 32.21 -17.63 30.16
N THR A 796 31.59 -18.82 30.21
CA THR A 796 31.14 -19.48 31.46
C THR A 796 32.36 -19.84 32.33
N GLU A 797 33.35 -20.52 31.74
CA GLU A 797 34.52 -21.03 32.49
C GLU A 797 35.26 -19.86 33.14
N ARG A 798 35.36 -18.74 32.44
CA ARG A 798 35.94 -17.49 33.00
C ARG A 798 35.24 -17.16 34.32
N TYR A 799 33.93 -16.89 34.26
CA TYR A 799 33.16 -16.29 35.38
C TYR A 799 32.69 -17.36 36.37
N MET A 800 32.31 -18.55 35.88
CA MET A 800 31.60 -19.58 36.69
C MET A 800 32.48 -20.83 36.90
N ASP A 801 33.77 -20.78 36.56
CA ASP A 801 34.67 -21.96 36.64
C ASP A 801 34.13 -23.03 35.68
N VAL A 802 34.40 -24.31 35.96
CA VAL A 802 34.03 -25.49 35.11
C VAL A 802 33.03 -26.35 35.88
N PRO A 803 31.99 -26.92 35.22
CA PRO A 803 30.93 -27.63 35.92
C PRO A 803 31.43 -28.68 36.93
N GLU A 804 32.48 -29.43 36.56
CA GLU A 804 33.14 -30.47 37.40
C GLU A 804 33.62 -29.86 38.73
N ASN A 805 33.96 -28.56 38.75
CA ASN A 805 34.47 -27.83 39.93
C ASN A 805 33.30 -27.15 40.67
N ASN A 806 32.53 -26.32 39.96
CA ASN A 806 31.51 -25.41 40.54
C ASN A 806 30.10 -25.98 40.31
N GLN A 807 29.86 -27.25 40.70
CA GLN A 807 28.54 -27.94 40.56
C GLN A 807 27.44 -27.08 41.19
N HIS A 808 27.61 -26.76 42.48
CA HIS A 808 26.65 -26.01 43.34
C HIS A 808 26.26 -24.67 42.69
N GLY A 809 27.22 -23.98 42.06
CA GLY A 809 27.04 -22.61 41.54
C GLY A 809 26.36 -22.58 40.17
N TYR A 810 26.64 -23.58 39.34
CA TYR A 810 25.99 -23.83 38.02
C TYR A 810 24.51 -24.12 38.23
N GLU A 811 24.19 -25.12 39.06
CA GLU A 811 22.81 -25.50 39.44
C GLU A 811 22.04 -24.24 39.85
N ALA A 812 22.59 -23.49 40.82
CA ALA A 812 21.93 -22.34 41.49
C ALA A 812 21.66 -21.20 40.49
N GLY A 813 22.49 -21.07 39.45
CA GLY A 813 22.42 -19.98 38.45
C GLY A 813 21.65 -20.36 37.20
N SER A 814 21.20 -21.62 37.10
CA SER A 814 20.35 -22.13 36.00
C SER A 814 18.87 -21.97 36.37
N VAL A 815 18.20 -20.97 35.78
CA VAL A 815 16.79 -20.60 36.14
C VAL A 815 15.82 -21.72 35.74
N ALA A 816 16.24 -22.69 34.93
CA ALA A 816 15.39 -23.80 34.44
C ALA A 816 15.46 -25.00 35.39
N LEU A 817 16.45 -25.05 36.29
CA LEU A 817 16.52 -26.07 37.37
C LEU A 817 15.73 -25.62 38.59
N HIS A 818 15.14 -24.42 38.56
CA HIS A 818 14.39 -23.79 39.68
C HIS A 818 13.01 -23.34 39.21
N VAL A 819 12.48 -23.98 38.17
CA VAL A 819 11.18 -23.63 37.53
C VAL A 819 10.06 -23.75 38.57
N GLU A 820 10.10 -24.81 39.39
CA GLU A 820 9.14 -25.07 40.51
C GLU A 820 8.82 -23.78 41.27
N LYS A 821 9.78 -22.84 41.35
CA LYS A 821 9.68 -21.56 42.11
C LYS A 821 9.22 -20.40 41.22
N LEU A 822 8.77 -20.67 39.98
CA LEU A 822 8.19 -19.63 39.08
C LEU A 822 6.70 -19.50 39.40
N PRO A 823 6.02 -18.45 38.91
CA PRO A 823 4.64 -18.19 39.32
C PRO A 823 3.66 -19.29 38.90
N ASN A 824 2.67 -19.52 39.76
CA ASN A 824 1.49 -20.40 39.55
C ASN A 824 0.36 -19.55 38.93
N GLU A 825 0.48 -18.22 39.01
CA GLU A 825 -0.42 -17.25 38.35
C GLU A 825 0.04 -17.11 36.90
N PRO A 826 -0.87 -17.18 35.92
CA PRO A 826 -0.55 -16.75 34.55
C PRO A 826 -0.34 -15.24 34.45
N ASN A 827 0.32 -14.80 33.37
CA ASN A 827 0.50 -13.37 32.99
C ASN A 827 1.54 -12.70 33.90
N ARG A 828 2.42 -13.47 34.52
CA ARG A 828 3.55 -12.95 35.34
C ARG A 828 4.88 -13.24 34.63
N LEU A 829 4.87 -13.89 33.46
CA LEU A 829 6.10 -14.33 32.76
C LEU A 829 5.86 -14.34 31.24
N LEU A 830 6.64 -13.54 30.50
CA LEU A 830 6.66 -13.47 29.01
C LEU A 830 8.08 -13.80 28.51
N ILE A 831 8.21 -14.82 27.65
CA ILE A 831 9.51 -15.27 27.05
C ILE A 831 9.52 -14.86 25.57
N LEU A 832 10.35 -13.87 25.24
CA LEU A 832 10.73 -13.49 23.85
C LEU A 832 12.02 -14.23 23.53
N HIS A 833 12.24 -14.61 22.26
CA HIS A 833 13.49 -15.27 21.80
C HIS A 833 13.56 -15.25 20.26
N GLY A 834 14.72 -14.89 19.73
CA GLY A 834 15.05 -15.01 18.30
C GLY A 834 15.34 -16.46 17.94
N PHE A 835 14.56 -17.02 17.02
CA PHE A 835 14.62 -18.45 16.61
C PHE A 835 16.03 -18.79 16.13
N LEU A 836 16.70 -17.82 15.48
CA LEU A 836 18.00 -18.01 14.80
C LEU A 836 19.16 -17.60 15.72
N ASP A 837 18.91 -17.33 17.00
CA ASP A 837 19.97 -16.90 17.95
C ASP A 837 21.08 -17.95 17.93
N GLU A 838 22.32 -17.51 17.69
CA GLU A 838 23.53 -18.36 17.52
C GLU A 838 24.44 -18.21 18.74
N ASN A 839 24.31 -17.12 19.50
CA ASN A 839 24.95 -16.93 20.83
C ASN A 839 24.20 -17.77 21.87
N VAL A 840 23.00 -17.30 22.24
CA VAL A 840 22.03 -17.96 23.17
C VAL A 840 21.00 -18.71 22.32
N HIS A 841 21.33 -19.93 21.91
CA HIS A 841 20.44 -20.83 21.14
C HIS A 841 19.02 -20.82 21.72
N PHE A 842 18.02 -20.93 20.85
CA PHE A 842 16.57 -21.04 21.21
C PHE A 842 16.39 -22.17 22.23
N PHE A 843 17.21 -23.22 22.15
CA PHE A 843 17.20 -24.39 23.06
C PHE A 843 16.95 -23.99 24.52
N HIS A 844 17.59 -22.91 24.98
CA HIS A 844 17.43 -22.36 26.36
C HIS A 844 15.94 -22.14 26.65
N THR A 845 15.24 -21.39 25.78
CA THR A 845 13.78 -21.14 25.83
C THR A 845 13.05 -22.49 25.78
N ASN A 846 13.45 -23.35 24.83
CA ASN A 846 12.86 -24.69 24.58
C ASN A 846 12.95 -25.52 25.87
N PHE A 847 14.15 -25.57 26.45
CA PHE A 847 14.44 -26.34 27.69
C PHE A 847 13.63 -25.78 28.87
N LEU A 848 13.54 -24.45 28.99
CA LEU A 848 12.73 -23.77 30.03
C LEU A 848 11.25 -24.08 29.84
N VAL A 849 10.77 -24.14 28.59
CA VAL A 849 9.32 -24.38 28.30
C VAL A 849 8.99 -25.82 28.71
N SER A 850 9.89 -26.77 28.44
CA SER A 850 9.75 -28.20 28.80
C SER A 850 9.74 -28.35 30.32
N GLN A 851 10.57 -27.57 31.02
CA GLN A 851 10.67 -27.57 32.50
C GLN A 851 9.42 -26.95 33.12
N LEU A 852 8.86 -25.90 32.50
CA LEU A 852 7.62 -25.18 32.93
C LEU A 852 6.39 -26.10 32.84
N ILE A 853 6.38 -27.05 31.90
CA ILE A 853 5.23 -27.96 31.60
C ILE A 853 5.24 -29.11 32.62
N ARG A 854 6.41 -29.68 32.90
CA ARG A 854 6.64 -30.69 33.96
C ARG A 854 6.10 -30.20 35.31
N ALA A 855 6.32 -28.91 35.61
CA ALA A 855 6.05 -28.27 36.91
C ALA A 855 4.62 -27.71 36.98
N GLY A 856 3.88 -27.73 35.88
CA GLY A 856 2.49 -27.23 35.79
C GLY A 856 2.43 -25.72 36.00
N LYS A 857 3.23 -24.99 35.21
CA LYS A 857 3.41 -23.53 35.32
C LYS A 857 2.98 -22.85 34.01
N PRO A 858 2.24 -21.73 34.07
CA PRO A 858 1.89 -20.97 32.88
C PRO A 858 3.08 -20.17 32.35
N TYR A 859 3.17 -20.02 31.03
CA TYR A 859 4.10 -19.07 30.35
C TYR A 859 3.34 -18.36 29.23
N GLN A 860 4.01 -17.40 28.60
CA GLN A 860 3.62 -16.82 27.28
C GLN A 860 4.90 -16.73 26.43
N LEU A 861 4.80 -17.08 25.16
CA LEU A 861 5.98 -17.12 24.25
C LEU A 861 5.75 -16.18 23.05
N GLN A 862 6.78 -15.40 22.71
CA GLN A 862 6.92 -14.69 21.42
C GLN A 862 8.21 -15.20 20.77
N ILE A 863 8.13 -15.63 19.51
CA ILE A 863 9.28 -16.06 18.67
C ILE A 863 9.55 -14.95 17.64
N TYR A 864 10.82 -14.71 17.33
CA TYR A 864 11.27 -13.79 16.26
C TYR A 864 12.00 -14.64 15.22
N PRO A 865 11.24 -15.31 14.32
CA PRO A 865 11.76 -16.39 13.48
C PRO A 865 12.91 -16.02 12.53
N ASN A 866 13.08 -14.73 12.24
CA ASN A 866 14.07 -14.22 11.26
C ASN A 866 15.18 -13.46 12.00
N GLU A 867 15.14 -13.41 13.33
CA GLU A 867 16.10 -12.62 14.16
C GLU A 867 17.05 -13.59 14.87
N ARG A 868 18.31 -13.18 15.04
CA ARG A 868 19.32 -13.90 15.86
C ARG A 868 19.25 -13.32 17.28
N HIS A 869 20.40 -12.98 17.87
CA HIS A 869 20.48 -12.47 19.27
C HIS A 869 19.78 -11.12 19.40
N SER A 870 20.12 -10.16 18.53
CA SER A 870 19.49 -8.81 18.49
C SER A 870 18.45 -8.76 17.38
N ILE A 871 17.33 -8.07 17.63
CA ILE A 871 16.29 -7.75 16.60
C ILE A 871 16.84 -6.64 15.72
N ARG A 872 17.04 -6.93 14.43
CA ARG A 872 17.63 -6.00 13.43
C ARG A 872 16.54 -5.44 12.52
N CYS A 873 15.61 -6.30 12.05
CA CYS A 873 14.47 -5.93 11.17
C CYS A 873 13.52 -4.97 11.88
N PRO A 874 13.15 -3.82 11.26
CA PRO A 874 12.25 -2.85 11.89
C PRO A 874 10.93 -3.44 12.39
N GLU A 875 10.28 -4.26 11.58
CA GLU A 875 8.90 -4.79 11.80
C GLU A 875 8.89 -5.69 13.04
N SER A 876 9.87 -6.58 13.16
CA SER A 876 10.12 -7.44 14.36
C SER A 876 10.27 -6.55 15.61
N GLY A 877 11.08 -5.49 15.50
CA GLY A 877 11.34 -4.51 16.58
C GLY A 877 10.10 -3.75 17.00
N GLU A 878 9.26 -3.36 16.03
CA GLU A 878 7.98 -2.62 16.31
C GLU A 878 7.03 -3.58 17.05
N HIS A 879 6.86 -4.80 16.53
CA HIS A 879 5.99 -5.86 17.11
C HIS A 879 6.43 -6.15 18.56
N TYR A 880 7.74 -6.24 18.80
CA TYR A 880 8.36 -6.46 20.13
C TYR A 880 7.97 -5.34 21.09
N GLU A 881 8.01 -4.09 20.63
CA GLU A 881 7.71 -2.89 21.46
C GLU A 881 6.18 -2.77 21.65
N VAL A 882 5.39 -3.20 20.68
CA VAL A 882 3.88 -3.17 20.78
C VAL A 882 3.45 -4.24 21.79
N THR A 883 4.00 -5.47 21.69
CA THR A 883 3.75 -6.62 22.60
C THR A 883 4.16 -6.26 24.03
N LEU A 884 5.33 -5.64 24.19
CA LEU A 884 5.85 -5.20 25.51
C LEU A 884 4.83 -4.25 26.15
N LEU A 885 4.33 -3.28 25.39
CA LEU A 885 3.37 -2.25 25.87
C LEU A 885 2.01 -2.88 26.16
N HIS A 886 1.54 -3.75 25.26
CA HIS A 886 0.23 -4.45 25.45
C HIS A 886 0.30 -5.30 26.71
N PHE A 887 1.38 -6.08 26.87
CA PHE A 887 1.55 -7.02 28.01
C PHE A 887 1.47 -6.25 29.34
N LEU A 888 2.15 -5.09 29.44
CA LEU A 888 2.24 -4.27 30.69
C LEU A 888 0.91 -3.56 30.95
N GLN A 889 0.24 -3.13 29.88
CA GLN A 889 -1.04 -2.38 29.91
C GLN A 889 -2.11 -3.25 30.56
N GLU A 890 -2.12 -4.55 30.24
CA GLU A 890 -3.19 -5.52 30.65
C GLU A 890 -2.86 -6.17 32.00
N TYR A 891 -1.59 -6.49 32.25
CA TYR A 891 -1.17 -7.46 33.31
C TYR A 891 -0.32 -6.82 34.42
N LEU A 892 0.35 -5.70 34.19
CA LEU A 892 1.05 -4.96 35.28
C LEU A 892 0.00 -4.13 36.02
N HIS A 893 -0.82 -4.80 36.84
CA HIS A 893 -1.92 -4.22 37.66
C HIS A 893 -2.10 -5.07 38.93
N PRO B 49 -29.98 -10.08 29.38
CA PRO B 49 -29.92 -9.97 30.86
C PRO B 49 -28.97 -11.03 31.46
N ALA B 50 -29.41 -11.76 32.48
CA ALA B 50 -28.74 -12.99 32.99
C ALA B 50 -29.09 -14.17 32.07
N ALA B 51 -29.37 -13.89 30.79
CA ALA B 51 -29.55 -14.89 29.71
C ALA B 51 -28.22 -15.61 29.46
N ARG B 52 -27.15 -14.83 29.24
CA ARG B 52 -25.77 -15.34 29.08
C ARG B 52 -25.37 -16.16 30.31
N PHE B 53 -24.73 -17.31 30.11
CA PHE B 53 -24.11 -18.17 31.15
C PHE B 53 -22.62 -17.86 31.22
N GLN B 54 -22.13 -17.35 32.36
CA GLN B 54 -20.70 -17.04 32.59
C GLN B 54 -20.07 -18.22 33.35
N VAL B 55 -18.98 -18.80 32.82
CA VAL B 55 -18.34 -20.02 33.40
C VAL B 55 -17.64 -19.63 34.70
N GLN B 56 -17.86 -20.41 35.76
CA GLN B 56 -17.12 -20.35 37.04
C GLN B 56 -15.63 -20.22 36.70
N LYS B 57 -15.06 -19.03 36.88
CA LYS B 57 -13.61 -18.76 36.65
C LYS B 57 -12.83 -19.43 37.79
N HIS B 58 -11.80 -20.20 37.45
CA HIS B 58 -10.90 -20.89 38.43
C HIS B 58 -9.50 -20.30 38.35
N SER B 59 -8.75 -20.44 39.44
CA SER B 59 -7.28 -20.21 39.53
C SER B 59 -6.59 -21.23 38.63
N TRP B 60 -5.30 -21.01 38.32
CA TRP B 60 -4.48 -21.95 37.53
C TRP B 60 -4.44 -23.31 38.22
N ASP B 61 -4.01 -23.33 39.50
CA ASP B 61 -3.86 -24.56 40.31
C ASP B 61 -5.22 -25.26 40.45
N GLY B 62 -6.30 -24.49 40.41
CA GLY B 62 -7.68 -25.01 40.34
C GLY B 62 -7.95 -25.74 39.03
N LEU B 63 -7.67 -25.08 37.90
CA LEU B 63 -7.83 -25.65 36.54
C LEU B 63 -6.97 -26.91 36.39
N ARG B 64 -5.76 -26.88 36.97
CA ARG B 64 -4.82 -28.03 36.96
C ARG B 64 -5.43 -29.24 37.68
N SER B 65 -6.09 -29.01 38.82
CA SER B 65 -6.70 -30.07 39.67
C SER B 65 -8.01 -30.56 39.04
N ILE B 66 -8.69 -29.73 38.24
CA ILE B 66 -9.92 -30.13 37.49
C ILE B 66 -9.51 -31.09 36.36
N ILE B 67 -8.31 -30.91 35.79
CA ILE B 67 -7.83 -31.69 34.61
C ILE B 67 -7.18 -32.98 35.12
N HIS B 68 -6.38 -32.91 36.18
CA HIS B 68 -5.79 -34.11 36.87
C HIS B 68 -6.92 -34.99 37.40
N GLY B 69 -8.01 -34.36 37.88
CA GLY B 69 -9.22 -35.02 38.36
C GLY B 69 -9.82 -35.96 37.32
N SER B 70 -9.96 -35.51 36.07
CA SER B 70 -10.66 -36.22 34.96
C SER B 70 -9.78 -37.35 34.41
N ARG B 71 -8.61 -37.61 35.00
CA ARG B 71 -7.78 -38.81 34.76
C ARG B 71 -7.75 -39.65 36.04
N LYS B 72 -8.80 -40.44 36.28
CA LYS B 72 -8.95 -41.35 37.46
C LYS B 72 -10.13 -42.30 37.22
N ALA B 81 -7.29 -51.74 25.25
CA ALA B 81 -8.09 -52.95 24.94
C ALA B 81 -7.22 -53.97 24.21
N PRO B 82 -7.53 -55.29 24.28
CA PRO B 82 -6.84 -56.29 23.47
C PRO B 82 -7.01 -56.09 21.96
N HIS B 83 -6.13 -56.72 21.17
CA HIS B 83 -6.12 -56.61 19.67
C HIS B 83 -5.07 -57.57 19.09
N ASP B 84 -5.01 -57.65 17.75
CA ASP B 84 -3.97 -58.40 17.00
C ASP B 84 -4.24 -59.90 17.20
N PHE B 85 -5.47 -60.35 16.91
CA PHE B 85 -5.99 -61.69 17.28
C PHE B 85 -5.48 -62.77 16.32
N GLN B 86 -5.21 -63.96 16.87
CA GLN B 86 -4.95 -65.22 16.12
C GLN B 86 -5.74 -66.36 16.77
N PHE B 87 -6.73 -66.91 16.06
CA PHE B 87 -7.49 -68.12 16.46
C PHE B 87 -6.67 -69.37 16.12
N VAL B 88 -6.71 -70.39 16.98
CA VAL B 88 -6.05 -71.71 16.77
C VAL B 88 -6.95 -72.79 17.39
N GLN B 89 -7.19 -73.90 16.66
CA GLN B 89 -8.00 -75.06 17.12
C GLN B 89 -7.14 -75.99 17.97
N LYS B 90 -7.75 -76.66 18.95
CA LYS B 90 -7.06 -77.45 20.00
C LYS B 90 -6.74 -78.86 19.50
N THR B 91 -7.68 -79.49 18.79
CA THR B 91 -7.55 -80.86 18.21
C THR B 91 -7.03 -81.84 19.27
N ASP B 92 -7.58 -81.75 20.49
CA ASP B 92 -7.51 -82.81 21.53
C ASP B 92 -8.87 -82.86 22.24
N GLU B 93 -9.80 -83.63 21.68
CA GLU B 93 -11.26 -83.55 21.99
C GLU B 93 -11.61 -84.50 23.15
N SER B 94 -10.69 -84.65 24.12
CA SER B 94 -10.93 -85.29 25.44
C SER B 94 -10.75 -84.26 26.57
N GLY B 95 -10.41 -83.01 26.22
CA GLY B 95 -10.19 -81.88 27.15
C GLY B 95 -11.32 -80.86 27.06
N PRO B 96 -11.29 -79.80 27.90
CA PRO B 96 -12.43 -78.87 28.00
C PRO B 96 -12.50 -77.70 27.01
N HIS B 97 -11.46 -77.49 26.18
CA HIS B 97 -11.28 -76.29 25.32
C HIS B 97 -11.31 -76.65 23.83
N SER B 98 -11.95 -75.80 23.01
CA SER B 98 -12.19 -75.99 21.56
C SER B 98 -11.17 -75.17 20.73
N HIS B 99 -10.78 -73.99 21.21
CA HIS B 99 -9.87 -73.04 20.53
C HIS B 99 -8.85 -72.46 21.51
N ARG B 100 -7.90 -71.66 21.00
CA ARG B 100 -7.04 -70.76 21.80
C ARG B 100 -6.89 -69.42 21.06
N LEU B 101 -7.13 -68.32 21.80
CA LEU B 101 -7.06 -66.92 21.31
C LEU B 101 -5.74 -66.30 21.76
N TYR B 102 -4.82 -66.04 20.83
CA TYR B 102 -3.60 -65.22 21.06
C TYR B 102 -3.91 -63.78 20.66
N TYR B 103 -3.32 -62.81 21.37
CA TYR B 103 -3.60 -61.37 21.20
C TYR B 103 -2.60 -60.53 22.02
N LEU B 104 -2.64 -59.22 21.81
CA LEU B 104 -1.80 -58.22 22.51
C LEU B 104 -2.69 -57.35 23.41
N GLY B 105 -2.29 -57.15 24.68
CA GLY B 105 -3.01 -56.31 25.65
C GLY B 105 -2.12 -55.86 26.80
N MET B 106 -2.51 -54.76 27.46
CA MET B 106 -1.88 -54.20 28.70
C MET B 106 -2.67 -54.66 29.92
N PRO B 107 -2.21 -55.67 30.69
CA PRO B 107 -2.94 -56.12 31.87
C PRO B 107 -3.41 -55.00 32.80
N ARG B 111 -1.39 -50.86 31.81
CA ARG B 111 0.05 -50.84 32.23
C ARG B 111 0.92 -50.74 30.96
N GLU B 112 1.44 -51.87 30.44
CA GLU B 112 2.36 -51.90 29.26
C GLU B 112 2.18 -53.22 28.49
N ASN B 113 2.22 -53.15 27.15
CA ASN B 113 1.68 -54.15 26.18
C ASN B 113 2.49 -55.46 26.27
N SER B 114 1.86 -56.61 26.01
CA SER B 114 2.50 -57.96 26.03
C SER B 114 1.65 -59.01 25.31
N LEU B 115 2.21 -60.21 25.14
CA LEU B 115 1.57 -61.36 24.42
C LEU B 115 0.83 -62.25 25.43
N LEU B 116 -0.45 -62.49 25.17
CA LEU B 116 -1.39 -63.22 26.08
C LEU B 116 -2.18 -64.26 25.27
N TYR B 117 -2.66 -65.31 25.93
CA TYR B 117 -3.56 -66.33 25.35
C TYR B 117 -4.81 -66.46 26.23
N SER B 118 -5.92 -66.91 25.64
CA SER B 118 -7.17 -67.30 26.33
C SER B 118 -7.68 -68.62 25.74
N GLU B 119 -8.32 -69.44 26.59
CA GLU B 119 -8.92 -70.74 26.20
C GLU B 119 -10.41 -70.52 25.97
N ILE B 120 -10.94 -70.97 24.82
CA ILE B 120 -12.40 -71.00 24.55
C ILE B 120 -12.90 -72.40 24.90
N PRO B 121 -13.93 -72.53 25.76
CA PRO B 121 -14.49 -73.83 26.11
C PRO B 121 -15.44 -74.37 25.02
N LYS B 122 -15.65 -75.69 25.01
CA LYS B 122 -16.52 -76.41 24.05
C LYS B 122 -17.99 -76.14 24.39
N LYS B 123 -18.35 -76.31 25.67
CA LYS B 123 -19.71 -76.03 26.20
C LYS B 123 -19.66 -74.69 26.95
N VAL B 124 -20.70 -73.87 26.79
CA VAL B 124 -20.79 -72.49 27.34
C VAL B 124 -21.37 -72.58 28.76
N ARG B 125 -21.65 -71.43 29.37
CA ARG B 125 -22.25 -71.29 30.73
C ARG B 125 -23.78 -71.22 30.61
N LYS B 126 -24.34 -71.54 29.42
CA LYS B 126 -25.77 -71.41 29.03
C LYS B 126 -26.25 -69.98 29.33
N GLU B 127 -27.31 -69.80 30.12
CA GLU B 127 -27.82 -68.46 30.55
C GLU B 127 -26.94 -67.92 31.69
N ALA B 128 -25.76 -67.39 31.35
CA ALA B 128 -24.76 -66.79 32.27
C ALA B 128 -23.59 -66.23 31.46
N LEU B 129 -23.23 -64.97 31.69
CA LEU B 129 -22.13 -64.28 30.95
C LEU B 129 -20.79 -64.82 31.46
N LEU B 130 -19.89 -65.18 30.54
CA LEU B 130 -18.58 -65.82 30.81
C LEU B 130 -17.45 -64.87 30.40
N LEU B 131 -16.66 -64.40 31.38
CA LEU B 131 -15.37 -63.70 31.15
C LEU B 131 -14.29 -64.74 30.87
N LEU B 132 -13.15 -64.32 30.32
CA LEU B 132 -11.99 -65.19 30.05
C LEU B 132 -10.77 -64.57 30.74
N SER B 133 -9.95 -65.39 31.39
CA SER B 133 -8.67 -64.98 32.06
C SER B 133 -7.62 -64.70 30.98
N TRP B 134 -6.94 -63.56 31.08
CA TRP B 134 -5.78 -63.21 30.22
C TRP B 134 -4.53 -63.87 30.81
N LYS B 135 -4.12 -65.01 30.27
CA LYS B 135 -2.94 -65.80 30.73
C LYS B 135 -1.69 -65.27 30.01
N GLN B 136 -0.60 -65.04 30.75
CA GLN B 136 0.69 -64.49 30.21
C GLN B 136 1.45 -65.61 29.51
N MET B 137 2.52 -65.25 28.76
CA MET B 137 3.38 -66.20 28.02
C MET B 137 4.87 -65.92 28.32
N ILE B 168 6.02 -54.54 22.79
CA ILE B 168 5.59 -55.52 21.75
C ILE B 168 4.42 -54.93 20.97
N THR B 169 4.70 -54.19 19.88
CA THR B 169 3.69 -53.47 19.06
C THR B 169 3.08 -54.42 18.03
N SER B 170 3.90 -55.28 17.42
CA SER B 170 3.47 -56.30 16.43
C SER B 170 4.09 -57.66 16.76
N TYR B 171 3.57 -58.71 16.14
CA TYR B 171 4.23 -60.05 16.08
C TYR B 171 3.80 -60.75 14.78
N ASP B 172 4.61 -61.70 14.32
CA ASP B 172 4.29 -62.64 13.22
C ASP B 172 4.13 -64.04 13.79
N PHE B 173 3.28 -64.86 13.15
CA PHE B 173 2.85 -66.19 13.63
C PHE B 173 2.77 -67.15 12.43
N HIS B 174 3.12 -68.42 12.66
CA HIS B 174 3.06 -69.55 11.71
C HIS B 174 2.13 -70.63 12.26
N SER B 175 0.88 -70.65 11.79
CA SER B 175 -0.21 -71.53 12.32
C SER B 175 0.11 -73.02 12.11
N GLU B 176 0.89 -73.35 11.07
CA GLU B 176 1.24 -74.76 10.73
C GLU B 176 2.16 -75.38 11.80
N SER B 177 2.94 -74.57 12.53
CA SER B 177 3.97 -75.03 13.50
C SER B 177 3.83 -74.38 14.88
N GLY B 178 3.02 -73.33 15.01
CA GLY B 178 2.79 -72.61 16.28
C GLY B 178 4.00 -71.83 16.76
N LEU B 179 4.74 -71.18 15.85
CA LEU B 179 5.99 -70.41 16.12
C LEU B 179 5.70 -68.91 16.07
N PHE B 180 5.88 -68.20 17.19
CA PHE B 180 5.69 -66.74 17.32
C PHE B 180 7.04 -66.03 17.20
N LEU B 181 7.15 -65.09 16.26
CA LEU B 181 8.33 -64.18 16.11
C LEU B 181 7.86 -62.76 16.40
N PHE B 182 8.58 -62.03 17.27
CA PHE B 182 8.20 -60.66 17.70
C PHE B 182 9.45 -59.83 18.06
N GLN B 183 9.54 -58.65 17.45
CA GLN B 183 10.51 -57.57 17.80
C GLN B 183 10.08 -57.02 19.17
N ALA B 184 10.88 -57.30 20.22
CA ALA B 184 10.71 -56.78 21.60
C ALA B 184 12.06 -56.31 22.12
N SER B 185 12.06 -55.40 23.12
CA SER B 185 13.26 -54.67 23.60
C SER B 185 13.92 -53.99 22.40
N ASN B 186 15.17 -54.29 22.07
CA ASN B 186 15.87 -53.75 20.86
C ASN B 186 16.33 -54.89 19.95
N SER B 187 15.87 -56.13 20.21
CA SER B 187 16.29 -57.36 19.49
C SER B 187 15.06 -58.11 18.95
N LEU B 188 15.22 -59.40 18.60
CA LEU B 188 14.15 -60.33 18.15
C LEU B 188 14.02 -61.47 19.17
N PHE B 189 12.81 -62.03 19.31
CA PHE B 189 12.49 -63.13 20.25
C PHE B 189 11.54 -64.12 19.58
N HIS B 190 11.59 -65.39 19.99
CA HIS B 190 10.69 -66.47 19.49
C HIS B 190 10.21 -67.33 20.66
N CYS B 191 9.29 -68.26 20.36
CA CYS B 191 8.59 -69.18 21.31
C CYS B 191 7.67 -70.10 20.50
N ARG B 192 7.38 -71.30 21.00
CA ARG B 192 6.56 -72.31 20.28
C ARG B 192 5.25 -72.55 21.05
N ASP B 193 4.21 -73.03 20.34
CA ASP B 193 2.88 -73.37 20.90
C ASP B 193 2.03 -74.02 19.78
N GLY B 198 3.45 -78.97 21.77
CA GLY B 198 2.12 -79.00 22.42
C GLY B 198 1.71 -77.63 22.95
N PHE B 199 0.49 -77.54 23.47
CA PHE B 199 -0.10 -76.31 24.10
C PHE B 199 0.45 -76.16 25.52
N MET B 200 1.14 -75.05 25.82
CA MET B 200 1.85 -74.82 27.11
C MET B 200 0.83 -74.63 28.24
N VAL B 201 1.25 -74.92 29.48
CA VAL B 201 0.43 -74.74 30.71
C VAL B 201 0.51 -73.27 31.12
N SER B 202 1.69 -72.83 31.60
CA SER B 202 1.97 -71.46 32.12
C SER B 202 3.14 -70.83 31.35
N PRO B 203 3.41 -69.52 31.51
CA PRO B 203 4.45 -68.82 30.74
C PRO B 203 5.76 -69.58 30.49
N MET B 204 6.23 -69.58 29.23
CA MET B 204 7.60 -70.01 28.83
C MET B 204 8.43 -68.74 28.57
N LYS B 205 9.74 -68.82 28.84
CA LYS B 205 10.69 -67.67 28.72
C LYS B 205 11.08 -67.51 27.25
N PRO B 206 11.01 -66.28 26.69
CA PRO B 206 11.23 -66.08 25.26
C PRO B 206 12.70 -66.26 24.86
N LEU B 207 13.00 -67.33 24.11
CA LEU B 207 14.35 -67.67 23.61
C LEU B 207 14.80 -66.58 22.63
N GLU B 208 15.87 -65.86 22.99
CA GLU B 208 16.38 -64.70 22.19
C GLU B 208 17.17 -65.21 20.98
N ILE B 209 16.93 -64.62 19.81
CA ILE B 209 17.66 -64.88 18.54
C ILE B 209 18.90 -63.98 18.49
N LYS B 210 20.08 -64.58 18.40
CA LYS B 210 21.40 -63.87 18.40
C LYS B 210 21.62 -63.23 17.03
N THR B 211 22.60 -62.34 16.93
CA THR B 211 22.99 -61.67 15.66
C THR B 211 24.44 -61.16 15.75
N GLN B 212 25.13 -61.12 14.61
CA GLN B 212 26.42 -60.42 14.41
C GLN B 212 26.17 -59.17 13.54
N CYS B 213 24.90 -58.80 13.33
CA CYS B 213 24.47 -57.53 12.66
C CYS B 213 24.68 -56.36 13.63
N SER B 214 24.61 -55.14 13.12
CA SER B 214 25.06 -53.89 13.80
C SER B 214 23.97 -53.33 14.73
N GLY B 215 22.91 -52.77 14.13
CA GLY B 215 21.89 -51.96 14.82
C GLY B 215 20.67 -52.81 15.17
N PRO B 216 19.45 -52.21 15.24
CA PRO B 216 18.26 -53.00 15.51
C PRO B 216 17.85 -53.81 14.28
N ARG B 217 17.12 -54.91 14.49
CA ARG B 217 16.50 -55.73 13.41
C ARG B 217 15.03 -55.33 13.31
N MET B 218 14.70 -54.47 12.34
CA MET B 218 13.36 -53.90 12.09
C MET B 218 12.58 -54.84 11.17
N ASP B 219 11.24 -54.86 11.31
CA ASP B 219 10.27 -55.38 10.30
C ASP B 219 10.51 -56.88 10.08
N PRO B 220 10.52 -57.72 11.14
CA PRO B 220 10.75 -59.15 10.98
C PRO B 220 9.52 -59.90 10.47
N LYS B 221 9.73 -60.96 9.68
CA LYS B 221 8.68 -61.86 9.13
C LYS B 221 9.21 -63.30 9.06
N ILE B 222 8.43 -64.26 9.53
CA ILE B 222 8.69 -65.71 9.33
C ILE B 222 8.47 -66.00 7.84
N CYS B 223 9.36 -66.76 7.22
CA CYS B 223 9.17 -67.32 5.86
C CYS B 223 8.00 -68.31 5.89
N PRO B 224 6.91 -68.06 5.13
CA PRO B 224 5.73 -68.92 5.18
C PRO B 224 6.06 -70.34 4.68
N ALA B 225 6.92 -70.44 3.65
CA ALA B 225 7.29 -71.70 2.95
C ALA B 225 8.02 -72.66 3.89
N ASP B 226 8.99 -72.15 4.66
CA ASP B 226 9.77 -72.92 5.68
C ASP B 226 9.86 -72.08 6.95
N PRO B 227 9.28 -72.54 8.08
CA PRO B 227 9.33 -71.80 9.34
C PRO B 227 10.68 -71.93 10.07
N ALA B 228 11.61 -72.70 9.52
CA ALA B 228 13.04 -72.75 9.95
C ALA B 228 13.69 -71.39 9.69
N PHE B 229 13.17 -70.61 8.74
CA PHE B 229 13.73 -69.32 8.27
C PHE B 229 12.88 -68.14 8.73
N PHE B 230 13.45 -66.94 8.58
CA PHE B 230 12.80 -65.62 8.85
C PHE B 230 13.65 -64.51 8.23
N SER B 231 13.05 -63.34 7.98
CA SER B 231 13.67 -62.16 7.34
C SER B 231 13.72 -60.98 8.33
N PHE B 232 14.49 -59.93 8.00
CA PHE B 232 14.50 -58.63 8.73
C PHE B 232 15.30 -57.58 7.93
N ILE B 233 15.04 -56.30 8.21
CA ILE B 233 15.84 -55.16 7.64
C ILE B 233 16.91 -54.81 8.67
N ASN B 234 18.10 -54.43 8.19
CA ASN B 234 19.25 -53.97 9.02
C ASN B 234 20.06 -52.95 8.21
N ASN B 235 20.06 -51.68 8.65
CA ASN B 235 20.76 -50.54 7.99
C ASN B 235 20.26 -50.42 6.54
N SER B 236 18.94 -50.40 6.36
CA SER B 236 18.23 -50.06 5.09
C SER B 236 18.49 -51.14 4.02
N ASP B 237 18.83 -52.36 4.45
CA ASP B 237 19.10 -53.52 3.58
C ASP B 237 18.42 -54.79 4.13
N LEU B 238 18.11 -55.73 3.23
CA LEU B 238 17.33 -56.97 3.50
C LEU B 238 18.28 -58.08 3.94
N TRP B 239 17.96 -58.75 5.06
CA TRP B 239 18.71 -59.92 5.60
C TRP B 239 17.78 -61.13 5.68
N VAL B 240 18.34 -62.33 5.66
CA VAL B 240 17.62 -63.61 5.91
C VAL B 240 18.42 -64.42 6.94
N ALA B 241 17.73 -65.13 7.84
CA ALA B 241 18.36 -65.87 8.96
C ALA B 241 17.58 -67.17 9.24
N ASN B 242 18.18 -68.07 10.02
CA ASN B 242 17.69 -69.45 10.28
C ASN B 242 17.73 -69.73 11.78
N ILE B 243 16.58 -69.60 12.46
CA ILE B 243 16.46 -69.75 13.95
C ILE B 243 17.12 -71.05 14.42
N GLU B 244 16.96 -72.16 13.69
CA GLU B 244 17.46 -73.51 14.09
C GLU B 244 18.99 -73.52 14.12
N THR B 245 19.63 -73.37 12.95
CA THR B 245 21.12 -73.40 12.80
C THR B 245 21.72 -72.14 13.45
N GLY B 246 21.08 -70.98 13.23
CA GLY B 246 21.50 -69.67 13.77
C GLY B 246 22.21 -68.82 12.73
N GLU B 247 22.15 -69.22 11.45
CA GLU B 247 22.93 -68.63 10.34
C GLU B 247 22.18 -67.43 9.74
N GLU B 248 22.82 -66.25 9.72
CA GLU B 248 22.31 -65.01 9.08
C GLU B 248 23.06 -64.78 7.76
N ARG B 249 22.38 -64.22 6.76
CA ARG B 249 22.96 -63.85 5.44
C ARG B 249 22.31 -62.54 4.98
N ARG B 250 23.08 -61.70 4.28
CA ARG B 250 22.60 -60.43 3.67
C ARG B 250 22.20 -60.71 2.23
N LEU B 251 21.06 -60.18 1.78
CA LEU B 251 20.48 -60.47 0.44
C LEU B 251 20.50 -59.22 -0.47
N THR B 252 20.53 -58.02 0.09
CA THR B 252 20.61 -56.75 -0.68
C THR B 252 21.79 -55.91 -0.17
N PHE B 253 22.39 -55.09 -1.04
CA PHE B 253 23.66 -54.34 -0.78
C PHE B 253 23.57 -52.91 -1.33
N CYS B 254 22.45 -52.22 -1.08
CA CYS B 254 22.15 -50.85 -1.59
C CYS B 254 22.56 -49.77 -0.57
N HIS B 255 23.23 -50.17 0.52
CA HIS B 255 23.53 -49.30 1.70
C HIS B 255 24.77 -49.84 2.44
N GLN B 256 25.46 -48.96 3.19
CA GLN B 256 26.65 -49.31 4.02
C GLN B 256 26.29 -49.12 5.50
N VAL B 261 25.59 -41.34 4.83
CA VAL B 261 24.53 -40.41 5.31
C VAL B 261 24.48 -39.19 4.37
N LEU B 262 23.46 -39.16 3.49
CA LEU B 262 23.22 -38.17 2.40
C LEU B 262 24.07 -38.50 1.16
N ASP B 263 25.06 -39.41 1.30
CA ASP B 263 25.84 -39.98 0.16
C ASP B 263 25.46 -41.46 0.01
N ASP B 264 24.31 -41.87 0.55
CA ASP B 264 23.86 -43.29 0.62
C ASP B 264 22.35 -43.34 0.40
N PRO B 265 21.83 -42.74 -0.70
CA PRO B 265 20.38 -42.61 -0.91
C PRO B 265 19.64 -43.92 -1.24
N LYS B 266 20.36 -44.97 -1.66
CA LYS B 266 19.76 -46.26 -2.07
C LYS B 266 19.46 -47.12 -0.83
N SER B 267 18.44 -47.99 -0.94
CA SER B 267 17.90 -48.82 0.17
C SER B 267 16.87 -49.81 -0.39
N ALA B 268 16.81 -51.01 0.21
CA ALA B 268 16.04 -52.17 -0.27
C ALA B 268 15.20 -52.74 0.90
N GLY B 269 13.95 -53.13 0.61
CA GLY B 269 13.03 -53.77 1.57
C GLY B 269 12.41 -52.77 2.54
N VAL B 270 12.65 -51.47 2.36
CA VAL B 270 12.17 -50.37 3.25
C VAL B 270 11.09 -49.59 2.50
N ALA B 271 10.05 -49.15 3.24
CA ALA B 271 9.00 -48.22 2.76
C ALA B 271 9.46 -46.80 3.08
N THR B 272 9.61 -45.96 2.06
CA THR B 272 9.99 -44.52 2.19
C THR B 272 8.96 -43.80 3.05
N PHE B 273 9.29 -42.60 3.52
CA PHE B 273 8.45 -41.75 4.42
C PHE B 273 7.04 -41.60 3.82
N VAL B 274 6.91 -40.97 2.64
CA VAL B 274 5.62 -40.55 2.02
C VAL B 274 4.75 -41.78 1.71
N ILE B 275 5.33 -42.97 1.64
CA ILE B 275 4.57 -44.25 1.52
C ILE B 275 3.97 -44.59 2.90
N GLN B 276 4.75 -44.41 3.96
CA GLN B 276 4.33 -44.76 5.35
C GLN B 276 3.20 -43.85 5.82
N GLU B 277 3.35 -42.53 5.68
CA GLU B 277 2.49 -41.51 6.34
C GLU B 277 1.21 -41.25 5.54
N GLU B 278 1.26 -41.37 4.20
CA GLU B 278 0.14 -40.98 3.30
C GLU B 278 -0.53 -42.20 2.63
N PHE B 279 0.21 -43.26 2.31
CA PHE B 279 -0.33 -44.50 1.66
C PHE B 279 -0.42 -45.67 2.66
N ASP B 280 0.06 -45.49 3.88
CA ASP B 280 -0.15 -46.42 5.02
C ASP B 280 0.34 -47.84 4.66
N ARG B 281 1.50 -47.92 4.00
CA ARG B 281 2.30 -49.17 3.85
C ARG B 281 3.57 -49.01 4.67
N PHE B 282 3.94 -50.01 5.47
CA PHE B 282 5.01 -49.93 6.49
C PHE B 282 6.08 -51.00 6.25
N THR B 283 6.07 -51.63 5.06
CA THR B 283 7.13 -52.57 4.61
C THR B 283 7.32 -52.41 3.11
N GLY B 284 8.45 -52.92 2.60
CA GLY B 284 8.83 -52.92 1.18
C GLY B 284 9.46 -54.23 0.75
N TYR B 285 9.19 -55.33 1.45
CA TYR B 285 9.54 -56.71 1.02
C TYR B 285 8.35 -57.65 1.29
N TRP B 286 8.21 -58.71 0.49
CA TRP B 286 7.07 -59.67 0.52
C TRP B 286 7.56 -61.10 0.27
N TRP B 287 7.40 -61.99 1.26
CA TRP B 287 7.67 -63.45 1.14
C TRP B 287 6.79 -64.07 0.05
N CYS B 288 7.40 -64.78 -0.90
CA CYS B 288 6.72 -65.77 -1.78
C CYS B 288 6.23 -66.93 -0.92
N PRO B 289 4.91 -67.23 -0.92
CA PRO B 289 4.36 -68.20 0.03
C PRO B 289 4.81 -69.64 -0.22
N THR B 290 5.16 -69.97 -1.47
CA THR B 290 5.53 -71.35 -1.92
C THR B 290 7.04 -71.42 -2.17
N ALA B 291 7.57 -72.64 -2.25
CA ALA B 291 9.01 -72.95 -2.38
C ALA B 291 9.24 -73.85 -3.59
N SER B 292 9.76 -73.29 -4.69
CA SER B 292 10.09 -74.02 -5.94
C SER B 292 11.33 -74.90 -5.72
N TRP B 293 11.51 -75.92 -6.56
CA TRP B 293 12.69 -76.84 -6.57
C TRP B 293 13.33 -76.81 -7.96
N GLU B 294 13.76 -75.62 -8.39
CA GLU B 294 14.37 -75.34 -9.72
C GLU B 294 15.69 -76.09 -9.86
N GLY B 295 16.33 -75.99 -11.03
CA GLY B 295 17.64 -76.62 -11.33
C GLY B 295 17.47 -78.03 -11.88
N SER B 296 18.37 -78.94 -11.53
CA SER B 296 18.45 -80.33 -12.06
C SER B 296 18.45 -81.37 -10.92
N GLU B 297 19.23 -81.16 -9.86
CA GLU B 297 19.32 -82.10 -8.69
C GLU B 297 19.69 -81.34 -7.42
N GLY B 298 18.84 -81.44 -6.39
CA GLY B 298 19.06 -80.87 -5.05
C GLY B 298 18.55 -79.44 -4.92
N LEU B 299 18.42 -78.98 -3.67
CA LEU B 299 18.16 -77.57 -3.24
C LEU B 299 16.68 -77.21 -3.41
N LYS B 300 16.25 -76.26 -2.58
CA LYS B 300 14.89 -75.67 -2.54
C LYS B 300 15.05 -74.14 -2.63
N THR B 301 14.45 -73.52 -3.65
CA THR B 301 14.53 -72.05 -3.88
C THR B 301 13.39 -71.36 -3.12
N LEU B 302 13.74 -70.33 -2.35
CA LEU B 302 12.80 -69.38 -1.67
C LEU B 302 13.01 -67.99 -2.26
N ARG B 303 11.93 -67.28 -2.62
CA ARG B 303 11.99 -65.93 -3.26
C ARG B 303 11.42 -64.88 -2.32
N ILE B 304 11.90 -63.63 -2.45
CA ILE B 304 11.32 -62.43 -1.76
C ILE B 304 11.21 -61.29 -2.78
N LEU B 305 9.99 -60.81 -3.05
CA LEU B 305 9.75 -59.52 -3.75
C LEU B 305 10.16 -58.39 -2.80
N TYR B 306 10.79 -57.34 -3.33
CA TYR B 306 11.19 -56.15 -2.53
C TYR B 306 11.25 -54.92 -3.42
N GLU B 307 11.06 -53.75 -2.79
CA GLU B 307 11.12 -52.40 -3.40
C GLU B 307 12.54 -51.84 -3.16
N GLU B 308 13.35 -51.77 -4.22
CA GLU B 308 14.60 -50.96 -4.25
C GLU B 308 14.20 -49.49 -4.46
N VAL B 309 14.98 -48.56 -3.93
CA VAL B 309 14.59 -47.15 -3.69
C VAL B 309 15.84 -46.27 -3.70
N ASP B 310 15.78 -45.14 -4.41
CA ASP B 310 16.88 -44.14 -4.53
C ASP B 310 16.35 -42.72 -4.27
N GLU B 311 16.74 -42.13 -3.13
CA GLU B 311 16.19 -40.84 -2.61
C GLU B 311 17.21 -39.71 -2.79
N SER B 312 18.08 -39.80 -3.80
CA SER B 312 19.15 -38.81 -4.10
C SER B 312 18.52 -37.46 -4.45
N GLU B 313 17.59 -37.44 -5.41
CA GLU B 313 16.95 -36.22 -5.98
C GLU B 313 15.80 -35.75 -5.08
N VAL B 314 15.55 -36.43 -3.96
CA VAL B 314 14.55 -36.04 -2.93
C VAL B 314 15.16 -34.93 -2.06
N GLU B 315 14.45 -33.81 -1.91
CA GLU B 315 14.89 -32.66 -1.07
C GLU B 315 15.10 -33.15 0.36
N VAL B 316 16.12 -32.60 1.04
CA VAL B 316 16.42 -32.93 2.46
C VAL B 316 15.92 -31.77 3.33
N ILE B 317 15.41 -32.08 4.53
CA ILE B 317 14.94 -31.10 5.54
C ILE B 317 15.33 -31.62 6.93
N HIS B 318 15.58 -30.70 7.86
CA HIS B 318 16.13 -30.98 9.21
C HIS B 318 15.04 -30.76 10.27
N VAL B 319 14.69 -31.84 10.98
CA VAL B 319 13.79 -31.81 12.18
C VAL B 319 14.68 -31.96 13.42
N PRO B 320 14.45 -31.17 14.50
CA PRO B 320 15.25 -31.31 15.73
C PRO B 320 15.24 -32.74 16.30
N SER B 321 16.37 -33.16 16.87
CA SER B 321 16.58 -34.48 17.52
C SER B 321 15.80 -34.51 18.83
N PRO B 322 15.07 -35.62 19.14
CA PRO B 322 14.37 -35.75 20.41
C PRO B 322 15.23 -35.35 21.62
N ALA B 323 16.45 -35.89 21.69
CA ALA B 323 17.46 -35.59 22.74
C ALA B 323 17.86 -34.10 22.65
N LEU B 324 17.02 -33.22 23.22
CA LEU B 324 17.14 -31.74 23.13
C LEU B 324 18.52 -31.28 23.63
N GLU B 325 19.05 -31.96 24.65
CA GLU B 325 20.37 -31.68 25.27
C GLU B 325 21.45 -31.66 24.18
N GLU B 326 21.46 -32.70 23.33
CA GLU B 326 22.47 -32.91 22.26
C GLU B 326 22.40 -31.77 21.23
N ARG B 327 21.25 -31.12 21.07
CA ARG B 327 21.03 -29.92 20.20
C ARG B 327 21.25 -30.29 18.72
N LYS B 328 21.05 -31.56 18.33
CA LYS B 328 21.27 -32.03 16.94
C LYS B 328 19.93 -32.17 16.22
N THR B 329 19.96 -32.46 14.92
CA THR B 329 18.78 -32.68 14.03
C THR B 329 18.90 -34.05 13.34
N ASP B 330 17.77 -34.58 12.86
CA ASP B 330 17.71 -35.77 11.97
C ASP B 330 17.33 -35.30 10.57
N SER B 331 18.05 -35.80 9.56
CA SER B 331 17.78 -35.55 8.11
C SER B 331 16.57 -36.39 7.69
N TYR B 332 15.69 -35.80 6.89
CA TYR B 332 14.48 -36.46 6.34
C TYR B 332 14.47 -36.32 4.82
N ARG B 333 14.33 -37.43 4.12
CA ARG B 333 13.99 -37.44 2.68
C ARG B 333 12.50 -37.09 2.56
N TYR B 334 12.17 -35.80 2.69
CA TYR B 334 10.82 -35.21 2.55
C TYR B 334 10.70 -34.58 1.16
N PRO B 335 9.91 -35.16 0.24
CA PRO B 335 9.54 -34.47 -1.00
C PRO B 335 8.32 -33.55 -0.79
N ARG B 336 8.47 -32.26 -1.06
CA ARG B 336 7.34 -31.28 -1.01
C ARG B 336 6.59 -31.29 -2.34
N THR B 337 5.29 -30.99 -2.31
CA THR B 337 4.39 -30.93 -3.48
C THR B 337 5.09 -30.23 -4.66
N GLY B 338 5.19 -30.90 -5.81
CA GLY B 338 5.88 -30.40 -7.03
C GLY B 338 7.27 -30.97 -7.18
N SER B 339 7.99 -31.17 -6.06
CA SER B 339 9.36 -31.72 -6.03
C SER B 339 9.34 -33.23 -6.30
N LYS B 340 10.52 -33.85 -6.44
CA LYS B 340 10.69 -35.23 -6.97
C LYS B 340 10.54 -36.25 -5.84
N ASN B 341 9.72 -37.29 -6.06
CA ASN B 341 9.60 -38.49 -5.20
C ASN B 341 10.79 -39.40 -5.46
N PRO B 342 11.07 -40.37 -4.56
CA PRO B 342 12.08 -41.39 -4.83
C PRO B 342 11.93 -42.11 -6.19
N LYS B 343 13.07 -42.52 -6.78
CA LYS B 343 13.14 -43.49 -7.92
C LYS B 343 13.00 -44.90 -7.35
N ILE B 344 12.01 -45.64 -7.83
CA ILE B 344 11.56 -46.94 -7.26
C ILE B 344 11.78 -48.03 -8.31
N ALA B 345 11.78 -49.29 -7.87
CA ALA B 345 11.79 -50.51 -8.71
C ALA B 345 11.35 -51.69 -7.84
N LEU B 346 10.68 -52.66 -8.44
CA LEU B 346 10.43 -53.98 -7.79
C LEU B 346 11.53 -54.95 -8.22
N LYS B 347 12.07 -55.70 -7.27
CA LYS B 347 13.21 -56.62 -7.51
C LYS B 347 13.03 -57.88 -6.68
N LEU B 348 13.65 -58.97 -7.14
CA LEU B 348 13.52 -60.33 -6.56
C LEU B 348 14.78 -60.67 -5.78
N ALA B 349 14.68 -61.58 -4.81
CA ALA B 349 15.81 -62.07 -3.98
C ALA B 349 15.66 -63.57 -3.75
N GLU B 350 16.17 -64.37 -4.70
CA GLU B 350 16.21 -65.86 -4.59
C GLU B 350 17.28 -66.24 -3.58
N PHE B 351 17.13 -67.38 -2.93
CA PHE B 351 18.21 -68.02 -2.13
C PHE B 351 17.86 -69.50 -1.93
N GLN B 352 18.76 -70.39 -2.34
CA GLN B 352 18.59 -71.85 -2.26
C GLN B 352 19.07 -72.34 -0.89
N THR B 353 18.56 -73.48 -0.43
CA THR B 353 18.92 -74.14 0.85
C THR B 353 18.81 -75.66 0.68
N ASP B 354 19.70 -76.41 1.32
CA ASP B 354 19.74 -77.90 1.23
C ASP B 354 18.74 -78.47 2.24
N SER B 355 18.71 -79.81 2.38
CA SER B 355 17.82 -80.57 3.29
C SER B 355 18.20 -80.32 4.76
N GLN B 356 19.51 -80.32 5.07
CA GLN B 356 20.04 -80.13 6.44
C GLN B 356 19.83 -78.68 6.90
N GLY B 357 19.31 -77.81 6.02
CA GLY B 357 18.73 -76.50 6.39
C GLY B 357 19.71 -75.34 6.25
N LYS B 358 20.88 -75.57 5.64
CA LYS B 358 21.91 -74.52 5.40
C LYS B 358 21.57 -73.76 4.12
N ILE B 359 21.89 -72.45 4.08
CA ILE B 359 21.77 -71.58 2.88
C ILE B 359 23.00 -71.80 2.00
N VAL B 360 22.79 -72.11 0.72
CA VAL B 360 23.85 -72.40 -0.28
C VAL B 360 24.12 -71.14 -1.11
N SER B 361 23.19 -70.79 -2.01
CA SER B 361 23.34 -69.67 -2.98
C SER B 361 22.36 -68.55 -2.62
N THR B 362 22.79 -67.30 -2.77
CA THR B 362 21.95 -66.06 -2.70
C THR B 362 22.11 -65.31 -4.01
N GLN B 363 21.13 -64.49 -4.39
CA GLN B 363 21.06 -63.88 -5.75
C GLN B 363 20.08 -62.71 -5.77
N GLU B 364 20.57 -61.52 -6.11
CA GLU B 364 19.73 -60.36 -6.52
C GLU B 364 19.22 -60.63 -7.95
N LYS B 365 18.01 -60.19 -8.26
CA LYS B 365 17.40 -60.32 -9.61
C LYS B 365 16.66 -59.03 -9.96
N GLU B 366 17.00 -58.42 -11.11
CA GLU B 366 16.37 -57.17 -11.64
C GLU B 366 15.37 -57.54 -12.73
N LEU B 367 14.39 -56.68 -12.98
CA LEU B 367 13.42 -56.84 -14.09
C LEU B 367 14.19 -56.84 -15.42
N VAL B 368 13.78 -57.73 -16.34
CA VAL B 368 14.43 -57.98 -17.67
C VAL B 368 14.60 -56.64 -18.39
N GLN B 369 13.57 -55.79 -18.34
CA GLN B 369 13.64 -54.38 -18.79
C GLN B 369 13.44 -53.51 -17.55
N PRO B 370 14.24 -52.44 -17.36
CA PRO B 370 14.10 -51.56 -16.19
C PRO B 370 12.65 -51.19 -15.84
N PHE B 371 12.32 -51.22 -14.54
CA PHE B 371 10.97 -50.93 -13.99
C PHE B 371 10.38 -49.70 -14.68
N SER B 372 11.17 -48.64 -14.84
CA SER B 372 10.75 -47.29 -15.32
C SER B 372 10.41 -47.30 -16.82
N SER B 373 10.88 -48.30 -17.58
CA SER B 373 10.69 -48.45 -19.04
C SER B 373 9.48 -49.33 -19.37
N LEU B 374 9.21 -50.35 -18.55
CA LEU B 374 8.00 -51.23 -18.67
C LEU B 374 6.76 -50.47 -18.19
N PHE B 375 6.94 -49.49 -17.30
CA PHE B 375 5.86 -48.80 -16.57
C PHE B 375 6.16 -47.30 -16.54
N PRO B 376 6.19 -46.62 -17.72
CA PRO B 376 6.34 -45.18 -17.75
C PRO B 376 5.06 -44.58 -17.16
N LYS B 377 5.20 -43.58 -16.28
CA LYS B 377 4.07 -42.83 -15.65
C LYS B 377 3.57 -43.57 -14.40
N VAL B 378 4.32 -44.54 -13.89
CA VAL B 378 4.06 -45.18 -12.56
C VAL B 378 4.94 -44.46 -11.53
N GLU B 379 4.34 -43.88 -10.50
CA GLU B 379 5.02 -42.94 -9.56
C GLU B 379 5.24 -43.61 -8.21
N TYR B 380 4.19 -44.15 -7.59
CA TYR B 380 4.24 -44.84 -6.28
C TYR B 380 3.78 -46.30 -6.45
N ILE B 381 4.59 -47.24 -5.97
CA ILE B 381 4.13 -48.60 -5.59
C ILE B 381 3.32 -48.41 -4.32
N ALA B 382 2.00 -48.60 -4.39
CA ALA B 382 1.06 -48.44 -3.25
C ALA B 382 1.11 -49.71 -2.38
N ARG B 383 0.79 -50.86 -2.96
CA ARG B 383 0.79 -52.18 -2.28
C ARG B 383 1.53 -53.19 -3.17
N ALA B 384 1.89 -54.34 -2.60
CA ALA B 384 2.46 -55.50 -3.32
C ALA B 384 2.21 -56.77 -2.50
N GLY B 385 2.35 -57.93 -3.14
CA GLY B 385 2.27 -59.26 -2.48
C GLY B 385 2.52 -60.39 -3.47
N TRP B 386 2.00 -61.58 -3.16
CA TRP B 386 1.99 -62.75 -4.09
C TRP B 386 0.59 -63.34 -4.18
N THR B 387 0.34 -64.16 -5.20
CA THR B 387 -0.81 -65.09 -5.33
C THR B 387 -0.56 -66.27 -4.39
N ARG B 388 -1.62 -67.01 -4.04
CA ARG B 388 -1.60 -68.10 -3.02
C ARG B 388 -0.55 -69.15 -3.40
N ASP B 389 -0.45 -69.49 -4.69
CA ASP B 389 0.45 -70.54 -5.23
C ASP B 389 1.87 -70.00 -5.44
N GLY B 390 2.03 -68.68 -5.52
CA GLY B 390 3.32 -68.02 -5.81
C GLY B 390 3.60 -67.93 -7.31
N LYS B 391 2.61 -68.26 -8.15
CA LYS B 391 2.72 -68.28 -9.63
C LYS B 391 3.07 -66.87 -10.14
N TYR B 392 2.47 -65.84 -9.56
CA TYR B 392 2.75 -64.41 -9.85
C TYR B 392 2.83 -63.63 -8.53
N ALA B 393 3.91 -62.88 -8.33
CA ALA B 393 3.95 -61.70 -7.44
C ALA B 393 3.20 -60.55 -8.15
N TRP B 394 2.60 -59.65 -7.37
CA TRP B 394 1.74 -58.55 -7.87
C TRP B 394 2.06 -57.26 -7.13
N ALA B 395 1.64 -56.13 -7.68
CA ALA B 395 1.80 -54.78 -7.10
C ALA B 395 0.61 -53.90 -7.55
N MET B 396 0.35 -52.83 -6.81
CA MET B 396 -0.59 -51.74 -7.22
C MET B 396 0.23 -50.48 -7.51
N PHE B 397 0.22 -50.03 -8.77
CA PHE B 397 1.01 -48.86 -9.26
C PHE B 397 0.06 -47.67 -9.42
N LEU B 398 0.37 -46.56 -8.74
CA LEU B 398 -0.35 -45.26 -8.88
C LEU B 398 0.46 -44.34 -9.80
N ASP B 399 -0.23 -43.51 -10.59
CA ASP B 399 0.40 -42.39 -11.36
C ASP B 399 0.46 -41.16 -10.44
N ARG B 400 1.35 -40.21 -10.77
CA ARG B 400 1.68 -39.04 -9.91
C ARG B 400 0.41 -38.27 -9.53
N PRO B 401 -0.48 -37.89 -10.48
CA PRO B 401 -1.72 -37.19 -10.12
C PRO B 401 -2.73 -38.06 -9.33
N GLN B 402 -2.38 -39.33 -9.06
CA GLN B 402 -3.13 -40.30 -8.22
C GLN B 402 -4.56 -40.47 -8.77
N GLN B 403 -4.74 -40.35 -10.09
CA GLN B 403 -6.04 -40.51 -10.79
C GLN B 403 -6.01 -41.76 -11.66
N TRP B 404 -5.13 -42.73 -11.37
CA TRP B 404 -4.89 -43.92 -12.23
C TRP B 404 -4.12 -45.01 -11.47
N LEU B 405 -4.85 -45.99 -10.93
CA LEU B 405 -4.31 -47.20 -10.26
C LEU B 405 -4.28 -48.32 -11.29
N GLN B 406 -3.41 -49.32 -11.14
CA GLN B 406 -3.53 -50.60 -11.88
C GLN B 406 -2.82 -51.72 -11.12
N LEU B 407 -3.56 -52.80 -10.83
CA LEU B 407 -3.03 -54.10 -10.34
C LEU B 407 -2.29 -54.78 -11.49
N VAL B 408 -1.02 -55.16 -11.31
CA VAL B 408 -0.26 -55.91 -12.35
C VAL B 408 0.40 -57.14 -11.69
N LEU B 409 0.41 -58.25 -12.43
CA LEU B 409 1.14 -59.51 -12.12
C LEU B 409 2.55 -59.39 -12.70
N LEU B 410 3.51 -59.99 -12.00
CA LEU B 410 4.92 -60.11 -12.46
C LEU B 410 5.38 -61.54 -12.18
N PRO B 411 5.47 -62.40 -13.22
CA PRO B 411 5.94 -63.77 -13.04
C PRO B 411 7.43 -63.77 -12.70
N PRO B 412 7.89 -64.58 -11.72
CA PRO B 412 9.30 -64.67 -11.37
C PRO B 412 10.22 -64.79 -12.60
N ALA B 413 9.75 -65.48 -13.63
CA ALA B 413 10.47 -65.73 -14.91
C ALA B 413 10.87 -64.39 -15.56
N LEU B 414 10.10 -63.31 -15.33
CA LEU B 414 10.39 -61.97 -15.90
C LEU B 414 11.61 -61.34 -15.21
N PHE B 415 12.16 -61.99 -14.17
CA PHE B 415 13.33 -61.52 -13.39
C PHE B 415 14.59 -62.30 -13.78
N ILE B 416 15.64 -61.57 -14.14
CA ILE B 416 16.99 -62.05 -14.57
C ILE B 416 17.99 -61.69 -13.47
N PRO B 417 19.13 -62.39 -13.31
CA PRO B 417 20.14 -61.98 -12.34
C PRO B 417 20.76 -60.62 -12.68
N SER B 418 20.82 -59.70 -11.72
CA SER B 418 21.41 -58.36 -11.89
C SER B 418 22.94 -58.48 -11.97
N THR B 419 23.54 -57.88 -13.00
CA THR B 419 25.00 -57.68 -13.16
C THR B 419 25.24 -56.43 -14.02
N GLU B 420 26.45 -55.84 -13.91
CA GLU B 420 26.87 -54.63 -14.66
C GLU B 420 27.38 -55.02 -16.06
N ASN B 421 27.63 -56.32 -16.30
CA ASN B 421 28.09 -56.88 -17.61
C ASN B 421 26.98 -56.67 -18.65
N GLU B 422 27.08 -55.62 -19.46
CA GLU B 422 26.15 -55.31 -20.59
C GLU B 422 26.07 -56.53 -21.52
N GLU B 423 27.21 -57.18 -21.74
CA GLU B 423 27.34 -58.50 -22.42
C GLU B 423 26.43 -59.52 -21.74
N GLN B 424 26.71 -59.85 -20.47
CA GLN B 424 26.06 -60.93 -19.68
C GLN B 424 24.55 -60.71 -19.59
N ARG B 425 24.12 -59.47 -19.37
CA ARG B 425 22.70 -59.07 -19.17
C ARG B 425 21.84 -59.58 -20.34
N LEU B 426 22.33 -59.41 -21.58
CA LEU B 426 21.62 -59.77 -22.84
C LEU B 426 21.40 -61.28 -22.95
N ALA B 427 22.29 -62.09 -22.36
CA ALA B 427 22.28 -63.58 -22.44
C ALA B 427 21.07 -64.12 -21.68
N SER B 428 20.93 -63.75 -20.40
CA SER B 428 19.79 -64.09 -19.52
C SER B 428 18.51 -63.43 -20.04
N ALA B 429 18.63 -62.26 -20.69
CA ALA B 429 17.53 -61.51 -21.34
C ALA B 429 16.99 -62.30 -22.54
N ARG B 430 17.88 -62.93 -23.31
CA ARG B 430 17.53 -63.82 -24.45
C ARG B 430 17.01 -65.15 -23.90
N ALA B 431 17.41 -65.54 -22.69
CA ALA B 431 17.06 -66.83 -22.05
C ALA B 431 15.60 -66.82 -21.54
N VAL B 432 15.00 -65.64 -21.37
CA VAL B 432 13.59 -65.47 -20.89
C VAL B 432 12.64 -65.76 -22.04
N PRO B 433 11.73 -66.77 -21.93
CA PRO B 433 10.82 -67.11 -23.02
C PRO B 433 9.91 -65.94 -23.44
N ARG B 434 9.39 -65.96 -24.67
CA ARG B 434 8.50 -64.90 -25.23
C ARG B 434 7.08 -65.11 -24.71
N ASN B 435 6.77 -66.32 -24.21
CA ASN B 435 5.52 -66.62 -23.44
C ASN B 435 5.40 -65.60 -22.30
N VAL B 436 6.33 -65.69 -21.33
CA VAL B 436 6.35 -64.95 -20.03
C VAL B 436 6.23 -63.44 -20.29
N GLN B 437 5.55 -62.73 -19.38
CA GLN B 437 5.12 -61.32 -19.58
C GLN B 437 4.44 -60.82 -18.31
N PRO B 438 4.46 -59.48 -18.06
CA PRO B 438 3.63 -58.86 -17.03
C PRO B 438 2.21 -58.64 -17.57
N TYR B 439 1.20 -58.98 -16.75
CA TYR B 439 -0.24 -58.88 -17.11
C TYR B 439 -0.89 -57.79 -16.24
N VAL B 440 -1.19 -56.63 -16.82
CA VAL B 440 -2.04 -55.58 -16.16
C VAL B 440 -3.47 -56.10 -16.15
N VAL B 441 -3.95 -56.51 -14.98
CA VAL B 441 -5.27 -57.15 -14.78
C VAL B 441 -6.33 -56.04 -14.64
N TYR B 442 -6.35 -55.36 -13.49
CA TYR B 442 -7.37 -54.35 -13.14
C TYR B 442 -6.82 -52.93 -13.34
N GLU B 443 -7.71 -51.99 -13.62
CA GLU B 443 -7.38 -50.58 -13.91
C GLU B 443 -8.53 -49.71 -13.41
N GLU B 444 -8.25 -48.82 -12.46
CA GLU B 444 -9.23 -47.85 -11.89
C GLU B 444 -8.83 -46.45 -12.34
N VAL B 445 -9.73 -45.74 -13.01
CA VAL B 445 -9.54 -44.35 -13.52
C VAL B 445 -10.63 -43.46 -12.92
N THR B 446 -10.29 -42.23 -12.51
CA THR B 446 -11.22 -41.26 -11.85
C THR B 446 -10.91 -39.83 -12.33
N ASN B 447 -11.90 -38.94 -12.23
CA ASN B 447 -11.77 -37.47 -12.40
C ASN B 447 -11.55 -36.82 -11.02
N VAL B 448 -11.54 -37.63 -9.94
CA VAL B 448 -11.39 -37.18 -8.53
C VAL B 448 -9.99 -37.55 -8.02
N TRP B 449 -9.84 -38.76 -7.48
CA TRP B 449 -8.57 -39.33 -6.96
C TRP B 449 -8.80 -40.78 -6.56
N ILE B 450 -7.83 -41.66 -6.84
CA ILE B 450 -7.86 -43.05 -6.33
C ILE B 450 -7.50 -43.00 -4.85
N ASN B 451 -8.41 -43.48 -4.01
CA ASN B 451 -8.09 -43.97 -2.65
C ASN B 451 -7.56 -45.40 -2.83
N VAL B 452 -6.40 -45.71 -2.25
CA VAL B 452 -5.84 -47.09 -2.19
C VAL B 452 -6.79 -47.94 -1.33
N HIS B 453 -7.12 -49.15 -1.79
CA HIS B 453 -7.98 -50.14 -1.08
C HIS B 453 -7.20 -51.45 -0.90
N ASP B 454 -7.11 -51.96 0.32
CA ASP B 454 -6.27 -53.14 0.66
C ASP B 454 -6.87 -54.43 0.09
N ILE B 455 -8.17 -54.46 -0.22
CA ILE B 455 -8.90 -55.70 -0.63
C ILE B 455 -8.46 -56.16 -2.04
N PHE B 456 -7.82 -57.34 -2.10
CA PHE B 456 -7.44 -58.07 -3.34
C PHE B 456 -7.15 -59.54 -2.98
N TYR B 457 -8.05 -60.45 -3.35
CA TYR B 457 -7.96 -61.90 -3.02
C TYR B 457 -8.00 -62.72 -4.32
N PRO B 458 -6.85 -62.92 -5.00
CA PRO B 458 -6.83 -63.74 -6.22
C PRO B 458 -7.00 -65.25 -5.93
N PHE B 459 -7.90 -65.89 -6.67
CA PHE B 459 -8.20 -67.34 -6.58
C PHE B 459 -7.14 -68.13 -7.35
N PRO B 460 -6.75 -69.34 -6.87
CA PRO B 460 -5.83 -70.19 -7.62
C PRO B 460 -6.47 -70.63 -8.95
N GLN B 461 -5.65 -70.96 -9.96
CA GLN B 461 -6.08 -71.22 -11.36
C GLN B 461 -6.21 -72.74 -11.60
N SER B 462 -7.04 -73.12 -12.57
CA SER B 462 -7.27 -74.52 -13.03
C SER B 462 -6.54 -74.75 -14.36
N ASP B 466 -4.09 -69.84 -17.77
CA ASP B 466 -5.32 -69.89 -18.62
C ASP B 466 -6.11 -68.59 -18.41
N GLU B 467 -6.67 -68.41 -17.21
CA GLU B 467 -7.48 -67.24 -16.77
C GLU B 467 -6.90 -66.73 -15.44
N LEU B 468 -7.62 -65.84 -14.74
CA LEU B 468 -7.39 -65.58 -13.29
C LEU B 468 -8.62 -64.89 -12.70
N CYS B 469 -9.28 -65.55 -11.75
CA CYS B 469 -10.41 -65.02 -10.93
C CYS B 469 -9.84 -64.43 -9.64
N PHE B 470 -10.40 -63.32 -9.17
CA PHE B 470 -9.97 -62.61 -7.94
C PHE B 470 -11.09 -61.69 -7.43
N LEU B 471 -11.01 -61.31 -6.14
CA LEU B 471 -11.89 -60.31 -5.50
C LEU B 471 -11.13 -58.99 -5.40
N ARG B 472 -11.82 -57.88 -5.68
CA ARG B 472 -11.27 -56.50 -5.68
C ARG B 472 -12.33 -55.54 -5.13
N ALA B 473 -11.92 -54.57 -4.32
CA ALA B 473 -12.74 -53.41 -3.89
C ALA B 473 -12.58 -52.29 -4.92
N ASN B 474 -13.64 -51.55 -5.26
CA ASN B 474 -13.56 -50.51 -6.32
C ASN B 474 -14.57 -49.38 -6.05
N GLU B 475 -14.05 -48.21 -5.70
CA GLU B 475 -14.83 -47.00 -5.31
C GLU B 475 -15.02 -46.08 -6.51
N CYS B 476 -14.26 -46.29 -7.59
CA CYS B 476 -14.24 -45.43 -8.80
C CYS B 476 -15.44 -45.74 -9.71
N LYS B 477 -15.89 -47.00 -9.71
CA LYS B 477 -16.98 -47.48 -10.61
C LYS B 477 -18.26 -46.68 -10.32
N THR B 478 -18.82 -46.81 -9.12
CA THR B 478 -20.16 -46.27 -8.73
C THR B 478 -20.03 -45.04 -7.83
N GLY B 479 -18.81 -44.72 -7.38
CA GLY B 479 -18.54 -43.64 -6.41
C GLY B 479 -18.54 -44.14 -4.97
N PHE B 480 -18.74 -45.44 -4.76
CA PHE B 480 -18.82 -46.09 -3.43
C PHE B 480 -18.06 -47.41 -3.45
N CYS B 481 -17.26 -47.68 -2.42
CA CYS B 481 -16.39 -48.88 -2.32
C CYS B 481 -17.25 -50.14 -2.18
N HIS B 482 -17.23 -51.02 -3.18
CA HIS B 482 -17.99 -52.30 -3.23
C HIS B 482 -17.09 -53.45 -3.68
N LEU B 483 -17.35 -54.67 -3.20
CA LEU B 483 -16.69 -55.92 -3.67
C LEU B 483 -17.08 -56.19 -5.12
N TYR B 484 -16.21 -56.87 -5.87
CA TYR B 484 -16.45 -57.35 -7.26
C TYR B 484 -15.69 -58.66 -7.47
N LYS B 485 -16.34 -59.64 -8.10
CA LYS B 485 -15.69 -60.86 -8.65
C LYS B 485 -15.27 -60.55 -10.09
N VAL B 486 -13.96 -60.37 -10.31
CA VAL B 486 -13.38 -60.08 -11.66
C VAL B 486 -12.61 -61.32 -12.13
N THR B 487 -12.94 -61.79 -13.34
CA THR B 487 -12.14 -62.76 -14.14
C THR B 487 -11.38 -62.01 -15.24
N ALA B 488 -10.09 -62.32 -15.42
CA ALA B 488 -9.19 -61.68 -16.40
C ALA B 488 -8.53 -62.76 -17.26
N VAL B 489 -8.36 -62.47 -18.56
CA VAL B 489 -7.71 -63.40 -19.55
C VAL B 489 -6.22 -63.04 -19.63
N LEU B 490 -5.36 -63.96 -19.16
CA LEU B 490 -3.89 -63.87 -19.29
C LEU B 490 -3.48 -64.54 -20.61
N LYS B 491 -3.55 -63.79 -21.71
CA LYS B 491 -3.14 -64.23 -23.08
C LYS B 491 -1.79 -63.60 -23.40
N SER B 492 -0.75 -64.43 -23.53
CA SER B 492 0.65 -64.02 -23.82
C SER B 492 0.79 -63.62 -25.30
N GLN B 493 1.10 -62.35 -25.56
CA GLN B 493 1.14 -61.77 -26.93
C GLN B 493 2.55 -61.93 -27.53
N GLY B 494 3.49 -62.51 -26.78
CA GLY B 494 4.80 -62.97 -27.29
C GLY B 494 5.78 -61.82 -27.49
N TYR B 495 6.69 -61.61 -26.53
CA TYR B 495 7.64 -60.47 -26.51
C TYR B 495 9.10 -60.93 -26.72
N ASP B 496 9.85 -60.15 -27.50
CA ASP B 496 11.33 -60.26 -27.65
C ASP B 496 11.98 -59.40 -26.58
N TRP B 497 12.59 -60.03 -25.57
CA TRP B 497 13.04 -59.35 -24.33
C TRP B 497 14.49 -58.86 -24.46
N SER B 498 15.24 -59.39 -25.42
CA SER B 498 16.66 -59.00 -25.69
C SER B 498 16.72 -57.61 -26.35
N GLU B 499 15.79 -57.30 -27.26
CA GLU B 499 15.61 -55.94 -27.84
C GLU B 499 14.66 -55.16 -26.94
N PRO B 500 14.87 -53.83 -26.74
CA PRO B 500 13.98 -53.02 -25.91
C PRO B 500 12.76 -52.55 -26.70
N PHE B 501 11.82 -51.90 -26.01
CA PHE B 501 10.59 -51.31 -26.61
C PHE B 501 9.95 -50.35 -25.63
N SER B 502 9.20 -49.37 -26.16
CA SER B 502 8.25 -48.52 -25.40
C SER B 502 6.87 -49.17 -25.43
N PRO B 503 6.25 -49.47 -24.26
CA PRO B 503 4.85 -49.92 -24.21
C PRO B 503 3.92 -48.85 -24.81
N GLY B 504 2.70 -49.22 -25.18
CA GLY B 504 1.75 -48.34 -25.91
C GLY B 504 0.35 -48.34 -25.31
N GLU B 505 -0.02 -47.26 -24.63
CA GLU B 505 -1.32 -47.12 -23.93
C GLU B 505 -1.53 -48.40 -23.12
N ASP B 506 -2.43 -49.29 -23.57
CA ASP B 506 -2.85 -50.51 -22.82
C ASP B 506 -2.01 -51.70 -23.30
N GLU B 507 -0.69 -51.65 -23.08
CA GLU B 507 0.32 -52.63 -23.56
C GLU B 507 0.00 -54.02 -23.00
N PHE B 508 -0.13 -54.11 -21.67
CA PHE B 508 -0.27 -55.39 -20.93
C PHE B 508 -1.70 -55.55 -20.39
N LYS B 509 -2.61 -54.66 -20.79
CA LYS B 509 -4.02 -54.63 -20.29
C LYS B 509 -4.73 -55.92 -20.75
N CYS B 510 -5.15 -56.75 -19.79
CA CYS B 510 -5.87 -58.03 -20.03
C CYS B 510 -7.31 -57.75 -20.44
N PRO B 511 -7.85 -58.47 -21.44
CA PRO B 511 -9.29 -58.58 -21.62
C PRO B 511 -9.99 -59.11 -20.36
N ILE B 512 -11.05 -58.42 -19.92
CA ILE B 512 -11.93 -58.80 -18.77
C ILE B 512 -12.99 -59.78 -19.28
N LYS B 513 -12.98 -61.02 -18.80
CA LYS B 513 -13.97 -62.07 -19.19
C LYS B 513 -15.31 -61.76 -18.51
N GLU B 514 -15.34 -61.70 -17.17
CA GLU B 514 -16.52 -61.21 -16.39
C GLU B 514 -16.05 -60.35 -15.21
N GLU B 515 -16.97 -59.50 -14.73
CA GLU B 515 -16.77 -58.54 -13.61
C GLU B 515 -18.13 -58.39 -12.90
N ILE B 516 -18.36 -59.18 -11.85
CA ILE B 516 -19.64 -59.21 -11.08
C ILE B 516 -19.54 -58.20 -9.94
N ALA B 517 -20.64 -57.51 -9.60
CA ALA B 517 -20.80 -56.71 -8.36
C ALA B 517 -21.37 -57.61 -7.27
N LEU B 518 -20.64 -57.80 -6.17
CA LEU B 518 -21.06 -58.61 -5.00
C LEU B 518 -21.81 -57.74 -3.99
N THR B 519 -21.55 -56.42 -4.01
CA THR B 519 -22.28 -55.39 -3.22
C THR B 519 -22.60 -54.20 -4.13
N SER B 520 -23.59 -53.39 -3.73
CA SER B 520 -24.02 -52.14 -4.43
C SER B 520 -24.79 -51.26 -3.46
N GLY B 521 -25.16 -50.04 -3.88
CA GLY B 521 -25.91 -49.05 -3.08
C GLY B 521 -24.98 -47.96 -2.58
N GLU B 522 -25.52 -46.97 -1.86
CA GLU B 522 -24.80 -45.74 -1.44
C GLU B 522 -24.27 -45.93 0.00
N TRP B 523 -23.67 -47.09 0.28
CA TRP B 523 -22.85 -47.38 1.49
C TRP B 523 -21.49 -47.85 0.99
N GLU B 524 -20.57 -48.24 1.86
CA GLU B 524 -19.25 -48.72 1.37
C GLU B 524 -18.69 -49.85 2.25
N VAL B 525 -17.95 -50.74 1.60
CA VAL B 525 -17.15 -51.84 2.20
C VAL B 525 -15.85 -51.23 2.76
N LEU B 526 -15.58 -51.40 4.04
CA LEU B 526 -14.38 -50.84 4.70
C LEU B 526 -13.15 -51.53 4.12
N ALA B 527 -12.31 -50.77 3.41
CA ALA B 527 -11.20 -51.28 2.55
C ALA B 527 -9.88 -50.55 2.82
N ARG B 528 -9.91 -49.37 3.44
CA ARG B 528 -8.71 -48.61 3.87
C ARG B 528 -8.55 -48.81 5.38
N HIS B 529 -7.51 -48.23 5.98
CA HIS B 529 -7.30 -48.11 7.45
C HIS B 529 -7.21 -49.50 8.10
N GLY B 530 -6.56 -50.46 7.44
CA GLY B 530 -6.27 -51.80 8.00
C GLY B 530 -7.46 -52.74 7.93
N SER B 531 -8.57 -52.31 7.33
CA SER B 531 -9.78 -53.14 7.11
C SER B 531 -9.45 -54.24 6.09
N LYS B 532 -9.70 -55.50 6.45
CA LYS B 532 -9.47 -56.69 5.60
C LYS B 532 -10.77 -57.50 5.49
N ILE B 533 -10.90 -58.29 4.42
CA ILE B 533 -12.01 -59.25 4.16
C ILE B 533 -11.49 -60.68 4.40
N TRP B 534 -12.40 -61.62 4.68
CA TRP B 534 -12.10 -63.05 4.94
C TRP B 534 -12.94 -63.90 3.99
N VAL B 535 -12.29 -64.76 3.21
CA VAL B 535 -12.94 -65.57 2.15
C VAL B 535 -12.84 -67.05 2.56
N ASN B 536 -13.97 -67.74 2.67
CA ASN B 536 -14.06 -69.21 2.89
C ASN B 536 -14.43 -69.89 1.56
N GLU B 537 -13.45 -70.55 0.92
CA GLU B 537 -13.61 -71.27 -0.38
C GLU B 537 -14.37 -72.59 -0.18
N GLU B 538 -14.40 -73.12 1.05
CA GLU B 538 -15.19 -74.32 1.41
C GLU B 538 -16.66 -74.04 1.10
N THR B 539 -17.13 -72.81 1.37
CA THR B 539 -18.56 -72.41 1.33
C THR B 539 -18.83 -71.28 0.32
N LYS B 540 -17.79 -70.68 -0.27
CA LYS B 540 -17.89 -69.61 -1.30
C LYS B 540 -18.52 -68.34 -0.70
N LEU B 541 -18.40 -68.15 0.63
CA LEU B 541 -18.85 -66.92 1.33
C LEU B 541 -17.66 -65.99 1.50
N VAL B 542 -17.90 -64.67 1.47
CA VAL B 542 -16.86 -63.63 1.73
C VAL B 542 -17.38 -62.72 2.85
N TYR B 543 -16.59 -62.59 3.92
CA TYR B 543 -16.89 -61.79 5.13
C TYR B 543 -16.20 -60.42 4.98
N PHE B 544 -16.96 -59.35 5.22
CA PHE B 544 -16.51 -57.95 5.06
C PHE B 544 -17.22 -57.06 6.08
N GLN B 545 -16.63 -55.92 6.42
CA GLN B 545 -17.31 -54.87 7.21
C GLN B 545 -17.79 -53.78 6.25
N GLY B 546 -18.77 -52.99 6.67
CA GLY B 546 -19.32 -51.91 5.84
C GLY B 546 -20.24 -50.97 6.61
N THR B 547 -20.67 -49.91 5.92
CA THR B 547 -21.61 -48.87 6.41
C THR B 547 -23.03 -49.20 5.94
N LYS B 548 -23.28 -50.40 5.40
CA LYS B 548 -24.58 -50.81 4.81
C LYS B 548 -25.72 -50.29 5.68
N ASP B 549 -25.71 -50.62 6.97
CA ASP B 549 -26.79 -50.25 7.93
C ASP B 549 -26.79 -48.72 8.12
N THR B 550 -25.63 -48.10 8.35
CA THR B 550 -25.51 -46.64 8.59
C THR B 550 -24.04 -46.19 8.59
N PRO B 551 -23.74 -44.96 8.11
CA PRO B 551 -22.38 -44.40 8.20
C PRO B 551 -21.80 -44.39 9.62
N LEU B 552 -22.66 -44.31 10.63
CA LEU B 552 -22.26 -44.08 12.05
C LEU B 552 -21.93 -45.41 12.74
N GLU B 553 -22.06 -46.55 12.06
CA GLU B 553 -21.80 -47.88 12.65
C GLU B 553 -21.06 -48.75 11.63
N HIS B 554 -19.89 -49.27 12.03
CA HIS B 554 -19.12 -50.31 11.30
C HIS B 554 -19.70 -51.67 11.68
N HIS B 555 -20.12 -52.46 10.69
CA HIS B 555 -20.79 -53.77 10.88
C HIS B 555 -20.16 -54.86 10.02
N LEU B 556 -20.17 -56.09 10.54
CA LEU B 556 -19.75 -57.33 9.85
C LEU B 556 -20.93 -57.88 9.04
N TYR B 557 -20.70 -58.17 7.76
CA TYR B 557 -21.69 -58.80 6.83
C TYR B 557 -21.03 -59.98 6.11
N VAL B 558 -21.82 -60.96 5.70
CA VAL B 558 -21.35 -62.09 4.84
C VAL B 558 -22.22 -62.10 3.57
N VAL B 559 -21.59 -62.39 2.42
CA VAL B 559 -22.26 -62.56 1.09
C VAL B 559 -21.50 -63.67 0.33
N SER B 560 -22.17 -64.34 -0.60
CA SER B 560 -21.59 -65.40 -1.48
C SER B 560 -20.94 -64.74 -2.70
N TYR B 561 -19.75 -65.19 -3.10
CA TYR B 561 -19.01 -64.67 -4.30
C TYR B 561 -19.43 -65.48 -5.55
N GLU B 562 -20.12 -66.60 -5.35
CA GLU B 562 -20.85 -67.33 -6.43
C GLU B 562 -22.00 -66.42 -6.89
N ALA B 563 -23.01 -66.26 -6.03
CA ALA B 563 -24.22 -65.45 -6.27
C ALA B 563 -24.16 -64.18 -5.42
N ALA B 564 -24.09 -63.02 -6.07
CA ALA B 564 -24.29 -61.70 -5.43
C ALA B 564 -25.76 -61.59 -5.02
N GLY B 565 -26.11 -62.21 -3.89
CA GLY B 565 -27.50 -62.31 -3.40
C GLY B 565 -27.69 -61.68 -2.03
N GLU B 566 -28.28 -62.44 -1.10
CA GLU B 566 -28.57 -62.03 0.29
C GLU B 566 -27.27 -61.71 1.04
N ILE B 567 -27.19 -60.51 1.62
CA ILE B 567 -26.10 -60.02 2.52
C ILE B 567 -26.64 -60.03 3.95
N VAL B 568 -26.06 -60.87 4.82
CA VAL B 568 -26.51 -61.09 6.22
C VAL B 568 -25.59 -60.31 7.18
N ARG B 569 -26.16 -59.42 8.00
CA ARG B 569 -25.43 -58.71 9.08
C ARG B 569 -25.23 -59.67 10.26
N LEU B 570 -24.07 -59.64 10.91
CA LEU B 570 -23.67 -60.61 11.96
C LEU B 570 -23.48 -59.89 13.31
N THR B 571 -23.01 -58.64 13.29
CA THR B 571 -22.90 -57.76 14.49
C THR B 571 -24.26 -57.13 14.81
N THR B 572 -24.64 -57.09 16.09
CA THR B 572 -25.93 -56.54 16.60
C THR B 572 -25.91 -55.02 16.43
N PRO B 573 -27.00 -54.37 15.96
CA PRO B 573 -26.98 -52.92 15.68
C PRO B 573 -27.00 -52.04 16.93
N GLY B 574 -26.89 -50.72 16.74
CA GLY B 574 -26.83 -49.72 17.82
C GLY B 574 -25.41 -49.47 18.31
N PHE B 575 -24.44 -50.20 17.75
CA PHE B 575 -22.99 -50.09 18.06
C PHE B 575 -22.20 -50.10 16.75
N SER B 576 -20.96 -49.61 16.80
CA SER B 576 -19.93 -49.72 15.74
C SER B 576 -18.90 -50.78 16.15
N HIS B 577 -18.59 -51.71 15.25
CA HIS B 577 -17.76 -52.91 15.51
C HIS B 577 -16.50 -52.92 14.64
N SER B 578 -15.35 -53.19 15.28
CA SER B 578 -14.10 -53.67 14.62
C SER B 578 -14.04 -55.18 14.85
N CYS B 579 -13.97 -55.97 13.78
CA CYS B 579 -14.13 -57.45 13.81
C CYS B 579 -12.90 -58.16 13.27
N SER B 580 -12.63 -59.37 13.80
CA SER B 580 -11.55 -60.30 13.38
C SER B 580 -12.13 -61.73 13.28
N MET B 581 -12.04 -62.36 12.10
CA MET B 581 -12.56 -63.73 11.83
C MET B 581 -11.53 -64.78 12.26
N SER B 582 -12.00 -65.99 12.60
CA SER B 582 -11.19 -67.23 12.68
C SER B 582 -10.86 -67.70 11.26
N GLN B 583 -9.74 -68.44 11.09
CA GLN B 583 -9.35 -69.06 9.79
C GLN B 583 -10.32 -70.20 9.46
N ASN B 584 -10.91 -70.82 10.49
CA ASN B 584 -11.86 -71.96 10.39
C ASN B 584 -13.30 -71.43 10.21
N PHE B 585 -13.48 -70.10 10.26
CA PHE B 585 -14.78 -69.40 10.07
C PHE B 585 -15.86 -69.98 10.99
N ASP B 586 -15.48 -70.54 12.15
CA ASP B 586 -16.42 -71.11 13.15
C ASP B 586 -16.68 -70.08 14.25
N MET B 587 -15.75 -69.14 14.48
CA MET B 587 -15.83 -68.10 15.55
C MET B 587 -15.22 -66.79 15.05
N PHE B 588 -15.68 -65.65 15.59
CA PHE B 588 -15.11 -64.30 15.34
C PHE B 588 -15.20 -63.46 16.62
N VAL B 589 -14.28 -62.49 16.75
CA VAL B 589 -14.26 -61.47 17.85
C VAL B 589 -14.87 -60.17 17.32
N SER B 590 -15.48 -59.38 18.20
CA SER B 590 -15.85 -57.97 17.93
C SER B 590 -15.44 -57.07 19.11
N HIS B 591 -14.51 -56.17 18.86
CA HIS B 591 -14.22 -54.94 19.65
C HIS B 591 -15.20 -53.86 19.20
N TYR B 592 -16.19 -53.54 20.05
CA TYR B 592 -17.32 -52.63 19.70
C TYR B 592 -17.64 -51.73 20.89
N SER B 593 -18.31 -50.62 20.59
CA SER B 593 -18.72 -49.56 21.54
C SER B 593 -19.81 -48.71 20.89
N SER B 594 -20.32 -47.72 21.62
CA SER B 594 -21.35 -46.74 21.18
C SER B 594 -21.09 -45.41 21.89
N VAL B 595 -21.69 -44.33 21.42
CA VAL B 595 -21.52 -42.96 22.00
C VAL B 595 -21.70 -43.04 23.52
N SER B 596 -22.69 -43.81 23.98
CA SER B 596 -23.12 -43.91 25.40
C SER B 596 -22.30 -44.96 26.18
N THR B 597 -21.95 -46.09 25.56
CA THR B 597 -21.33 -47.28 26.22
C THR B 597 -19.86 -47.40 25.85
N PRO B 598 -18.93 -47.54 26.82
CA PRO B 598 -17.52 -47.79 26.52
C PRO B 598 -17.31 -49.13 25.80
N PRO B 599 -16.09 -49.42 25.28
CA PRO B 599 -15.87 -50.60 24.47
C PRO B 599 -15.87 -51.91 25.26
N CYS B 600 -16.39 -52.95 24.62
CA CYS B 600 -16.37 -54.38 25.04
C CYS B 600 -15.69 -55.19 23.94
N VAL B 601 -15.21 -56.39 24.25
CA VAL B 601 -14.62 -57.34 23.26
C VAL B 601 -15.22 -58.73 23.49
N HIS B 602 -16.28 -59.06 22.76
CA HIS B 602 -17.03 -60.34 22.87
C HIS B 602 -16.52 -61.34 21.83
N VAL B 603 -16.46 -62.62 22.21
CA VAL B 603 -16.24 -63.78 21.30
C VAL B 603 -17.61 -64.32 20.91
N TYR B 604 -17.84 -64.56 19.61
CA TYR B 604 -19.10 -65.13 19.06
C TYR B 604 -18.77 -66.45 18.36
N LYS B 605 -19.73 -67.38 18.37
CA LYS B 605 -19.67 -68.65 17.60
C LYS B 605 -20.74 -68.56 16.51
N LEU B 606 -20.36 -68.72 15.25
CA LEU B 606 -21.30 -68.93 14.12
C LEU B 606 -21.85 -70.36 14.25
N SER B 607 -23.17 -70.49 14.45
CA SER B 607 -23.85 -71.77 14.80
C SER B 607 -24.96 -72.08 13.80
N GLY B 608 -25.45 -73.32 13.80
CA GLY B 608 -26.60 -73.79 13.02
C GLY B 608 -26.21 -74.82 11.97
N PRO B 609 -27.17 -75.25 11.12
CA PRO B 609 -26.91 -76.26 10.08
C PRO B 609 -25.87 -75.83 9.04
N ASP B 610 -25.05 -76.78 8.57
CA ASP B 610 -23.91 -76.56 7.65
C ASP B 610 -24.41 -76.53 6.20
N ASP B 611 -25.57 -77.13 5.92
CA ASP B 611 -26.17 -77.17 4.55
C ASP B 611 -26.71 -75.78 4.19
N ASP B 612 -26.80 -74.87 5.17
CA ASP B 612 -27.03 -73.41 4.94
C ASP B 612 -26.00 -72.63 5.76
N PRO B 613 -24.79 -72.38 5.21
CA PRO B 613 -23.73 -71.69 5.95
C PRO B 613 -23.87 -70.15 5.92
N LEU B 614 -24.53 -69.59 4.90
CA LEU B 614 -24.78 -68.13 4.76
C LEU B 614 -25.55 -67.64 5.99
N HIS B 615 -26.55 -68.42 6.42
CA HIS B 615 -27.57 -68.04 7.44
C HIS B 615 -27.19 -68.62 8.81
N LYS B 616 -25.89 -68.87 9.06
CA LYS B 616 -25.35 -69.26 10.39
C LYS B 616 -25.64 -68.13 11.39
N GLN B 617 -26.29 -68.44 12.51
CA GLN B 617 -26.61 -67.46 13.58
C GLN B 617 -25.32 -67.08 14.32
N PRO B 618 -25.04 -65.79 14.55
CA PRO B 618 -23.95 -65.37 15.43
C PRO B 618 -24.41 -65.42 16.88
N ARG B 619 -24.11 -66.52 17.58
CA ARG B 619 -24.48 -66.76 18.99
C ARG B 619 -23.38 -66.21 19.89
N PHE B 620 -23.73 -65.37 20.87
CA PHE B 620 -22.80 -64.87 21.92
C PHE B 620 -22.21 -66.07 22.68
N TRP B 621 -20.90 -66.08 22.88
CA TRP B 621 -20.17 -67.27 23.44
C TRP B 621 -19.47 -66.92 24.76
N ALA B 622 -18.57 -65.93 24.74
CA ALA B 622 -17.80 -65.48 25.92
C ALA B 622 -17.31 -64.05 25.71
N SER B 623 -17.07 -63.32 26.81
CA SER B 623 -16.61 -61.91 26.80
C SER B 623 -15.11 -61.86 27.15
N MET B 624 -14.37 -60.99 26.46
CA MET B 624 -12.91 -60.77 26.65
C MET B 624 -12.67 -59.52 27.53
N MET B 625 -13.69 -58.67 27.66
CA MET B 625 -13.59 -57.33 28.28
C MET B 625 -14.99 -56.71 28.26
N GLU B 626 -15.53 -56.36 29.43
CA GLU B 626 -16.85 -55.70 29.56
C GLU B 626 -16.63 -54.20 29.79
N ALA B 627 -17.60 -53.37 29.40
CA ALA B 627 -17.54 -51.89 29.49
C ALA B 627 -16.99 -51.48 30.86
N ALA B 628 -15.85 -50.78 30.87
CA ALA B 628 -15.26 -50.16 32.07
C ALA B 628 -16.20 -49.05 32.57
N SER B 629 -16.11 -48.70 33.86
CA SER B 629 -16.90 -47.61 34.50
C SER B 629 -16.68 -46.30 33.72
N CYS B 630 -17.77 -45.65 33.29
CA CYS B 630 -17.78 -44.30 32.67
C CYS B 630 -17.09 -43.31 33.62
N PRO B 631 -16.34 -42.31 33.11
CA PRO B 631 -15.75 -41.28 33.97
C PRO B 631 -16.82 -40.63 34.85
N PRO B 632 -16.48 -40.16 36.08
CA PRO B 632 -17.47 -39.64 37.01
C PRO B 632 -18.45 -38.63 36.38
N ASP B 633 -17.93 -37.66 35.62
CA ASP B 633 -18.73 -36.53 35.07
C ASP B 633 -19.09 -36.79 33.59
N TYR B 634 -18.80 -37.98 33.03
CA TYR B 634 -19.00 -38.25 31.59
C TYR B 634 -20.49 -38.36 31.28
N VAL B 635 -21.08 -37.30 30.71
CA VAL B 635 -22.36 -37.33 29.93
C VAL B 635 -21.98 -37.51 28.47
N PRO B 636 -22.49 -38.55 27.76
CA PRO B 636 -22.12 -38.77 26.36
C PRO B 636 -22.63 -37.67 25.43
N PRO B 637 -22.03 -37.51 24.24
CA PRO B 637 -22.55 -36.58 23.25
C PRO B 637 -23.84 -37.09 22.60
N GLU B 638 -24.62 -36.21 21.98
CA GLU B 638 -25.88 -36.55 21.26
C GLU B 638 -25.60 -36.37 19.76
N ILE B 639 -25.66 -37.44 18.98
CA ILE B 639 -25.56 -37.37 17.49
C ILE B 639 -26.87 -36.79 16.95
N PHE B 640 -26.76 -35.82 16.04
CA PHE B 640 -27.90 -35.25 15.27
C PHE B 640 -27.55 -35.28 13.79
N HIS B 641 -28.52 -34.93 12.94
CA HIS B 641 -28.30 -34.69 11.49
C HIS B 641 -29.09 -33.46 11.05
N PHE B 642 -28.60 -32.76 10.03
CA PHE B 642 -29.33 -31.67 9.33
C PHE B 642 -28.96 -31.72 7.84
N HIS B 643 -29.74 -31.02 7.02
CA HIS B 643 -29.49 -30.81 5.58
C HIS B 643 -28.92 -29.41 5.38
N THR B 644 -27.85 -29.28 4.58
CA THR B 644 -27.38 -27.97 4.05
C THR B 644 -28.49 -27.40 3.18
N ARG B 645 -28.43 -26.11 2.85
CA ARG B 645 -29.38 -25.44 1.91
C ARG B 645 -29.31 -26.09 0.53
N SER B 646 -28.18 -26.73 0.18
CA SER B 646 -27.97 -27.51 -1.07
C SER B 646 -28.51 -28.95 -0.93
N ASP B 647 -29.32 -29.23 0.09
CA ASP B 647 -30.12 -30.47 0.27
C ASP B 647 -29.21 -31.70 0.42
N VAL B 648 -27.99 -31.52 0.95
CA VAL B 648 -27.02 -32.63 1.20
C VAL B 648 -26.91 -32.85 2.71
N ARG B 649 -27.22 -34.07 3.17
CA ARG B 649 -27.29 -34.44 4.61
C ARG B 649 -25.90 -34.34 5.24
N LEU B 650 -25.83 -33.84 6.48
CA LEU B 650 -24.60 -33.74 7.32
C LEU B 650 -24.92 -34.23 8.73
N TYR B 651 -24.02 -35.01 9.33
CA TYR B 651 -24.13 -35.51 10.73
C TYR B 651 -23.30 -34.63 11.65
N GLY B 652 -23.75 -34.45 12.89
CA GLY B 652 -23.02 -33.70 13.94
C GLY B 652 -23.24 -34.31 15.31
N MET B 653 -22.22 -34.29 16.15
CA MET B 653 -22.34 -34.60 17.60
C MET B 653 -22.56 -33.29 18.34
N ILE B 654 -23.01 -33.36 19.59
CA ILE B 654 -22.97 -32.20 20.53
C ILE B 654 -22.79 -32.74 21.95
N TYR B 655 -21.95 -32.06 22.72
CA TYR B 655 -21.72 -32.30 24.17
C TYR B 655 -22.53 -31.26 24.96
N LYS B 656 -23.71 -31.66 25.46
CA LYS B 656 -24.64 -30.81 26.27
C LYS B 656 -23.89 -30.21 27.46
N PRO B 657 -24.05 -28.90 27.73
CA PRO B 657 -23.58 -28.30 28.98
C PRO B 657 -24.17 -29.02 30.21
N HIS B 658 -23.38 -29.82 30.93
CA HIS B 658 -23.85 -30.62 32.09
C HIS B 658 -24.62 -29.71 33.05
N ALA B 659 -25.66 -30.23 33.71
CA ALA B 659 -26.51 -29.48 34.65
C ALA B 659 -27.11 -28.27 33.94
N LEU B 660 -27.68 -28.47 32.74
CA LEU B 660 -28.23 -27.38 31.89
C LEU B 660 -29.53 -26.84 32.51
N GLN B 661 -29.67 -25.52 32.60
CA GLN B 661 -30.94 -24.82 32.92
C GLN B 661 -31.47 -24.16 31.65
N PRO B 662 -32.52 -24.72 31.01
CA PRO B 662 -33.10 -24.11 29.82
C PRO B 662 -33.36 -22.61 29.98
N GLY B 663 -33.13 -21.85 28.90
CA GLY B 663 -33.28 -20.38 28.83
C GLY B 663 -31.95 -19.66 29.00
N LYS B 664 -30.87 -20.42 29.27
CA LYS B 664 -29.49 -19.89 29.46
C LYS B 664 -28.67 -20.16 28.19
N LYS B 665 -28.08 -19.11 27.61
CA LYS B 665 -27.21 -19.21 26.40
C LYS B 665 -25.76 -19.42 26.86
N HIS B 666 -25.17 -20.58 26.57
CA HIS B 666 -23.81 -20.99 27.00
C HIS B 666 -22.79 -20.62 25.92
N PRO B 667 -21.49 -20.49 26.27
CA PRO B 667 -20.43 -20.25 25.30
C PRO B 667 -19.97 -21.58 24.68
N THR B 668 -19.61 -21.57 23.39
CA THR B 668 -19.51 -22.78 22.55
C THR B 668 -18.11 -22.92 21.95
N VAL B 669 -17.38 -23.94 22.39
CA VAL B 669 -16.19 -24.53 21.70
C VAL B 669 -16.70 -25.39 20.54
N LEU B 670 -16.53 -24.94 19.30
CA LEU B 670 -16.67 -25.77 18.08
C LEU B 670 -15.37 -26.57 17.89
N PHE B 671 -15.39 -27.89 18.04
CA PHE B 671 -14.20 -28.75 17.78
C PHE B 671 -14.23 -29.21 16.32
N VAL B 672 -13.08 -29.22 15.64
CA VAL B 672 -13.04 -29.45 14.17
C VAL B 672 -11.82 -30.29 13.77
N TYR B 673 -11.97 -30.98 12.64
CA TYR B 673 -10.90 -31.56 11.79
C TYR B 673 -11.28 -31.25 10.33
N GLY B 674 -12.42 -31.80 9.88
CA GLY B 674 -13.12 -31.44 8.62
C GLY B 674 -12.25 -31.61 7.38
N GLY B 675 -11.25 -32.50 7.44
CA GLY B 675 -10.33 -32.85 6.35
C GLY B 675 -10.51 -34.29 5.90
N PRO B 676 -9.87 -34.72 4.78
CA PRO B 676 -10.11 -36.05 4.21
C PRO B 676 -9.51 -37.17 5.07
N GLN B 677 -10.05 -38.39 4.93
CA GLN B 677 -9.52 -39.66 5.49
C GLN B 677 -9.95 -39.82 6.95
N VAL B 678 -10.94 -39.04 7.42
CA VAL B 678 -11.36 -39.01 8.84
C VAL B 678 -12.89 -38.85 8.93
N GLN B 679 -13.49 -39.44 9.98
CA GLN B 679 -14.91 -39.29 10.40
C GLN B 679 -14.96 -39.16 11.92
N LEU B 680 -15.30 -37.97 12.43
CA LEU B 680 -15.38 -37.67 13.89
C LEU B 680 -16.76 -38.06 14.43
N VAL B 681 -17.81 -37.90 13.62
CA VAL B 681 -19.23 -38.15 14.01
C VAL B 681 -19.61 -39.58 13.58
N ASN B 682 -19.55 -40.51 14.53
CA ASN B 682 -19.96 -41.93 14.36
C ASN B 682 -20.36 -42.48 15.73
N ASN B 683 -21.20 -43.52 15.75
CA ASN B 683 -21.79 -44.10 16.98
C ASN B 683 -20.79 -45.09 17.58
N SER B 684 -19.75 -44.57 18.23
CA SER B 684 -18.72 -45.31 19.00
C SER B 684 -18.19 -44.40 20.11
N PHE B 685 -17.83 -44.98 21.25
CA PHE B 685 -17.40 -44.24 22.48
C PHE B 685 -16.30 -43.25 22.11
N LYS B 686 -16.38 -42.02 22.62
CA LYS B 686 -15.41 -40.93 22.30
C LYS B 686 -14.62 -40.53 23.56
N GLY B 687 -14.97 -41.11 24.72
CA GLY B 687 -14.47 -40.71 26.05
C GLY B 687 -12.97 -40.92 26.22
N ILE B 688 -12.38 -41.93 25.57
CA ILE B 688 -10.92 -42.24 25.71
C ILE B 688 -10.12 -41.23 24.87
N LYS B 689 -10.57 -40.98 23.64
CA LYS B 689 -9.89 -40.10 22.66
C LYS B 689 -10.20 -38.63 22.97
N TYR B 690 -11.44 -38.33 23.40
CA TYR B 690 -11.92 -36.94 23.65
C TYR B 690 -12.78 -36.89 24.93
N LEU B 691 -12.14 -36.87 26.11
CA LEU B 691 -12.84 -36.48 27.37
C LEU B 691 -12.62 -34.99 27.60
N ARG B 692 -11.59 -34.40 27.02
CA ARG B 692 -11.38 -32.93 27.10
C ARG B 692 -12.69 -32.25 26.69
N LEU B 693 -13.33 -32.70 25.61
CA LEU B 693 -14.62 -32.17 25.11
C LEU B 693 -15.69 -32.31 26.20
N ASN B 694 -15.68 -33.43 26.95
CA ASN B 694 -16.57 -33.66 28.12
C ASN B 694 -16.17 -32.69 29.24
N THR B 695 -14.87 -32.56 29.51
CA THR B 695 -14.37 -31.69 30.61
C THR B 695 -14.89 -30.27 30.32
N LEU B 696 -14.71 -29.80 29.08
CA LEU B 696 -15.28 -28.51 28.59
C LEU B 696 -16.78 -28.47 28.90
N ALA B 697 -17.53 -29.45 28.41
CA ALA B 697 -18.99 -29.56 28.64
C ALA B 697 -19.31 -29.32 30.12
N SER B 698 -18.57 -29.97 31.04
CA SER B 698 -18.86 -30.03 32.50
C SER B 698 -18.66 -28.66 33.18
N LEU B 699 -17.76 -27.81 32.66
CA LEU B 699 -17.56 -26.41 33.15
C LEU B 699 -18.61 -25.47 32.54
N GLY B 700 -19.46 -25.98 31.64
CA GLY B 700 -20.64 -25.27 31.12
C GLY B 700 -20.42 -24.74 29.71
N TYR B 701 -19.51 -25.36 28.96
CA TYR B 701 -19.27 -25.06 27.53
C TYR B 701 -20.14 -25.99 26.68
N ALA B 702 -20.79 -25.43 25.65
CA ALA B 702 -21.33 -26.21 24.52
C ALA B 702 -20.15 -26.61 23.64
N VAL B 703 -20.02 -27.91 23.31
CA VAL B 703 -18.95 -28.44 22.42
C VAL B 703 -19.63 -29.16 21.25
N VAL B 704 -19.69 -28.49 20.09
CA VAL B 704 -20.29 -28.97 18.81
C VAL B 704 -19.21 -29.64 17.96
N VAL B 705 -19.54 -30.74 17.29
CA VAL B 705 -18.67 -31.43 16.28
C VAL B 705 -19.50 -31.65 15.02
N ILE B 706 -18.92 -31.42 13.84
CA ILE B 706 -19.65 -31.41 12.54
C ILE B 706 -18.74 -31.99 11.44
N ASP B 707 -19.10 -33.15 10.91
CA ASP B 707 -18.48 -33.77 9.71
C ASP B 707 -19.02 -33.06 8.47
N GLY B 708 -18.40 -31.93 8.09
CA GLY B 708 -18.68 -31.21 6.85
C GLY B 708 -18.31 -32.04 5.63
N ARG B 709 -18.62 -31.54 4.43
CA ARG B 709 -18.25 -32.20 3.15
C ARG B 709 -16.73 -32.29 3.08
N GLY B 710 -16.22 -33.41 2.55
CA GLY B 710 -14.78 -33.69 2.40
C GLY B 710 -14.24 -34.61 3.47
N SER B 711 -15.11 -35.44 4.08
CA SER B 711 -14.77 -36.40 5.16
C SER B 711 -15.07 -37.84 4.71
N CYS B 712 -14.52 -38.81 5.46
CA CYS B 712 -14.50 -40.27 5.18
C CYS B 712 -15.89 -40.91 5.35
N GLN B 713 -16.10 -42.09 4.76
CA GLN B 713 -17.27 -42.98 4.97
C GLN B 713 -18.55 -42.32 4.41
N ARG B 714 -18.46 -41.63 3.27
CA ARG B 714 -19.65 -41.09 2.53
C ARG B 714 -19.44 -41.24 1.03
N GLY B 715 -18.57 -42.18 0.62
CA GLY B 715 -18.23 -42.41 -0.79
C GLY B 715 -17.51 -41.21 -1.41
N LEU B 716 -17.19 -41.31 -2.70
CA LEU B 716 -16.16 -40.48 -3.37
C LEU B 716 -16.67 -39.06 -3.58
N ARG B 717 -17.83 -38.87 -4.19
CA ARG B 717 -18.31 -37.53 -4.63
C ARG B 717 -18.43 -36.59 -3.42
N PHE B 718 -18.67 -37.15 -2.22
CA PHE B 718 -18.77 -36.41 -0.94
C PHE B 718 -17.38 -35.89 -0.54
N GLU B 719 -16.39 -36.79 -0.49
CA GLU B 719 -14.95 -36.50 -0.23
C GLU B 719 -14.47 -35.47 -1.25
N GLY B 720 -15.02 -35.49 -2.47
CA GLY B 720 -14.55 -34.76 -3.66
C GLY B 720 -14.95 -33.29 -3.69
N ALA B 721 -15.76 -32.84 -2.74
CA ALA B 721 -16.09 -31.41 -2.53
C ALA B 721 -14.80 -30.62 -2.31
N LEU B 722 -13.77 -31.26 -1.73
CA LEU B 722 -12.43 -30.68 -1.46
C LEU B 722 -11.77 -30.28 -2.77
N LYS B 723 -11.83 -31.15 -3.78
CA LYS B 723 -10.91 -31.17 -4.95
C LYS B 723 -10.55 -29.74 -5.38
N ASN B 724 -9.28 -29.36 -5.14
CA ASN B 724 -8.58 -28.16 -5.66
C ASN B 724 -9.02 -26.89 -4.92
N GLN B 725 -9.74 -27.01 -3.79
CA GLN B 725 -10.23 -25.87 -2.98
C GLN B 725 -10.27 -26.23 -1.49
N MET B 726 -9.11 -26.36 -0.83
CA MET B 726 -9.05 -26.71 0.61
C MET B 726 -9.14 -25.42 1.44
N GLY B 727 -10.13 -25.37 2.34
CA GLY B 727 -10.45 -24.20 3.19
C GLY B 727 -11.71 -23.48 2.72
N GLN B 728 -12.00 -23.55 1.41
CA GLN B 728 -12.98 -22.67 0.72
C GLN B 728 -14.40 -23.24 0.79
N VAL B 729 -14.59 -24.47 1.30
CA VAL B 729 -15.90 -25.17 1.31
C VAL B 729 -16.26 -25.65 2.72
N GLU B 730 -15.28 -26.16 3.48
CA GLU B 730 -15.49 -26.92 4.75
C GLU B 730 -16.05 -26.00 5.84
N ILE B 731 -15.63 -24.73 5.85
CA ILE B 731 -15.94 -23.70 6.90
C ILE B 731 -17.41 -23.27 6.81
N GLU B 732 -18.02 -23.29 5.61
CA GLU B 732 -19.45 -22.96 5.40
C GLU B 732 -20.34 -24.05 6.00
N ASP B 733 -19.96 -25.33 5.83
CA ASP B 733 -20.63 -26.51 6.42
C ASP B 733 -20.54 -26.45 7.95
N GLN B 734 -19.44 -25.93 8.52
CA GLN B 734 -19.29 -25.76 9.99
C GLN B 734 -20.25 -24.68 10.48
N VAL B 735 -20.24 -23.49 9.86
CA VAL B 735 -21.14 -22.34 10.21
C VAL B 735 -22.59 -22.84 10.21
N GLU B 736 -23.05 -23.38 9.09
CA GLU B 736 -24.41 -23.96 8.91
C GLU B 736 -24.71 -24.92 10.06
N GLY B 737 -23.83 -25.90 10.27
CA GLY B 737 -23.97 -26.95 11.30
C GLY B 737 -24.00 -26.38 12.71
N LEU B 738 -23.31 -25.27 12.95
CA LEU B 738 -23.31 -24.52 14.23
C LEU B 738 -24.64 -23.77 14.39
N GLN B 739 -25.06 -23.03 13.34
CA GLN B 739 -26.33 -22.26 13.30
C GLN B 739 -27.52 -23.17 13.52
N PHE B 740 -27.53 -24.34 12.88
CA PHE B 740 -28.61 -25.36 13.02
C PHE B 740 -28.71 -25.76 14.49
N VAL B 741 -27.58 -26.07 15.13
CA VAL B 741 -27.48 -26.53 16.54
C VAL B 741 -28.05 -25.43 17.45
N ALA B 742 -27.91 -24.15 17.06
CA ALA B 742 -28.41 -22.97 17.80
C ALA B 742 -29.95 -22.89 17.72
N GLU B 743 -30.54 -23.36 16.61
CA GLU B 743 -32.01 -23.45 16.42
C GLU B 743 -32.56 -24.67 17.19
N LYS B 744 -32.04 -25.87 16.93
CA LYS B 744 -32.56 -27.16 17.47
C LYS B 744 -32.49 -27.18 19.00
N TYR B 745 -31.28 -27.10 19.56
CA TYR B 745 -30.99 -26.92 21.01
C TYR B 745 -30.94 -25.42 21.29
N GLY B 746 -31.35 -24.97 22.47
CA GLY B 746 -31.61 -23.53 22.70
C GLY B 746 -30.48 -22.83 23.43
N PHE B 747 -29.40 -23.54 23.72
CA PHE B 747 -28.42 -23.14 24.78
C PHE B 747 -27.13 -22.58 24.17
N ILE B 748 -27.10 -22.31 22.87
CA ILE B 748 -25.89 -21.80 22.16
C ILE B 748 -25.98 -20.27 22.13
N ASP B 749 -25.10 -19.60 22.89
CA ASP B 749 -24.80 -18.15 22.70
C ASP B 749 -23.84 -18.06 21.51
N LEU B 750 -24.32 -17.54 20.37
CA LEU B 750 -23.52 -17.39 19.11
C LEU B 750 -22.53 -16.22 19.24
N SER B 751 -22.67 -15.35 20.25
CA SER B 751 -21.77 -14.19 20.51
C SER B 751 -20.39 -14.69 20.96
N ARG B 752 -20.33 -15.92 21.48
CA ARG B 752 -19.13 -16.49 22.14
C ARG B 752 -18.84 -17.87 21.56
N VAL B 753 -18.37 -17.92 20.32
CA VAL B 753 -17.99 -19.19 19.63
C VAL B 753 -16.46 -19.25 19.52
N ALA B 754 -15.89 -20.41 19.85
CA ALA B 754 -14.44 -20.67 19.89
C ALA B 754 -14.10 -21.88 19.01
N ILE B 755 -13.72 -21.65 17.77
CA ILE B 755 -13.25 -22.72 16.83
C ILE B 755 -11.86 -23.20 17.30
N HIS B 756 -11.73 -24.50 17.57
CA HIS B 756 -10.46 -25.14 18.00
C HIS B 756 -10.30 -26.47 17.25
N GLY B 757 -9.08 -26.79 16.80
CA GLY B 757 -8.79 -28.04 16.05
C GLY B 757 -7.30 -28.29 15.88
N TRP B 758 -6.94 -29.52 15.48
CA TRP B 758 -5.54 -29.97 15.31
C TRP B 758 -5.27 -30.36 13.86
N SER B 759 -4.06 -30.03 13.37
CA SER B 759 -3.57 -30.35 12.01
C SER B 759 -4.44 -29.62 10.96
N TYR B 760 -5.10 -30.37 10.05
CA TYR B 760 -6.13 -29.81 9.14
C TYR B 760 -7.14 -28.97 9.94
N GLY B 761 -7.49 -29.42 11.15
CA GLY B 761 -8.40 -28.72 12.07
C GLY B 761 -7.78 -27.44 12.60
N GLY B 762 -6.48 -27.47 12.84
CA GLY B 762 -5.68 -26.27 13.16
C GLY B 762 -5.71 -25.32 11.98
N PHE B 763 -5.59 -25.87 10.77
CA PHE B 763 -5.67 -25.12 9.49
C PHE B 763 -7.06 -24.49 9.37
N LEU B 764 -8.11 -25.31 9.47
CA LEU B 764 -9.52 -24.84 9.38
C LEU B 764 -9.75 -23.75 10.43
N SER B 765 -9.32 -23.96 11.67
CA SER B 765 -9.50 -23.00 12.78
C SER B 765 -9.09 -21.60 12.30
N LEU B 766 -7.88 -21.48 11.77
CA LEU B 766 -7.32 -20.19 11.26
C LEU B 766 -8.17 -19.70 10.09
N MET B 767 -8.44 -20.56 9.11
CA MET B 767 -9.35 -20.27 7.97
C MET B 767 -10.69 -19.74 8.48
N GLY B 768 -11.23 -20.39 9.52
CA GLY B 768 -12.47 -19.96 10.18
C GLY B 768 -12.36 -18.52 10.64
N LEU B 769 -11.28 -18.21 11.38
CA LEU B 769 -11.03 -16.88 11.97
C LEU B 769 -10.86 -15.85 10.84
N ILE B 770 -10.29 -16.27 9.71
CA ILE B 770 -9.96 -15.39 8.55
C ILE B 770 -11.25 -15.04 7.79
N HIS B 771 -12.00 -16.06 7.38
CA HIS B 771 -13.17 -15.94 6.46
C HIS B 771 -14.46 -15.65 7.23
N LYS B 772 -14.48 -15.88 8.55
CA LYS B 772 -15.70 -15.71 9.41
C LYS B 772 -15.33 -15.07 10.74
N PRO B 773 -14.76 -13.84 10.76
CA PRO B 773 -14.35 -13.19 12.02
C PRO B 773 -15.52 -12.85 12.97
N GLN B 774 -16.66 -12.47 12.39
CA GLN B 774 -17.89 -12.06 13.11
C GLN B 774 -18.58 -13.30 13.71
N VAL B 775 -18.23 -14.50 13.26
CA VAL B 775 -18.81 -15.79 13.75
C VAL B 775 -17.99 -16.32 14.94
N PHE B 776 -16.69 -16.54 14.74
CA PHE B 776 -15.74 -17.09 15.75
C PHE B 776 -14.95 -15.95 16.37
N LYS B 777 -15.08 -15.76 17.69
CA LYS B 777 -14.39 -14.68 18.44
C LYS B 777 -12.93 -15.09 18.73
N VAL B 778 -12.67 -16.39 18.92
CA VAL B 778 -11.29 -16.89 19.17
C VAL B 778 -11.04 -18.14 18.31
N ALA B 779 -9.77 -18.33 17.92
CA ALA B 779 -9.24 -19.57 17.30
C ALA B 779 -8.17 -20.16 18.22
N ILE B 780 -8.19 -21.48 18.41
CA ILE B 780 -7.04 -22.22 19.00
C ILE B 780 -6.59 -23.23 17.95
N ALA B 781 -5.49 -22.90 17.26
CA ALA B 781 -4.92 -23.66 16.12
C ALA B 781 -3.76 -24.54 16.61
N GLY B 782 -3.97 -25.86 16.63
CA GLY B 782 -2.96 -26.87 16.98
C GLY B 782 -2.25 -27.42 15.76
N ALA B 783 -0.92 -27.36 15.73
CA ALA B 783 -0.05 -27.87 14.65
C ALA B 783 -0.69 -27.63 13.29
N PRO B 784 -0.99 -26.37 12.90
CA PRO B 784 -1.71 -26.09 11.66
C PRO B 784 -0.83 -26.15 10.41
N VAL B 785 -1.41 -26.54 9.28
CA VAL B 785 -0.84 -26.35 7.92
C VAL B 785 -1.13 -24.90 7.51
N THR B 786 -0.08 -24.08 7.42
CA THR B 786 -0.17 -22.62 7.13
C THR B 786 0.17 -22.34 5.65
N VAL B 787 0.92 -23.24 5.01
CA VAL B 787 1.40 -23.12 3.60
C VAL B 787 1.40 -24.52 2.99
N TRP B 788 0.61 -24.74 1.93
CA TRP B 788 0.45 -26.06 1.27
C TRP B 788 1.66 -26.36 0.36
N MET B 789 2.31 -25.33 -0.16
CA MET B 789 3.55 -25.45 -0.99
C MET B 789 4.67 -26.09 -0.15
N ALA B 790 4.47 -26.22 1.17
CA ALA B 790 5.45 -26.73 2.15
C ALA B 790 5.13 -28.17 2.55
N TYR B 791 3.87 -28.62 2.45
CA TYR B 791 3.43 -29.98 2.82
C TYR B 791 3.86 -30.98 1.73
N ASP B 792 3.75 -32.28 2.00
CA ASP B 792 4.35 -33.36 1.17
C ASP B 792 3.43 -33.73 0.00
N THR B 793 3.94 -34.53 -0.94
CA THR B 793 3.39 -34.80 -2.30
C THR B 793 2.21 -35.78 -2.25
N GLY B 794 2.43 -37.00 -1.75
CA GLY B 794 1.41 -38.05 -1.62
C GLY B 794 0.06 -37.48 -1.24
N TYR B 795 0.01 -36.75 -0.12
CA TYR B 795 -1.21 -36.08 0.42
C TYR B 795 -1.64 -34.93 -0.52
N THR B 796 -0.84 -33.87 -0.61
CA THR B 796 -1.23 -32.56 -1.21
C THR B 796 -1.62 -32.72 -2.68
N GLU B 797 -0.80 -33.39 -3.49
CA GLU B 797 -1.05 -33.55 -4.95
C GLU B 797 -2.40 -34.24 -5.15
N ARG B 798 -2.65 -35.31 -4.40
CA ARG B 798 -3.90 -36.11 -4.45
C ARG B 798 -5.13 -35.20 -4.41
N TYR B 799 -5.13 -34.14 -3.59
CA TYR B 799 -6.34 -33.32 -3.29
C TYR B 799 -6.29 -31.92 -3.91
N MET B 800 -5.11 -31.44 -4.27
CA MET B 800 -4.90 -30.02 -4.68
C MET B 800 -4.05 -29.93 -5.96
N ASP B 801 -3.89 -31.03 -6.69
CA ASP B 801 -3.06 -31.05 -7.92
C ASP B 801 -1.64 -30.60 -7.54
N VAL B 802 -0.89 -30.05 -8.48
CA VAL B 802 0.53 -29.60 -8.31
C VAL B 802 0.53 -28.08 -8.41
N PRO B 803 1.43 -27.35 -7.68
CA PRO B 803 1.31 -25.89 -7.59
C PRO B 803 1.23 -25.18 -8.95
N GLU B 804 1.86 -25.75 -9.98
CA GLU B 804 1.87 -25.23 -11.37
C GLU B 804 0.45 -25.21 -11.95
N ASN B 805 -0.35 -26.23 -11.65
CA ASN B 805 -1.71 -26.45 -12.24
C ASN B 805 -2.80 -25.84 -11.36
N ASN B 806 -2.54 -25.60 -10.07
CA ASN B 806 -3.54 -25.10 -9.10
C ASN B 806 -3.01 -23.88 -8.35
N GLN B 807 -2.35 -22.97 -9.07
CA GLN B 807 -1.79 -21.71 -8.49
C GLN B 807 -2.84 -21.08 -7.57
N HIS B 808 -3.97 -20.66 -8.13
CA HIS B 808 -5.06 -19.91 -7.44
C HIS B 808 -5.58 -20.68 -6.22
N GLY B 809 -5.54 -22.01 -6.25
CA GLY B 809 -6.06 -22.88 -5.18
C GLY B 809 -5.11 -22.98 -4.00
N TYR B 810 -3.82 -23.15 -4.26
CA TYR B 810 -2.74 -23.26 -3.24
C TYR B 810 -2.68 -21.99 -2.40
N GLU B 811 -2.77 -20.83 -3.06
CA GLU B 811 -2.57 -19.49 -2.43
C GLU B 811 -3.80 -19.14 -1.59
N ALA B 812 -5.01 -19.33 -2.14
CA ALA B 812 -6.30 -19.04 -1.47
C ALA B 812 -6.46 -19.90 -0.20
N GLY B 813 -5.91 -21.12 -0.21
CA GLY B 813 -6.06 -22.10 0.89
C GLY B 813 -4.85 -22.14 1.82
N SER B 814 -3.86 -21.26 1.59
CA SER B 814 -2.66 -21.09 2.47
C SER B 814 -2.89 -19.89 3.40
N VAL B 815 -3.02 -20.13 4.71
CA VAL B 815 -3.51 -19.12 5.69
C VAL B 815 -2.41 -18.12 6.01
N ALA B 816 -1.14 -18.50 5.82
CA ALA B 816 0.03 -17.61 6.03
C ALA B 816 0.04 -16.50 4.97
N LEU B 817 -0.49 -16.78 3.78
CA LEU B 817 -0.57 -15.82 2.65
C LEU B 817 -1.75 -14.85 2.85
N HIS B 818 -2.68 -15.17 3.75
CA HIS B 818 -3.91 -14.38 4.01
C HIS B 818 -3.91 -13.85 5.45
N VAL B 819 -2.72 -13.60 6.01
CA VAL B 819 -2.51 -13.23 7.44
C VAL B 819 -3.11 -11.84 7.69
N GLU B 820 -3.19 -10.96 6.68
CA GLU B 820 -3.69 -9.57 6.83
C GLU B 820 -5.17 -9.58 7.23
N LYS B 821 -5.89 -10.68 6.96
CA LYS B 821 -7.34 -10.84 7.26
C LYS B 821 -7.52 -11.56 8.61
N LEU B 822 -6.48 -11.60 9.45
CA LEU B 822 -6.56 -12.08 10.85
C LEU B 822 -6.85 -10.88 11.75
N PRO B 823 -7.28 -11.09 13.01
CA PRO B 823 -7.77 -9.99 13.85
C PRO B 823 -6.70 -8.96 14.23
N ASN B 824 -7.08 -7.68 14.18
CA ASN B 824 -6.32 -6.52 14.72
C ASN B 824 -6.35 -6.57 16.25
N GLU B 825 -7.23 -7.37 16.83
CA GLU B 825 -7.48 -7.47 18.30
C GLU B 825 -6.64 -8.61 18.89
N PRO B 826 -5.92 -8.38 20.02
CA PRO B 826 -5.32 -9.49 20.78
C PRO B 826 -6.32 -10.45 21.42
N ASN B 827 -5.85 -11.67 21.74
CA ASN B 827 -6.53 -12.71 22.57
C ASN B 827 -7.64 -13.39 21.76
N ARG B 828 -7.50 -13.39 20.43
CA ARG B 828 -8.43 -14.02 19.46
C ARG B 828 -7.73 -15.18 18.73
N LEU B 829 -6.46 -15.46 19.06
CA LEU B 829 -5.65 -16.48 18.33
C LEU B 829 -4.58 -17.07 19.25
N LEU B 830 -4.71 -18.35 19.59
CA LEU B 830 -3.71 -19.17 20.32
C LEU B 830 -3.18 -20.28 19.40
N ILE B 831 -1.88 -20.30 19.12
CA ILE B 831 -1.20 -21.34 18.29
C ILE B 831 -0.48 -22.33 19.22
N LEU B 832 -0.83 -23.62 19.11
CA LEU B 832 -0.13 -24.74 19.80
C LEU B 832 0.62 -25.55 18.74
N HIS B 833 1.86 -25.96 19.02
CA HIS B 833 2.65 -26.78 18.05
C HIS B 833 3.71 -27.62 18.77
N GLY B 834 3.88 -28.87 18.32
CA GLY B 834 4.97 -29.76 18.74
C GLY B 834 6.22 -29.52 17.90
N PHE B 835 7.21 -28.85 18.47
CA PHE B 835 8.56 -28.63 17.89
C PHE B 835 9.00 -29.82 17.03
N LEU B 836 8.84 -31.05 17.53
CA LEU B 836 9.40 -32.29 16.92
C LEU B 836 8.46 -32.88 15.86
N ASP B 837 7.37 -32.19 15.51
CA ASP B 837 6.35 -32.67 14.54
C ASP B 837 7.00 -32.89 13.16
N GLU B 838 6.94 -34.13 12.66
CA GLU B 838 7.61 -34.58 11.40
C GLU B 838 6.58 -34.67 10.27
N ASN B 839 5.29 -34.73 10.59
CA ASN B 839 4.20 -34.60 9.58
C ASN B 839 4.06 -33.14 9.17
N VAL B 840 3.51 -32.31 10.05
CA VAL B 840 3.41 -30.83 9.89
C VAL B 840 4.62 -30.19 10.60
N HIS B 841 5.66 -29.85 9.84
CA HIS B 841 6.92 -29.24 10.35
C HIS B 841 6.59 -27.94 11.07
N PHE B 842 7.27 -27.69 12.20
CA PHE B 842 7.10 -26.49 13.06
C PHE B 842 7.22 -25.23 12.17
N PHE B 843 8.00 -25.32 11.10
CA PHE B 843 8.17 -24.26 10.07
C PHE B 843 6.84 -23.53 9.79
N HIS B 844 5.72 -24.26 9.69
CA HIS B 844 4.37 -23.71 9.40
C HIS B 844 3.99 -22.65 10.45
N THR B 845 4.03 -23.02 11.73
CA THR B 845 3.85 -22.11 12.90
C THR B 845 4.82 -20.94 12.76
N ASN B 846 6.10 -21.28 12.60
CA ASN B 846 7.25 -20.34 12.45
C ASN B 846 6.96 -19.35 11.32
N PHE B 847 6.57 -19.84 10.14
CA PHE B 847 6.31 -19.03 8.92
C PHE B 847 5.08 -18.14 9.12
N LEU B 848 4.02 -18.68 9.73
CA LEU B 848 2.81 -17.90 10.09
C LEU B 848 3.19 -16.78 11.07
N VAL B 849 3.99 -17.09 12.09
CA VAL B 849 4.42 -16.12 13.15
C VAL B 849 5.23 -15.01 12.47
N SER B 850 6.10 -15.38 11.53
CA SER B 850 6.90 -14.46 10.69
C SER B 850 5.96 -13.52 9.91
N GLN B 851 4.86 -14.06 9.37
CA GLN B 851 3.88 -13.33 8.53
C GLN B 851 3.01 -12.42 9.41
N LEU B 852 2.64 -12.87 10.62
CA LEU B 852 1.85 -12.08 11.60
C LEU B 852 2.64 -10.83 11.99
N ILE B 853 3.96 -10.94 12.12
CA ILE B 853 4.88 -9.84 12.55
C ILE B 853 4.94 -8.78 11.44
N ARG B 854 4.95 -9.21 10.18
CA ARG B 854 5.03 -8.32 8.99
C ARG B 854 3.72 -7.56 8.81
N ALA B 855 2.57 -8.18 9.14
CA ALA B 855 1.22 -7.60 8.98
C ALA B 855 0.77 -6.91 10.28
N GLY B 856 1.59 -6.98 11.33
CA GLY B 856 1.43 -6.23 12.60
C GLY B 856 0.35 -6.81 13.49
N LYS B 857 -0.01 -8.09 13.28
CA LYS B 857 -1.10 -8.79 14.03
C LYS B 857 -0.57 -9.35 15.34
N PRO B 858 -1.40 -9.41 16.40
CA PRO B 858 -1.00 -10.04 17.67
C PRO B 858 -1.27 -11.54 17.71
N TYR B 859 -0.64 -12.28 18.62
CA TYR B 859 -0.82 -13.75 18.77
C TYR B 859 -0.27 -14.24 20.11
N GLN B 860 -0.94 -15.22 20.71
CA GLN B 860 -0.32 -16.06 21.78
C GLN B 860 0.18 -17.35 21.12
N LEU B 861 1.27 -17.91 21.65
CA LEU B 861 1.92 -19.13 21.12
C LEU B 861 2.28 -20.06 22.29
N GLN B 862 2.10 -21.37 22.09
CA GLN B 862 2.50 -22.41 23.06
C GLN B 862 3.32 -23.45 22.30
N ILE B 863 4.33 -24.02 22.94
CA ILE B 863 5.30 -24.95 22.30
C ILE B 863 5.38 -26.23 23.14
N TYR B 864 5.39 -27.37 22.45
CA TYR B 864 5.58 -28.71 23.05
C TYR B 864 6.94 -29.21 22.55
N PRO B 865 8.02 -28.98 23.33
CA PRO B 865 9.39 -29.23 22.87
C PRO B 865 9.72 -30.71 22.64
N ASN B 866 9.04 -31.63 23.33
CA ASN B 866 9.35 -33.09 23.30
C ASN B 866 8.28 -33.85 22.53
N GLU B 867 7.08 -33.29 22.38
CA GLU B 867 5.95 -33.88 21.60
C GLU B 867 6.14 -33.59 20.11
N ARG B 868 5.52 -34.43 19.27
CA ARG B 868 5.52 -34.31 17.79
C ARG B 868 4.11 -33.86 17.34
N HIS B 869 3.47 -34.59 16.42
CA HIS B 869 2.07 -34.38 15.97
C HIS B 869 1.11 -34.67 17.14
N SER B 870 1.10 -35.89 17.66
CA SER B 870 0.27 -36.34 18.80
C SER B 870 1.00 -36.07 20.12
N ILE B 871 0.34 -35.40 21.07
CA ILE B 871 0.87 -35.14 22.45
C ILE B 871 0.73 -36.43 23.27
N ARG B 872 1.87 -37.09 23.55
CA ARG B 872 1.99 -38.47 24.10
C ARG B 872 2.16 -38.43 25.62
N CYS B 873 3.22 -37.78 26.12
CA CYS B 873 3.57 -37.70 27.57
C CYS B 873 2.43 -37.01 28.34
N PRO B 874 1.95 -37.60 29.46
CA PRO B 874 0.79 -37.09 30.17
C PRO B 874 0.90 -35.61 30.56
N GLU B 875 2.04 -35.23 31.13
CA GLU B 875 2.32 -33.85 31.67
C GLU B 875 2.00 -32.82 30.60
N SER B 876 2.50 -33.03 29.38
CA SER B 876 2.30 -32.18 28.18
C SER B 876 0.80 -32.04 27.90
N GLY B 877 0.09 -33.17 27.88
CA GLY B 877 -1.36 -33.23 27.68
C GLY B 877 -2.12 -32.44 28.73
N GLU B 878 -1.75 -32.59 30.00
CA GLU B 878 -2.44 -31.88 31.12
C GLU B 878 -2.28 -30.38 30.88
N HIS B 879 -1.03 -29.96 30.64
CA HIS B 879 -0.67 -28.55 30.38
C HIS B 879 -1.50 -28.02 29.20
N TYR B 880 -1.62 -28.80 28.13
CA TYR B 880 -2.43 -28.47 26.93
C TYR B 880 -3.87 -28.16 27.37
N GLU B 881 -4.51 -29.11 28.04
CA GLU B 881 -5.94 -29.01 28.43
C GLU B 881 -6.13 -27.80 29.36
N VAL B 882 -5.18 -27.53 30.25
CA VAL B 882 -5.26 -26.43 31.26
C VAL B 882 -5.20 -25.09 30.53
N THR B 883 -4.26 -24.93 29.59
CA THR B 883 -4.09 -23.72 28.74
C THR B 883 -5.40 -23.44 27.99
N LEU B 884 -5.99 -24.47 27.37
CA LEU B 884 -7.29 -24.41 26.67
C LEU B 884 -8.35 -23.83 27.64
N LEU B 885 -8.58 -24.50 28.76
CA LEU B 885 -9.57 -24.07 29.80
C LEU B 885 -9.32 -22.60 30.14
N HIS B 886 -8.08 -22.27 30.53
CA HIS B 886 -7.69 -20.92 31.02
C HIS B 886 -7.93 -19.89 29.92
N PHE B 887 -7.48 -20.15 28.69
CA PHE B 887 -7.56 -19.20 27.55
C PHE B 887 -9.03 -18.86 27.32
N LEU B 888 -9.90 -19.87 27.24
CA LEU B 888 -11.36 -19.74 27.03
C LEU B 888 -12.00 -19.04 28.23
N GLN B 889 -11.49 -19.30 29.44
CA GLN B 889 -12.03 -18.78 30.72
C GLN B 889 -11.87 -17.25 30.77
N GLU B 890 -10.74 -16.73 30.30
CA GLU B 890 -10.40 -15.29 30.33
C GLU B 890 -10.99 -14.57 29.12
N TYR B 891 -10.96 -15.21 27.94
CA TYR B 891 -11.02 -14.53 26.64
C TYR B 891 -12.32 -14.80 25.87
N LEU B 892 -12.90 -16.00 25.98
CA LEU B 892 -14.17 -16.30 25.26
C LEU B 892 -15.31 -15.52 25.91
N HIS B 893 -15.42 -14.23 25.58
CA HIS B 893 -16.52 -13.30 25.99
C HIS B 893 -16.74 -12.22 24.90
N HIS B 894 -17.70 -11.32 25.13
CA HIS B 894 -18.13 -10.21 24.25
C HIS B 894 -19.10 -10.75 23.19
N THR C 46 32.11 18.45 -32.34
CA THR C 46 30.94 19.36 -32.59
C THR C 46 29.88 18.65 -33.44
N ASP C 47 30.26 18.18 -34.63
CA ASP C 47 29.39 17.47 -35.62
C ASP C 47 28.63 16.32 -34.93
N ASP C 48 27.37 16.12 -35.33
CA ASP C 48 26.31 15.39 -34.58
C ASP C 48 26.85 14.16 -33.86
N PRO C 49 27.36 13.12 -34.58
CA PRO C 49 27.72 11.86 -33.91
C PRO C 49 28.79 12.07 -32.84
N ALA C 50 28.66 11.40 -31.69
CA ALA C 50 29.65 11.31 -30.58
C ALA C 50 29.82 12.66 -29.86
N ALA C 51 29.62 13.79 -30.55
CA ALA C 51 29.74 15.15 -29.97
C ALA C 51 28.48 15.43 -29.14
N ARG C 52 27.36 15.71 -29.81
CA ARG C 52 26.03 15.87 -29.17
C ARG C 52 25.87 14.79 -28.10
N PHE C 53 25.63 15.19 -26.85
CA PHE C 53 25.33 14.28 -25.72
C PHE C 53 23.88 13.79 -25.84
N GLN C 54 23.65 12.53 -25.48
CA GLN C 54 22.33 11.84 -25.57
C GLN C 54 21.87 11.43 -24.17
N VAL C 55 20.84 12.12 -23.64
CA VAL C 55 20.23 11.83 -22.31
C VAL C 55 19.78 10.36 -22.29
N GLN C 56 20.05 9.68 -21.17
CA GLN C 56 19.56 8.29 -20.91
C GLN C 56 18.03 8.31 -20.98
N LYS C 57 17.44 7.75 -22.03
CA LYS C 57 15.96 7.65 -22.18
C LYS C 57 15.45 6.61 -21.18
N HIS C 58 14.51 7.02 -20.32
CA HIS C 58 13.96 6.18 -19.21
C HIS C 58 12.47 5.92 -19.43
N SER C 59 11.96 4.82 -18.87
CA SER C 59 10.52 4.49 -18.76
C SER C 59 9.85 5.52 -17.85
N TRP C 60 8.52 5.53 -17.81
CA TRP C 60 7.73 6.44 -16.94
C TRP C 60 8.02 6.12 -15.47
N ASP C 61 7.81 4.87 -15.07
CA ASP C 61 8.04 4.36 -13.69
C ASP C 61 9.53 4.53 -13.35
N GLY C 62 10.39 4.47 -14.37
CA GLY C 62 11.81 4.90 -14.30
C GLY C 62 11.92 6.34 -13.83
N LEU C 63 11.44 7.30 -14.64
CA LEU C 63 11.50 8.77 -14.37
C LEU C 63 10.83 9.08 -13.02
N ARG C 64 9.74 8.40 -12.70
CA ARG C 64 8.99 8.59 -11.42
C ARG C 64 9.90 8.28 -10.23
N SER C 65 10.57 7.12 -10.23
CA SER C 65 11.46 6.68 -9.13
C SER C 65 12.64 7.64 -8.99
N ILE C 66 13.10 8.23 -10.10
CA ILE C 66 14.20 9.23 -10.10
C ILE C 66 13.71 10.53 -9.46
N ILE C 67 12.53 11.02 -9.87
CA ILE C 67 11.93 12.27 -9.31
C ILE C 67 11.60 12.03 -7.83
N HIS C 68 11.17 10.82 -7.48
CA HIS C 68 10.82 10.43 -6.07
C HIS C 68 12.10 10.42 -5.23
N GLY C 69 13.17 9.80 -5.74
CA GLY C 69 14.50 9.75 -5.08
C GLY C 69 14.95 11.13 -4.61
N SER C 70 14.64 12.18 -5.39
CA SER C 70 15.07 13.59 -5.19
C SER C 70 14.52 14.18 -3.88
N ARG C 71 13.20 14.12 -3.70
CA ARG C 71 12.49 14.66 -2.49
C ARG C 71 13.01 13.94 -1.24
N LYS C 72 13.47 14.71 -0.25
CA LYS C 72 14.09 14.20 1.01
C LYS C 72 13.97 15.26 2.12
N ALA C 81 13.12 25.72 7.94
CA ALA C 81 13.83 26.85 8.59
C ALA C 81 12.82 27.77 9.27
N PRO C 82 13.11 28.26 10.51
CA PRO C 82 12.13 29.04 11.28
C PRO C 82 11.97 30.46 10.73
N HIS C 83 10.96 31.20 11.24
CA HIS C 83 10.72 32.62 10.91
C HIS C 83 9.84 33.29 11.98
N ASP C 84 9.66 34.61 11.86
CA ASP C 84 8.79 35.44 12.73
C ASP C 84 9.38 35.41 14.16
N PHE C 85 10.52 36.10 14.35
CA PHE C 85 11.35 36.08 15.59
C PHE C 85 10.89 37.18 16.56
N GLN C 86 11.15 36.97 17.85
CA GLN C 86 10.69 37.86 18.96
C GLN C 86 11.65 37.74 20.16
N PHE C 87 12.52 38.75 20.35
CA PHE C 87 13.44 38.85 21.51
C PHE C 87 12.67 39.41 22.72
N VAL C 88 12.96 38.88 23.91
CA VAL C 88 12.43 39.36 25.22
C VAL C 88 13.55 39.31 26.24
N GLN C 89 13.66 40.31 27.12
CA GLN C 89 14.70 40.38 28.19
C GLN C 89 14.16 39.69 29.46
N LYS C 90 15.08 39.23 30.32
CA LYS C 90 14.80 38.45 31.55
C LYS C 90 14.86 39.36 32.79
N THR C 91 15.65 40.45 32.72
CA THR C 91 15.89 41.44 33.80
C THR C 91 15.89 40.75 35.18
N ASP C 92 16.56 39.61 35.27
CA ASP C 92 16.70 38.78 36.50
C ASP C 92 18.17 38.34 36.62
N GLU C 93 19.04 39.26 37.03
CA GLU C 93 20.52 39.09 37.07
C GLU C 93 20.89 37.72 37.67
N SER C 94 20.19 37.29 38.72
CA SER C 94 20.48 36.05 39.51
C SER C 94 20.39 34.80 38.64
N GLY C 95 19.61 34.82 37.54
CA GLY C 95 19.34 33.66 36.66
C GLY C 95 20.48 33.38 35.67
N PRO C 96 20.42 32.24 34.94
CA PRO C 96 21.50 31.81 34.05
C PRO C 96 21.31 32.13 32.55
N HIS C 97 20.24 32.87 32.18
CA HIS C 97 19.92 33.25 30.78
C HIS C 97 19.68 34.77 30.69
N SER C 98 20.05 35.37 29.55
CA SER C 98 20.05 36.84 29.30
C SER C 98 18.73 37.28 28.67
N HIS C 99 18.27 36.56 27.65
CA HIS C 99 17.01 36.80 26.90
C HIS C 99 16.20 35.51 26.83
N ARG C 100 15.12 35.52 26.04
CA ARG C 100 14.47 34.31 25.48
C ARG C 100 13.87 34.69 24.12
N LEU C 101 14.15 33.86 23.11
CA LEU C 101 13.81 34.10 21.68
C LEU C 101 12.59 33.27 21.31
N TYR C 102 11.46 33.90 21.02
CA TYR C 102 10.20 33.27 20.55
C TYR C 102 10.14 33.35 19.02
N TYR C 103 9.64 32.30 18.37
CA TYR C 103 9.69 32.13 16.89
C TYR C 103 8.83 30.93 16.46
N LEU C 104 8.52 30.86 15.17
CA LEU C 104 7.77 29.74 14.52
C LEU C 104 8.77 28.82 13.84
N GLY C 105 8.39 27.55 13.61
CA GLY C 105 9.23 26.54 12.93
C GLY C 105 8.69 25.11 13.10
N MET C 106 9.08 24.21 12.20
CA MET C 106 8.67 22.78 12.16
C MET C 106 9.81 21.93 12.73
N PRO C 107 9.59 21.14 13.82
CA PRO C 107 10.65 20.30 14.38
C PRO C 107 11.27 19.31 13.38
N ASN C 113 3.88 23.53 12.27
CA ASN C 113 4.54 24.86 12.22
C ASN C 113 3.97 25.74 13.34
N SER C 114 4.38 25.50 14.60
CA SER C 114 3.78 26.10 15.82
C SER C 114 4.83 26.90 16.62
N LEU C 115 4.42 27.49 17.75
CA LEU C 115 5.23 28.45 18.55
C LEU C 115 6.24 27.70 19.44
N LEU C 116 7.51 28.09 19.33
CA LEU C 116 8.67 27.49 20.06
C LEU C 116 9.46 28.63 20.73
N TYR C 117 10.21 28.32 21.78
CA TYR C 117 11.12 29.27 22.48
C TYR C 117 12.51 28.65 22.62
N SER C 118 13.57 29.47 22.57
CA SER C 118 14.99 29.08 22.80
C SER C 118 15.60 29.96 23.89
N GLU C 119 16.07 29.35 24.98
CA GLU C 119 16.76 30.04 26.10
C GLU C 119 18.14 30.51 25.63
N ILE C 120 18.30 31.81 25.38
CA ILE C 120 19.62 32.43 25.03
C ILE C 120 20.40 32.61 26.33
N PRO C 121 21.56 31.92 26.48
CA PRO C 121 22.31 31.95 27.73
C PRO C 121 23.10 33.25 27.95
N LYS C 122 23.75 33.39 29.10
CA LYS C 122 24.61 34.54 29.47
C LYS C 122 26.08 34.25 29.10
N LYS C 123 26.42 32.98 28.82
CA LYS C 123 27.78 32.52 28.42
C LYS C 123 27.65 31.42 27.34
N LEU C 130 28.35 25.68 20.12
CA LEU C 130 27.27 24.75 20.50
C LEU C 130 25.89 25.35 20.14
N LEU C 131 24.86 24.49 20.07
CA LEU C 131 23.58 24.73 19.34
C LEU C 131 22.39 24.71 20.30
N LEU C 132 21.48 25.68 20.16
CA LEU C 132 20.37 25.96 21.12
C LEU C 132 19.25 24.90 21.03
N SER C 133 18.57 24.65 22.15
CA SER C 133 17.39 23.75 22.28
C SER C 133 16.16 24.45 21.70
N TRP C 134 15.32 23.69 20.99
CA TRP C 134 13.99 24.13 20.48
C TRP C 134 12.89 23.65 21.44
N LYS C 135 12.64 24.41 22.50
CA LYS C 135 11.60 24.14 23.54
C LYS C 135 10.22 24.44 22.93
N GLN C 136 9.15 23.99 23.57
CA GLN C 136 7.76 24.19 23.10
C GLN C 136 6.97 25.00 24.12
N MET C 137 6.09 25.88 23.65
CA MET C 137 5.10 26.63 24.47
C MET C 137 3.75 25.89 24.45
N LEU C 138 3.43 25.21 23.33
CA LEU C 138 2.11 24.58 23.07
C LEU C 138 2.14 23.10 23.47
N ASP C 139 1.04 22.61 24.04
CA ASP C 139 0.91 21.30 24.70
C ASP C 139 1.08 20.18 23.66
N ILE C 168 -0.39 27.19 12.48
CA ILE C 168 -0.19 28.62 12.86
C ILE C 168 0.67 29.31 11.78
N THR C 169 0.08 30.19 10.97
CA THR C 169 0.81 31.02 9.97
C THR C 169 1.52 32.16 10.71
N SER C 170 0.74 33.03 11.36
CA SER C 170 1.23 34.24 12.09
C SER C 170 0.80 34.17 13.56
N TYR C 171 1.43 35.00 14.40
CA TYR C 171 1.06 35.25 15.82
C TYR C 171 1.35 36.72 16.14
N ASP C 172 0.51 37.33 16.99
CA ASP C 172 0.70 38.71 17.50
C ASP C 172 1.16 38.65 18.96
N PHE C 173 1.99 39.61 19.36
CA PHE C 173 2.65 39.68 20.69
C PHE C 173 2.46 41.08 21.29
N HIS C 174 2.42 41.14 22.62
CA HIS C 174 2.34 42.39 23.44
C HIS C 174 3.25 42.20 24.66
N SER C 175 4.49 42.72 24.58
CA SER C 175 5.62 42.39 25.47
C SER C 175 5.31 42.75 26.94
N GLU C 176 4.76 43.95 27.19
CA GLU C 176 4.40 44.43 28.56
C GLU C 176 3.74 43.30 29.36
N SER C 177 2.62 42.77 28.84
CA SER C 177 1.76 41.75 29.50
C SER C 177 2.28 40.34 29.24
N GLY C 178 3.06 40.17 28.16
CA GLY C 178 3.55 38.85 27.69
C GLY C 178 2.45 38.03 27.03
N LEU C 179 1.43 38.70 26.48
CA LEU C 179 0.25 38.07 25.83
C LEU C 179 0.62 37.62 24.42
N PHE C 180 0.27 36.39 24.04
CA PHE C 180 0.39 35.81 22.68
C PHE C 180 -1.02 35.55 22.14
N LEU C 181 -1.34 36.09 20.97
CA LEU C 181 -2.64 35.89 20.28
C LEU C 181 -2.35 35.28 18.91
N PHE C 182 -3.05 34.21 18.52
CA PHE C 182 -2.84 33.54 17.20
C PHE C 182 -4.12 32.85 16.71
N GLN C 183 -4.12 32.60 15.40
CA GLN C 183 -5.23 32.03 14.58
C GLN C 183 -4.86 30.61 14.17
N ALA C 184 -5.18 29.64 15.02
CA ALA C 184 -4.95 28.18 14.82
C ALA C 184 -6.30 27.47 14.66
N SER C 185 -6.35 26.46 13.77
CA SER C 185 -7.58 25.69 13.44
C SER C 185 -8.65 26.65 12.89
N ASN C 186 -9.89 26.55 13.35
CA ASN C 186 -11.01 27.41 12.92
C ASN C 186 -11.25 28.54 13.93
N SER C 187 -10.57 28.51 15.09
CA SER C 187 -10.76 29.45 16.22
C SER C 187 -9.48 30.27 16.47
N LEU C 188 -9.49 31.08 17.53
CA LEU C 188 -8.33 31.88 18.04
C LEU C 188 -7.88 31.27 19.37
N PHE C 189 -6.60 31.41 19.72
CA PHE C 189 -6.02 30.95 21.01
C PHE C 189 -5.11 32.03 21.58
N HIS C 190 -4.72 31.85 22.84
CA HIS C 190 -3.76 32.76 23.55
C HIS C 190 -3.03 32.00 24.66
N CYS C 191 -2.00 32.63 25.23
CA CYS C 191 -1.18 32.12 26.37
C CYS C 191 -0.22 33.25 26.81
N ARG C 192 0.26 33.20 28.05
CA ARG C 192 1.04 34.31 28.68
C ARG C 192 2.49 33.88 28.93
N ASP C 193 3.44 34.74 28.56
CA ASP C 193 4.90 34.62 28.86
C ASP C 193 5.61 35.90 28.39
N GLY C 198 5.57 36.18 34.97
CA GLY C 198 6.99 35.79 34.82
C GLY C 198 7.22 34.87 33.63
N PHE C 199 8.00 33.80 33.84
CA PHE C 199 8.45 32.84 32.79
C PHE C 199 8.09 31.40 33.20
N MET C 200 8.09 30.47 32.23
CA MET C 200 7.70 29.04 32.40
C MET C 200 8.86 28.13 31.98
N VAL C 201 8.69 26.81 32.14
CA VAL C 201 9.65 25.76 31.67
C VAL C 201 8.87 24.74 30.82
N SER C 202 7.96 23.98 31.44
CA SER C 202 7.12 22.94 30.76
C SER C 202 6.09 23.64 29.88
N PRO C 203 5.49 22.94 28.89
CA PRO C 203 4.59 23.58 27.92
C PRO C 203 3.15 23.73 28.44
N MET C 204 2.61 24.96 28.44
CA MET C 204 1.24 25.30 28.89
C MET C 204 0.24 25.04 27.75
N LYS C 205 -1.06 25.16 28.04
CA LYS C 205 -2.17 24.85 27.09
C LYS C 205 -2.54 26.09 26.28
N PRO C 206 -2.87 25.94 24.97
CA PRO C 206 -3.40 27.05 24.18
C PRO C 206 -4.86 27.32 24.57
N LEU C 207 -5.09 28.35 25.40
CA LEU C 207 -6.42 28.73 25.92
C LEU C 207 -7.27 29.26 24.75
N GLU C 208 -8.41 28.62 24.49
CA GLU C 208 -9.30 28.89 23.33
C GLU C 208 -10.30 30.00 23.69
N ILE C 209 -10.43 31.02 22.83
CA ILE C 209 -11.35 32.19 23.02
C ILE C 209 -12.71 31.84 22.40
N LYS C 210 -13.77 31.83 23.22
CA LYS C 210 -15.16 31.52 22.81
C LYS C 210 -15.70 32.68 21.97
N THR C 211 -16.79 32.44 21.22
CA THR C 211 -17.38 33.43 20.29
C THR C 211 -18.83 33.10 19.95
N GLN C 212 -19.68 34.13 19.89
CA GLN C 212 -21.07 34.09 19.34
C GLN C 212 -21.02 34.12 17.81
N CYS C 213 -19.92 34.65 17.25
CA CYS C 213 -19.71 34.80 15.77
C CYS C 213 -19.75 33.42 15.11
N SER C 214 -20.27 33.36 13.88
CA SER C 214 -20.49 32.11 13.12
C SER C 214 -19.19 31.69 12.42
N GLY C 215 -18.84 32.38 11.33
CA GLY C 215 -17.72 32.00 10.44
C GLY C 215 -16.35 32.20 11.09
N PRO C 216 -15.26 32.17 10.30
CA PRO C 216 -13.92 32.47 10.83
C PRO C 216 -13.76 33.89 11.38
N ARG C 217 -12.82 34.07 12.31
CA ARG C 217 -12.36 35.38 12.83
C ARG C 217 -11.00 35.69 12.20
N MET C 218 -11.03 36.37 11.05
CA MET C 218 -9.83 36.71 10.23
C MET C 218 -9.04 37.81 10.95
N ASP C 219 -7.71 37.76 10.87
CA ASP C 219 -6.80 38.92 11.05
C ASP C 219 -6.84 39.42 12.49
N PRO C 220 -6.58 38.57 13.51
CA PRO C 220 -6.56 39.01 14.90
C PRO C 220 -5.36 39.91 15.23
N LYS C 221 -5.57 40.90 16.10
CA LYS C 221 -4.50 41.81 16.63
C LYS C 221 -4.86 42.23 18.06
N ILE C 222 -3.86 42.28 18.94
CA ILE C 222 -3.99 42.82 20.31
C ILE C 222 -4.12 44.34 20.20
N CYS C 223 -4.94 44.95 21.04
CA CYS C 223 -4.97 46.42 21.29
C CYS C 223 -3.65 46.80 21.95
N PRO C 224 -2.79 47.62 21.28
CA PRO C 224 -1.50 48.01 21.84
C PRO C 224 -1.65 48.65 23.23
N ALA C 225 -2.63 49.56 23.37
CA ALA C 225 -2.88 50.40 24.57
C ALA C 225 -3.36 49.55 25.76
N ASP C 226 -4.15 48.50 25.52
CA ASP C 226 -4.74 47.63 26.58
C ASP C 226 -4.71 46.17 26.12
N PRO C 227 -3.90 45.30 26.77
CA PRO C 227 -3.80 43.89 26.39
C PRO C 227 -4.96 43.01 26.85
N ALA C 228 -5.86 43.56 27.68
CA ALA C 228 -7.18 42.97 28.00
C ALA C 228 -8.00 42.79 26.72
N PHE C 229 -7.81 43.69 25.74
CA PHE C 229 -8.60 43.75 24.48
C PHE C 229 -7.82 43.17 23.30
N PHE C 230 -8.56 42.94 22.21
CA PHE C 230 -8.07 42.48 20.88
C PHE C 230 -9.23 42.62 19.88
N SER C 231 -8.91 42.56 18.59
CA SER C 231 -9.87 42.81 17.47
C SER C 231 -9.82 41.65 16.47
N PHE C 232 -10.82 41.53 15.59
CA PHE C 232 -10.84 40.54 14.48
C PHE C 232 -11.86 40.96 13.41
N ILE C 233 -11.64 40.51 12.17
CA ILE C 233 -12.63 40.61 11.05
C ILE C 233 -13.51 39.37 11.12
N ASN C 234 -14.82 39.53 10.93
CA ASN C 234 -15.81 38.42 10.90
C ASN C 234 -16.94 38.78 9.93
N ASN C 235 -17.11 37.99 8.87
CA ASN C 235 -18.00 38.30 7.72
C ASN C 235 -17.76 39.77 7.34
N SER C 236 -16.53 40.06 6.89
CA SER C 236 -16.00 41.38 6.49
C SER C 236 -16.69 42.52 7.27
N ASP C 237 -16.62 42.45 8.60
CA ASP C 237 -16.96 43.56 9.53
C ASP C 237 -15.99 43.54 10.72
N LEU C 238 -15.72 44.70 11.29
CA LEU C 238 -14.71 44.91 12.36
C LEU C 238 -15.35 44.59 13.72
N TRP C 239 -14.81 43.60 14.43
CA TRP C 239 -15.25 43.15 15.78
C TRP C 239 -14.16 43.46 16.80
N VAL C 240 -14.55 43.84 18.02
CA VAL C 240 -13.65 44.00 19.20
C VAL C 240 -14.13 43.05 20.31
N ALA C 241 -13.20 42.49 21.08
CA ALA C 241 -13.48 41.51 22.16
C ALA C 241 -12.52 41.70 23.34
N ASN C 242 -12.95 41.28 24.52
CA ASN C 242 -12.14 41.23 25.77
C ASN C 242 -11.78 39.77 26.02
N ILE C 243 -10.48 39.44 26.12
CA ILE C 243 -10.03 38.04 26.40
C ILE C 243 -10.43 37.65 27.81
N GLU C 244 -10.36 38.60 28.76
CA GLU C 244 -10.60 38.35 30.21
C GLU C 244 -12.09 38.12 30.45
N THR C 245 -12.96 38.96 29.88
CA THR C 245 -14.43 38.99 30.16
C THR C 245 -15.21 38.18 29.11
N GLY C 246 -14.55 37.72 28.04
CA GLY C 246 -15.17 36.94 26.95
C GLY C 246 -16.18 37.78 26.16
N GLU C 247 -16.32 39.06 26.48
CA GLU C 247 -17.30 40.00 25.88
C GLU C 247 -16.84 40.38 24.47
N GLU C 248 -17.75 40.35 23.50
CA GLU C 248 -17.54 40.78 22.09
C GLU C 248 -18.44 41.98 21.80
N ARG C 249 -18.16 42.71 20.72
CA ARG C 249 -18.98 43.85 20.19
C ARG C 249 -18.68 44.06 18.71
N ARG C 250 -19.69 44.03 17.85
CA ARG C 250 -19.57 44.43 16.43
C ARG C 250 -19.42 45.96 16.38
N LEU C 251 -18.39 46.47 15.70
CA LEU C 251 -18.04 47.91 15.63
C LEU C 251 -18.55 48.54 14.31
N THR C 252 -18.48 47.79 13.20
CA THR C 252 -18.87 48.26 11.84
C THR C 252 -19.99 47.37 11.30
N PHE C 253 -20.90 47.96 10.51
CA PHE C 253 -22.14 47.31 10.00
C PHE C 253 -22.26 47.52 8.49
N CYS C 254 -21.20 47.19 7.75
CA CYS C 254 -21.14 47.27 6.26
C CYS C 254 -21.89 46.08 5.63
N HIS C 255 -21.98 44.94 6.32
CA HIS C 255 -22.39 43.63 5.74
C HIS C 255 -23.73 43.15 6.32
N GLN C 256 -24.42 42.28 5.56
CA GLN C 256 -25.68 41.60 5.98
C GLN C 256 -25.39 40.10 6.17
N VAL C 261 -23.13 38.76 -1.64
CA VAL C 261 -23.44 37.89 -2.81
C VAL C 261 -23.90 38.80 -3.97
N LEU C 262 -23.04 39.73 -4.38
CA LEU C 262 -23.30 40.82 -5.37
C LEU C 262 -24.33 41.81 -4.82
N ASP C 263 -24.95 41.50 -3.67
CA ASP C 263 -25.89 42.41 -2.95
C ASP C 263 -25.23 42.92 -1.67
N ASP C 264 -23.98 42.50 -1.43
CA ASP C 264 -23.17 42.88 -0.24
C ASP C 264 -21.80 43.38 -0.69
N PRO C 265 -21.75 44.48 -1.48
CA PRO C 265 -20.48 45.00 -1.98
C PRO C 265 -19.61 45.65 -0.89
N LYS C 266 -20.24 46.31 0.09
CA LYS C 266 -19.55 47.02 1.19
C LYS C 266 -18.92 46.02 2.16
N SER C 267 -17.90 46.48 2.89
CA SER C 267 -17.01 45.69 3.79
C SER C 267 -15.98 46.63 4.42
N ALA C 268 -15.60 46.36 5.67
CA ALA C 268 -14.75 47.24 6.50
C ALA C 268 -13.65 46.43 7.20
N GLY C 269 -12.45 46.99 7.26
CA GLY C 269 -11.28 46.41 7.96
C GLY C 269 -10.61 45.30 7.16
N VAL C 270 -10.93 45.20 5.86
CA VAL C 270 -10.39 44.14 4.95
C VAL C 270 -9.72 44.83 3.76
N ALA C 271 -8.63 44.23 3.26
CA ALA C 271 -7.93 44.64 2.04
C ALA C 271 -8.46 43.80 0.89
N THR C 272 -9.02 44.44 -0.15
CA THR C 272 -9.59 43.77 -1.35
C THR C 272 -8.50 43.03 -2.11
N PHE C 273 -8.88 42.32 -3.19
CA PHE C 273 -8.04 41.32 -3.88
C PHE C 273 -6.75 41.96 -4.44
N VAL C 274 -6.87 43.06 -5.19
CA VAL C 274 -5.71 43.73 -5.86
C VAL C 274 -4.73 44.20 -4.78
N ILE C 275 -5.24 44.78 -3.68
CA ILE C 275 -4.41 45.31 -2.56
C ILE C 275 -3.57 44.16 -1.98
N GLN C 276 -4.15 42.96 -1.87
CA GLN C 276 -3.48 41.77 -1.26
C GLN C 276 -2.38 41.21 -2.18
N GLU C 277 -2.70 40.98 -3.46
CA GLU C 277 -1.89 40.13 -4.37
C GLU C 277 -0.88 40.96 -5.19
N GLU C 278 -1.10 42.27 -5.36
CA GLU C 278 -0.23 43.15 -6.19
C GLU C 278 0.31 44.37 -5.42
N PHE C 279 -0.19 44.65 -4.20
CA PHE C 279 0.33 45.74 -3.31
C PHE C 279 0.86 45.18 -1.99
N ASP C 280 0.68 43.90 -1.70
CA ASP C 280 1.17 43.21 -0.48
C ASP C 280 0.70 43.99 0.77
N ARG C 281 -0.63 44.06 0.96
CA ARG C 281 -1.26 44.49 2.23
C ARG C 281 -2.42 43.54 2.50
N PHE C 282 -2.45 42.95 3.71
CA PHE C 282 -3.31 41.80 4.06
C PHE C 282 -4.34 42.20 5.13
N THR C 283 -4.26 43.42 5.65
CA THR C 283 -5.25 43.99 6.61
C THR C 283 -5.71 45.37 6.12
N GLY C 284 -6.84 45.84 6.65
CA GLY C 284 -7.42 47.16 6.33
C GLY C 284 -7.93 47.87 7.57
N TYR C 285 -7.49 47.46 8.76
CA TYR C 285 -7.76 48.14 10.06
C TYR C 285 -6.44 48.31 10.83
N TRP C 286 -6.32 49.37 11.62
CA TRP C 286 -5.08 49.77 12.33
C TRP C 286 -5.42 50.31 13.73
N TRP C 287 -5.02 49.57 14.78
CA TRP C 287 -5.16 49.95 16.21
C TRP C 287 -4.42 51.28 16.47
N CYS C 288 -5.08 52.24 17.11
CA CYS C 288 -4.44 53.44 17.69
C CYS C 288 -3.57 52.98 18.86
N PRO C 289 -2.28 53.34 18.90
CA PRO C 289 -1.36 52.80 19.92
C PRO C 289 -1.65 53.33 21.34
N THR C 290 -2.36 54.45 21.44
CA THR C 290 -2.64 55.16 22.72
C THR C 290 -4.15 55.17 22.99
N ALA C 291 -4.51 55.17 24.27
CA ALA C 291 -5.86 55.44 24.80
C ALA C 291 -5.94 56.93 25.15
N SER C 292 -7.15 57.49 25.17
CA SER C 292 -7.44 58.88 25.61
C SER C 292 -8.63 58.85 26.56
N TRP C 293 -8.75 59.86 27.42
CA TRP C 293 -9.80 59.94 28.48
C TRP C 293 -10.61 61.23 28.31
N GLU C 294 -11.11 61.49 27.10
CA GLU C 294 -11.95 62.67 26.76
C GLU C 294 -13.18 62.70 27.68
N GLY C 295 -13.60 61.53 28.18
CA GLY C 295 -14.64 61.37 29.20
C GLY C 295 -14.30 62.13 30.48
N SER C 296 -15.23 62.97 30.95
CA SER C 296 -15.08 63.84 32.16
C SER C 296 -15.01 62.98 33.42
N GLU C 297 -16.14 62.38 33.81
CA GLU C 297 -16.32 61.66 35.10
C GLU C 297 -15.44 60.40 35.14
N GLY C 298 -15.36 59.66 34.03
CA GLY C 298 -14.51 58.46 33.90
C GLY C 298 -14.45 57.97 32.47
N LEU C 299 -14.15 56.67 32.29
CA LEU C 299 -14.12 55.93 30.99
C LEU C 299 -12.86 56.29 30.19
N LYS C 300 -12.40 55.33 29.37
CA LYS C 300 -11.20 55.41 28.49
C LYS C 300 -11.64 55.06 27.07
N THR C 301 -11.33 55.92 26.09
CA THR C 301 -11.72 55.71 24.66
C THR C 301 -10.54 55.07 23.91
N LEU C 302 -10.83 54.05 23.10
CA LEU C 302 -9.86 53.36 22.21
C LEU C 302 -10.34 53.54 20.76
N ARG C 303 -9.40 53.75 19.82
CA ARG C 303 -9.70 54.06 18.40
C ARG C 303 -9.09 52.98 17.50
N ILE C 304 -9.65 52.85 16.29
CA ILE C 304 -9.11 52.01 15.19
C ILE C 304 -9.38 52.75 13.85
N LEU C 305 -8.32 52.96 13.06
CA LEU C 305 -8.44 53.41 11.64
C LEU C 305 -8.78 52.17 10.81
N TYR C 306 -9.74 52.27 9.90
CA TYR C 306 -10.06 51.16 8.96
C TYR C 306 -10.48 51.72 7.60
N GLU C 307 -10.32 50.89 6.58
CA GLU C 307 -10.67 51.14 5.17
C GLU C 307 -12.08 50.57 4.90
N GLU C 308 -13.10 51.44 4.86
CA GLU C 308 -14.44 51.09 4.32
C GLU C 308 -14.30 50.97 2.80
N VAL C 309 -14.98 50.00 2.21
CA VAL C 309 -14.80 49.59 0.79
C VAL C 309 -16.16 49.31 0.17
N ASP C 310 -16.29 49.60 -1.12
CA ASP C 310 -17.52 49.39 -1.93
C ASP C 310 -17.14 48.73 -3.25
N GLU C 311 -17.21 47.40 -3.32
CA GLU C 311 -16.89 46.61 -4.55
C GLU C 311 -18.15 46.42 -5.40
N SER C 312 -19.05 47.42 -5.43
CA SER C 312 -20.34 47.41 -6.18
C SER C 312 -20.05 47.38 -7.68
N GLU C 313 -19.23 48.32 -8.15
CA GLU C 313 -19.02 48.63 -9.59
C GLU C 313 -17.76 47.91 -10.10
N VAL C 314 -17.26 46.92 -9.36
CA VAL C 314 -16.12 46.04 -9.77
C VAL C 314 -16.71 44.81 -10.48
N GLU C 315 -16.08 44.39 -11.58
CA GLU C 315 -16.52 43.20 -12.37
C GLU C 315 -16.41 41.94 -11.50
N VAL C 316 -17.42 41.08 -11.56
CA VAL C 316 -17.43 39.74 -10.88
C VAL C 316 -16.94 38.70 -11.90
N ILE C 317 -16.18 37.72 -11.44
CA ILE C 317 -15.79 36.53 -12.24
C ILE C 317 -15.83 35.30 -11.33
N HIS C 318 -16.18 34.15 -11.91
CA HIS C 318 -16.43 32.87 -11.19
C HIS C 318 -15.23 31.95 -11.41
N VAL C 319 -14.50 31.64 -10.34
CA VAL C 319 -13.42 30.62 -10.32
C VAL C 319 -13.99 29.36 -9.68
N PRO C 320 -13.63 28.14 -10.15
CA PRO C 320 -14.13 26.92 -9.54
C PRO C 320 -13.65 26.69 -8.09
N SER C 321 -14.50 26.05 -7.28
CA SER C 321 -14.27 25.78 -5.83
C SER C 321 -13.26 24.64 -5.66
N PRO C 322 -12.45 24.65 -4.57
CA PRO C 322 -11.55 23.55 -4.27
C PRO C 322 -12.21 22.16 -4.25
N ALA C 323 -13.36 22.02 -3.59
CA ALA C 323 -14.17 20.77 -3.55
C ALA C 323 -14.78 20.54 -4.94
N LEU C 324 -14.10 19.76 -5.77
CA LEU C 324 -14.45 19.52 -7.20
C LEU C 324 -15.79 18.77 -7.27
N GLU C 325 -16.02 17.88 -6.31
CA GLU C 325 -17.25 17.02 -6.21
C GLU C 325 -18.49 17.91 -6.17
N GLU C 326 -18.46 18.99 -5.37
CA GLU C 326 -19.61 19.93 -5.20
C GLU C 326 -19.84 20.70 -6.51
N ARG C 327 -18.81 20.86 -7.34
CA ARG C 327 -18.89 21.41 -8.72
C ARG C 327 -19.20 22.91 -8.73
N LYS C 328 -19.05 23.61 -7.60
CA LYS C 328 -19.49 25.03 -7.45
C LYS C 328 -18.32 25.98 -7.73
N THR C 329 -18.62 27.28 -7.91
CA THR C 329 -17.64 28.38 -8.14
C THR C 329 -17.65 29.35 -6.96
N ASP C 330 -16.60 30.17 -6.86
CA ASP C 330 -16.44 31.26 -5.86
C ASP C 330 -16.33 32.59 -6.61
N SER C 331 -17.17 33.56 -6.25
CA SER C 331 -17.21 34.92 -6.86
C SER C 331 -16.06 35.77 -6.32
N TYR C 332 -15.30 36.40 -7.21
CA TYR C 332 -14.23 37.38 -6.89
C TYR C 332 -14.61 38.74 -7.46
N ARG C 333 -14.23 39.81 -6.76
CA ARG C 333 -14.25 41.20 -7.27
C ARG C 333 -12.88 41.50 -7.89
N TYR C 334 -12.64 40.93 -9.08
CA TYR C 334 -11.40 41.06 -9.89
C TYR C 334 -11.59 42.19 -10.90
N PRO C 335 -11.05 43.40 -10.64
CA PRO C 335 -11.08 44.46 -11.65
C PRO C 335 -10.07 44.14 -12.76
N ARG C 336 -10.54 43.93 -13.99
CA ARG C 336 -9.62 43.80 -15.16
C ARG C 336 -9.07 45.19 -15.48
N THR C 337 -7.80 45.27 -15.88
CA THR C 337 -7.10 46.52 -16.28
C THR C 337 -8.05 47.40 -17.10
N GLY C 338 -8.07 48.71 -16.80
CA GLY C 338 -8.92 49.70 -17.47
C GLY C 338 -10.29 49.82 -16.81
N SER C 339 -10.75 48.77 -16.12
CA SER C 339 -12.07 48.70 -15.44
C SER C 339 -12.02 49.44 -14.11
N LYS C 340 -13.10 49.37 -13.32
CA LYS C 340 -13.27 50.11 -12.04
C LYS C 340 -12.69 49.28 -10.88
N ASN C 341 -11.88 49.93 -10.04
CA ASN C 341 -11.35 49.40 -8.75
C ASN C 341 -12.36 49.71 -7.64
N PRO C 342 -12.32 49.00 -6.50
CA PRO C 342 -13.18 49.31 -5.35
C PRO C 342 -13.21 50.81 -5.02
N LYS C 343 -14.37 51.33 -4.57
CA LYS C 343 -14.53 52.71 -4.03
C LYS C 343 -14.18 52.69 -2.54
N ILE C 344 -13.15 53.43 -2.15
CA ILE C 344 -12.46 53.31 -0.83
C ILE C 344 -12.72 54.55 0.01
N ALA C 345 -12.35 54.47 1.29
CA ALA C 345 -12.41 55.57 2.29
C ALA C 345 -11.75 55.10 3.60
N LEU C 346 -11.04 56.00 4.26
CA LEU C 346 -10.57 55.80 5.66
C LEU C 346 -11.66 56.30 6.59
N LYS C 347 -12.21 55.40 7.40
CA LYS C 347 -13.12 55.74 8.52
C LYS C 347 -12.37 55.48 9.82
N LEU C 348 -12.99 55.81 10.95
CA LEU C 348 -12.39 55.73 12.32
C LEU C 348 -13.46 55.14 13.25
N ALA C 349 -13.13 54.02 13.91
CA ALA C 349 -14.04 53.29 14.82
C ALA C 349 -13.57 53.49 16.28
N GLU C 350 -14.21 54.41 17.00
CA GLU C 350 -13.98 54.68 18.45
C GLU C 350 -14.82 53.74 19.29
N PHE C 351 -14.42 53.49 20.53
CA PHE C 351 -15.25 52.81 21.57
C PHE C 351 -14.60 53.06 22.94
N GLN C 352 -15.43 53.29 23.96
CA GLN C 352 -15.00 53.54 25.36
C GLN C 352 -15.30 52.32 26.23
N THR C 353 -14.52 52.14 27.30
CA THR C 353 -14.64 51.04 28.29
C THR C 353 -14.61 51.64 29.71
N ASP C 354 -15.27 50.98 30.66
CA ASP C 354 -15.26 51.36 32.09
C ASP C 354 -14.02 50.75 32.75
N SER C 355 -13.90 50.89 34.07
CA SER C 355 -12.77 50.37 34.89
C SER C 355 -12.82 48.84 34.97
N GLN C 356 -14.01 48.23 34.97
CA GLN C 356 -14.21 46.75 35.03
C GLN C 356 -14.00 46.12 33.64
N GLY C 357 -13.66 46.92 32.62
CA GLY C 357 -13.23 46.46 31.28
C GLY C 357 -14.39 46.12 30.36
N LYS C 358 -15.57 46.69 30.63
CA LYS C 358 -16.81 46.47 29.84
C LYS C 358 -16.92 47.58 28.78
N ILE C 359 -17.27 47.22 27.55
CA ILE C 359 -17.49 48.17 26.41
C ILE C 359 -18.82 48.89 26.65
N VAL C 360 -18.75 50.16 27.07
CA VAL C 360 -19.91 51.01 27.48
C VAL C 360 -20.55 51.63 26.23
N SER C 361 -19.75 51.92 25.20
CA SER C 361 -20.19 52.61 23.96
C SER C 361 -19.26 52.27 22.79
N THR C 362 -19.78 52.42 21.56
CA THR C 362 -19.02 52.32 20.28
C THR C 362 -19.48 53.46 19.36
N GLN C 363 -18.74 53.75 18.28
CA GLN C 363 -19.12 54.78 17.28
C GLN C 363 -18.29 54.65 16.01
N GLU C 364 -18.97 54.67 14.85
CA GLU C 364 -18.36 54.94 13.52
C GLU C 364 -18.07 56.44 13.42
N LYS C 365 -17.04 56.82 12.66
CA LYS C 365 -16.72 58.24 12.36
C LYS C 365 -16.20 58.37 10.93
N GLU C 366 -16.86 59.19 10.10
CA GLU C 366 -16.47 59.47 8.70
C GLU C 366 -15.76 60.82 8.65
N LEU C 367 -14.93 61.03 7.62
CA LEU C 367 -14.19 62.30 7.40
C LEU C 367 -15.22 63.44 7.27
N VAL C 368 -14.96 64.57 7.94
CA VAL C 368 -15.83 65.78 7.99
C VAL C 368 -16.17 66.20 6.56
N GLN C 369 -15.22 66.05 5.63
CA GLN C 369 -15.46 66.10 4.17
C GLN C 369 -15.24 64.69 3.64
N PRO C 370 -15.98 64.23 2.61
CA PRO C 370 -15.77 62.90 2.05
C PRO C 370 -14.32 62.62 1.65
N PHE C 371 -13.90 61.35 1.73
CA PHE C 371 -12.54 60.88 1.35
C PHE C 371 -12.25 61.25 -0.12
N SER C 372 -13.27 61.14 -0.97
CA SER C 372 -13.16 61.26 -2.46
C SER C 372 -13.02 62.71 -2.92
N SER C 373 -13.58 63.68 -2.17
CA SER C 373 -13.53 65.13 -2.48
C SER C 373 -12.32 65.79 -1.83
N LEU C 374 -11.83 65.26 -0.70
CA LEU C 374 -10.64 65.74 0.05
C LEU C 374 -9.35 65.32 -0.67
N PHE C 375 -9.36 64.12 -1.26
CA PHE C 375 -8.20 63.51 -1.95
C PHE C 375 -8.64 63.02 -3.32
N PRO C 376 -9.01 63.94 -4.25
CA PRO C 376 -9.44 63.52 -5.59
C PRO C 376 -8.24 62.94 -6.33
N LYS C 377 -8.42 61.82 -7.02
CA LYS C 377 -7.37 61.13 -7.82
C LYS C 377 -6.47 60.26 -6.91
N VAL C 378 -6.94 59.93 -5.71
CA VAL C 378 -6.42 58.76 -4.92
C VAL C 378 -7.21 57.53 -5.37
N GLU C 379 -6.50 56.46 -5.76
CA GLU C 379 -7.08 55.22 -6.32
C GLU C 379 -6.86 54.05 -5.35
N TYR C 380 -5.74 54.04 -4.62
CA TYR C 380 -5.39 52.97 -3.66
C TYR C 380 -4.79 53.57 -2.39
N ILE C 381 -5.32 53.16 -1.22
CA ILE C 381 -4.58 53.23 0.06
C ILE C 381 -3.58 52.08 0.04
N ALA C 382 -2.29 52.39 -0.12
CA ALA C 382 -1.20 51.39 -0.16
C ALA C 382 -1.00 50.85 1.26
N ARG C 383 -0.49 51.69 2.17
CA ARG C 383 -0.26 51.38 3.61
C ARG C 383 -0.97 52.40 4.48
N ALA C 384 -1.03 52.15 5.79
CA ALA C 384 -1.58 53.04 6.83
C ALA C 384 -1.06 52.63 8.21
N GLY C 385 -1.38 53.42 9.24
CA GLY C 385 -0.92 53.22 10.64
C GLY C 385 -1.15 54.47 11.49
N TRP C 386 -0.33 54.65 12.52
CA TRP C 386 -0.43 55.75 13.51
C TRP C 386 0.97 56.27 13.89
N THR C 387 1.07 57.56 14.22
CA THR C 387 2.22 58.11 15.00
C THR C 387 2.23 57.35 16.34
N ARG C 388 3.39 57.22 16.99
CA ARG C 388 3.56 56.34 18.17
C ARG C 388 2.82 56.95 19.37
N ASP C 389 2.50 58.25 19.31
CA ASP C 389 1.77 58.99 20.38
C ASP C 389 0.26 59.00 20.11
N GLY C 390 -0.21 58.43 18.99
CA GLY C 390 -1.63 58.40 18.60
C GLY C 390 -2.16 59.78 18.22
N LYS C 391 -1.27 60.77 18.05
CA LYS C 391 -1.63 62.18 17.76
C LYS C 391 -2.16 62.27 16.32
N TYR C 392 -1.61 61.44 15.42
CA TYR C 392 -1.99 61.40 13.98
C TYR C 392 -2.09 59.95 13.49
N ALA C 393 -3.16 59.66 12.74
CA ALA C 393 -3.24 58.51 11.81
C ALA C 393 -2.51 58.90 10.54
N TRP C 394 -1.92 57.93 9.82
CA TRP C 394 -1.25 58.19 8.52
C TRP C 394 -1.63 57.10 7.49
N ALA C 395 -1.51 57.45 6.22
CA ALA C 395 -1.77 56.58 5.05
C ALA C 395 -0.88 57.00 3.88
N MET C 396 -0.54 56.07 2.99
CA MET C 396 0.13 56.34 1.69
C MET C 396 -0.88 56.17 0.56
N PHE C 397 -1.20 57.26 -0.14
CA PHE C 397 -2.19 57.31 -1.25
C PHE C 397 -1.47 57.24 -2.59
N LEU C 398 -1.71 56.18 -3.37
CA LEU C 398 -1.29 56.07 -4.79
C LEU C 398 -2.42 56.59 -5.69
N ASP C 399 -2.07 57.22 -6.81
CA ASP C 399 -3.02 57.58 -7.90
C ASP C 399 -3.09 56.40 -8.87
N ARG C 400 -4.09 56.40 -9.76
CA ARG C 400 -4.45 55.25 -10.63
C ARG C 400 -3.24 54.76 -11.43
N PRO C 401 -2.51 55.65 -12.17
CA PRO C 401 -1.25 55.25 -12.82
C PRO C 401 -0.09 54.85 -11.89
N GLN C 402 -0.22 55.04 -10.57
CA GLN C 402 0.80 54.73 -9.55
C GLN C 402 2.10 55.49 -9.88
N GLN C 403 1.98 56.79 -10.19
CA GLN C 403 3.11 57.69 -10.51
C GLN C 403 3.07 58.93 -9.59
N TRP C 404 2.30 58.87 -8.49
CA TRP C 404 2.06 60.00 -7.54
C TRP C 404 1.65 59.46 -6.16
N LEU C 405 2.59 58.82 -5.45
CA LEU C 405 2.45 58.47 -4.01
C LEU C 405 2.41 59.78 -3.22
N GLN C 406 1.58 59.86 -2.18
CA GLN C 406 1.73 60.93 -1.16
C GLN C 406 1.33 60.37 0.22
N LEU C 407 2.06 60.80 1.24
CA LEU C 407 1.98 60.32 2.64
C LEU C 407 1.20 61.37 3.46
N VAL C 408 0.04 61.01 4.01
CA VAL C 408 -0.86 61.99 4.69
C VAL C 408 -1.03 61.63 6.18
N LEU C 409 -1.01 62.66 7.03
CA LEU C 409 -1.43 62.59 8.46
C LEU C 409 -2.90 63.00 8.55
N LEU C 410 -3.69 62.21 9.28
CA LEU C 410 -5.11 62.50 9.57
C LEU C 410 -5.28 62.59 11.09
N PRO C 411 -5.54 63.80 11.64
CA PRO C 411 -5.79 63.95 13.07
C PRO C 411 -7.19 63.45 13.40
N PRO C 412 -7.40 62.70 14.52
CA PRO C 412 -8.71 62.15 14.84
C PRO C 412 -9.83 63.21 14.91
N ALA C 413 -9.49 64.44 15.31
CA ALA C 413 -10.42 65.58 15.42
C ALA C 413 -11.07 65.91 14.07
N LEU C 414 -10.46 65.47 12.96
CA LEU C 414 -10.97 65.60 11.57
C LEU C 414 -12.09 64.58 11.29
N PHE C 415 -12.30 63.61 12.18
CA PHE C 415 -13.33 62.53 12.04
C PHE C 415 -14.52 62.84 12.96
N ILE C 416 -15.71 63.00 12.35
CA ILE C 416 -16.99 63.29 13.05
C ILE C 416 -17.83 62.02 13.04
N PRO C 417 -18.82 61.88 13.97
CA PRO C 417 -19.67 60.69 14.02
C PRO C 417 -20.56 60.54 12.77
N SER C 418 -20.75 59.31 12.30
CA SER C 418 -21.55 58.96 11.11
C SER C 418 -23.04 59.01 11.46
N THR C 419 -23.81 59.83 10.72
CA THR C 419 -25.30 59.79 10.63
C THR C 419 -25.68 60.07 9.18
N GLU C 420 -26.94 59.81 8.79
CA GLU C 420 -27.52 60.22 7.49
C GLU C 420 -28.53 61.35 7.72
N ASN C 421 -28.58 61.90 8.94
CA ASN C 421 -29.35 63.11 9.34
C ASN C 421 -28.53 64.35 8.96
N GLU C 422 -28.91 65.04 7.89
CA GLU C 422 -28.08 66.08 7.21
C GLU C 422 -28.01 67.36 8.06
N GLU C 423 -29.04 67.66 8.85
CA GLU C 423 -29.01 68.80 9.82
C GLU C 423 -28.03 68.46 10.96
N GLN C 424 -27.93 67.18 11.34
CA GLN C 424 -27.12 66.69 12.49
C GLN C 424 -25.63 66.69 12.14
N ARG C 425 -25.27 66.19 10.95
CA ARG C 425 -23.87 66.12 10.46
C ARG C 425 -23.26 67.54 10.41
N LEU C 426 -24.04 68.51 9.92
CA LEU C 426 -23.65 69.95 9.81
C LEU C 426 -23.16 70.47 11.17
N ALA C 427 -23.91 70.21 12.24
CA ALA C 427 -23.59 70.65 13.63
C ALA C 427 -22.21 70.11 14.04
N SER C 428 -21.95 68.82 13.80
CA SER C 428 -20.66 68.14 14.07
C SER C 428 -19.55 68.72 13.19
N ALA C 429 -19.88 69.13 11.96
CA ALA C 429 -18.95 69.68 10.95
C ALA C 429 -18.55 71.11 11.31
N ARG C 430 -19.45 71.90 11.89
CA ARG C 430 -19.15 73.26 12.40
C ARG C 430 -18.28 73.15 13.66
N ALA C 431 -18.43 72.06 14.41
CA ALA C 431 -17.77 71.83 15.73
C ALA C 431 -16.31 71.39 15.56
N VAL C 432 -15.84 71.13 14.33
CA VAL C 432 -14.43 70.74 14.04
C VAL C 432 -13.56 71.99 14.09
N PRO C 433 -12.58 72.09 15.02
CA PRO C 433 -11.66 73.23 15.03
C PRO C 433 -11.06 73.51 13.63
N ARG C 434 -11.00 74.78 13.24
CA ARG C 434 -10.52 75.22 11.90
C ARG C 434 -8.99 75.09 11.81
N ASN C 435 -8.30 75.02 12.96
CA ASN C 435 -6.86 74.69 13.06
C ASN C 435 -6.64 73.33 12.38
N VAL C 436 -7.32 72.30 12.92
CA VAL C 436 -7.20 70.85 12.56
C VAL C 436 -7.44 70.67 11.06
N GLN C 437 -6.61 69.84 10.41
CA GLN C 437 -6.68 69.52 8.96
C GLN C 437 -5.78 68.33 8.66
N PRO C 438 -5.87 67.75 7.44
CA PRO C 438 -4.87 66.80 6.97
C PRO C 438 -3.62 67.53 6.48
N TYR C 439 -2.48 66.83 6.48
CA TYR C 439 -1.14 67.36 6.11
C TYR C 439 -0.48 66.39 5.12
N VAL C 440 -0.33 66.81 3.86
CA VAL C 440 0.48 66.08 2.84
C VAL C 440 1.96 66.39 3.14
N VAL C 441 2.64 65.41 3.72
CA VAL C 441 3.96 65.53 4.40
C VAL C 441 5.09 65.07 3.47
N TYR C 442 4.79 64.13 2.55
CA TYR C 442 5.78 63.57 1.59
C TYR C 442 5.08 63.16 0.28
N GLU C 443 5.47 63.82 -0.81
CA GLU C 443 5.04 63.56 -2.20
C GLU C 443 6.23 62.88 -2.91
N GLU C 444 5.97 61.81 -3.67
CA GLU C 444 6.94 61.11 -4.55
C GLU C 444 6.36 61.06 -5.95
N VAL C 445 7.06 61.62 -6.94
CA VAL C 445 6.64 61.65 -8.37
C VAL C 445 7.67 60.88 -9.19
N THR C 446 7.22 60.15 -10.22
CA THR C 446 8.10 59.45 -11.20
C THR C 446 7.44 59.45 -12.59
N ASN C 447 8.26 59.31 -13.64
CA ASN C 447 7.83 59.08 -15.05
C ASN C 447 7.82 57.57 -15.32
N VAL C 448 8.19 56.75 -14.32
CA VAL C 448 8.31 55.27 -14.44
C VAL C 448 7.14 54.61 -13.69
N TRP C 449 7.32 54.29 -12.42
CA TRP C 449 6.25 53.78 -11.51
C TRP C 449 6.75 53.87 -10.08
N ILE C 450 5.84 54.14 -9.15
CA ILE C 450 6.13 54.10 -7.69
C ILE C 450 6.05 52.64 -7.26
N ASN C 451 7.16 52.04 -6.87
CA ASN C 451 7.14 50.81 -6.05
C ASN C 451 6.81 51.25 -4.62
N VAL C 452 5.84 50.58 -3.97
CA VAL C 452 5.43 50.84 -2.55
C VAL C 452 6.52 50.31 -1.61
N HIS C 453 7.07 51.19 -0.76
CA HIS C 453 8.16 50.91 0.21
C HIS C 453 7.59 51.03 1.63
N ASP C 454 7.79 49.99 2.44
CA ASP C 454 7.15 49.83 3.77
C ASP C 454 7.82 50.73 4.81
N ILE C 455 8.99 51.33 4.52
CA ILE C 455 9.79 52.09 5.53
C ILE C 455 9.27 53.53 5.63
N PHE C 456 8.72 53.87 6.80
CA PHE C 456 8.33 55.24 7.23
C PHE C 456 8.18 55.27 8.75
N TYR C 457 9.17 55.84 9.45
CA TYR C 457 9.28 55.87 10.92
C TYR C 457 9.24 57.32 11.39
N PRO C 458 8.06 57.89 11.75
CA PRO C 458 7.99 59.21 12.35
C PRO C 458 8.49 59.21 13.80
N PHE C 459 9.19 60.28 14.19
CA PHE C 459 9.66 60.53 15.57
C PHE C 459 8.55 61.23 16.34
N PRO C 460 8.41 60.97 17.66
CA PRO C 460 7.48 61.73 18.49
C PRO C 460 7.93 63.19 18.57
N GLN C 461 7.00 64.14 18.62
CA GLN C 461 7.26 65.61 18.66
C GLN C 461 7.32 66.09 20.11
N SER C 462 7.54 67.39 20.31
CA SER C 462 7.51 68.09 21.63
C SER C 462 7.07 69.55 21.44
N ASP C 466 5.18 72.19 16.00
CA ASP C 466 4.91 72.84 14.67
C ASP C 466 5.68 72.14 13.53
N GLU C 467 6.29 70.97 13.79
CA GLU C 467 7.18 70.23 12.85
C GLU C 467 6.83 68.74 12.92
N LEU C 468 7.53 67.91 12.13
CA LEU C 468 7.55 66.44 12.30
C LEU C 468 8.78 65.87 11.60
N CYS C 469 9.69 65.28 12.40
CA CYS C 469 10.84 64.47 11.92
C CYS C 469 10.33 63.06 11.61
N PHE C 470 10.84 62.44 10.55
CA PHE C 470 10.48 61.06 10.14
C PHE C 470 11.50 60.52 9.14
N LEU C 471 11.80 59.21 9.22
CA LEU C 471 12.60 58.45 8.22
C LEU C 471 11.66 57.99 7.09
N ARG C 472 12.18 57.90 5.87
CA ARG C 472 11.41 57.44 4.68
C ARG C 472 12.38 56.77 3.70
N ALA C 473 11.95 55.68 3.06
CA ALA C 473 12.63 55.05 1.92
C ALA C 473 12.19 55.75 0.63
N ASN C 474 13.13 56.08 -0.26
CA ASN C 474 12.84 56.78 -1.55
C ASN C 474 13.73 56.21 -2.65
N GLU C 475 13.11 55.55 -3.63
CA GLU C 475 13.75 55.00 -4.85
C GLU C 475 13.51 55.91 -6.06
N CYS C 476 12.65 56.92 -5.95
CA CYS C 476 12.29 57.84 -7.08
C CYS C 476 13.17 59.09 -7.07
N LYS C 477 13.80 59.42 -5.95
CA LYS C 477 14.71 60.59 -5.83
C LYS C 477 15.89 60.39 -6.79
N THR C 478 16.72 59.38 -6.52
CA THR C 478 18.01 59.10 -7.19
C THR C 478 17.89 57.88 -8.12
N GLY C 479 16.72 57.24 -8.19
CA GLY C 479 16.50 56.00 -8.94
C GLY C 479 16.97 54.77 -8.17
N PHE C 480 17.34 54.93 -6.89
CA PHE C 480 17.76 53.83 -5.98
C PHE C 480 17.18 54.08 -4.59
N CYS C 481 16.59 53.03 -4.00
CA CYS C 481 15.92 53.04 -2.68
C CYS C 481 16.96 53.35 -1.58
N HIS C 482 16.85 54.54 -0.97
CA HIS C 482 17.73 55.03 0.12
C HIS C 482 16.90 55.63 1.25
N LEU C 483 17.44 55.64 2.47
CA LEU C 483 16.85 56.31 3.66
C LEU C 483 17.08 57.82 3.53
N TYR C 484 16.14 58.60 4.06
CA TYR C 484 16.24 60.08 4.20
C TYR C 484 15.69 60.45 5.58
N LYS C 485 16.31 61.42 6.26
CA LYS C 485 15.74 62.12 7.44
C LYS C 485 15.00 63.36 6.89
N VAL C 486 13.69 63.44 7.13
CA VAL C 486 12.80 64.52 6.62
C VAL C 486 12.09 65.19 7.81
N THR C 487 12.30 66.48 8.01
CA THR C 487 11.52 67.34 8.93
C THR C 487 10.52 68.16 8.11
N ALA C 488 9.23 67.81 8.20
CA ALA C 488 8.10 68.56 7.60
C ALA C 488 7.58 69.58 8.62
N VAL C 489 7.08 70.72 8.16
CA VAL C 489 6.52 71.80 9.02
C VAL C 489 4.99 71.85 8.81
N LEU C 490 4.24 71.63 9.89
CA LEU C 490 2.76 71.60 9.90
C LEU C 490 2.24 73.00 10.27
N LYS C 491 1.93 73.82 9.26
CA LYS C 491 1.32 75.18 9.43
C LYS C 491 -0.16 75.08 9.03
N SER C 492 -1.05 75.14 10.04
CA SER C 492 -2.53 75.10 9.90
C SER C 492 -3.02 76.33 9.13
N GLN C 493 -3.74 76.14 8.03
CA GLN C 493 -4.20 77.22 7.13
C GLN C 493 -5.53 77.81 7.66
N GLY C 494 -6.27 77.05 8.47
CA GLY C 494 -7.51 77.53 9.12
C GLY C 494 -8.72 77.38 8.20
N TYR C 495 -9.31 76.18 8.17
CA TYR C 495 -10.39 75.76 7.22
C TYR C 495 -11.78 75.76 7.89
N ASP C 496 -12.82 76.09 7.10
CA ASP C 496 -14.25 76.07 7.50
C ASP C 496 -14.91 74.79 6.95
N TRP C 497 -14.95 73.73 7.75
CA TRP C 497 -15.31 72.35 7.30
C TRP C 497 -16.81 72.20 7.00
N SER C 498 -17.65 73.10 7.54
CA SER C 498 -19.12 73.11 7.31
C SER C 498 -19.42 73.52 5.86
N GLU C 499 -18.76 74.59 5.37
CA GLU C 499 -18.85 75.02 3.95
C GLU C 499 -18.04 74.03 3.12
N PRO C 500 -18.65 73.33 2.12
CA PRO C 500 -17.90 72.40 1.26
C PRO C 500 -16.87 73.08 0.34
N PHE C 501 -16.01 72.29 -0.29
CA PHE C 501 -14.96 72.75 -1.24
C PHE C 501 -14.28 71.55 -1.91
N SER C 502 -13.49 71.84 -2.95
CA SER C 502 -12.52 70.92 -3.59
C SER C 502 -11.12 71.53 -3.52
N PRO C 503 -10.06 70.74 -3.23
CA PRO C 503 -8.71 71.27 -3.09
C PRO C 503 -8.03 71.56 -4.45
N GLY C 504 -6.87 72.23 -4.45
CA GLY C 504 -6.19 72.71 -5.67
C GLY C 504 -4.67 72.54 -5.65
N GLU C 505 -4.11 72.03 -6.75
CA GLU C 505 -2.68 71.65 -6.93
C GLU C 505 -2.17 70.99 -5.64
N ASP C 506 -1.57 71.77 -4.73
CA ASP C 506 -0.92 71.25 -3.49
C ASP C 506 -1.61 71.86 -2.25
N GLU C 507 -2.84 71.43 -1.96
CA GLU C 507 -3.71 72.08 -0.93
C GLU C 507 -3.09 71.90 0.47
N PHE C 508 -2.77 70.66 0.84
CA PHE C 508 -2.32 70.31 2.22
C PHE C 508 -0.81 70.03 2.25
N LYS C 509 -0.07 70.46 1.23
CA LYS C 509 1.38 70.17 1.09
C LYS C 509 2.17 70.99 2.10
N CYS C 510 2.79 70.33 3.08
CA CYS C 510 3.64 70.94 4.14
C CYS C 510 4.99 71.32 3.54
N PRO C 511 5.53 72.53 3.82
CA PRO C 511 6.91 72.84 3.48
C PRO C 511 7.87 71.87 4.19
N ILE C 512 8.82 71.31 3.43
CA ILE C 512 9.90 70.42 3.94
C ILE C 512 11.03 71.33 4.47
N LYS C 513 11.21 71.40 5.79
CA LYS C 513 12.26 72.26 6.41
C LYS C 513 13.64 71.64 6.17
N GLU C 514 13.75 70.33 5.95
CA GLU C 514 15.02 69.68 5.48
C GLU C 514 14.76 68.22 5.06
N GLU C 515 15.76 67.63 4.40
CA GLU C 515 15.70 66.30 3.75
C GLU C 515 17.15 65.78 3.59
N ILE C 516 17.73 65.24 4.67
CA ILE C 516 19.05 64.54 4.68
C ILE C 516 18.91 63.23 3.91
N ALA C 517 19.96 62.78 3.21
CA ALA C 517 20.15 61.39 2.74
C ALA C 517 21.11 60.66 3.69
N LEU C 518 20.67 59.57 4.31
CA LEU C 518 21.49 58.76 5.27
C LEU C 518 22.28 57.71 4.49
N THR C 519 21.75 57.28 3.33
CA THR C 519 22.39 56.33 2.39
C THR C 519 22.37 56.92 0.96
N SER C 520 23.37 56.56 0.16
CA SER C 520 23.50 56.93 -1.27
C SER C 520 24.41 55.91 -1.97
N GLY C 521 24.47 55.96 -3.31
CA GLY C 521 25.19 54.97 -4.13
C GLY C 521 24.23 54.30 -5.08
N GLU C 522 24.72 53.31 -5.84
CA GLU C 522 23.94 52.58 -6.88
C GLU C 522 23.64 51.16 -6.35
N TRP C 523 23.19 51.09 -5.11
CA TRP C 523 22.68 49.88 -4.43
C TRP C 523 21.38 50.29 -3.74
N GLU C 524 20.49 49.36 -3.38
CA GLU C 524 19.21 49.76 -2.75
C GLU C 524 19.14 49.20 -1.32
N VAL C 525 18.52 50.00 -0.44
CA VAL C 525 18.03 49.59 0.90
C VAL C 525 16.74 48.79 0.68
N LEU C 526 16.64 47.61 1.28
CA LEU C 526 15.46 46.71 1.14
C LEU C 526 14.33 47.29 1.97
N ALA C 527 13.18 47.55 1.32
CA ALA C 527 12.05 48.34 1.85
C ALA C 527 10.71 47.73 1.45
N ARG C 528 10.64 47.07 0.28
CA ARG C 528 9.49 46.24 -0.16
C ARG C 528 9.55 44.87 0.52
N HIS C 529 8.63 43.97 0.15
CA HIS C 529 8.68 42.51 0.44
C HIS C 529 8.89 42.25 1.94
N GLY C 530 8.33 43.10 2.80
CA GLY C 530 8.28 42.89 4.27
C GLY C 530 9.63 43.10 4.95
N SER C 531 10.62 43.63 4.23
CA SER C 531 11.90 44.14 4.81
C SER C 531 11.57 45.41 5.62
N LYS C 532 12.21 45.56 6.78
CA LYS C 532 11.91 46.63 7.76
C LYS C 532 13.22 47.19 8.33
N ILE C 533 13.16 48.39 8.93
CA ILE C 533 14.30 49.06 9.64
C ILE C 533 14.07 48.96 11.15
N TRP C 534 15.16 48.93 11.92
CA TRP C 534 15.15 48.88 13.41
C TRP C 534 15.88 50.12 13.92
N VAL C 535 15.14 51.08 14.46
CA VAL C 535 15.66 52.40 14.94
C VAL C 535 15.87 52.35 16.45
N ASN C 536 17.05 52.73 16.90
CA ASN C 536 17.42 52.95 18.33
C ASN C 536 17.58 54.45 18.54
N GLU C 537 16.75 55.06 19.39
CA GLU C 537 16.68 56.53 19.60
C GLU C 537 17.64 56.99 20.71
N GLU C 538 18.16 56.08 21.55
CA GLU C 538 19.25 56.39 22.51
C GLU C 538 20.52 56.69 21.71
N THR C 539 20.97 55.70 20.95
CA THR C 539 22.26 55.69 20.20
C THR C 539 22.13 56.51 18.90
N LYS C 540 20.90 56.84 18.50
CA LYS C 540 20.58 57.65 17.28
C LYS C 540 21.00 56.88 16.02
N LEU C 541 20.92 55.56 16.04
CA LEU C 541 21.32 54.67 14.91
C LEU C 541 20.05 54.11 14.25
N VAL C 542 20.09 53.92 12.93
CA VAL C 542 19.06 53.17 12.15
C VAL C 542 19.76 51.96 11.51
N TYR C 543 19.24 50.76 11.79
CA TYR C 543 19.72 49.46 11.25
C TYR C 543 18.85 49.08 10.06
N PHE C 544 19.47 48.71 8.94
CA PHE C 544 18.77 48.42 7.66
C PHE C 544 19.45 47.24 6.94
N GLN C 545 18.67 46.59 6.07
CA GLN C 545 19.14 45.57 5.09
C GLN C 545 19.43 46.33 3.78
N GLY C 546 20.36 45.83 2.96
CA GLY C 546 20.70 46.48 1.68
C GLY C 546 21.65 45.66 0.81
N THR C 547 21.83 46.14 -0.43
CA THR C 547 22.68 45.54 -1.49
C THR C 547 23.94 46.41 -1.71
N LYS C 548 24.42 47.10 -0.66
CA LYS C 548 25.60 48.00 -0.74
C LYS C 548 26.81 47.23 -1.26
N ASP C 549 26.96 45.97 -0.83
CA ASP C 549 28.17 45.14 -1.12
C ASP C 549 28.06 44.51 -2.51
N THR C 550 26.96 43.83 -2.80
CA THR C 550 26.69 43.11 -4.07
C THR C 550 25.19 43.10 -4.35
N PRO C 551 24.73 43.02 -5.62
CA PRO C 551 23.31 42.85 -5.91
C PRO C 551 22.83 41.44 -5.51
N LEU C 552 23.79 40.52 -5.33
CA LEU C 552 23.54 39.06 -5.15
C LEU C 552 23.49 38.68 -3.67
N GLU C 553 23.69 39.62 -2.74
CA GLU C 553 23.67 39.33 -1.28
C GLU C 553 22.87 40.38 -0.53
N HIS C 554 22.03 39.92 0.41
CA HIS C 554 21.24 40.74 1.36
C HIS C 554 22.01 40.80 2.69
N HIS C 555 22.51 41.99 3.04
CA HIS C 555 23.36 42.24 4.24
C HIS C 555 22.70 43.23 5.18
N LEU C 556 23.08 43.16 6.46
CA LEU C 556 22.62 44.07 7.54
C LEU C 556 23.68 45.16 7.75
N TYR C 557 23.33 46.42 7.43
CA TYR C 557 24.16 47.62 7.67
C TYR C 557 23.48 48.52 8.71
N VAL C 558 24.27 49.30 9.46
CA VAL C 558 23.79 50.31 10.44
C VAL C 558 24.34 51.69 10.04
N VAL C 559 23.60 52.76 10.35
CA VAL C 559 24.04 54.18 10.17
C VAL C 559 23.40 55.04 11.27
N SER C 560 24.04 56.15 11.65
CA SER C 560 23.48 57.23 12.49
C SER C 560 22.43 58.01 11.68
N TYR C 561 21.31 58.37 12.29
CA TYR C 561 20.25 59.19 11.64
C TYR C 561 20.48 60.67 11.96
N GLU C 562 21.33 60.96 12.95
CA GLU C 562 21.87 62.32 13.24
C GLU C 562 22.71 62.78 12.05
N ALA C 563 23.89 62.17 11.90
CA ALA C 563 24.88 62.45 10.84
C ALA C 563 24.87 61.30 9.83
N ALA C 564 24.57 61.60 8.57
CA ALA C 564 24.69 60.66 7.43
C ALA C 564 26.18 60.36 7.20
N GLY C 565 26.80 59.63 8.13
CA GLY C 565 28.25 59.38 8.15
C GLY C 565 28.59 58.00 7.65
N GLU C 566 29.46 57.29 8.37
CA GLU C 566 29.96 55.92 8.06
C GLU C 566 28.78 54.94 8.10
N ILE C 567 28.86 53.89 7.27
CA ILE C 567 27.92 52.73 7.24
C ILE C 567 28.72 51.46 7.57
N VAL C 568 28.51 50.88 8.77
CA VAL C 568 29.12 49.60 9.22
C VAL C 568 28.25 48.45 8.71
N ARG C 569 28.88 47.36 8.25
CA ARG C 569 28.21 46.06 7.93
C ARG C 569 28.39 45.08 9.11
N LEU C 570 27.33 44.34 9.46
CA LEU C 570 27.29 43.46 10.66
C LEU C 570 27.26 41.98 10.24
N THR C 571 26.87 41.71 9.00
CA THR C 571 26.76 40.35 8.41
C THR C 571 27.99 40.10 7.53
N THR C 572 28.60 38.90 7.61
CA THR C 572 29.86 38.53 6.91
C THR C 572 29.55 38.24 5.43
N PRO C 573 30.40 38.66 4.48
CA PRO C 573 30.13 38.44 3.04
C PRO C 573 30.13 36.97 2.58
N GLY C 574 29.72 36.74 1.33
CA GLY C 574 29.69 35.43 0.69
C GLY C 574 28.43 34.64 1.03
N PHE C 575 27.50 35.24 1.77
CA PHE C 575 26.16 34.68 2.09
C PHE C 575 25.13 35.82 1.99
N SER C 576 23.87 35.47 1.72
CA SER C 576 22.72 36.41 1.70
C SER C 576 21.93 36.23 2.99
N HIS C 577 21.90 37.28 3.84
CA HIS C 577 21.35 37.25 5.21
C HIS C 577 19.92 37.79 5.22
N SER C 578 19.06 37.15 6.04
CA SER C 578 17.72 37.63 6.47
C SER C 578 17.77 37.85 7.99
N CYS C 579 17.67 39.09 8.46
CA CYS C 579 18.03 39.52 9.84
C CYS C 579 16.82 40.08 10.60
N SER C 580 16.88 40.04 11.93
CA SER C 580 15.89 40.64 12.87
C SER C 580 16.57 41.04 14.18
N MET C 581 16.41 42.31 14.59
CA MET C 581 17.10 42.94 15.75
C MET C 581 16.26 42.75 17.02
N SER C 582 16.93 42.68 18.18
CA SER C 582 16.32 42.80 19.53
C SER C 582 15.80 44.22 19.72
N GLN C 583 14.73 44.40 20.51
CA GLN C 583 14.16 45.73 20.86
C GLN C 583 15.23 46.56 21.56
N ASN C 584 16.21 45.89 22.19
CA ASN C 584 17.26 46.49 23.06
C ASN C 584 18.56 46.65 22.27
N PHE C 585 18.57 46.25 21.00
CA PHE C 585 19.70 46.46 20.05
C PHE C 585 21.00 45.94 20.67
N ASP C 586 20.90 44.81 21.39
CA ASP C 586 22.04 44.12 22.06
C ASP C 586 22.36 42.82 21.30
N MET C 587 21.40 42.29 20.55
CA MET C 587 21.51 40.98 19.83
C MET C 587 20.67 41.02 18.55
N PHE C 588 20.99 40.13 17.61
CA PHE C 588 20.18 39.91 16.37
C PHE C 588 20.37 38.46 15.88
N VAL C 589 19.28 37.88 15.36
CA VAL C 589 19.26 36.62 14.56
C VAL C 589 19.65 36.97 13.12
N SER C 590 20.41 36.10 12.46
CA SER C 590 20.54 36.08 10.98
C SER C 590 20.23 34.67 10.46
N HIS C 591 19.14 34.55 9.72
CA HIS C 591 18.80 33.40 8.83
C HIS C 591 19.46 33.66 7.48
N TYR C 592 20.62 33.03 7.22
CA TYR C 592 21.50 33.26 6.05
C TYR C 592 21.73 31.93 5.32
N SER C 593 22.28 32.00 4.11
CA SER C 593 22.42 30.88 3.15
C SER C 593 23.19 31.35 1.92
N SER C 594 23.96 30.46 1.30
CA SER C 594 24.69 30.67 0.03
C SER C 594 24.29 29.60 -0.98
N VAL C 595 24.87 29.65 -2.17
CA VAL C 595 24.50 28.80 -3.34
C VAL C 595 24.83 27.34 -3.02
N SER C 596 26.00 27.07 -2.45
CA SER C 596 26.49 25.71 -2.10
C SER C 596 26.15 25.36 -0.64
N THR C 597 25.82 26.36 0.18
CA THR C 597 25.64 26.22 1.64
C THR C 597 24.15 26.29 1.98
N PRO C 598 23.51 25.19 2.42
CA PRO C 598 22.13 25.25 2.90
C PRO C 598 21.97 26.27 4.02
N PRO C 599 20.75 26.81 4.24
CA PRO C 599 20.56 27.91 5.20
C PRO C 599 20.92 27.51 6.64
N CYS C 600 21.43 28.48 7.41
CA CYS C 600 21.69 28.40 8.87
C CYS C 600 20.98 29.58 9.56
N VAL C 601 20.73 29.45 10.86
CA VAL C 601 20.16 30.54 11.71
C VAL C 601 21.04 30.70 12.94
N HIS C 602 21.93 31.70 12.92
CA HIS C 602 22.85 32.05 14.02
C HIS C 602 22.34 33.28 14.76
N VAL C 603 22.50 33.30 16.09
CA VAL C 603 22.23 34.48 16.97
C VAL C 603 23.57 35.17 17.22
N TYR C 604 23.62 36.49 16.97
CA TYR C 604 24.81 37.36 17.13
C TYR C 604 24.54 38.39 18.21
N LYS C 605 25.53 38.59 19.10
CA LYS C 605 25.50 39.58 20.21
C LYS C 605 26.47 40.72 19.87
N LEU C 606 25.95 41.92 19.61
CA LEU C 606 26.75 43.16 19.44
C LEU C 606 27.50 43.43 20.75
N SER C 607 28.84 43.44 20.70
CA SER C 607 29.74 43.68 21.85
C SER C 607 30.57 44.95 21.59
N GLY C 608 31.16 45.52 22.64
CA GLY C 608 32.13 46.63 22.54
C GLY C 608 31.76 47.83 23.42
N PRO C 609 32.69 48.80 23.59
CA PRO C 609 32.42 50.02 24.34
C PRO C 609 31.09 50.69 23.96
N ASP C 610 30.36 51.19 24.97
CA ASP C 610 29.08 51.93 24.79
C ASP C 610 29.35 53.35 24.24
N ASP C 611 30.58 53.84 24.36
CA ASP C 611 30.96 55.25 24.03
C ASP C 611 31.00 55.43 22.51
N ASP C 612 31.17 54.34 21.74
CA ASP C 612 30.96 54.33 20.26
C ASP C 612 30.03 53.18 19.89
N PRO C 613 28.72 53.44 19.72
CA PRO C 613 27.74 52.37 19.46
C PRO C 613 27.74 51.89 18.00
N LEU C 614 28.08 52.76 17.04
CA LEU C 614 28.05 52.47 15.59
C LEU C 614 28.99 51.32 15.25
N HIS C 615 30.14 51.23 15.93
CA HIS C 615 31.22 50.24 15.67
C HIS C 615 31.13 49.05 16.64
N LYS C 616 30.08 48.95 17.45
CA LYS C 616 29.76 47.73 18.24
C LYS C 616 29.96 46.51 17.33
N GLN C 617 30.81 45.56 17.71
CA GLN C 617 31.26 44.42 16.85
C GLN C 617 30.38 43.20 17.09
N PRO C 618 29.76 42.61 16.04
CA PRO C 618 28.96 41.39 16.20
C PRO C 618 29.83 40.15 16.51
N ARG C 619 29.73 39.65 17.74
CA ARG C 619 30.38 38.39 18.22
C ARG C 619 29.35 37.26 18.15
N PHE C 620 29.60 36.25 17.30
CA PHE C 620 28.78 35.02 17.18
C PHE C 620 28.53 34.46 18.58
N TRP C 621 27.26 34.31 18.95
CA TRP C 621 26.85 33.89 20.32
C TRP C 621 26.43 32.42 20.32
N ALA C 622 25.46 32.04 19.49
CA ALA C 622 24.95 30.66 19.40
C ALA C 622 24.30 30.42 18.04
N SER C 623 24.18 29.14 17.67
CA SER C 623 23.49 28.66 16.44
C SER C 623 22.16 28.01 16.82
N MET C 624 21.11 28.27 16.03
CA MET C 624 19.74 27.73 16.23
C MET C 624 19.46 26.60 15.22
N MET C 625 20.03 26.68 14.02
CA MET C 625 19.87 25.66 12.95
C MET C 625 21.14 25.66 12.10
N GLU C 626 21.72 24.48 11.89
CA GLU C 626 22.95 24.30 11.06
C GLU C 626 22.56 23.66 9.73
N ALA C 627 23.30 24.00 8.67
CA ALA C 627 23.10 23.49 7.29
C ALA C 627 22.91 21.98 7.36
N ALA C 628 21.67 21.51 7.14
CA ALA C 628 21.30 20.08 7.03
C ALA C 628 21.71 19.58 5.64
N SER C 629 22.57 18.55 5.57
CA SER C 629 23.21 18.01 4.35
C SER C 629 22.26 18.12 3.14
N CYS C 630 22.70 18.77 2.06
CA CYS C 630 21.91 19.02 0.82
C CYS C 630 21.66 17.70 0.08
N PRO C 631 20.63 17.60 -0.79
CA PRO C 631 20.25 16.33 -1.42
C PRO C 631 21.45 15.58 -1.98
N PRO C 632 21.64 14.28 -1.65
CA PRO C 632 22.88 13.55 -1.96
C PRO C 632 23.49 13.74 -3.38
N ASP C 633 22.68 14.01 -4.40
CA ASP C 633 23.16 14.23 -5.79
C ASP C 633 23.06 15.72 -6.15
N TYR C 634 23.26 16.63 -5.18
CA TYR C 634 23.17 18.11 -5.38
C TYR C 634 24.56 18.71 -5.60
N VAL C 635 24.84 19.09 -6.87
CA VAL C 635 25.97 19.96 -7.28
C VAL C 635 25.43 21.37 -7.49
N PRO C 636 25.73 22.34 -6.59
CA PRO C 636 25.15 23.68 -6.67
C PRO C 636 25.51 24.41 -7.96
N PRO C 637 24.71 25.42 -8.38
CA PRO C 637 24.98 26.13 -9.63
C PRO C 637 26.09 27.19 -9.50
N GLU C 638 26.72 27.55 -10.62
CA GLU C 638 27.78 28.59 -10.68
C GLU C 638 27.17 29.89 -11.19
N ILE C 639 27.35 31.00 -10.46
CA ILE C 639 26.88 32.34 -10.88
C ILE C 639 27.93 32.95 -11.81
N PHE C 640 27.47 33.62 -12.87
CA PHE C 640 28.30 34.42 -13.79
C PHE C 640 27.63 35.76 -14.02
N HIS C 641 28.39 36.70 -14.56
CA HIS C 641 27.91 37.99 -15.12
C HIS C 641 28.48 38.10 -16.54
N PHE C 642 27.94 39.03 -17.32
CA PHE C 642 28.42 39.40 -18.68
C PHE C 642 27.73 40.71 -19.06
N HIS C 643 28.21 41.34 -20.13
CA HIS C 643 27.71 42.65 -20.62
C HIS C 643 26.94 42.43 -21.93
N THR C 644 25.84 43.16 -22.11
CA THR C 644 25.05 43.21 -23.37
C THR C 644 25.78 44.11 -24.38
N ARG C 645 25.43 44.00 -25.67
CA ARG C 645 25.93 44.90 -26.75
C ARG C 645 25.60 46.37 -26.42
N SER C 646 24.65 46.62 -25.51
CA SER C 646 24.27 47.97 -25.02
C SER C 646 25.04 48.36 -23.74
N ASP C 647 26.02 47.55 -23.33
CA ASP C 647 26.99 47.83 -22.22
C ASP C 647 26.30 47.71 -20.85
N VAL C 648 25.42 46.72 -20.67
CA VAL C 648 24.63 46.49 -19.42
C VAL C 648 25.09 45.18 -18.74
N ARG C 649 25.31 45.22 -17.44
CA ARG C 649 25.78 44.05 -16.63
C ARG C 649 24.56 43.21 -16.21
N LEU C 650 24.41 42.03 -16.80
CA LEU C 650 23.38 41.01 -16.43
C LEU C 650 24.06 39.88 -15.68
N TYR C 651 23.41 39.33 -14.64
CA TYR C 651 23.88 38.16 -13.87
C TYR C 651 23.11 36.91 -14.34
N GLY C 652 23.77 35.76 -14.30
CA GLY C 652 23.18 34.44 -14.63
C GLY C 652 23.65 33.38 -13.66
N MET C 653 22.86 32.31 -13.51
CA MET C 653 23.23 31.05 -12.83
C MET C 653 23.38 29.98 -13.90
N ILE C 654 24.17 28.93 -13.63
CA ILE C 654 24.24 27.71 -14.48
C ILE C 654 24.38 26.47 -13.59
N TYR C 655 23.63 25.42 -13.93
CA TYR C 655 23.82 24.03 -13.44
C TYR C 655 24.54 23.24 -14.53
N LYS C 656 25.84 23.03 -14.38
CA LYS C 656 26.66 22.16 -15.27
C LYS C 656 26.06 20.75 -15.27
N PRO C 657 25.93 20.12 -16.44
CA PRO C 657 25.60 18.69 -16.51
C PRO C 657 26.51 17.91 -15.55
N HIS C 658 25.93 17.24 -14.55
CA HIS C 658 26.69 16.43 -13.55
C HIS C 658 27.62 15.47 -14.30
N ALA C 659 28.76 15.13 -13.69
CA ALA C 659 29.73 14.15 -14.19
C ALA C 659 30.10 14.50 -15.64
N LEU C 660 30.58 15.74 -15.86
CA LEU C 660 30.81 16.32 -17.21
C LEU C 660 32.01 15.65 -17.90
N GLN C 661 31.96 15.59 -19.23
CA GLN C 661 33.04 15.11 -20.13
C GLN C 661 33.27 16.19 -21.18
N PRO C 662 34.21 17.14 -20.93
CA PRO C 662 34.47 18.22 -21.87
C PRO C 662 34.52 17.72 -23.32
N GLY C 663 33.93 18.49 -24.25
CA GLY C 663 33.90 18.18 -25.69
C GLY C 663 32.53 17.72 -26.16
N LYS C 664 31.66 17.33 -25.23
CA LYS C 664 30.26 16.92 -25.51
C LYS C 664 29.38 18.18 -25.50
N LYS C 665 28.33 18.23 -26.31
CA LYS C 665 27.39 19.37 -26.40
C LYS C 665 26.02 18.90 -25.90
N HIS C 666 25.68 19.23 -24.65
CA HIS C 666 24.47 18.75 -23.93
C HIS C 666 23.27 19.60 -24.33
N PRO C 667 22.03 19.07 -24.16
CA PRO C 667 20.80 19.81 -24.43
C PRO C 667 20.40 20.64 -23.20
N THR C 668 19.85 21.84 -23.43
CA THR C 668 19.92 22.97 -22.49
C THR C 668 18.51 23.50 -22.19
N VAL C 669 18.07 23.37 -20.94
CA VAL C 669 16.79 23.92 -20.40
C VAL C 669 17.06 25.34 -19.87
N LEU C 670 16.55 26.37 -20.55
CA LEU C 670 16.57 27.78 -20.05
C LEU C 670 15.36 27.99 -19.15
N PHE C 671 15.53 27.91 -17.82
CA PHE C 671 14.46 28.25 -16.85
C PHE C 671 14.36 29.77 -16.75
N VAL C 672 13.14 30.31 -16.82
CA VAL C 672 12.94 31.78 -16.96
C VAL C 672 11.81 32.24 -16.05
N TYR C 673 11.87 33.51 -15.65
CA TYR C 673 10.73 34.29 -15.12
C TYR C 673 10.71 35.63 -15.87
N GLY C 674 11.71 36.48 -15.61
CA GLY C 674 12.01 37.72 -16.37
C GLY C 674 11.01 38.84 -16.12
N GLY C 675 10.13 38.69 -15.13
CA GLY C 675 9.09 39.68 -14.78
C GLY C 675 9.52 40.59 -13.63
N PRO C 676 8.86 41.76 -13.45
CA PRO C 676 9.17 42.66 -12.34
C PRO C 676 8.91 42.00 -10.99
N GLN C 677 9.46 42.58 -9.92
CA GLN C 677 9.21 42.22 -8.50
C GLN C 677 9.91 40.90 -8.15
N VAL C 678 10.88 40.46 -8.98
CA VAL C 678 11.59 39.15 -8.79
C VAL C 678 13.05 39.29 -9.24
N GLN C 679 13.96 38.73 -8.45
CA GLN C 679 15.41 38.51 -8.78
C GLN C 679 15.73 37.03 -8.55
N LEU C 680 15.90 36.26 -9.62
CA LEU C 680 16.13 34.79 -9.55
C LEU C 680 17.59 34.48 -9.25
N VAL C 681 18.51 35.34 -9.71
CA VAL C 681 19.99 35.11 -9.66
C VAL C 681 20.57 35.94 -8.50
N ASN C 682 20.93 35.26 -7.41
CA ASN C 682 21.57 35.83 -6.20
C ASN C 682 22.43 34.74 -5.55
N ASN C 683 23.23 35.11 -4.54
CA ASN C 683 24.06 34.14 -3.77
C ASN C 683 23.26 33.67 -2.55
N SER C 684 22.38 32.69 -2.76
CA SER C 684 21.55 32.06 -1.70
C SER C 684 21.05 30.70 -2.21
N PHE C 685 20.83 29.76 -1.27
CA PHE C 685 20.59 28.32 -1.56
C PHE C 685 19.31 28.18 -2.40
N LYS C 686 19.42 27.48 -3.54
CA LYS C 686 18.31 27.27 -4.51
C LYS C 686 17.85 25.81 -4.48
N GLY C 687 18.41 25.01 -3.57
CA GLY C 687 18.20 23.54 -3.50
C GLY C 687 16.80 23.17 -3.07
N ILE C 688 16.09 24.05 -2.36
CA ILE C 688 14.74 23.75 -1.80
C ILE C 688 13.71 24.03 -2.91
N LYS C 689 13.59 25.29 -3.34
CA LYS C 689 12.56 25.74 -4.31
C LYS C 689 12.89 25.22 -5.73
N TYR C 690 14.17 25.17 -6.12
CA TYR C 690 14.61 24.77 -7.47
C TYR C 690 15.45 23.48 -7.41
N LEU C 691 14.96 22.48 -6.69
CA LEU C 691 15.56 21.11 -6.66
C LEU C 691 15.46 20.50 -8.06
N ARG C 692 14.29 20.60 -8.69
CA ARG C 692 14.01 20.00 -10.02
C ARG C 692 15.11 20.38 -11.02
N LEU C 693 15.59 21.63 -10.96
CA LEU C 693 16.64 22.15 -11.86
C LEU C 693 17.94 21.35 -11.69
N ASN C 694 18.28 20.95 -10.46
CA ASN C 694 19.44 20.04 -10.19
C ASN C 694 19.16 18.68 -10.81
N THR C 695 18.03 18.06 -10.48
CA THR C 695 17.58 16.75 -11.01
C THR C 695 17.73 16.74 -12.55
N LEU C 696 17.15 17.74 -13.21
CA LEU C 696 17.36 18.07 -14.66
C LEU C 696 18.85 17.89 -15.01
N ALA C 697 19.74 18.57 -14.28
CA ALA C 697 21.21 18.57 -14.51
C ALA C 697 21.78 17.16 -14.32
N SER C 698 21.24 16.37 -13.40
CA SER C 698 21.71 15.00 -13.04
C SER C 698 21.51 14.03 -14.21
N LEU C 699 20.50 14.25 -15.06
CA LEU C 699 20.23 13.41 -16.25
C LEU C 699 21.04 13.90 -17.46
N GLY C 700 21.79 15.00 -17.30
CA GLY C 700 22.77 15.49 -18.30
C GLY C 700 22.28 16.72 -19.07
N TYR C 701 21.21 17.36 -18.61
CA TYR C 701 20.70 18.64 -19.18
C TYR C 701 21.54 19.79 -18.64
N ALA C 702 21.90 20.74 -19.52
CA ALA C 702 22.39 22.06 -19.08
C ALA C 702 21.16 22.89 -18.69
N VAL C 703 21.24 23.60 -17.57
CA VAL C 703 20.14 24.47 -17.04
C VAL C 703 20.73 25.88 -16.83
N VAL C 704 20.08 26.90 -17.43
CA VAL C 704 20.56 28.31 -17.48
C VAL C 704 19.46 29.21 -16.95
N VAL C 705 19.76 30.05 -15.96
CA VAL C 705 18.82 31.07 -15.41
C VAL C 705 19.47 32.43 -15.57
N ILE C 706 18.73 33.41 -16.09
CA ILE C 706 19.23 34.78 -16.40
C ILE C 706 18.21 35.80 -15.92
N ASP C 707 18.68 36.75 -15.09
CA ASP C 707 17.94 38.00 -14.72
C ASP C 707 18.19 39.04 -15.82
N GLY C 708 17.27 39.15 -16.77
CA GLY C 708 17.30 40.20 -17.81
C GLY C 708 16.80 41.53 -17.26
N ARG C 709 16.83 42.56 -18.12
CA ARG C 709 16.31 43.92 -17.82
C ARG C 709 14.82 43.79 -17.46
N GLY C 710 14.39 44.51 -16.43
CA GLY C 710 13.04 44.42 -15.85
C GLY C 710 13.06 43.82 -14.45
N SER C 711 14.00 42.91 -14.17
CA SER C 711 14.04 42.12 -12.91
C SER C 711 14.34 43.05 -11.72
N CYS C 712 14.22 42.53 -10.49
CA CYS C 712 14.29 43.26 -9.20
C CYS C 712 15.74 43.46 -8.75
N GLN C 713 15.97 44.36 -7.78
CA GLN C 713 17.24 44.58 -7.04
C GLN C 713 18.31 45.20 -7.95
N ARG C 714 17.95 46.16 -8.81
CA ARG C 714 18.94 46.87 -9.69
C ARG C 714 18.50 48.33 -9.89
N GLY C 715 17.70 48.88 -8.98
CA GLY C 715 17.21 50.27 -9.05
C GLY C 715 16.08 50.41 -10.05
N LEU C 716 15.43 51.58 -10.06
CA LEU C 716 14.21 51.89 -10.86
C LEU C 716 14.54 51.91 -12.35
N ARG C 717 15.63 52.57 -12.77
CA ARG C 717 15.99 52.75 -14.21
C ARG C 717 16.07 51.40 -14.92
N PHE C 718 16.59 50.38 -14.22
CA PHE C 718 16.84 49.01 -14.74
C PHE C 718 15.51 48.26 -14.92
N GLU C 719 14.65 48.33 -13.92
CA GLU C 719 13.25 47.78 -13.91
C GLU C 719 12.45 48.43 -15.03
N GLY C 720 12.71 49.72 -15.32
CA GLY C 720 11.89 50.59 -16.19
C GLY C 720 12.05 50.29 -17.67
N ALA C 721 12.92 49.34 -18.04
CA ALA C 721 13.08 48.84 -19.43
C ALA C 721 11.76 48.27 -19.95
N LEU C 722 10.89 47.80 -19.04
CA LEU C 722 9.65 47.04 -19.34
C LEU C 722 8.50 47.95 -19.76
N LYS C 723 8.53 49.23 -19.37
CA LYS C 723 7.33 50.13 -19.44
C LYS C 723 6.70 50.06 -20.84
N ASN C 724 5.45 49.60 -20.93
CA ASN C 724 4.62 49.60 -22.15
C ASN C 724 5.28 48.76 -23.26
N GLN C 725 6.08 47.77 -22.90
CA GLN C 725 6.84 46.91 -23.85
C GLN C 725 6.92 45.46 -23.36
N MET C 726 6.10 45.05 -22.40
CA MET C 726 6.22 43.69 -21.81
C MET C 726 6.16 42.67 -22.95
N GLY C 727 7.11 41.74 -22.96
CA GLY C 727 7.27 40.69 -23.99
C GLY C 727 7.99 41.19 -25.23
N GLN C 728 9.02 42.03 -25.06
CA GLN C 728 9.83 42.59 -26.18
C GLN C 728 11.31 42.62 -25.76
N VAL C 729 11.65 43.34 -24.69
CA VAL C 729 13.06 43.61 -24.26
C VAL C 729 13.69 42.35 -23.65
N GLU C 730 12.91 41.56 -22.91
CA GLU C 730 13.41 40.56 -21.92
C GLU C 730 13.97 39.31 -22.63
N ILE C 731 13.38 38.93 -23.77
CA ILE C 731 13.73 37.70 -24.54
C ILE C 731 15.08 37.90 -25.22
N GLU C 732 15.35 39.10 -25.74
CA GLU C 732 16.64 39.45 -26.39
C GLU C 732 17.76 39.41 -25.34
N ASP C 733 17.44 39.71 -24.07
CA ASP C 733 18.37 39.62 -22.92
C ASP C 733 18.64 38.14 -22.57
N GLN C 734 17.64 37.27 -22.70
CA GLN C 734 17.76 35.81 -22.40
C GLN C 734 18.60 35.11 -23.47
N VAL C 735 18.48 35.55 -24.73
CA VAL C 735 19.25 35.01 -25.91
C VAL C 735 20.72 35.40 -25.75
N GLU C 736 21.01 36.69 -25.55
CA GLU C 736 22.39 37.23 -25.40
C GLU C 736 23.13 36.39 -24.35
N GLY C 737 22.49 36.18 -23.20
CA GLY C 737 23.06 35.44 -22.05
C GLY C 737 23.19 33.96 -22.33
N LEU C 738 22.28 33.40 -23.14
CA LEU C 738 22.31 31.99 -23.58
C LEU C 738 23.53 31.75 -24.49
N GLN C 739 23.76 32.65 -25.47
CA GLN C 739 24.92 32.61 -26.41
C GLN C 739 26.24 32.75 -25.63
N PHE C 740 26.33 33.75 -24.75
CA PHE C 740 27.51 34.01 -23.89
C PHE C 740 27.93 32.71 -23.20
N VAL C 741 26.97 32.05 -22.53
CA VAL C 741 27.17 30.82 -21.70
C VAL C 741 27.72 29.70 -22.59
N ALA C 742 27.26 29.62 -23.84
CA ALA C 742 27.67 28.60 -24.83
C ALA C 742 29.13 28.84 -25.26
N GLU C 743 29.53 30.11 -25.32
CA GLU C 743 30.89 30.58 -25.75
C GLU C 743 31.85 30.53 -24.55
N LYS C 744 31.35 30.73 -23.33
CA LYS C 744 32.15 30.70 -22.07
C LYS C 744 32.37 29.24 -21.66
N TYR C 745 31.32 28.58 -21.17
CA TYR C 745 31.27 27.12 -20.85
C TYR C 745 31.17 26.36 -22.18
N GLY C 746 31.64 25.12 -22.23
CA GLY C 746 31.87 24.44 -23.53
C GLY C 746 30.84 23.37 -23.85
N PHE C 747 29.71 23.32 -23.14
CA PHE C 747 28.84 22.12 -23.11
C PHE C 747 27.40 22.41 -23.55
N ILE C 748 27.11 23.63 -24.02
CA ILE C 748 25.76 24.00 -24.57
C ILE C 748 25.68 23.53 -26.03
N ASP C 749 24.59 22.85 -26.39
CA ASP C 749 24.18 22.62 -27.79
C ASP C 749 23.01 23.58 -28.09
N LEU C 750 23.25 24.61 -28.91
CA LEU C 750 22.28 25.69 -29.21
C LEU C 750 21.20 25.21 -30.20
N SER C 751 21.36 24.02 -30.77
CA SER C 751 20.36 23.39 -31.69
C SER C 751 19.31 22.60 -30.89
N ARG C 752 19.45 22.56 -29.55
CA ARG C 752 18.61 21.74 -28.63
C ARG C 752 18.42 22.51 -27.30
N VAL C 753 17.63 23.58 -27.34
CA VAL C 753 17.31 24.43 -26.16
C VAL C 753 15.79 24.46 -25.93
N ALA C 754 15.36 24.01 -24.75
CA ALA C 754 13.98 24.16 -24.23
C ALA C 754 13.92 25.46 -23.44
N ILE C 755 12.81 26.21 -23.54
CA ILE C 755 12.48 27.35 -22.63
C ILE C 755 11.30 26.95 -21.75
N HIS C 756 11.45 27.14 -20.43
CA HIS C 756 10.44 26.77 -19.41
C HIS C 756 10.34 27.85 -18.34
N GLY C 757 9.11 28.15 -17.89
CA GLY C 757 8.85 29.11 -16.81
C GLY C 757 7.40 29.07 -16.36
N TRP C 758 7.12 29.67 -15.20
CA TRP C 758 5.77 29.74 -14.58
C TRP C 758 5.35 31.20 -14.45
N SER C 759 4.06 31.46 -14.63
CA SER C 759 3.42 32.80 -14.65
C SER C 759 4.05 33.66 -15.76
N TYR C 760 4.66 34.81 -15.43
CA TYR C 760 5.41 35.66 -16.39
C TYR C 760 6.36 34.80 -17.23
N GLY C 761 6.96 33.79 -16.59
CA GLY C 761 7.94 32.87 -17.20
C GLY C 761 7.29 31.95 -18.22
N GLY C 762 6.04 31.56 -17.98
CA GLY C 762 5.23 30.84 -18.97
C GLY C 762 4.95 31.77 -20.15
N PHE C 763 4.63 33.02 -19.84
CA PHE C 763 4.41 34.11 -20.82
C PHE C 763 5.66 34.29 -21.69
N LEU C 764 6.84 34.27 -21.07
CA LEU C 764 8.13 34.49 -21.78
C LEU C 764 8.50 33.25 -22.59
N SER C 765 8.21 32.05 -22.08
CA SER C 765 8.44 30.78 -22.79
C SER C 765 7.70 30.82 -24.13
N LEU C 766 6.43 31.24 -24.12
CA LEU C 766 5.59 31.39 -25.34
C LEU C 766 6.13 32.53 -26.20
N MET C 767 6.54 33.64 -25.59
CA MET C 767 7.12 34.80 -26.32
C MET C 767 8.45 34.40 -26.95
N GLY C 768 9.17 33.47 -26.32
CA GLY C 768 10.42 32.91 -26.85
C GLY C 768 10.16 32.10 -28.11
N LEU C 769 9.19 31.19 -28.05
CA LEU C 769 8.83 30.29 -29.16
C LEU C 769 8.29 31.11 -30.35
N ILE C 770 7.64 32.25 -30.10
CA ILE C 770 7.03 33.10 -31.15
C ILE C 770 8.12 33.90 -31.86
N HIS C 771 8.87 34.72 -31.11
CA HIS C 771 9.83 35.73 -31.63
C HIS C 771 11.20 35.09 -31.95
N LYS C 772 11.52 33.93 -31.36
CA LYS C 772 12.84 33.25 -31.52
C LYS C 772 12.65 31.75 -31.70
N PRO C 773 11.91 31.30 -32.74
CA PRO C 773 11.67 29.87 -32.97
C PRO C 773 12.89 29.09 -33.47
N GLN C 774 13.87 29.81 -34.02
CA GLN C 774 15.16 29.29 -34.54
C GLN C 774 16.10 28.93 -33.39
N VAL C 775 15.87 29.48 -32.18
CA VAL C 775 16.71 29.27 -30.96
C VAL C 775 16.08 28.18 -30.09
N PHE C 776 14.79 28.32 -29.78
CA PHE C 776 14.03 27.47 -28.82
C PHE C 776 13.29 26.37 -29.57
N LYS C 777 13.79 25.13 -29.50
CA LYS C 777 13.19 23.93 -30.15
C LYS C 777 11.81 23.65 -29.53
N VAL C 778 11.71 23.63 -28.20
CA VAL C 778 10.44 23.35 -27.47
C VAL C 778 10.20 24.46 -26.45
N ALA C 779 8.93 24.69 -26.09
CA ALA C 779 8.51 25.62 -25.02
C ALA C 779 7.59 24.87 -24.04
N ILE C 780 7.74 25.15 -22.74
CA ILE C 780 6.89 24.56 -21.66
C ILE C 780 6.36 25.73 -20.83
N ALA C 781 5.13 26.15 -21.10
CA ALA C 781 4.50 27.39 -20.58
C ALA C 781 3.56 27.03 -19.41
N GLY C 782 4.05 27.20 -18.17
CA GLY C 782 3.30 26.94 -16.93
C GLY C 782 2.58 28.19 -16.45
N ALA C 783 1.26 28.09 -16.26
CA ALA C 783 0.35 29.18 -15.80
C ALA C 783 0.61 30.48 -16.55
N PRO C 784 0.60 30.50 -17.91
CA PRO C 784 1.02 31.69 -18.66
C PRO C 784 -0.03 32.79 -18.78
N VAL C 785 0.39 34.05 -18.65
CA VAL C 785 -0.45 35.22 -19.02
C VAL C 785 -0.48 35.29 -20.55
N THR C 786 -1.64 35.07 -21.15
CA THR C 786 -1.81 35.01 -22.63
C THR C 786 -2.50 36.28 -23.14
N VAL C 787 -3.12 37.07 -22.26
CA VAL C 787 -3.90 38.30 -22.63
C VAL C 787 -3.83 39.29 -21.47
N TRP C 788 -3.00 40.34 -21.59
CA TRP C 788 -2.82 41.40 -20.57
C TRP C 788 -4.14 42.16 -20.37
N MET C 789 -4.98 42.26 -21.41
CA MET C 789 -6.29 42.96 -21.35
C MET C 789 -7.22 42.31 -20.31
N ALA C 790 -6.97 41.05 -19.95
CA ALA C 790 -7.77 40.29 -18.96
C ALA C 790 -6.87 39.85 -17.79
N TYR C 791 -6.16 40.80 -17.19
CA TYR C 791 -5.41 40.66 -15.91
C TYR C 791 -5.77 41.85 -15.02
N ASP C 792 -5.44 41.81 -13.73
CA ASP C 792 -5.91 42.82 -12.74
C ASP C 792 -5.33 44.20 -13.06
N THR C 793 -5.98 45.26 -12.55
CA THR C 793 -5.62 46.69 -12.72
C THR C 793 -4.23 46.98 -12.16
N GLY C 794 -4.03 46.66 -10.86
CA GLY C 794 -2.87 47.09 -10.05
C GLY C 794 -1.54 46.77 -10.69
N TYR C 795 -1.32 45.51 -11.06
CA TYR C 795 -0.07 45.01 -11.69
C TYR C 795 0.06 45.64 -13.08
N THR C 796 -0.87 45.31 -13.97
CA THR C 796 -0.81 45.60 -15.43
C THR C 796 -0.69 47.11 -15.66
N GLU C 797 -1.54 47.92 -15.01
CA GLU C 797 -1.58 49.40 -15.24
C GLU C 797 -0.23 50.04 -14.89
N ARG C 798 0.45 49.52 -13.86
CA ARG C 798 1.77 50.01 -13.38
C ARG C 798 2.85 49.87 -14.46
N TYR C 799 2.80 48.82 -15.28
CA TYR C 799 3.89 48.45 -16.23
C TYR C 799 3.45 48.71 -17.69
N MET C 800 2.18 48.49 -18.02
CA MET C 800 1.69 48.55 -19.42
C MET C 800 0.77 49.76 -19.64
N ASP C 801 0.54 50.59 -18.61
CA ASP C 801 -0.47 51.68 -18.65
C ASP C 801 -1.84 51.03 -18.83
N VAL C 802 -2.76 51.70 -19.54
CA VAL C 802 -4.19 51.31 -19.70
C VAL C 802 -4.40 50.94 -21.17
N PRO C 803 -5.27 49.96 -21.51
CA PRO C 803 -5.45 49.56 -22.91
C PRO C 803 -5.82 50.77 -23.78
N GLU C 804 -6.83 51.52 -23.34
CA GLU C 804 -7.33 52.79 -23.94
C GLU C 804 -6.15 53.65 -24.41
N ASN C 805 -5.05 53.67 -23.64
CA ASN C 805 -3.85 54.51 -23.86
C ASN C 805 -2.81 53.76 -24.68
N ASN C 806 -2.44 52.55 -24.26
CA ASN C 806 -1.30 51.76 -24.82
C ASN C 806 -1.84 50.59 -25.66
N GLN C 807 -2.47 50.89 -26.80
CA GLN C 807 -3.15 49.88 -27.65
C GLN C 807 -2.11 48.95 -28.29
N HIS C 808 -1.01 49.49 -28.82
CA HIS C 808 0.05 48.71 -29.53
C HIS C 808 0.75 47.75 -28.57
N GLY C 809 1.23 48.27 -27.43
CA GLY C 809 2.00 47.50 -26.44
C GLY C 809 1.23 46.28 -25.92
N TYR C 810 -0.08 46.47 -25.68
CA TYR C 810 -1.02 45.42 -25.18
C TYR C 810 -1.15 44.31 -26.22
N GLU C 811 -1.56 44.67 -27.44
CA GLU C 811 -1.70 43.74 -28.59
C GLU C 811 -0.38 42.97 -28.79
N ALA C 812 0.75 43.68 -28.73
CA ALA C 812 2.09 43.18 -29.13
C ALA C 812 2.62 42.18 -28.10
N GLY C 813 2.23 42.34 -26.83
CA GLY C 813 2.71 41.52 -25.71
C GLY C 813 1.69 40.48 -25.26
N SER C 814 0.62 40.29 -26.02
CA SER C 814 -0.46 39.31 -25.75
C SER C 814 -0.28 38.09 -26.66
N VAL C 815 0.34 37.02 -26.15
CA VAL C 815 0.87 35.89 -26.97
C VAL C 815 -0.27 35.16 -27.70
N ALA C 816 -1.53 35.35 -27.28
CA ALA C 816 -2.71 34.65 -27.85
C ALA C 816 -3.30 35.45 -29.02
N LEU C 817 -2.84 36.69 -29.25
CA LEU C 817 -3.19 37.48 -30.47
C LEU C 817 -2.16 37.20 -31.58
N HIS C 818 -1.09 36.45 -31.27
CA HIS C 818 0.09 36.26 -32.15
C HIS C 818 0.36 34.77 -32.37
N VAL C 819 -0.68 33.94 -32.30
CA VAL C 819 -0.60 32.45 -32.30
C VAL C 819 -0.17 31.97 -33.69
N GLU C 820 -0.61 32.65 -34.76
CA GLU C 820 -0.26 32.31 -36.16
C GLU C 820 1.26 32.10 -36.27
N LYS C 821 2.04 32.80 -35.43
CA LYS C 821 3.53 32.72 -35.39
C LYS C 821 4.01 31.59 -34.47
N LEU C 822 3.12 30.75 -33.94
CA LEU C 822 3.50 29.56 -33.11
C LEU C 822 3.67 28.37 -34.04
N PRO C 823 4.39 27.31 -33.60
CA PRO C 823 4.84 26.24 -34.49
C PRO C 823 3.74 25.47 -35.21
N ASN C 824 3.96 25.19 -36.51
CA ASN C 824 3.16 24.27 -37.35
C ASN C 824 3.50 22.82 -36.97
N GLU C 825 4.67 22.61 -36.36
CA GLU C 825 5.17 21.29 -35.92
C GLU C 825 4.64 20.97 -34.53
N PRO C 826 4.17 19.73 -34.27
CA PRO C 826 3.79 19.30 -32.93
C PRO C 826 4.98 18.99 -32.00
N ASN C 827 4.71 18.79 -30.71
CA ASN C 827 5.68 18.39 -29.66
C ASN C 827 6.64 19.54 -29.32
N ARG C 828 6.37 20.75 -29.84
CA ARG C 828 7.24 21.94 -29.68
C ARG C 828 6.62 22.92 -28.67
N LEU C 829 5.47 22.57 -28.07
CA LEU C 829 4.73 23.46 -27.12
C LEU C 829 3.87 22.62 -26.19
N LEU C 830 4.20 22.60 -24.90
CA LEU C 830 3.41 21.94 -23.82
C LEU C 830 2.90 23.02 -22.85
N ILE C 831 1.60 23.04 -22.56
CA ILE C 831 0.96 24.02 -21.62
C ILE C 831 0.65 23.31 -20.29
N LEU C 832 1.08 23.93 -19.18
CA LEU C 832 0.68 23.56 -17.80
C LEU C 832 -0.17 24.70 -17.23
N HIS C 833 -1.21 24.37 -16.46
CA HIS C 833 -2.07 25.36 -15.77
C HIS C 833 -2.79 24.68 -14.60
N GLY C 834 -2.72 25.30 -13.42
CA GLY C 834 -3.58 24.96 -12.26
C GLY C 834 -5.00 25.44 -12.51
N PHE C 835 -5.97 24.52 -12.50
CA PHE C 835 -7.39 24.78 -12.89
C PHE C 835 -7.99 25.88 -11.99
N LEU C 836 -7.55 25.94 -10.74
CA LEU C 836 -8.14 26.83 -9.70
C LEU C 836 -7.36 28.14 -9.60
N ASP C 837 -6.29 28.29 -10.36
CA ASP C 837 -5.38 29.47 -10.30
C ASP C 837 -6.24 30.74 -10.30
N GLU C 838 -6.11 31.56 -9.24
CA GLU C 838 -6.92 32.79 -8.98
C GLU C 838 -6.09 34.04 -9.30
N ASN C 839 -4.77 33.94 -9.20
CA ASN C 839 -3.84 35.04 -9.60
C ASN C 839 -3.91 35.16 -11.13
N VAL C 840 -3.63 34.05 -11.82
CA VAL C 840 -3.73 33.87 -13.30
C VAL C 840 -4.86 32.87 -13.60
N HIS C 841 -6.02 33.36 -14.03
CA HIS C 841 -7.23 32.54 -14.32
C HIS C 841 -6.92 31.55 -15.45
N PHE C 842 -7.50 30.36 -15.38
CA PHE C 842 -7.32 29.26 -16.38
C PHE C 842 -7.77 29.77 -17.74
N PHE C 843 -8.75 30.66 -17.76
CA PHE C 843 -9.24 31.41 -18.95
C PHE C 843 -8.08 31.67 -19.93
N HIS C 844 -6.94 32.12 -19.42
CA HIS C 844 -5.73 32.46 -20.20
C HIS C 844 -5.33 31.27 -21.09
N THR C 845 -5.03 30.11 -20.49
CA THR C 845 -4.78 28.82 -21.20
C THR C 845 -5.95 28.56 -22.15
N ASN C 846 -7.16 28.59 -21.60
CA ASN C 846 -8.45 28.29 -22.29
C ASN C 846 -8.55 29.15 -23.55
N PHE C 847 -8.29 30.45 -23.44
CA PHE C 847 -8.40 31.43 -24.55
C PHE C 847 -7.33 31.14 -25.61
N LEU C 848 -6.08 30.95 -25.19
CA LEU C 848 -4.94 30.58 -26.08
C LEU C 848 -5.32 29.30 -26.85
N VAL C 849 -5.93 28.32 -26.19
CA VAL C 849 -6.26 27.01 -26.81
C VAL C 849 -7.33 27.25 -27.89
N SER C 850 -8.31 28.11 -27.63
CA SER C 850 -9.38 28.47 -28.61
C SER C 850 -8.72 29.12 -29.84
N GLN C 851 -7.67 29.91 -29.62
CA GLN C 851 -6.91 30.65 -30.66
C GLN C 851 -6.00 29.69 -31.44
N LEU C 852 -5.27 28.80 -30.75
CA LEU C 852 -4.39 27.77 -31.39
C LEU C 852 -5.22 26.96 -32.41
N ILE C 853 -6.47 26.67 -32.04
CA ILE C 853 -7.45 25.86 -32.83
C ILE C 853 -7.89 26.64 -34.07
N ARG C 854 -8.19 27.94 -33.91
CA ARG C 854 -8.59 28.85 -35.01
C ARG C 854 -7.49 28.89 -36.09
N ALA C 855 -6.22 28.87 -35.68
CA ALA C 855 -5.03 28.94 -36.56
C ALA C 855 -4.52 27.53 -36.90
N GLY C 856 -5.23 26.49 -36.45
CA GLY C 856 -4.88 25.07 -36.66
C GLY C 856 -3.47 24.74 -36.21
N LYS C 857 -3.13 25.09 -34.96
CA LYS C 857 -1.80 24.80 -34.36
C LYS C 857 -1.92 23.67 -33.35
N PRO C 858 -0.95 22.74 -33.30
CA PRO C 858 -0.93 21.68 -32.28
C PRO C 858 -0.45 22.10 -30.88
N TYR C 859 -1.21 21.74 -29.85
CA TYR C 859 -0.82 21.89 -28.43
C TYR C 859 -0.80 20.52 -27.77
N GLN C 860 0.11 20.34 -26.80
CA GLN C 860 -0.03 19.40 -25.67
C GLN C 860 -0.46 20.21 -24.46
N LEU C 861 -1.43 19.73 -23.69
CA LEU C 861 -1.90 20.38 -22.44
C LEU C 861 -1.74 19.43 -21.24
N GLN C 862 -1.59 20.00 -20.05
CA GLN C 862 -1.68 19.31 -18.74
C GLN C 862 -2.44 20.23 -17.78
N ILE C 863 -3.42 19.71 -17.02
CA ILE C 863 -4.08 20.47 -15.92
C ILE C 863 -3.73 19.82 -14.57
N TYR C 864 -3.73 20.65 -13.53
CA TYR C 864 -3.71 20.27 -12.10
C TYR C 864 -5.01 20.78 -11.50
N PRO C 865 -6.08 19.95 -11.50
CA PRO C 865 -7.41 20.35 -11.01
C PRO C 865 -7.51 20.92 -9.60
N ASN C 866 -6.55 20.63 -8.72
CA ASN C 866 -6.64 20.92 -7.26
C ASN C 866 -5.67 22.04 -6.87
N GLU C 867 -4.63 22.28 -7.67
CA GLU C 867 -3.59 23.31 -7.40
C GLU C 867 -4.11 24.66 -7.92
N ARG C 868 -3.75 25.75 -7.24
CA ARG C 868 -3.95 27.15 -7.71
C ARG C 868 -2.66 27.60 -8.41
N HIS C 869 -2.16 28.82 -8.14
CA HIS C 869 -1.05 29.47 -8.88
C HIS C 869 0.26 28.70 -8.75
N SER C 870 0.49 28.04 -7.61
CA SER C 870 1.67 27.18 -7.38
C SER C 870 1.21 25.77 -6.98
N ILE C 871 1.86 24.75 -7.54
CA ILE C 871 1.66 23.33 -7.16
C ILE C 871 2.14 23.18 -5.72
N ARG C 872 1.24 22.82 -4.79
CA ARG C 872 1.53 22.63 -3.34
C ARG C 872 1.64 21.13 -3.03
N CYS C 873 0.60 20.35 -3.37
CA CYS C 873 0.46 18.90 -3.10
C CYS C 873 1.62 18.11 -3.72
N PRO C 874 2.33 17.27 -2.93
CA PRO C 874 3.47 16.51 -3.43
C PRO C 874 3.24 15.76 -4.76
N GLU C 875 2.11 15.05 -4.87
CA GLU C 875 1.78 14.15 -6.01
C GLU C 875 1.66 14.99 -7.29
N SER C 876 0.91 16.09 -7.24
CA SER C 876 0.80 17.10 -8.32
C SER C 876 2.20 17.61 -8.68
N GLY C 877 3.06 17.75 -7.68
CA GLY C 877 4.47 18.17 -7.81
C GLY C 877 5.31 17.12 -8.52
N GLU C 878 5.20 15.85 -8.13
CA GLU C 878 6.00 14.74 -8.70
C GLU C 878 5.59 14.58 -10.17
N HIS C 879 4.29 14.52 -10.43
CA HIS C 879 3.71 14.40 -11.79
C HIS C 879 4.31 15.51 -12.67
N TYR C 880 4.14 16.76 -12.26
CA TYR C 880 4.70 17.96 -12.95
C TYR C 880 6.13 17.68 -13.41
N GLU C 881 7.01 17.28 -12.48
CA GLU C 881 8.46 17.11 -12.74
C GLU C 881 8.70 15.87 -13.60
N VAL C 882 7.87 14.83 -13.47
CA VAL C 882 7.98 13.58 -14.28
C VAL C 882 7.62 13.88 -15.75
N THR C 883 6.54 14.64 -15.98
CA THR C 883 6.04 15.04 -17.32
C THR C 883 7.10 15.91 -18.01
N LEU C 884 7.77 16.78 -17.24
CA LEU C 884 8.82 17.70 -17.74
C LEU C 884 10.01 16.87 -18.25
N LEU C 885 10.49 15.94 -17.42
CA LEU C 885 11.59 14.99 -17.76
C LEU C 885 11.22 14.19 -19.00
N HIS C 886 10.04 13.56 -19.01
CA HIS C 886 9.55 12.71 -20.12
C HIS C 886 9.45 13.53 -21.40
N PHE C 887 8.79 14.69 -21.36
CA PHE C 887 8.53 15.55 -22.55
C PHE C 887 9.86 15.85 -23.24
N LEU C 888 10.86 16.33 -22.49
CA LEU C 888 12.20 16.74 -23.00
C LEU C 888 12.96 15.52 -23.54
N GLN C 889 12.89 14.40 -22.81
CA GLN C 889 13.54 13.10 -23.14
C GLN C 889 13.07 12.61 -24.52
N GLU C 890 11.79 12.86 -24.86
CA GLU C 890 11.14 12.36 -26.10
C GLU C 890 11.30 13.38 -27.24
N TYR C 891 11.12 14.67 -26.98
CA TYR C 891 10.82 15.70 -28.00
C TYR C 891 11.96 16.72 -28.18
N LEU C 892 12.72 17.03 -27.13
CA LEU C 892 13.88 17.95 -27.25
C LEU C 892 14.97 17.26 -28.07
N HIS C 893 14.80 17.21 -29.39
CA HIS C 893 15.76 16.62 -30.37
C HIS C 893 15.76 17.47 -31.64
N HIS C 894 16.51 17.05 -32.67
CA HIS C 894 16.70 17.73 -33.98
C HIS C 894 17.73 18.85 -33.82
N PRO D 49 6.07 -8.72 -40.83
CA PRO D 49 7.24 -8.46 -41.70
C PRO D 49 6.97 -7.31 -42.69
N ALA D 50 7.06 -7.57 -43.99
CA ALA D 50 6.42 -6.77 -45.06
C ALA D 50 4.90 -6.88 -44.90
N ALA D 51 4.44 -7.94 -44.21
CA ALA D 51 3.05 -8.17 -43.77
C ALA D 51 2.48 -6.89 -43.15
N ARG D 52 3.04 -6.43 -42.02
CA ARG D 52 2.57 -5.25 -41.26
C ARG D 52 2.54 -4.03 -42.17
N PHE D 53 1.33 -3.56 -42.52
CA PHE D 53 1.10 -2.30 -43.28
C PHE D 53 1.32 -1.11 -42.35
N GLN D 54 2.11 -0.13 -42.78
CA GLN D 54 2.41 1.11 -42.02
C GLN D 54 1.74 2.29 -42.73
N VAL D 55 0.98 3.12 -42.01
CA VAL D 55 0.33 4.34 -42.60
C VAL D 55 1.43 5.36 -42.94
N GLN D 56 1.34 5.94 -44.14
CA GLN D 56 2.19 7.04 -44.61
C GLN D 56 2.14 8.16 -43.55
N LYS D 57 3.25 8.37 -42.86
CA LYS D 57 3.38 9.40 -41.78
C LYS D 57 3.46 10.77 -42.47
N HIS D 58 2.41 11.58 -42.32
CA HIS D 58 2.31 12.95 -42.90
C HIS D 58 2.72 14.00 -41.86
N SER D 59 3.17 15.17 -42.34
CA SER D 59 3.37 16.40 -41.54
C SER D 59 2.01 16.86 -41.01
N TRP D 60 2.01 17.87 -40.14
CA TRP D 60 0.80 18.45 -39.53
C TRP D 60 0.05 19.28 -40.58
N ASP D 61 0.76 20.19 -41.27
CA ASP D 61 0.20 20.99 -42.39
C ASP D 61 -0.33 20.02 -43.45
N GLY D 62 0.35 18.89 -43.66
CA GLY D 62 -0.10 17.78 -44.52
C GLY D 62 -1.43 17.20 -44.06
N LEU D 63 -1.55 16.83 -42.79
CA LEU D 63 -2.78 16.23 -42.21
C LEU D 63 -3.92 17.26 -42.23
N ARG D 64 -3.62 18.54 -42.06
CA ARG D 64 -4.63 19.65 -42.09
C ARG D 64 -5.26 19.69 -43.49
N SER D 65 -4.47 19.47 -44.55
CA SER D 65 -4.97 19.48 -45.94
C SER D 65 -5.75 18.20 -46.26
N ILE D 66 -5.30 17.03 -45.76
CA ILE D 66 -6.04 15.74 -45.94
C ILE D 66 -7.44 15.91 -45.33
N ILE D 67 -7.52 16.49 -44.13
CA ILE D 67 -8.78 16.64 -43.36
C ILE D 67 -9.64 17.73 -44.02
N HIS D 68 -9.03 18.78 -44.57
CA HIS D 68 -9.73 19.88 -45.30
C HIS D 68 -10.32 19.31 -46.60
N GLY D 69 -9.57 18.46 -47.29
CA GLY D 69 -10.00 17.77 -48.53
C GLY D 69 -11.30 17.01 -48.36
N SER D 70 -11.53 16.44 -47.18
CA SER D 70 -12.75 15.65 -46.82
C SER D 70 -14.00 16.50 -47.07
N ARG D 71 -14.00 17.73 -46.54
CA ARG D 71 -15.14 18.68 -46.60
C ARG D 71 -15.07 19.43 -47.94
N LYS D 72 -15.83 18.96 -48.94
CA LYS D 72 -15.84 19.51 -50.32
C LYS D 72 -17.15 19.10 -51.02
N ALA D 81 -31.14 18.70 -46.75
CA ALA D 81 -32.07 17.60 -46.38
C ALA D 81 -33.38 18.20 -45.87
N PRO D 82 -34.39 18.43 -46.74
CA PRO D 82 -35.72 18.86 -46.31
C PRO D 82 -36.34 18.02 -45.18
N HIS D 83 -36.91 18.69 -44.19
CA HIS D 83 -37.49 18.10 -42.95
C HIS D 83 -38.71 18.90 -42.51
N ASP D 84 -39.48 18.35 -41.56
CA ASP D 84 -40.62 19.01 -40.88
C ASP D 84 -41.72 19.27 -41.92
N PHE D 85 -42.29 18.20 -42.49
CA PHE D 85 -43.22 18.23 -43.66
C PHE D 85 -44.66 18.47 -43.19
N GLN D 86 -45.47 19.11 -44.04
CA GLN D 86 -46.93 19.35 -43.82
C GLN D 86 -47.67 19.25 -45.16
N PHE D 87 -48.63 18.33 -45.26
CA PHE D 87 -49.47 18.10 -46.46
C PHE D 87 -50.80 18.84 -46.33
N VAL D 88 -51.09 19.72 -47.29
CA VAL D 88 -52.39 20.45 -47.42
C VAL D 88 -52.97 20.12 -48.80
N GLN D 89 -54.30 20.14 -48.94
CA GLN D 89 -55.02 19.80 -50.20
C GLN D 89 -55.50 21.09 -50.86
N LYS D 90 -55.44 21.14 -52.20
CA LYS D 90 -55.63 22.36 -53.02
C LYS D 90 -57.11 22.74 -53.11
N THR D 91 -58.02 21.76 -53.03
CA THR D 91 -59.50 21.91 -53.16
C THR D 91 -59.80 22.90 -54.30
N ASP D 92 -59.13 22.72 -55.44
CA ASP D 92 -59.44 23.41 -56.73
C ASP D 92 -59.42 22.33 -57.81
N GLU D 93 -60.57 21.70 -58.05
CA GLU D 93 -60.71 20.43 -58.83
C GLU D 93 -60.44 20.68 -60.32
N SER D 94 -60.50 21.93 -60.79
CA SER D 94 -60.25 22.34 -62.20
C SER D 94 -58.81 22.85 -62.38
N GLY D 95 -58.01 22.90 -61.30
CA GLY D 95 -56.60 23.32 -61.32
C GLY D 95 -55.66 22.12 -61.42
N PRO D 96 -54.33 22.35 -61.64
CA PRO D 96 -53.41 21.27 -61.99
C PRO D 96 -52.73 20.53 -60.82
N HIS D 97 -52.87 20.98 -59.58
CA HIS D 97 -52.14 20.46 -58.39
C HIS D 97 -53.09 19.80 -57.40
N SER D 98 -52.76 18.58 -56.95
CA SER D 98 -53.55 17.79 -55.96
C SER D 98 -53.25 18.29 -54.53
N HIS D 99 -52.02 18.75 -54.26
CA HIS D 99 -51.57 19.11 -52.89
C HIS D 99 -50.65 20.33 -52.89
N ARG D 100 -50.20 20.72 -51.69
CA ARG D 100 -49.02 21.58 -51.43
C ARG D 100 -48.27 21.00 -50.22
N LEU D 101 -46.95 20.91 -50.32
CA LEU D 101 -46.07 20.30 -49.30
C LEU D 101 -45.22 21.41 -48.66
N TYR D 102 -45.50 21.74 -47.39
CA TYR D 102 -44.71 22.71 -46.59
C TYR D 102 -43.60 21.97 -45.85
N TYR D 103 -42.44 22.61 -45.69
CA TYR D 103 -41.22 22.01 -45.07
C TYR D 103 -40.15 23.07 -44.85
N LEU D 104 -39.16 22.73 -44.01
CA LEU D 104 -37.95 23.56 -43.74
C LEU D 104 -36.77 22.97 -44.52
N GLY D 105 -35.95 23.85 -45.12
CA GLY D 105 -34.70 23.49 -45.81
C GLY D 105 -33.73 24.65 -45.92
N MET D 106 -32.44 24.35 -46.10
CA MET D 106 -31.36 25.34 -46.38
C MET D 106 -31.03 25.32 -47.87
N PRO D 107 -31.50 26.30 -48.68
CA PRO D 107 -31.04 26.43 -50.06
C PRO D 107 -29.66 27.12 -50.17
N TYR D 108 -28.57 26.35 -50.04
CA TYR D 108 -27.16 26.78 -50.26
C TYR D 108 -26.82 27.94 -49.32
N ASN D 113 -31.77 28.54 -43.22
CA ASN D 113 -32.73 27.42 -43.07
C ASN D 113 -34.16 27.98 -43.12
N SER D 114 -34.65 28.31 -44.32
CA SER D 114 -35.92 29.07 -44.55
C SER D 114 -37.13 28.13 -44.64
N LEU D 115 -38.33 28.72 -44.68
CA LEU D 115 -39.64 28.02 -44.83
C LEU D 115 -39.99 27.96 -46.32
N LEU D 116 -40.32 26.76 -46.85
CA LEU D 116 -40.45 26.49 -48.30
C LEU D 116 -41.69 25.63 -48.59
N TYR D 117 -42.16 25.65 -49.85
CA TYR D 117 -43.31 24.86 -50.35
C TYR D 117 -42.98 24.27 -51.72
N SER D 118 -43.68 23.17 -52.07
CA SER D 118 -43.62 22.47 -53.37
C SER D 118 -45.05 22.21 -53.85
N GLU D 119 -45.28 22.26 -55.17
CA GLU D 119 -46.59 21.98 -55.82
C GLU D 119 -46.59 20.52 -56.29
N ILE D 120 -47.54 19.72 -55.80
CA ILE D 120 -47.75 18.31 -56.24
C ILE D 120 -48.75 18.31 -57.39
N PRO D 121 -48.37 17.82 -58.58
CA PRO D 121 -49.28 17.79 -59.73
C PRO D 121 -50.30 16.63 -59.65
N LYS D 122 -51.32 16.66 -60.49
CA LYS D 122 -52.35 15.59 -60.62
C LYS D 122 -51.90 14.58 -61.69
N LYS D 123 -51.06 15.00 -62.65
CA LYS D 123 -50.61 14.16 -63.80
C LYS D 123 -49.08 14.15 -63.85
N VAL D 124 -48.51 12.98 -64.16
CA VAL D 124 -47.03 12.72 -64.19
C VAL D 124 -46.70 11.88 -65.43
N ARG D 125 -45.58 12.19 -66.11
CA ARG D 125 -45.15 11.57 -67.38
C ARG D 125 -44.46 10.22 -67.11
N LYS D 126 -43.70 10.11 -66.01
CA LYS D 126 -43.02 8.87 -65.53
C LYS D 126 -41.73 8.67 -66.32
N LEU D 130 -39.11 13.52 -62.87
CA LEU D 130 -39.83 14.72 -62.36
C LEU D 130 -39.34 15.07 -60.95
N LEU D 131 -38.53 16.14 -60.83
CA LEU D 131 -38.05 16.73 -59.56
C LEU D 131 -38.91 17.95 -59.23
N LEU D 132 -39.45 18.03 -58.01
CA LEU D 132 -40.29 19.17 -57.54
C LEU D 132 -39.39 20.39 -57.28
N SER D 133 -39.86 21.58 -57.64
CA SER D 133 -39.20 22.89 -57.37
C SER D 133 -39.45 23.29 -55.91
N TRP D 134 -38.45 23.88 -55.26
CA TRP D 134 -38.59 24.49 -53.90
C TRP D 134 -38.92 25.97 -54.05
N LYS D 135 -40.20 26.33 -54.03
CA LYS D 135 -40.64 27.74 -54.01
C LYS D 135 -40.36 28.29 -52.60
N GLN D 136 -40.03 29.57 -52.48
CA GLN D 136 -39.77 30.23 -51.16
C GLN D 136 -41.08 30.87 -50.68
N MET D 137 -41.21 31.03 -49.36
CA MET D 137 -42.42 31.54 -48.66
C MET D 137 -42.28 33.03 -48.33
N LEU D 138 -41.06 33.50 -48.04
CA LEU D 138 -40.79 34.77 -47.33
C LEU D 138 -39.79 35.65 -48.13
N ASP D 139 -40.00 36.97 -48.10
CA ASP D 139 -39.24 37.97 -48.90
C ASP D 139 -37.83 38.13 -48.30
N GLY D 167 -31.65 30.42 -39.28
CA GLY D 167 -32.86 30.81 -40.03
C GLY D 167 -34.13 30.58 -39.24
N ILE D 168 -34.73 29.38 -39.35
CA ILE D 168 -35.99 28.96 -38.67
C ILE D 168 -35.86 27.49 -38.24
N THR D 169 -35.94 27.21 -36.94
CA THR D 169 -35.72 25.85 -36.34
C THR D 169 -36.98 25.00 -36.47
N SER D 170 -38.15 25.59 -36.23
CA SER D 170 -39.48 24.91 -36.29
C SER D 170 -40.58 25.93 -36.58
N TYR D 171 -41.76 25.45 -36.97
CA TYR D 171 -43.00 26.24 -37.11
C TYR D 171 -44.17 25.44 -36.54
N ASP D 172 -45.17 26.13 -36.00
CA ASP D 172 -46.52 25.57 -35.76
C ASP D 172 -47.40 25.96 -36.95
N PHE D 173 -48.49 25.22 -37.15
CA PHE D 173 -49.42 25.38 -38.29
C PHE D 173 -50.85 25.08 -37.85
N HIS D 174 -51.80 25.81 -38.41
CA HIS D 174 -53.26 25.64 -38.21
C HIS D 174 -53.92 25.40 -39.58
N SER D 175 -54.35 24.16 -39.83
CA SER D 175 -54.88 23.69 -41.13
C SER D 175 -56.05 24.57 -41.59
N GLU D 176 -57.11 24.66 -40.77
CA GLU D 176 -58.41 25.31 -41.13
C GLU D 176 -58.20 26.75 -41.59
N SER D 177 -57.28 27.48 -40.93
CA SER D 177 -57.01 28.92 -41.15
C SER D 177 -55.84 29.13 -42.13
N GLY D 178 -54.82 28.28 -42.06
CA GLY D 178 -53.57 28.41 -42.84
C GLY D 178 -52.54 29.26 -42.11
N LEU D 179 -52.73 29.47 -40.80
CA LEU D 179 -51.93 30.39 -39.96
C LEU D 179 -50.60 29.71 -39.60
N PHE D 180 -49.48 30.36 -39.91
CA PHE D 180 -48.09 29.91 -39.61
C PHE D 180 -47.50 30.77 -38.49
N LEU D 181 -47.25 30.19 -37.32
CA LEU D 181 -46.47 30.84 -36.23
C LEU D 181 -45.10 30.17 -36.18
N PHE D 182 -44.02 30.95 -36.17
CA PHE D 182 -42.62 30.44 -36.15
C PHE D 182 -41.68 31.43 -35.45
N GLN D 183 -40.87 30.89 -34.54
CA GLN D 183 -39.83 31.62 -33.76
C GLN D 183 -38.61 31.82 -34.68
N ALA D 184 -38.42 33.05 -35.17
CA ALA D 184 -37.29 33.46 -36.04
C ALA D 184 -36.69 34.76 -35.51
N SER D 185 -35.36 34.91 -35.64
CA SER D 185 -34.56 35.99 -34.98
C SER D 185 -34.69 35.82 -33.46
N ASN D 186 -34.96 36.90 -32.72
CA ASN D 186 -35.16 36.89 -31.25
C ASN D 186 -36.64 37.05 -30.93
N SER D 187 -37.49 37.17 -31.96
CA SER D 187 -38.94 37.48 -31.86
C SER D 187 -39.76 36.35 -32.50
N LEU D 188 -41.08 36.56 -32.66
CA LEU D 188 -42.03 35.66 -33.37
C LEU D 188 -42.49 36.33 -34.65
N PHE D 189 -42.83 35.53 -35.67
CA PHE D 189 -43.38 36.00 -36.97
C PHE D 189 -44.55 35.09 -37.38
N HIS D 190 -45.42 35.59 -38.26
CA HIS D 190 -46.58 34.83 -38.80
C HIS D 190 -46.83 35.18 -40.28
N CYS D 191 -47.65 34.37 -40.94
CA CYS D 191 -48.11 34.51 -42.36
C CYS D 191 -49.21 33.48 -42.62
N ARG D 192 -49.92 33.60 -43.74
CA ARG D 192 -51.13 32.78 -44.04
C ARG D 192 -50.95 32.03 -45.35
N ASP D 193 -51.53 30.83 -45.44
CA ASP D 193 -51.57 29.99 -46.67
C ASP D 193 -52.36 28.71 -46.37
N GLY D 198 -57.31 30.87 -50.43
CA GLY D 198 -56.51 30.94 -51.67
C GLY D 198 -55.06 30.55 -51.42
N PHE D 199 -54.34 30.19 -52.49
CA PHE D 199 -52.91 29.77 -52.47
C PHE D 199 -52.07 30.77 -53.28
N MET D 200 -51.03 31.31 -52.65
CA MET D 200 -50.04 32.26 -53.26
C MET D 200 -49.04 31.50 -54.13
N VAL D 201 -48.27 32.21 -54.95
CA VAL D 201 -47.20 31.67 -55.83
C VAL D 201 -45.87 32.38 -55.52
N SER D 202 -45.90 33.70 -55.36
CA SER D 202 -44.74 34.56 -55.01
C SER D 202 -44.62 34.69 -53.49
N PRO D 203 -43.39 34.73 -52.92
CA PRO D 203 -43.21 34.93 -51.48
C PRO D 203 -43.94 36.15 -50.91
N MET D 204 -44.19 36.13 -49.59
CA MET D 204 -44.94 37.18 -48.84
C MET D 204 -44.10 37.64 -47.66
N LYS D 205 -44.19 38.94 -47.31
CA LYS D 205 -43.46 39.55 -46.19
C LYS D 205 -43.99 38.97 -44.89
N PRO D 206 -43.13 38.36 -44.02
CA PRO D 206 -43.58 37.81 -42.75
C PRO D 206 -43.96 38.91 -41.74
N LEU D 207 -45.26 39.03 -41.44
CA LEU D 207 -45.82 40.00 -40.46
C LEU D 207 -45.22 39.68 -39.08
N GLU D 208 -44.63 40.66 -38.39
CA GLU D 208 -44.04 40.47 -37.05
C GLU D 208 -45.11 40.66 -35.98
N ILE D 209 -44.95 40.00 -34.82
CA ILE D 209 -45.86 40.10 -33.64
C ILE D 209 -45.16 40.94 -32.57
N LYS D 210 -45.54 42.21 -32.44
CA LYS D 210 -44.99 43.18 -31.45
C LYS D 210 -45.30 42.68 -30.04
N THR D 211 -44.54 43.12 -29.04
CA THR D 211 -44.63 42.64 -27.63
C THR D 211 -44.10 43.69 -26.66
N GLN D 212 -44.62 43.70 -25.42
CA GLN D 212 -44.17 44.55 -24.29
C GLN D 212 -43.62 43.66 -23.17
N CYS D 213 -43.15 42.45 -23.51
CA CYS D 213 -42.56 41.47 -22.56
C CYS D 213 -41.04 41.62 -22.56
N SER D 214 -40.40 41.31 -21.43
CA SER D 214 -38.95 41.52 -21.19
C SER D 214 -38.11 40.61 -22.10
N GLY D 215 -37.96 39.34 -21.76
CA GLY D 215 -37.03 38.39 -22.42
C GLY D 215 -37.51 37.97 -23.81
N PRO D 216 -36.94 36.90 -24.39
CA PRO D 216 -37.45 36.35 -25.65
C PRO D 216 -38.76 35.60 -25.40
N ARG D 217 -39.37 35.05 -26.46
CA ARG D 217 -40.66 34.32 -26.41
C ARG D 217 -40.43 32.86 -26.84
N MET D 218 -40.39 31.94 -25.87
CA MET D 218 -39.98 30.54 -26.05
C MET D 218 -41.22 29.63 -26.17
N ASP D 219 -41.04 28.47 -26.82
CA ASP D 219 -42.01 27.34 -26.87
C ASP D 219 -43.34 27.81 -27.46
N PRO D 220 -43.35 28.64 -28.53
CA PRO D 220 -44.58 29.28 -29.01
C PRO D 220 -45.52 28.36 -29.83
N LYS D 221 -46.82 28.41 -29.54
CA LYS D 221 -47.85 27.56 -30.19
C LYS D 221 -49.15 28.33 -30.41
N ILE D 222 -49.81 28.03 -31.54
CA ILE D 222 -51.16 28.56 -31.90
C ILE D 222 -52.19 27.82 -31.05
N CYS D 223 -53.34 28.45 -30.79
CA CYS D 223 -54.53 27.83 -30.13
C CYS D 223 -55.33 27.05 -31.17
N PRO D 224 -55.42 25.70 -31.05
CA PRO D 224 -56.14 24.88 -32.02
C PRO D 224 -57.61 25.28 -32.21
N ALA D 225 -58.25 25.71 -31.11
CA ALA D 225 -59.68 26.09 -31.05
C ALA D 225 -59.89 27.47 -31.70
N ASP D 226 -58.94 28.40 -31.58
CA ASP D 226 -59.07 29.78 -32.12
C ASP D 226 -57.71 30.30 -32.59
N PRO D 227 -57.46 30.35 -33.92
CA PRO D 227 -56.19 30.84 -34.45
C PRO D 227 -55.89 32.32 -34.15
N ALA D 228 -56.92 33.10 -33.84
CA ALA D 228 -56.83 34.51 -33.40
C ALA D 228 -55.86 34.63 -32.21
N PHE D 229 -55.72 33.56 -31.41
CA PHE D 229 -54.87 33.49 -30.20
C PHE D 229 -53.68 32.56 -30.41
N PHE D 230 -52.70 32.66 -29.49
CA PHE D 230 -51.45 31.86 -29.43
C PHE D 230 -50.81 32.06 -28.05
N SER D 231 -49.87 31.18 -27.70
CA SER D 231 -49.21 31.10 -26.36
C SER D 231 -47.70 31.25 -26.51
N PHE D 232 -47.02 31.51 -25.39
CA PHE D 232 -45.54 31.50 -25.25
C PHE D 232 -45.14 31.49 -23.78
N ILE D 233 -43.90 31.09 -23.48
CA ILE D 233 -43.26 31.25 -22.15
C ILE D 233 -42.47 32.57 -22.20
N ASN D 234 -42.43 33.29 -21.07
CA ASN D 234 -41.67 34.56 -20.89
C ASN D 234 -41.28 34.67 -19.41
N ASN D 235 -39.99 34.64 -19.10
CA ASN D 235 -39.49 34.59 -17.70
C ASN D 235 -40.20 33.44 -16.99
N SER D 236 -40.11 32.23 -17.57
CA SER D 236 -40.51 30.94 -16.97
C SER D 236 -41.94 31.00 -16.39
N ASP D 237 -42.84 31.73 -17.06
CA ASP D 237 -44.30 31.77 -16.79
C ASP D 237 -45.05 31.78 -18.13
N LEU D 238 -46.29 31.28 -18.15
CA LEU D 238 -47.10 31.11 -19.38
C LEU D 238 -47.84 32.42 -19.68
N TRP D 239 -47.78 32.85 -20.94
CA TRP D 239 -48.43 34.09 -21.46
C TRP D 239 -49.35 33.72 -22.62
N VAL D 240 -50.38 34.54 -22.88
CA VAL D 240 -51.31 34.38 -24.04
C VAL D 240 -51.47 35.74 -24.71
N ALA D 241 -51.69 35.76 -26.02
CA ALA D 241 -51.75 36.99 -26.84
C ALA D 241 -52.64 36.79 -28.06
N ASN D 242 -53.29 37.86 -28.50
CA ASN D 242 -54.06 37.90 -29.78
C ASN D 242 -53.12 38.44 -30.87
N ILE D 243 -53.22 37.89 -32.08
CA ILE D 243 -52.43 38.30 -33.28
C ILE D 243 -53.18 39.43 -34.02
N GLU D 244 -54.51 39.39 -34.00
CA GLU D 244 -55.40 40.32 -34.75
C GLU D 244 -55.39 41.69 -34.06
N THR D 245 -55.60 41.72 -32.73
CA THR D 245 -55.77 42.94 -31.91
C THR D 245 -54.40 43.37 -31.32
N GLY D 246 -53.61 42.41 -30.85
CA GLY D 246 -52.24 42.65 -30.33
C GLY D 246 -52.16 42.57 -28.81
N GLU D 247 -53.29 42.28 -28.14
CA GLU D 247 -53.39 42.15 -26.65
C GLU D 247 -52.52 40.98 -26.17
N GLU D 248 -51.99 41.08 -24.95
CA GLU D 248 -50.97 40.15 -24.39
C GLU D 248 -51.19 39.97 -22.89
N ARG D 249 -51.67 38.81 -22.44
CA ARG D 249 -52.03 38.57 -21.02
C ARG D 249 -51.16 37.47 -20.40
N ARG D 250 -50.58 37.76 -19.23
CA ARG D 250 -49.86 36.80 -18.36
C ARG D 250 -50.90 35.92 -17.65
N LEU D 251 -50.64 34.61 -17.55
CA LEU D 251 -51.60 33.60 -17.01
C LEU D 251 -51.06 32.99 -15.71
N THR D 252 -49.81 32.55 -15.71
CA THR D 252 -49.11 31.98 -14.52
C THR D 252 -48.28 33.10 -13.87
N PHE D 253 -48.02 32.99 -12.57
CA PHE D 253 -47.29 34.00 -11.75
C PHE D 253 -46.38 33.29 -10.73
N CYS D 254 -45.59 32.32 -11.19
CA CYS D 254 -44.65 31.50 -10.36
C CYS D 254 -43.29 32.20 -10.21
N HIS D 255 -42.95 33.12 -11.14
CA HIS D 255 -41.60 33.72 -11.28
C HIS D 255 -41.64 35.23 -10.99
N GLN D 256 -40.57 35.75 -10.38
CA GLN D 256 -40.36 37.19 -10.05
C GLN D 256 -38.95 37.59 -10.54
N GLY D 257 -38.41 38.72 -10.06
CA GLY D 257 -37.05 39.19 -10.38
C GLY D 257 -36.06 38.81 -9.29
N VAL D 261 -31.68 35.52 -9.44
CA VAL D 261 -32.37 34.19 -9.45
C VAL D 261 -32.06 33.51 -8.10
N LEU D 262 -32.11 32.17 -8.04
CA LEU D 262 -31.66 31.30 -6.90
C LEU D 262 -32.74 31.27 -5.81
N ASP D 263 -33.32 32.43 -5.47
CA ASP D 263 -34.47 32.53 -4.53
C ASP D 263 -35.75 32.65 -5.37
N ASP D 264 -35.84 31.83 -6.42
CA ASP D 264 -36.93 31.85 -7.43
C ASP D 264 -37.03 30.47 -8.08
N PRO D 265 -37.25 29.40 -7.28
CA PRO D 265 -37.22 28.02 -7.77
C PRO D 265 -38.47 27.55 -8.53
N LYS D 266 -39.60 28.25 -8.37
CA LYS D 266 -40.88 27.91 -9.05
C LYS D 266 -40.87 28.43 -10.49
N SER D 267 -41.76 27.90 -11.33
CA SER D 267 -41.78 28.03 -12.81
C SER D 267 -42.95 27.24 -13.37
N ALA D 268 -43.60 27.75 -14.42
CA ALA D 268 -44.83 27.17 -15.00
C ALA D 268 -44.77 27.24 -16.53
N GLY D 269 -44.78 26.08 -17.19
CA GLY D 269 -44.88 25.95 -18.66
C GLY D 269 -43.61 25.43 -19.31
N VAL D 270 -42.52 25.31 -18.56
CA VAL D 270 -41.19 24.84 -19.07
C VAL D 270 -41.00 23.38 -18.66
N ALA D 271 -40.33 22.60 -19.51
CA ALA D 271 -39.80 21.25 -19.18
C ALA D 271 -38.42 21.43 -18.53
N THR D 272 -38.21 20.91 -17.32
CA THR D 272 -36.91 21.03 -16.59
C THR D 272 -35.82 20.32 -17.40
N PHE D 273 -34.56 20.49 -16.97
CA PHE D 273 -33.34 19.95 -17.61
C PHE D 273 -33.52 18.44 -17.89
N VAL D 274 -33.54 17.61 -16.84
CA VAL D 274 -33.56 16.11 -16.92
C VAL D 274 -34.76 15.63 -17.77
N ILE D 275 -35.85 16.40 -17.78
CA ILE D 275 -37.06 16.09 -18.59
C ILE D 275 -36.74 16.28 -20.08
N GLN D 276 -35.85 17.22 -20.42
CA GLN D 276 -35.47 17.51 -21.82
C GLN D 276 -34.37 16.55 -22.29
N GLU D 277 -33.35 16.32 -21.45
CA GLU D 277 -32.09 15.64 -21.86
C GLU D 277 -32.27 14.12 -21.82
N GLU D 278 -33.19 13.60 -21.00
CA GLU D 278 -33.31 12.14 -20.69
C GLU D 278 -34.70 11.59 -21.05
N PHE D 279 -35.73 12.43 -21.25
CA PHE D 279 -37.12 12.00 -21.56
C PHE D 279 -37.65 12.64 -22.84
N ASP D 280 -36.76 13.27 -23.63
CA ASP D 280 -37.06 13.98 -24.91
C ASP D 280 -38.44 14.66 -24.83
N ARG D 281 -38.59 15.64 -23.94
CA ARG D 281 -39.83 16.46 -23.80
C ARG D 281 -39.43 17.92 -23.59
N PHE D 282 -39.80 18.80 -24.53
CA PHE D 282 -39.27 20.18 -24.65
C PHE D 282 -40.42 21.18 -24.50
N THR D 283 -41.46 20.78 -23.76
CA THR D 283 -42.75 21.50 -23.59
C THR D 283 -43.36 21.14 -22.24
N GLY D 284 -43.85 22.15 -21.51
CA GLY D 284 -44.49 22.00 -20.18
C GLY D 284 -45.91 22.53 -20.14
N TYR D 285 -46.48 22.89 -21.30
CA TYR D 285 -47.90 23.31 -21.43
C TYR D 285 -48.53 22.62 -22.65
N TRP D 286 -49.85 22.52 -22.65
CA TRP D 286 -50.67 21.86 -23.70
C TRP D 286 -52.01 22.58 -23.83
N TRP D 287 -52.34 23.07 -25.03
CA TRP D 287 -53.69 23.57 -25.38
C TRP D 287 -54.71 22.44 -25.23
N CYS D 288 -55.85 22.70 -24.59
CA CYS D 288 -57.10 21.96 -24.84
C CYS D 288 -57.52 22.23 -26.29
N PRO D 289 -57.77 21.19 -27.11
CA PRO D 289 -58.05 21.40 -28.53
C PRO D 289 -59.43 22.00 -28.87
N THR D 290 -60.28 22.25 -27.86
CA THR D 290 -61.67 22.76 -28.02
C THR D 290 -61.97 23.88 -27.02
N ALA D 291 -63.03 24.65 -27.29
CA ALA D 291 -63.59 25.70 -26.42
C ALA D 291 -64.95 25.26 -25.89
N SER D 292 -65.53 26.01 -24.94
CA SER D 292 -66.90 25.81 -24.39
C SER D 292 -67.53 27.17 -24.07
N TRP D 293 -68.82 27.32 -24.36
CA TRP D 293 -69.57 28.61 -24.30
C TRP D 293 -70.59 28.57 -23.15
N LEU D 299 -69.56 34.69 -24.69
CA LEU D 299 -68.20 34.32 -24.21
C LEU D 299 -67.86 32.90 -24.65
N LYS D 300 -66.57 32.54 -24.58
CA LYS D 300 -66.05 31.15 -24.70
C LYS D 300 -64.75 31.04 -23.91
N THR D 301 -64.53 29.90 -23.23
CA THR D 301 -63.39 29.66 -22.32
C THR D 301 -62.39 28.69 -23.00
N LEU D 302 -61.14 29.12 -23.11
CA LEU D 302 -59.99 28.33 -23.66
C LEU D 302 -59.12 27.90 -22.48
N ARG D 303 -58.83 26.59 -22.37
CA ARG D 303 -58.03 26.00 -21.27
C ARG D 303 -56.60 25.75 -21.76
N ILE D 304 -55.66 25.59 -20.83
CA ILE D 304 -54.27 25.11 -21.09
C ILE D 304 -53.82 24.30 -19.86
N LEU D 305 -53.54 23.01 -20.04
CA LEU D 305 -52.80 22.17 -19.05
C LEU D 305 -51.35 22.63 -19.04
N TYR D 306 -50.72 22.71 -17.85
CA TYR D 306 -49.29 23.09 -17.69
C TYR D 306 -48.71 22.46 -16.42
N GLU D 307 -47.37 22.34 -16.38
CA GLU D 307 -46.62 21.75 -15.24
C GLU D 307 -45.99 22.87 -14.41
N GLU D 308 -46.54 23.10 -13.21
CA GLU D 308 -45.87 23.87 -12.13
C GLU D 308 -44.73 23.01 -11.56
N VAL D 309 -43.64 23.66 -11.16
CA VAL D 309 -42.34 23.00 -10.88
C VAL D 309 -41.61 23.80 -9.79
N ASP D 310 -41.04 23.10 -8.81
CA ASP D 310 -40.27 23.72 -7.70
C ASP D 310 -38.91 23.02 -7.58
N GLU D 311 -37.85 23.68 -8.06
CA GLU D 311 -36.45 23.18 -8.02
C GLU D 311 -35.70 23.83 -6.86
N SER D 312 -36.35 24.01 -5.71
CA SER D 312 -35.74 24.55 -4.47
C SER D 312 -34.67 23.56 -3.97
N GLU D 313 -35.08 22.31 -3.74
CA GLU D 313 -34.27 21.25 -3.08
C GLU D 313 -33.31 20.60 -4.08
N VAL D 314 -33.34 21.02 -5.36
CA VAL D 314 -32.48 20.45 -6.43
C VAL D 314 -31.07 21.05 -6.28
N GLU D 315 -30.05 20.19 -6.20
CA GLU D 315 -28.62 20.58 -6.10
C GLU D 315 -28.30 21.50 -7.28
N VAL D 316 -27.58 22.60 -7.01
CA VAL D 316 -27.14 23.61 -8.03
C VAL D 316 -25.72 23.25 -8.44
N ILE D 317 -25.36 23.53 -9.70
CA ILE D 317 -23.99 23.38 -10.26
C ILE D 317 -23.76 24.53 -11.24
N HIS D 318 -22.51 24.97 -11.39
CA HIS D 318 -22.11 26.08 -12.29
C HIS D 318 -21.40 25.50 -13.52
N VAL D 319 -21.74 25.99 -14.72
CA VAL D 319 -21.06 25.66 -16.00
C VAL D 319 -20.61 26.98 -16.61
N PRO D 320 -19.38 27.04 -17.19
CA PRO D 320 -18.96 28.24 -17.95
C PRO D 320 -19.97 28.66 -19.04
N SER D 321 -20.09 29.97 -19.27
CA SER D 321 -21.00 30.59 -20.26
C SER D 321 -20.39 30.46 -21.66
N PRO D 322 -21.15 30.75 -22.74
CA PRO D 322 -20.58 30.80 -24.10
C PRO D 322 -19.43 31.82 -24.23
N ALA D 323 -19.56 32.99 -23.58
CA ALA D 323 -18.58 34.09 -23.59
C ALA D 323 -17.46 33.81 -22.57
N LEU D 324 -16.29 33.38 -23.06
CA LEU D 324 -15.09 33.04 -22.23
C LEU D 324 -14.50 34.33 -21.63
N GLU D 325 -14.63 35.47 -22.32
CA GLU D 325 -13.97 36.77 -21.99
C GLU D 325 -14.53 37.33 -20.68
N GLU D 326 -15.82 37.10 -20.41
CA GLU D 326 -16.54 37.61 -19.21
C GLU D 326 -16.19 36.77 -17.98
N ARG D 327 -15.77 35.50 -18.20
CA ARG D 327 -15.33 34.55 -17.14
C ARG D 327 -16.49 34.18 -16.23
N LYS D 328 -17.73 34.39 -16.69
CA LYS D 328 -18.97 34.16 -15.89
C LYS D 328 -19.52 32.78 -16.24
N THR D 329 -20.15 32.12 -15.26
CA THR D 329 -20.76 30.77 -15.39
C THR D 329 -22.27 30.90 -15.60
N ASP D 330 -22.93 29.78 -15.89
CA ASP D 330 -24.40 29.61 -15.84
C ASP D 330 -24.72 28.72 -14.63
N SER D 331 -25.83 29.00 -13.94
CA SER D 331 -26.35 28.18 -12.81
C SER D 331 -27.40 27.21 -13.36
N TYR D 332 -27.17 25.91 -13.18
CA TYR D 332 -28.06 24.80 -13.62
C TYR D 332 -28.72 24.16 -12.40
N ARG D 333 -29.93 23.63 -12.57
CA ARG D 333 -30.59 22.74 -11.60
C ARG D 333 -30.35 21.29 -12.06
N TYR D 334 -29.16 20.75 -11.75
CA TYR D 334 -28.73 19.39 -12.13
C TYR D 334 -28.92 18.45 -10.93
N PRO D 335 -30.00 17.63 -10.92
CA PRO D 335 -30.20 16.67 -9.83
C PRO D 335 -29.27 15.46 -10.06
N ARG D 336 -28.20 15.34 -9.29
CA ARG D 336 -27.26 14.18 -9.41
C ARG D 336 -28.04 12.96 -8.93
N THR D 337 -27.73 11.78 -9.51
CA THR D 337 -28.36 10.48 -9.17
C THR D 337 -28.37 10.33 -7.64
N GLY D 338 -29.50 9.90 -7.07
CA GLY D 338 -29.67 9.72 -5.63
C GLY D 338 -30.25 10.95 -4.94
N SER D 339 -30.09 12.12 -5.56
CA SER D 339 -30.51 13.44 -5.00
C SER D 339 -31.96 13.76 -5.36
N LYS D 340 -32.43 14.95 -4.97
CA LYS D 340 -33.84 15.40 -5.15
C LYS D 340 -34.10 15.74 -6.62
N ASN D 341 -35.20 15.25 -7.17
CA ASN D 341 -35.80 15.74 -8.44
C ASN D 341 -36.76 16.87 -8.08
N PRO D 342 -37.19 17.71 -9.06
CA PRO D 342 -38.12 18.79 -8.78
C PRO D 342 -39.48 18.31 -8.23
N LYS D 343 -40.08 19.09 -7.32
CA LYS D 343 -41.50 18.94 -6.89
C LYS D 343 -42.37 19.48 -8.02
N ILE D 344 -43.30 18.64 -8.49
CA ILE D 344 -44.07 18.87 -9.76
C ILE D 344 -45.55 18.69 -9.46
N ALA D 345 -46.40 19.33 -10.27
CA ALA D 345 -47.87 19.18 -10.27
C ALA D 345 -48.43 19.56 -11.64
N LEU D 346 -49.66 19.13 -11.95
CA LEU D 346 -50.42 19.58 -13.13
C LEU D 346 -51.48 20.58 -12.67
N LYS D 347 -51.61 21.69 -13.40
CA LYS D 347 -52.57 22.80 -13.12
C LYS D 347 -53.29 23.13 -14.43
N LEU D 348 -54.30 23.99 -14.39
CA LEU D 348 -55.07 24.47 -15.57
C LEU D 348 -55.05 26.01 -15.62
N ALA D 349 -54.96 26.57 -16.82
CA ALA D 349 -54.99 28.03 -17.06
C ALA D 349 -56.18 28.35 -17.99
N GLU D 350 -57.37 28.45 -17.41
CA GLU D 350 -58.60 28.94 -18.09
C GLU D 350 -58.44 30.43 -18.39
N PHE D 351 -58.91 30.88 -19.55
CA PHE D 351 -59.13 32.30 -19.87
C PHE D 351 -60.33 32.43 -20.81
N GLN D 352 -61.25 33.33 -20.47
CA GLN D 352 -62.48 33.64 -21.27
C GLN D 352 -62.17 34.81 -22.21
N THR D 353 -62.86 34.84 -23.36
CA THR D 353 -62.79 35.94 -24.37
C THR D 353 -64.19 36.15 -24.97
N ASP D 354 -64.40 37.28 -25.64
CA ASP D 354 -65.70 37.67 -26.24
C ASP D 354 -65.66 37.47 -27.76
N SER D 355 -66.64 38.01 -28.48
CA SER D 355 -66.73 37.98 -29.96
C SER D 355 -65.58 38.78 -30.58
N GLN D 356 -65.34 39.99 -30.04
CA GLN D 356 -64.24 40.91 -30.47
C GLN D 356 -62.88 40.27 -30.15
N GLY D 357 -62.86 39.28 -29.26
CA GLY D 357 -61.67 38.46 -28.94
C GLY D 357 -60.81 39.11 -27.87
N LYS D 358 -61.39 40.01 -27.07
CA LYS D 358 -60.69 40.68 -25.93
C LYS D 358 -60.70 39.71 -24.74
N ILE D 359 -59.54 39.46 -24.14
CA ILE D 359 -59.37 38.57 -22.96
C ILE D 359 -60.14 39.23 -21.80
N VAL D 360 -61.41 38.86 -21.65
CA VAL D 360 -62.35 39.39 -20.62
C VAL D 360 -61.80 39.00 -19.24
N SER D 361 -61.43 37.73 -19.05
CA SER D 361 -60.96 37.17 -17.76
C SER D 361 -59.96 36.04 -17.99
N THR D 362 -59.20 35.68 -16.95
CA THR D 362 -58.30 34.49 -16.88
C THR D 362 -58.63 33.72 -15.60
N GLN D 363 -57.84 32.68 -15.26
CA GLN D 363 -57.96 31.94 -13.98
C GLN D 363 -56.88 30.84 -13.88
N GLU D 364 -56.04 30.91 -12.83
CA GLU D 364 -55.18 29.79 -12.36
C GLU D 364 -56.10 28.74 -11.71
N LYS D 365 -55.75 27.45 -11.84
CA LYS D 365 -56.55 26.32 -11.28
C LYS D 365 -55.62 25.20 -10.80
N GLU D 366 -55.61 24.93 -9.49
CA GLU D 366 -54.92 23.75 -8.89
C GLU D 366 -55.88 22.56 -8.97
N LEU D 367 -55.37 21.34 -8.76
CA LEU D 367 -56.20 20.11 -8.62
C LEU D 367 -56.92 20.17 -7.27
N VAL D 368 -58.18 19.75 -7.23
CA VAL D 368 -59.07 19.79 -6.01
C VAL D 368 -58.28 19.30 -4.79
N GLN D 369 -57.48 18.24 -4.95
CA GLN D 369 -56.51 17.78 -3.92
C GLN D 369 -55.10 17.95 -4.49
N PRO D 370 -54.07 18.09 -3.62
CA PRO D 370 -52.70 18.26 -4.10
C PRO D 370 -52.27 17.07 -4.98
N PHE D 371 -51.58 17.37 -6.09
CA PHE D 371 -51.07 16.39 -7.07
C PHE D 371 -50.33 15.26 -6.35
N SER D 372 -49.54 15.58 -5.32
CA SER D 372 -48.62 14.66 -4.59
C SER D 372 -49.39 13.68 -3.68
N SER D 373 -50.57 14.07 -3.18
CA SER D 373 -51.46 13.22 -2.35
C SER D 373 -52.30 12.30 -3.24
N LEU D 374 -52.88 12.84 -4.33
CA LEU D 374 -53.60 12.06 -5.38
C LEU D 374 -52.69 10.95 -5.91
N PHE D 375 -51.42 11.28 -6.16
CA PHE D 375 -50.44 10.41 -6.86
C PHE D 375 -49.15 10.30 -6.05
N PRO D 376 -49.10 9.51 -4.96
CA PRO D 376 -47.84 9.22 -4.30
C PRO D 376 -46.99 8.40 -5.27
N LYS D 377 -45.67 8.45 -5.13
CA LYS D 377 -44.71 7.60 -5.90
C LYS D 377 -44.70 7.95 -7.39
N VAL D 378 -45.32 9.07 -7.79
CA VAL D 378 -45.16 9.64 -9.16
C VAL D 378 -43.98 10.63 -9.07
N GLU D 379 -42.97 10.48 -9.92
CA GLU D 379 -41.68 11.22 -9.83
C GLU D 379 -41.53 12.19 -11.03
N TYR D 380 -41.78 11.71 -12.25
CA TYR D 380 -41.67 12.52 -13.50
C TYR D 380 -42.99 12.48 -14.26
N ILE D 381 -43.28 13.57 -14.99
CA ILE D 381 -44.38 13.64 -16.00
C ILE D 381 -43.72 13.50 -17.37
N ALA D 382 -43.60 12.26 -17.85
CA ALA D 382 -42.94 11.90 -19.12
C ALA D 382 -43.60 12.68 -20.27
N ARG D 383 -44.93 12.57 -20.40
CA ARG D 383 -45.73 13.23 -21.46
C ARG D 383 -47.09 13.63 -20.89
N ALA D 384 -47.75 14.59 -21.54
CA ALA D 384 -49.16 14.95 -21.27
C ALA D 384 -49.80 15.47 -22.57
N GLY D 385 -51.13 15.64 -22.55
CA GLY D 385 -51.93 16.14 -23.67
C GLY D 385 -53.42 16.07 -23.36
N TRP D 386 -54.27 16.12 -24.40
CA TRP D 386 -55.75 16.04 -24.29
C TRP D 386 -56.30 15.00 -25.27
N THR D 387 -57.52 14.53 -25.05
CA THR D 387 -58.37 13.85 -26.06
C THR D 387 -58.81 14.91 -27.08
N ARG D 388 -59.17 14.50 -28.30
CA ARG D 388 -59.46 15.45 -29.42
C ARG D 388 -60.72 16.25 -29.11
N ASP D 389 -61.67 15.65 -28.39
CA ASP D 389 -62.96 16.29 -27.99
C ASP D 389 -62.73 17.35 -26.91
N GLY D 390 -61.58 17.30 -26.20
CA GLY D 390 -61.26 18.20 -25.07
C GLY D 390 -61.88 17.72 -23.78
N LYS D 391 -62.44 16.51 -23.78
CA LYS D 391 -63.19 15.92 -22.65
C LYS D 391 -62.25 15.70 -21.47
N TYR D 392 -61.12 15.03 -21.71
CA TYR D 392 -60.08 14.74 -20.69
C TYR D 392 -58.73 15.26 -21.17
N ALA D 393 -58.01 15.97 -20.28
CA ALA D 393 -56.54 16.04 -20.29
C ALA D 393 -56.02 14.67 -19.85
N TRP D 394 -54.74 14.38 -20.10
CA TRP D 394 -54.06 13.13 -19.70
C TRP D 394 -52.57 13.38 -19.47
N ALA D 395 -51.89 12.41 -18.88
CA ALA D 395 -50.47 12.47 -18.49
C ALA D 395 -49.92 11.04 -18.38
N MET D 396 -48.61 10.86 -18.58
CA MET D 396 -47.88 9.59 -18.35
C MET D 396 -46.96 9.77 -17.13
N PHE D 397 -47.32 9.14 -16.01
CA PHE D 397 -46.63 9.26 -14.70
C PHE D 397 -45.70 8.07 -14.50
N LEU D 398 -44.50 8.34 -13.98
CA LEU D 398 -43.43 7.33 -13.71
C LEU D 398 -43.02 7.39 -12.24
N ASP D 399 -42.77 6.23 -11.63
CA ASP D 399 -42.13 6.13 -10.28
C ASP D 399 -40.61 6.34 -10.46
N ARG D 400 -39.91 6.69 -9.38
CA ARG D 400 -38.48 7.11 -9.40
C ARG D 400 -37.62 5.98 -9.97
N PRO D 401 -37.83 4.69 -9.59
CA PRO D 401 -37.16 3.56 -10.25
C PRO D 401 -37.43 3.39 -11.77
N GLN D 402 -38.41 4.09 -12.32
CA GLN D 402 -38.77 4.11 -13.77
C GLN D 402 -39.17 2.70 -14.23
N GLN D 403 -39.83 1.93 -13.34
CA GLN D 403 -40.35 0.56 -13.63
C GLN D 403 -41.89 0.54 -13.55
N TRP D 404 -42.56 1.70 -13.68
CA TRP D 404 -44.02 1.85 -13.44
C TRP D 404 -44.59 3.08 -14.16
N LEU D 405 -44.77 2.99 -15.48
CA LEU D 405 -45.56 3.97 -16.28
C LEU D 405 -47.04 3.69 -16.01
N GLN D 406 -47.85 4.73 -15.85
CA GLN D 406 -49.33 4.60 -15.77
C GLN D 406 -50.00 5.84 -16.39
N LEU D 407 -50.66 5.66 -17.53
CA LEU D 407 -51.47 6.71 -18.22
C LEU D 407 -52.69 7.01 -17.34
N VAL D 408 -53.02 8.30 -17.13
CA VAL D 408 -54.22 8.72 -16.34
C VAL D 408 -54.99 9.79 -17.12
N LEU D 409 -56.33 9.73 -17.08
CA LEU D 409 -57.24 10.81 -17.53
C LEU D 409 -57.47 11.76 -16.35
N LEU D 410 -57.31 13.07 -16.58
CA LEU D 410 -57.74 14.13 -15.64
C LEU D 410 -58.83 14.95 -16.31
N PRO D 411 -60.09 14.87 -15.83
CA PRO D 411 -61.19 15.67 -16.38
C PRO D 411 -61.12 17.10 -15.84
N PRO D 412 -61.36 18.13 -16.68
CA PRO D 412 -61.21 19.53 -16.27
C PRO D 412 -61.94 19.92 -14.97
N ALA D 413 -63.12 19.33 -14.73
CA ALA D 413 -63.97 19.61 -13.55
C ALA D 413 -63.29 19.17 -12.24
N LEU D 414 -62.21 18.38 -12.31
CA LEU D 414 -61.37 17.98 -11.14
C LEU D 414 -60.47 19.14 -10.69
N PHE D 415 -60.37 20.19 -11.50
CA PHE D 415 -59.60 21.43 -11.21
C PHE D 415 -60.53 22.51 -10.64
N ILE D 416 -60.13 23.09 -9.51
CA ILE D 416 -60.84 24.21 -8.81
C ILE D 416 -59.94 25.45 -8.86
N PRO D 417 -60.49 26.68 -8.93
CA PRO D 417 -59.65 27.87 -8.92
C PRO D 417 -58.90 27.92 -7.58
N SER D 418 -57.60 28.18 -7.61
CA SER D 418 -56.72 28.22 -6.41
C SER D 418 -56.88 29.58 -5.72
N THR D 419 -57.03 29.55 -4.39
CA THR D 419 -56.94 30.71 -3.47
C THR D 419 -56.48 30.21 -2.09
N GLU D 420 -56.01 31.12 -1.25
CA GLU D 420 -55.57 30.84 0.15
C GLU D 420 -56.81 30.70 1.04
N ASN D 421 -57.88 31.45 0.72
CA ASN D 421 -59.19 31.43 1.43
C ASN D 421 -59.77 30.01 1.41
N GLU D 422 -59.55 29.24 2.48
CA GLU D 422 -60.03 27.84 2.64
C GLU D 422 -61.55 27.78 2.49
N GLU D 423 -62.25 28.83 2.94
CA GLU D 423 -63.72 29.00 2.73
C GLU D 423 -64.02 28.87 1.23
N GLN D 424 -63.53 29.84 0.43
CA GLN D 424 -63.77 29.92 -1.04
C GLN D 424 -63.21 28.66 -1.74
N ARG D 425 -62.15 28.06 -1.19
CA ARG D 425 -61.50 26.84 -1.74
C ARG D 425 -62.34 25.59 -1.42
N LEU D 426 -62.93 25.52 -0.22
CA LEU D 426 -63.84 24.41 0.18
C LEU D 426 -65.19 24.57 -0.50
N ALA D 427 -65.59 25.81 -0.81
CA ALA D 427 -66.82 26.15 -1.57
C ALA D 427 -66.77 25.51 -2.97
N SER D 428 -65.57 25.37 -3.54
CA SER D 428 -65.31 24.75 -4.86
C SER D 428 -65.08 23.23 -4.71
N ALA D 429 -64.51 22.79 -3.59
CA ALA D 429 -64.16 21.38 -3.29
C ALA D 429 -65.43 20.53 -3.19
N ARG D 430 -66.51 21.11 -2.69
CA ARG D 430 -67.84 20.44 -2.50
C ARG D 430 -68.63 20.47 -3.82
N ALA D 431 -68.38 21.47 -4.68
CA ALA D 431 -69.10 21.71 -5.96
C ALA D 431 -68.53 20.83 -7.09
N VAL D 432 -67.50 20.04 -6.82
CA VAL D 432 -66.94 19.01 -7.75
C VAL D 432 -67.70 17.70 -7.51
N PRO D 433 -68.47 17.18 -8.50
CA PRO D 433 -69.33 16.02 -8.27
C PRO D 433 -68.53 14.75 -7.97
N ARG D 434 -69.07 13.89 -7.10
CA ARG D 434 -68.43 12.61 -6.65
C ARG D 434 -68.08 11.74 -7.88
N ASN D 435 -68.93 11.79 -8.91
CA ASN D 435 -68.73 11.09 -10.21
C ASN D 435 -67.29 11.34 -10.72
N VAL D 436 -67.01 12.60 -11.09
CA VAL D 436 -65.74 13.07 -11.70
C VAL D 436 -64.56 12.65 -10.82
N GLN D 437 -63.48 12.14 -11.44
CA GLN D 437 -62.27 11.66 -10.74
C GLN D 437 -61.13 11.45 -11.73
N PRO D 438 -59.89 11.20 -11.26
CA PRO D 438 -58.83 10.69 -12.12
C PRO D 438 -59.07 9.21 -12.42
N TYR D 439 -58.97 8.84 -13.69
CA TYR D 439 -58.96 7.45 -14.21
C TYR D 439 -57.56 7.10 -14.69
N VAL D 440 -56.87 6.16 -14.03
CA VAL D 440 -55.68 5.49 -14.65
C VAL D 440 -56.25 4.44 -15.60
N VAL D 441 -55.65 4.34 -16.79
CA VAL D 441 -56.23 3.66 -17.97
C VAL D 441 -55.30 2.51 -18.38
N TYR D 442 -53.99 2.76 -18.48
CA TYR D 442 -52.97 1.72 -18.77
C TYR D 442 -51.93 1.67 -17.63
N GLU D 443 -51.23 0.55 -17.55
CA GLU D 443 -50.16 0.31 -16.54
C GLU D 443 -49.10 -0.60 -17.17
N GLU D 444 -47.91 -0.06 -17.43
CA GLU D 444 -46.71 -0.80 -17.91
C GLU D 444 -45.83 -1.08 -16.69
N VAL D 445 -45.48 -2.35 -16.47
CA VAL D 445 -44.68 -2.81 -15.29
C VAL D 445 -43.61 -3.79 -15.79
N THR D 446 -42.35 -3.60 -15.35
CA THR D 446 -41.17 -4.36 -15.81
C THR D 446 -40.17 -4.53 -14.66
N ASN D 447 -39.34 -5.57 -14.72
CA ASN D 447 -38.19 -5.84 -13.80
C ASN D 447 -36.89 -5.27 -14.40
N VAL D 448 -36.98 -4.59 -15.55
CA VAL D 448 -35.83 -4.00 -16.29
C VAL D 448 -35.87 -2.48 -16.12
N TRP D 449 -36.52 -1.77 -17.06
CA TRP D 449 -36.83 -0.31 -17.03
C TRP D 449 -37.91 -0.05 -18.06
N ILE D 450 -38.75 0.96 -17.80
CA ILE D 450 -39.72 1.51 -18.79
C ILE D 450 -38.97 2.47 -19.71
N ASN D 451 -39.13 2.28 -21.02
CA ASN D 451 -38.76 3.29 -22.04
C ASN D 451 -40.06 4.01 -22.42
N VAL D 452 -40.08 5.34 -22.29
CA VAL D 452 -41.27 6.19 -22.61
C VAL D 452 -41.55 6.12 -24.13
N HIS D 453 -42.72 5.61 -24.50
CA HIS D 453 -43.19 5.49 -25.92
C HIS D 453 -44.21 6.59 -26.21
N ASP D 454 -43.93 7.39 -27.23
CA ASP D 454 -44.69 8.62 -27.59
C ASP D 454 -46.12 8.24 -27.97
N ILE D 455 -46.33 7.07 -28.58
CA ILE D 455 -47.63 6.67 -29.20
C ILE D 455 -48.70 6.42 -28.12
N PHE D 456 -49.84 7.09 -28.27
CA PHE D 456 -51.09 6.90 -27.49
C PHE D 456 -52.19 7.74 -28.14
N TYR D 457 -53.13 7.08 -28.83
CA TYR D 457 -54.17 7.71 -29.68
C TYR D 457 -55.55 7.38 -29.13
N PRO D 458 -56.17 8.25 -28.30
CA PRO D 458 -57.55 8.06 -27.87
C PRO D 458 -58.56 8.28 -29.00
N PHE D 459 -59.61 7.45 -29.05
CA PHE D 459 -60.78 7.63 -29.94
C PHE D 459 -61.87 8.38 -29.17
N PRO D 460 -62.63 9.30 -29.80
CA PRO D 460 -63.77 9.95 -29.12
C PRO D 460 -64.82 8.90 -28.73
N GLN D 461 -65.53 9.14 -27.63
CA GLN D 461 -66.42 8.14 -26.95
C GLN D 461 -67.87 8.34 -27.40
N SER D 462 -68.78 7.51 -26.88
CA SER D 462 -70.26 7.60 -27.07
C SER D 462 -70.95 6.45 -26.31
N ASP D 466 -69.27 6.38 -21.70
CA ASP D 466 -69.34 5.22 -20.76
C ASP D 466 -68.01 4.45 -20.75
N GLU D 467 -67.37 4.27 -21.92
CA GLU D 467 -66.06 3.58 -22.11
C GLU D 467 -65.01 4.56 -22.63
N LEU D 468 -63.75 4.11 -22.72
CA LEU D 468 -62.66 4.76 -23.48
C LEU D 468 -61.90 3.70 -24.30
N CYS D 469 -61.82 3.90 -25.62
CA CYS D 469 -61.02 3.06 -26.56
C CYS D 469 -59.83 3.89 -27.05
N PHE D 470 -58.63 3.30 -27.11
CA PHE D 470 -57.38 3.97 -27.54
C PHE D 470 -56.37 2.96 -28.09
N LEU D 471 -55.41 3.46 -28.88
CA LEU D 471 -54.19 2.71 -29.29
C LEU D 471 -53.04 3.15 -28.40
N ARG D 472 -52.13 2.21 -28.09
CA ARG D 472 -50.97 2.43 -27.20
C ARG D 472 -49.86 1.44 -27.61
N ALA D 473 -48.63 1.93 -27.69
CA ALA D 473 -47.40 1.12 -27.86
C ALA D 473 -46.99 0.54 -26.50
N ASN D 474 -46.55 -0.73 -26.45
CA ASN D 474 -46.22 -1.43 -25.19
C ASN D 474 -45.06 -2.41 -25.43
N GLU D 475 -43.96 -2.25 -24.68
CA GLU D 475 -42.71 -3.03 -24.82
C GLU D 475 -42.62 -4.06 -23.69
N CYS D 476 -43.13 -3.73 -22.49
CA CYS D 476 -43.07 -4.57 -21.25
C CYS D 476 -43.75 -5.93 -21.45
N LYS D 477 -44.84 -5.96 -22.22
CA LYS D 477 -45.77 -7.12 -22.31
C LYS D 477 -45.02 -8.35 -22.83
N THR D 478 -44.46 -8.26 -24.05
CA THR D 478 -43.78 -9.37 -24.76
C THR D 478 -42.26 -9.18 -24.71
N GLY D 479 -41.78 -7.96 -24.43
CA GLY D 479 -40.35 -7.58 -24.49
C GLY D 479 -40.01 -6.80 -25.76
N PHE D 480 -40.98 -6.61 -26.65
CA PHE D 480 -40.83 -5.90 -27.94
C PHE D 480 -41.97 -4.90 -28.09
N CYS D 481 -41.64 -3.70 -28.58
CA CYS D 481 -42.62 -2.61 -28.75
C CYS D 481 -43.61 -2.99 -29.86
N HIS D 482 -44.89 -3.04 -29.53
CA HIS D 482 -46.01 -3.40 -30.46
C HIS D 482 -47.25 -2.55 -30.17
N LEU D 483 -48.04 -2.25 -31.20
CA LEU D 483 -49.32 -1.52 -31.07
C LEU D 483 -50.33 -2.41 -30.33
N TYR D 484 -51.28 -1.78 -29.64
CA TYR D 484 -52.43 -2.46 -28.97
C TYR D 484 -53.67 -1.57 -29.09
N LYS D 485 -54.82 -2.19 -29.35
CA LYS D 485 -56.17 -1.57 -29.22
C LYS D 485 -56.71 -1.92 -27.84
N VAL D 486 -56.76 -0.94 -26.95
CA VAL D 486 -57.28 -1.11 -25.56
C VAL D 486 -58.63 -0.40 -25.48
N THR D 487 -59.62 -1.08 -24.88
CA THR D 487 -60.85 -0.46 -24.32
C THR D 487 -60.72 -0.48 -22.79
N ALA D 488 -60.72 0.71 -22.17
CA ALA D 488 -60.63 0.91 -20.71
C ALA D 488 -62.01 1.33 -20.20
N VAL D 489 -62.50 0.69 -19.14
CA VAL D 489 -63.84 0.97 -18.53
C VAL D 489 -63.67 2.05 -17.46
N LEU D 490 -64.41 3.15 -17.59
CA LEU D 490 -64.38 4.32 -16.68
C LEU D 490 -65.58 4.25 -15.73
N LYS D 491 -65.43 3.53 -14.61
CA LYS D 491 -66.51 3.26 -13.64
C LYS D 491 -66.36 4.21 -12.44
N SER D 492 -66.96 5.41 -12.54
CA SER D 492 -67.05 6.44 -11.47
C SER D 492 -67.34 5.77 -10.12
N GLN D 493 -66.47 5.92 -9.12
CA GLN D 493 -66.62 5.27 -7.79
C GLN D 493 -67.17 6.28 -6.75
N GLY D 494 -67.21 7.57 -7.09
CA GLY D 494 -67.91 8.59 -6.30
C GLY D 494 -67.13 8.97 -5.04
N TYR D 495 -66.35 10.05 -5.10
CA TYR D 495 -65.41 10.47 -4.02
C TYR D 495 -65.91 11.70 -3.27
N ASP D 496 -65.51 11.82 -2.00
CA ASP D 496 -65.69 12.99 -1.10
C ASP D 496 -64.47 13.90 -1.25
N TRP D 497 -64.62 15.01 -1.97
CA TRP D 497 -63.49 15.85 -2.47
C TRP D 497 -63.15 16.98 -1.49
N SER D 498 -64.11 17.41 -0.67
CA SER D 498 -63.93 18.47 0.35
C SER D 498 -63.22 17.89 1.58
N GLU D 499 -63.42 16.60 1.86
CA GLU D 499 -62.63 15.86 2.89
C GLU D 499 -61.39 15.27 2.23
N PRO D 500 -60.19 15.41 2.83
CA PRO D 500 -59.00 14.73 2.33
C PRO D 500 -59.07 13.20 2.49
N PHE D 501 -58.21 12.47 1.78
CA PHE D 501 -58.05 11.00 1.86
C PHE D 501 -56.72 10.57 1.22
N SER D 502 -56.13 9.50 1.75
CA SER D 502 -54.90 8.85 1.24
C SER D 502 -55.29 7.62 0.43
N PRO D 503 -55.38 7.71 -0.93
CA PRO D 503 -55.70 6.55 -1.76
C PRO D 503 -54.59 5.49 -1.74
N GLY D 504 -54.97 4.22 -1.53
CA GLY D 504 -54.04 3.09 -1.39
C GLY D 504 -54.06 2.16 -2.60
N GLU D 505 -53.11 1.23 -2.67
CA GLU D 505 -53.04 0.15 -3.70
C GLU D 505 -53.26 0.76 -5.08
N ASP D 506 -54.36 0.41 -5.77
CA ASP D 506 -54.68 0.85 -7.15
C ASP D 506 -56.07 1.51 -7.14
N GLU D 507 -56.16 2.74 -6.60
CA GLU D 507 -57.44 3.44 -6.29
C GLU D 507 -58.15 3.89 -7.57
N PHE D 508 -57.41 4.31 -8.59
CA PHE D 508 -57.99 4.81 -9.86
C PHE D 508 -57.81 3.78 -10.99
N LYS D 509 -57.42 2.55 -10.62
CA LYS D 509 -57.30 1.39 -11.55
C LYS D 509 -58.63 1.18 -12.29
N CYS D 510 -58.65 1.46 -13.59
CA CYS D 510 -59.79 1.12 -14.49
C CYS D 510 -59.70 -0.36 -14.84
N PRO D 511 -60.84 -1.08 -14.94
CA PRO D 511 -60.86 -2.40 -15.56
C PRO D 511 -60.61 -2.29 -17.07
N ILE D 512 -59.82 -3.22 -17.61
CA ILE D 512 -59.53 -3.39 -19.07
C ILE D 512 -60.58 -4.35 -19.63
N LYS D 513 -61.29 -3.94 -20.69
CA LYS D 513 -62.42 -4.71 -21.30
C LYS D 513 -61.89 -5.60 -22.43
N GLU D 514 -61.08 -5.04 -23.35
CA GLU D 514 -60.33 -5.82 -24.39
C GLU D 514 -58.93 -5.22 -24.57
N GLU D 515 -57.96 -6.09 -24.89
CA GLU D 515 -56.54 -5.73 -25.15
C GLU D 515 -56.06 -6.51 -26.39
N ILE D 516 -56.46 -6.04 -27.58
CA ILE D 516 -56.11 -6.64 -28.89
C ILE D 516 -54.67 -6.25 -29.25
N ALA D 517 -53.84 -7.23 -29.63
CA ALA D 517 -52.49 -7.01 -30.20
C ALA D 517 -52.62 -6.79 -31.71
N LEU D 518 -52.21 -5.61 -32.20
CA LEU D 518 -52.28 -5.25 -33.65
C LEU D 518 -51.00 -5.68 -34.37
N THR D 519 -49.89 -5.77 -33.65
CA THR D 519 -48.57 -6.25 -34.15
C THR D 519 -47.98 -7.25 -33.13
N SER D 520 -47.14 -8.17 -33.59
CA SER D 520 -46.50 -9.22 -32.76
C SER D 520 -45.23 -9.75 -33.43
N GLY D 521 -44.42 -10.52 -32.70
CA GLY D 521 -43.12 -11.05 -33.17
C GLY D 521 -41.96 -10.39 -32.45
N GLU D 522 -40.74 -10.72 -32.85
CA GLU D 522 -39.47 -10.25 -32.22
C GLU D 522 -38.82 -9.16 -33.08
N TRP D 523 -39.63 -8.18 -33.50
CA TRP D 523 -39.19 -6.87 -34.05
C TRP D 523 -39.92 -5.81 -33.25
N GLU D 524 -39.70 -4.52 -33.51
CA GLU D 524 -40.33 -3.43 -32.71
C GLU D 524 -40.93 -2.35 -33.63
N VAL D 525 -42.12 -1.88 -33.25
CA VAL D 525 -42.81 -0.66 -33.78
C VAL D 525 -42.14 0.57 -33.18
N LEU D 526 -41.70 1.51 -34.02
CA LEU D 526 -40.91 2.70 -33.57
C LEU D 526 -41.86 3.71 -32.94
N ALA D 527 -41.58 4.11 -31.69
CA ALA D 527 -42.47 4.94 -30.83
C ALA D 527 -41.68 5.97 -30.01
N ARG D 528 -40.41 6.24 -30.35
CA ARG D 528 -39.49 7.15 -29.61
C ARG D 528 -38.84 8.11 -30.61
N HIS D 529 -38.28 9.23 -30.12
CA HIS D 529 -37.48 10.18 -30.92
C HIS D 529 -38.35 10.82 -32.03
N GLY D 530 -39.63 11.07 -31.73
CA GLY D 530 -40.56 11.74 -32.66
C GLY D 530 -41.10 10.81 -33.72
N SER D 531 -40.70 9.53 -33.70
CA SER D 531 -41.38 8.46 -34.47
C SER D 531 -42.81 8.37 -33.93
N LYS D 532 -43.79 8.37 -34.84
CA LYS D 532 -45.23 8.57 -34.55
C LYS D 532 -46.07 7.60 -35.39
N ILE D 533 -47.37 7.51 -35.11
CA ILE D 533 -48.37 6.78 -35.94
C ILE D 533 -49.37 7.77 -36.55
N TRP D 534 -49.96 7.37 -37.68
CA TRP D 534 -51.07 8.09 -38.37
C TRP D 534 -52.25 7.13 -38.48
N VAL D 535 -53.42 7.56 -38.00
CA VAL D 535 -54.65 6.74 -37.94
C VAL D 535 -55.69 7.37 -38.88
N ASN D 536 -56.18 6.60 -39.85
CA ASN D 536 -57.34 6.98 -40.70
C ASN D 536 -58.59 6.31 -40.12
N GLU D 537 -59.42 7.09 -39.43
CA GLU D 537 -60.70 6.61 -38.83
C GLU D 537 -61.71 6.25 -39.92
N GLU D 538 -61.59 6.85 -41.10
CA GLU D 538 -62.41 6.50 -42.30
C GLU D 538 -62.16 5.01 -42.61
N THR D 539 -60.90 4.63 -42.84
CA THR D 539 -60.50 3.30 -43.37
C THR D 539 -60.17 2.29 -42.25
N LYS D 540 -60.16 2.73 -40.99
CA LYS D 540 -59.91 1.85 -39.81
C LYS D 540 -58.52 1.23 -39.90
N LEU D 541 -57.55 1.97 -40.43
CA LEU D 541 -56.13 1.55 -40.58
C LEU D 541 -55.27 2.43 -39.67
N VAL D 542 -54.12 1.92 -39.22
CA VAL D 542 -53.09 2.70 -38.49
C VAL D 542 -51.76 2.49 -39.22
N TYR D 543 -51.17 3.57 -39.74
CA TYR D 543 -49.84 3.60 -40.39
C TYR D 543 -48.79 3.73 -39.28
N PHE D 544 -47.70 2.97 -39.36
CA PHE D 544 -46.60 2.99 -38.35
C PHE D 544 -45.25 2.69 -39.03
N GLN D 545 -44.16 3.04 -38.38
CA GLN D 545 -42.79 2.63 -38.80
C GLN D 545 -42.28 1.55 -37.83
N GLY D 546 -41.49 0.61 -38.34
CA GLY D 546 -41.02 -0.56 -37.59
C GLY D 546 -39.84 -1.23 -38.24
N THR D 547 -39.31 -2.28 -37.58
CA THR D 547 -38.11 -3.04 -37.98
C THR D 547 -38.50 -4.48 -38.37
N LYS D 548 -39.76 -4.69 -38.76
CA LYS D 548 -40.34 -6.02 -39.09
C LYS D 548 -39.46 -6.76 -40.10
N ASP D 549 -39.02 -6.08 -41.16
CA ASP D 549 -38.19 -6.70 -42.24
C ASP D 549 -36.78 -6.99 -41.71
N THR D 550 -36.13 -6.01 -41.05
CA THR D 550 -34.77 -6.21 -40.45
C THR D 550 -34.46 -5.08 -39.45
N PRO D 551 -33.65 -5.34 -38.41
CA PRO D 551 -33.23 -4.28 -37.48
C PRO D 551 -32.43 -3.17 -38.19
N LEU D 552 -31.91 -3.45 -39.38
CA LEU D 552 -30.97 -2.58 -40.12
C LEU D 552 -31.74 -1.62 -41.04
N GLU D 553 -33.07 -1.70 -41.08
CA GLU D 553 -33.89 -0.84 -41.97
C GLU D 553 -35.19 -0.47 -41.26
N HIS D 554 -35.44 0.83 -41.11
CA HIS D 554 -36.75 1.41 -40.72
C HIS D 554 -37.66 1.43 -41.95
N HIS D 555 -38.90 0.94 -41.82
CA HIS D 555 -39.86 0.78 -42.94
C HIS D 555 -41.24 1.26 -42.53
N LEU D 556 -42.00 1.77 -43.51
CA LEU D 556 -43.42 2.18 -43.36
C LEU D 556 -44.29 0.93 -43.57
N TYR D 557 -45.16 0.64 -42.60
CA TYR D 557 -46.16 -0.46 -42.67
C TYR D 557 -47.55 0.12 -42.35
N VAL D 558 -48.59 -0.49 -42.91
CA VAL D 558 -50.01 -0.18 -42.60
C VAL D 558 -50.67 -1.46 -42.05
N VAL D 559 -51.61 -1.31 -41.12
CA VAL D 559 -52.39 -2.43 -40.52
C VAL D 559 -53.76 -1.88 -40.08
N SER D 560 -54.80 -2.72 -40.15
CA SER D 560 -56.17 -2.45 -39.63
C SER D 560 -56.18 -2.58 -38.11
N TYR D 561 -56.84 -1.66 -37.41
CA TYR D 561 -57.00 -1.70 -35.92
C TYR D 561 -58.34 -2.35 -35.55
N GLU D 562 -59.24 -2.53 -36.53
CA GLU D 562 -60.43 -3.43 -36.40
C GLU D 562 -59.95 -4.87 -36.21
N ALA D 563 -59.43 -5.48 -37.28
CA ALA D 563 -58.91 -6.86 -37.35
C ALA D 563 -57.39 -6.83 -37.50
N ALA D 564 -56.67 -7.14 -36.42
CA ALA D 564 -55.19 -7.28 -36.39
C ALA D 564 -54.78 -8.43 -37.33
N GLY D 565 -54.76 -8.16 -38.64
CA GLY D 565 -54.47 -9.18 -39.67
C GLY D 565 -53.18 -8.89 -40.41
N GLU D 566 -53.24 -8.91 -41.74
CA GLU D 566 -52.10 -8.69 -42.66
C GLU D 566 -51.47 -7.32 -42.42
N ILE D 567 -50.13 -7.25 -42.41
CA ILE D 567 -49.32 -6.01 -42.35
C ILE D 567 -48.64 -5.82 -43.71
N VAL D 568 -49.17 -4.91 -44.53
CA VAL D 568 -48.54 -4.48 -45.82
C VAL D 568 -47.34 -3.58 -45.49
N ARG D 569 -46.24 -3.71 -46.25
CA ARG D 569 -45.12 -2.74 -46.23
C ARG D 569 -45.26 -1.81 -47.44
N LEU D 570 -44.92 -0.52 -47.28
CA LEU D 570 -45.13 0.54 -48.29
C LEU D 570 -43.80 1.03 -48.86
N THR D 571 -42.68 0.73 -48.21
CA THR D 571 -41.34 1.29 -48.52
C THR D 571 -40.42 0.18 -49.05
N THR D 572 -39.70 0.45 -50.15
CA THR D 572 -38.94 -0.55 -50.93
C THR D 572 -37.68 -0.95 -50.15
N PRO D 573 -37.44 -2.26 -49.92
CA PRO D 573 -36.34 -2.69 -49.05
C PRO D 573 -34.96 -2.45 -49.69
N GLY D 574 -33.90 -2.55 -48.89
CA GLY D 574 -32.51 -2.19 -49.28
C GLY D 574 -32.14 -0.80 -48.81
N PHE D 575 -33.04 -0.15 -48.06
CA PHE D 575 -32.92 1.24 -47.55
C PHE D 575 -33.64 1.34 -46.20
N SER D 576 -33.07 2.10 -45.26
CA SER D 576 -33.78 2.58 -44.04
C SER D 576 -34.53 3.86 -44.41
N HIS D 577 -35.78 4.01 -43.96
CA HIS D 577 -36.71 5.11 -44.34
C HIS D 577 -37.17 5.89 -43.09
N SER D 578 -37.27 7.21 -43.23
CA SER D 578 -37.99 8.13 -42.32
C SER D 578 -39.14 8.79 -43.09
N CYS D 579 -40.38 8.60 -42.66
CA CYS D 579 -41.61 8.91 -43.44
C CYS D 579 -42.50 9.93 -42.73
N SER D 580 -43.25 10.71 -43.52
CA SER D 580 -44.27 11.70 -43.08
C SER D 580 -45.55 11.51 -43.90
N MET D 581 -46.66 11.13 -43.24
CA MET D 581 -47.96 10.79 -43.88
C MET D 581 -48.82 12.05 -44.02
N SER D 582 -49.57 12.13 -45.13
CA SER D 582 -50.58 13.19 -45.44
C SER D 582 -51.78 13.05 -44.49
N GLN D 583 -52.31 14.20 -44.05
CA GLN D 583 -53.55 14.29 -43.22
C GLN D 583 -54.69 13.53 -43.91
N ASN D 584 -54.64 13.43 -45.25
CA ASN D 584 -55.69 12.81 -46.10
C ASN D 584 -55.27 11.40 -46.54
N PHE D 585 -54.18 10.87 -45.98
CA PHE D 585 -53.70 9.46 -46.14
C PHE D 585 -53.71 9.03 -47.61
N ASP D 586 -53.62 9.97 -48.55
CA ASP D 586 -53.56 9.71 -50.02
C ASP D 586 -52.11 9.67 -50.50
N MET D 587 -51.20 10.42 -49.85
CA MET D 587 -49.75 10.50 -50.21
C MET D 587 -48.86 10.50 -48.97
N PHE D 588 -47.56 10.36 -49.17
CA PHE D 588 -46.51 10.51 -48.12
C PHE D 588 -45.15 10.83 -48.74
N VAL D 589 -44.26 11.37 -47.92
CA VAL D 589 -42.81 11.57 -48.23
C VAL D 589 -42.04 10.46 -47.51
N SER D 590 -40.92 10.02 -48.09
CA SER D 590 -39.91 9.16 -47.42
C SER D 590 -38.52 9.77 -47.59
N HIS D 591 -37.86 10.11 -46.48
CA HIS D 591 -36.44 10.51 -46.40
C HIS D 591 -35.61 9.24 -46.15
N TYR D 592 -35.16 8.59 -47.22
CA TYR D 592 -34.44 7.29 -47.13
C TYR D 592 -33.02 7.44 -47.63
N SER D 593 -32.17 6.53 -47.17
CA SER D 593 -30.74 6.38 -47.48
C SER D 593 -30.37 4.89 -47.43
N SER D 594 -29.09 4.59 -47.56
CA SER D 594 -28.54 3.21 -47.41
C SER D 594 -27.04 3.32 -47.14
N VAL D 595 -26.46 2.29 -46.54
CA VAL D 595 -25.01 2.22 -46.16
C VAL D 595 -24.16 2.79 -47.29
N SER D 596 -24.56 2.60 -48.56
CA SER D 596 -23.74 2.92 -49.76
C SER D 596 -24.42 3.90 -50.72
N THR D 597 -25.53 4.54 -50.31
CA THR D 597 -26.30 5.48 -51.16
C THR D 597 -26.76 6.66 -50.29
N PRO D 598 -26.35 7.91 -50.59
CA PRO D 598 -26.74 9.05 -49.76
C PRO D 598 -28.25 9.27 -49.79
N PRO D 599 -28.80 10.21 -48.99
CA PRO D 599 -30.24 10.29 -48.78
C PRO D 599 -31.01 10.92 -49.95
N CYS D 600 -32.04 10.21 -50.44
CA CYS D 600 -33.11 10.74 -51.32
C CYS D 600 -34.31 11.18 -50.47
N VAL D 601 -35.10 12.13 -50.96
CA VAL D 601 -36.44 12.47 -50.40
C VAL D 601 -37.45 12.41 -51.56
N HIS D 602 -38.34 11.42 -51.54
CA HIS D 602 -39.29 11.08 -52.63
C HIS D 602 -40.73 11.20 -52.13
N VAL D 603 -41.64 11.69 -52.99
CA VAL D 603 -43.11 11.70 -52.76
C VAL D 603 -43.69 10.44 -53.40
N TYR D 604 -44.46 9.66 -52.63
CA TYR D 604 -45.18 8.44 -53.10
C TYR D 604 -46.69 8.68 -52.98
N LYS D 605 -47.42 8.49 -54.08
CA LYS D 605 -48.91 8.53 -54.13
C LYS D 605 -49.46 7.13 -53.86
N LEU D 606 -50.32 6.98 -52.84
CA LEU D 606 -51.01 5.71 -52.51
C LEU D 606 -52.15 5.51 -53.51
N SER D 607 -51.86 4.85 -54.64
CA SER D 607 -52.85 4.47 -55.70
C SER D 607 -53.59 3.19 -55.28
N GLY D 608 -54.71 2.90 -55.94
CA GLY D 608 -55.45 1.63 -55.79
C GLY D 608 -56.96 1.83 -55.78
N PRO D 609 -57.75 0.74 -55.82
CA PRO D 609 -59.21 0.82 -55.67
C PRO D 609 -59.60 1.30 -54.26
N ASP D 610 -60.66 2.10 -54.16
CA ASP D 610 -61.13 2.68 -52.86
C ASP D 610 -61.74 1.57 -51.99
N ASP D 611 -62.31 0.53 -52.61
CA ASP D 611 -63.01 -0.60 -51.93
C ASP D 611 -61.99 -1.48 -51.19
N ASP D 612 -60.71 -1.43 -51.57
CA ASP D 612 -59.60 -2.12 -50.86
C ASP D 612 -58.50 -1.10 -50.55
N PRO D 613 -58.52 -0.48 -49.36
CA PRO D 613 -57.53 0.54 -49.00
C PRO D 613 -56.23 -0.01 -48.35
N LEU D 614 -56.31 -1.13 -47.62
CA LEU D 614 -55.12 -1.79 -46.99
C LEU D 614 -54.10 -2.15 -48.07
N HIS D 615 -54.58 -2.46 -49.27
CA HIS D 615 -53.77 -2.92 -50.44
C HIS D 615 -53.63 -1.81 -51.48
N LYS D 616 -53.65 -0.54 -51.06
CA LYS D 616 -53.23 0.62 -51.89
C LYS D 616 -51.75 0.45 -52.22
N GLN D 617 -51.40 0.30 -53.51
CA GLN D 617 -50.00 0.21 -53.96
C GLN D 617 -49.39 1.61 -53.92
N PRO D 618 -48.29 1.83 -53.16
CA PRO D 618 -47.60 3.11 -53.17
C PRO D 618 -46.83 3.27 -54.49
N ARG D 619 -47.30 4.16 -55.37
CA ARG D 619 -46.65 4.47 -56.68
C ARG D 619 -45.75 5.69 -56.50
N PHE D 620 -44.48 5.61 -56.91
CA PHE D 620 -43.54 6.75 -56.96
C PHE D 620 -44.17 7.86 -57.78
N TRP D 621 -44.33 9.05 -57.19
CA TRP D 621 -45.00 10.21 -57.81
C TRP D 621 -43.95 11.24 -58.27
N ALA D 622 -43.23 11.84 -57.33
CA ALA D 622 -42.24 12.91 -57.60
C ALA D 622 -41.05 12.79 -56.63
N SER D 623 -40.03 13.62 -56.86
CA SER D 623 -38.74 13.64 -56.12
C SER D 623 -38.49 15.04 -55.55
N MET D 624 -38.25 15.12 -54.24
CA MET D 624 -37.93 16.38 -53.51
C MET D 624 -36.42 16.65 -53.58
N MET D 625 -35.61 15.58 -53.54
CA MET D 625 -34.14 15.66 -53.48
C MET D 625 -33.57 14.32 -53.94
N GLU D 626 -32.69 14.33 -54.94
CA GLU D 626 -31.95 13.13 -55.40
C GLU D 626 -30.56 13.16 -54.77
N ALA D 627 -30.27 12.23 -53.87
CA ALA D 627 -28.91 11.90 -53.39
C ALA D 627 -27.94 12.01 -54.57
N ALA D 628 -26.75 12.58 -54.35
CA ALA D 628 -25.74 12.76 -55.42
C ALA D 628 -24.36 13.02 -54.82
N SER D 629 -23.33 13.04 -55.68
CA SER D 629 -21.94 13.39 -55.34
C SER D 629 -21.53 12.76 -54.00
N CYS D 630 -21.26 11.45 -53.99
CA CYS D 630 -20.56 10.74 -52.89
C CYS D 630 -19.28 11.50 -52.55
N PRO D 631 -18.87 11.59 -51.26
CA PRO D 631 -17.64 12.31 -50.91
C PRO D 631 -16.46 11.83 -51.74
N PRO D 632 -15.55 12.74 -52.18
CA PRO D 632 -14.58 12.42 -53.24
C PRO D 632 -13.98 11.00 -53.20
N ASP D 633 -13.45 10.57 -52.06
CA ASP D 633 -12.79 9.24 -51.89
C ASP D 633 -13.60 8.35 -50.96
N TYR D 634 -14.93 8.39 -51.02
CA TYR D 634 -15.84 7.63 -50.11
C TYR D 634 -16.09 6.22 -50.65
N VAL D 635 -15.52 5.22 -49.96
CA VAL D 635 -15.92 3.79 -50.07
C VAL D 635 -16.84 3.50 -48.89
N PRO D 636 -18.09 3.03 -49.12
CA PRO D 636 -19.03 2.81 -48.02
C PRO D 636 -18.64 1.60 -47.19
N PRO D 637 -19.04 1.54 -45.91
CA PRO D 637 -18.75 0.38 -45.06
C PRO D 637 -19.73 -0.74 -45.41
N GLU D 638 -19.37 -2.01 -45.17
CA GLU D 638 -20.25 -3.16 -45.46
C GLU D 638 -20.67 -3.80 -44.14
N ILE D 639 -21.98 -3.94 -43.93
CA ILE D 639 -22.57 -4.47 -42.67
C ILE D 639 -22.34 -5.97 -42.64
N PHE D 640 -22.11 -6.52 -41.45
CA PHE D 640 -21.99 -7.98 -41.21
C PHE D 640 -22.76 -8.34 -39.95
N HIS D 641 -22.87 -9.64 -39.69
CA HIS D 641 -23.37 -10.23 -38.42
C HIS D 641 -22.47 -11.39 -38.03
N PHE D 642 -22.34 -11.64 -36.73
CA PHE D 642 -21.71 -12.84 -36.14
C PHE D 642 -22.48 -13.23 -34.89
N HIS D 643 -22.09 -14.33 -34.26
CA HIS D 643 -22.71 -14.88 -33.02
C HIS D 643 -21.67 -14.86 -31.90
N THR D 644 -22.10 -14.60 -30.67
CA THR D 644 -21.28 -14.73 -29.44
C THR D 644 -21.21 -16.22 -29.09
N ARG D 645 -20.49 -16.56 -28.00
CA ARG D 645 -20.50 -17.92 -27.39
C ARG D 645 -21.85 -18.18 -26.73
N SER D 646 -22.65 -17.12 -26.51
CA SER D 646 -24.04 -17.17 -25.98
C SER D 646 -25.03 -17.64 -27.05
N ASP D 647 -24.65 -17.62 -28.33
CA ASP D 647 -25.54 -17.79 -29.51
C ASP D 647 -26.47 -16.59 -29.62
N VAL D 648 -26.05 -15.42 -29.12
CA VAL D 648 -26.73 -14.11 -29.28
C VAL D 648 -26.16 -13.42 -30.52
N ARG D 649 -27.03 -13.03 -31.46
CA ARG D 649 -26.64 -12.46 -32.77
C ARG D 649 -26.29 -10.99 -32.58
N LEU D 650 -25.15 -10.55 -33.12
CA LEU D 650 -24.70 -9.14 -33.08
C LEU D 650 -24.35 -8.69 -34.49
N TYR D 651 -24.92 -7.55 -34.93
CA TYR D 651 -24.58 -6.90 -36.22
C TYR D 651 -23.36 -6.01 -36.00
N GLY D 652 -22.53 -5.86 -37.03
CA GLY D 652 -21.38 -4.92 -37.05
C GLY D 652 -21.20 -4.32 -38.43
N MET D 653 -20.46 -3.22 -38.52
CA MET D 653 -20.03 -2.56 -39.79
C MET D 653 -18.52 -2.69 -39.88
N ILE D 654 -17.98 -2.64 -41.11
CA ILE D 654 -16.51 -2.46 -41.32
C ILE D 654 -16.27 -1.45 -42.45
N TYR D 655 -15.22 -0.66 -42.28
CA TYR D 655 -14.59 0.23 -43.27
C TYR D 655 -13.27 -0.41 -43.72
N LYS D 656 -13.24 -0.99 -44.92
CA LYS D 656 -12.06 -1.68 -45.52
C LYS D 656 -10.96 -0.66 -45.78
N PRO D 657 -9.69 -0.98 -45.45
CA PRO D 657 -8.56 -0.13 -45.84
C PRO D 657 -8.58 0.10 -47.36
N HIS D 658 -8.76 1.35 -47.78
CA HIS D 658 -8.92 1.77 -49.20
C HIS D 658 -7.75 1.27 -50.04
N ALA D 659 -8.03 0.68 -51.21
CA ALA D 659 -7.04 0.10 -52.14
C ALA D 659 -6.23 -0.98 -51.41
N LEU D 660 -6.93 -1.96 -50.83
CA LEU D 660 -6.34 -3.05 -50.03
C LEU D 660 -5.48 -3.95 -50.93
N GLN D 661 -4.32 -4.38 -50.46
CA GLN D 661 -3.51 -5.49 -51.04
C GLN D 661 -3.65 -6.68 -50.10
N PRO D 662 -4.49 -7.69 -50.41
CA PRO D 662 -4.68 -8.83 -49.52
C PRO D 662 -3.33 -9.50 -49.18
N GLY D 663 -3.20 -9.99 -47.95
CA GLY D 663 -1.94 -10.48 -47.38
C GLY D 663 -1.35 -9.48 -46.40
N LYS D 664 -1.73 -8.20 -46.52
CA LYS D 664 -1.29 -7.09 -45.63
C LYS D 664 -2.25 -7.01 -44.43
N LYS D 665 -1.70 -6.88 -43.23
CA LYS D 665 -2.45 -6.72 -41.94
C LYS D 665 -2.39 -5.25 -41.50
N HIS D 666 -3.51 -4.54 -41.57
CA HIS D 666 -3.58 -3.06 -41.36
C HIS D 666 -3.85 -2.74 -39.88
N PRO D 667 -3.46 -1.53 -39.40
CA PRO D 667 -3.73 -1.12 -38.03
C PRO D 667 -5.21 -0.75 -37.92
N THR D 668 -5.86 -1.08 -36.81
CA THR D 668 -7.33 -1.11 -36.72
C THR D 668 -7.83 -0.20 -35.59
N VAL D 669 -8.69 0.76 -35.95
CA VAL D 669 -9.40 1.70 -35.03
C VAL D 669 -10.79 1.13 -34.74
N LEU D 670 -11.09 0.80 -33.47
CA LEU D 670 -12.42 0.36 -33.03
C LEU D 670 -13.23 1.58 -32.56
N PHE D 671 -14.12 2.09 -33.43
CA PHE D 671 -15.05 3.20 -33.09
C PHE D 671 -16.23 2.61 -32.31
N VAL D 672 -16.65 3.26 -31.22
CA VAL D 672 -17.69 2.66 -30.32
C VAL D 672 -18.59 3.74 -29.72
N TYR D 673 -19.81 3.33 -29.36
CA TYR D 673 -20.69 3.98 -28.35
C TYR D 673 -21.09 2.91 -27.33
N GLY D 674 -21.95 1.96 -27.71
CA GLY D 674 -22.29 0.76 -26.91
C GLY D 674 -23.20 1.08 -25.72
N GLY D 675 -23.64 2.33 -25.60
CA GLY D 675 -24.56 2.81 -24.55
C GLY D 675 -26.02 2.69 -25.01
N PRO D 676 -26.99 2.67 -24.08
CA PRO D 676 -28.39 2.53 -24.46
C PRO D 676 -28.90 3.74 -25.25
N GLN D 677 -30.07 3.60 -25.88
CA GLN D 677 -30.77 4.66 -26.66
C GLN D 677 -30.06 4.87 -28.00
N VAL D 678 -29.19 3.95 -28.45
CA VAL D 678 -28.31 4.18 -29.64
C VAL D 678 -28.12 2.89 -30.46
N GLN D 679 -28.06 3.06 -31.79
CA GLN D 679 -27.76 2.02 -32.83
C GLN D 679 -26.91 2.66 -33.94
N LEU D 680 -25.63 2.31 -34.04
CA LEU D 680 -24.69 2.87 -35.04
C LEU D 680 -24.72 2.01 -36.32
N VAL D 681 -25.04 0.72 -36.19
CA VAL D 681 -24.98 -0.30 -37.29
C VAL D 681 -26.40 -0.53 -37.82
N ASN D 682 -26.62 -0.14 -39.08
CA ASN D 682 -27.92 -0.23 -39.80
C ASN D 682 -27.72 0.27 -41.24
N ASN D 683 -28.67 -0.01 -42.11
CA ASN D 683 -28.59 0.25 -43.57
C ASN D 683 -28.97 1.70 -43.86
N SER D 684 -28.26 2.65 -43.26
CA SER D 684 -28.38 4.11 -43.53
C SER D 684 -26.98 4.69 -43.80
N PHE D 685 -26.91 5.68 -44.70
CA PHE D 685 -25.65 6.33 -45.15
C PHE D 685 -24.95 6.93 -43.91
N LYS D 686 -23.63 6.74 -43.83
CA LYS D 686 -22.80 7.15 -42.66
C LYS D 686 -21.84 8.28 -43.05
N GLY D 687 -21.78 8.61 -44.34
CA GLY D 687 -20.79 9.54 -44.93
C GLY D 687 -20.91 10.95 -44.38
N ILE D 688 -22.08 11.35 -43.87
CA ILE D 688 -22.35 12.73 -43.39
C ILE D 688 -21.94 12.84 -41.92
N LYS D 689 -22.52 12.00 -41.06
CA LYS D 689 -22.29 12.00 -39.59
C LYS D 689 -20.88 11.47 -39.26
N TYR D 690 -20.42 10.42 -39.93
CA TYR D 690 -19.21 9.63 -39.55
C TYR D 690 -18.17 9.63 -40.68
N LEU D 691 -18.05 10.74 -41.42
CA LEU D 691 -17.12 10.88 -42.57
C LEU D 691 -15.70 10.47 -42.14
N ARG D 692 -15.23 10.99 -41.00
CA ARG D 692 -13.84 10.78 -40.50
C ARG D 692 -13.49 9.28 -40.45
N LEU D 693 -14.46 8.39 -40.26
CA LEU D 693 -14.25 6.92 -40.27
C LEU D 693 -13.69 6.48 -41.63
N ASN D 694 -14.26 7.00 -42.73
CA ASN D 694 -13.79 6.77 -44.12
C ASN D 694 -12.38 7.38 -44.30
N THR D 695 -12.17 8.60 -43.79
CA THR D 695 -10.86 9.32 -43.88
C THR D 695 -9.78 8.45 -43.25
N LEU D 696 -10.06 7.83 -42.09
CA LEU D 696 -9.16 6.83 -41.44
C LEU D 696 -8.90 5.67 -42.42
N ALA D 697 -9.97 5.12 -43.01
CA ALA D 697 -9.91 4.04 -44.03
C ALA D 697 -9.03 4.45 -45.21
N SER D 698 -9.13 5.72 -45.66
CA SER D 698 -8.41 6.28 -46.83
C SER D 698 -6.89 6.28 -46.59
N LEU D 699 -6.46 6.45 -45.34
CA LEU D 699 -5.02 6.42 -44.95
C LEU D 699 -4.61 4.99 -44.59
N GLY D 700 -5.54 4.04 -44.66
CA GLY D 700 -5.25 2.59 -44.59
C GLY D 700 -5.37 2.03 -43.18
N TYR D 701 -6.20 2.65 -42.34
CA TYR D 701 -6.66 2.08 -41.05
C TYR D 701 -7.86 1.20 -41.34
N ALA D 702 -7.93 0.02 -40.72
CA ALA D 702 -9.19 -0.77 -40.62
C ALA D 702 -10.02 -0.10 -39.53
N VAL D 703 -11.28 0.24 -39.82
CA VAL D 703 -12.24 0.81 -38.83
C VAL D 703 -13.35 -0.23 -38.61
N VAL D 704 -13.52 -0.67 -37.36
CA VAL D 704 -14.53 -1.69 -36.94
C VAL D 704 -15.59 -0.97 -36.09
N VAL D 705 -16.87 -1.24 -36.35
CA VAL D 705 -18.00 -0.67 -35.56
C VAL D 705 -18.94 -1.82 -35.19
N ILE D 706 -19.33 -1.90 -33.92
CA ILE D 706 -20.09 -3.05 -33.34
C ILE D 706 -21.19 -2.52 -32.41
N ASP D 707 -22.44 -2.85 -32.73
CA ASP D 707 -23.62 -2.68 -31.84
C ASP D 707 -23.69 -3.89 -30.92
N GLY D 708 -22.97 -3.84 -29.78
CA GLY D 708 -22.97 -4.90 -28.76
C GLY D 708 -24.25 -4.87 -27.94
N ARG D 709 -24.42 -5.81 -27.00
CA ARG D 709 -25.60 -5.86 -26.10
C ARG D 709 -25.68 -4.55 -25.32
N GLY D 710 -26.88 -4.01 -25.16
CA GLY D 710 -27.16 -2.73 -24.48
C GLY D 710 -27.66 -1.69 -25.47
N SER D 711 -27.43 -1.90 -26.76
CA SER D 711 -27.77 -0.95 -27.85
C SER D 711 -29.25 -1.06 -28.22
N CYS D 712 -29.75 -0.07 -28.95
CA CYS D 712 -31.19 0.18 -29.27
C CYS D 712 -31.68 -0.73 -30.41
N GLN D 713 -33.00 -0.73 -30.64
CA GLN D 713 -33.72 -1.25 -31.83
C GLN D 713 -33.63 -2.77 -31.92
N ARG D 714 -33.62 -3.47 -30.78
CA ARG D 714 -33.35 -4.93 -30.72
C ARG D 714 -34.11 -5.56 -29.54
N GLY D 715 -35.25 -4.98 -29.16
CA GLY D 715 -36.05 -5.48 -28.03
C GLY D 715 -35.39 -5.18 -26.70
N LEU D 716 -36.11 -5.44 -25.62
CA LEU D 716 -35.84 -4.93 -24.24
C LEU D 716 -34.92 -5.89 -23.48
N ARG D 717 -35.06 -7.21 -23.66
CA ARG D 717 -34.23 -8.22 -22.95
C ARG D 717 -32.78 -8.14 -23.44
N PHE D 718 -32.56 -7.55 -24.62
CA PHE D 718 -31.25 -7.33 -25.25
C PHE D 718 -30.55 -6.12 -24.62
N GLU D 719 -31.30 -5.04 -24.38
CA GLU D 719 -30.89 -3.82 -23.63
C GLU D 719 -30.71 -4.19 -22.14
N GLY D 720 -31.56 -5.08 -21.64
CA GLY D 720 -31.59 -5.52 -20.23
C GLY D 720 -30.22 -5.92 -19.72
N ALA D 721 -29.37 -6.50 -20.57
CA ALA D 721 -28.01 -6.98 -20.24
C ALA D 721 -27.21 -5.91 -19.48
N LEU D 722 -27.55 -4.63 -19.67
CA LEU D 722 -26.86 -3.46 -19.06
C LEU D 722 -27.11 -3.38 -17.56
N LYS D 723 -28.32 -3.70 -17.14
CA LYS D 723 -28.89 -3.37 -15.80
C LYS D 723 -27.83 -3.60 -14.70
N ASN D 724 -27.42 -2.52 -14.03
CA ASN D 724 -26.62 -2.50 -12.77
C ASN D 724 -25.16 -2.96 -13.01
N GLN D 725 -24.67 -2.94 -14.27
CA GLN D 725 -23.30 -3.41 -14.60
C GLN D 725 -22.65 -2.55 -15.71
N MET D 726 -23.15 -1.35 -15.99
CA MET D 726 -22.65 -0.52 -17.12
C MET D 726 -21.12 -0.58 -17.14
N GLY D 727 -20.53 -1.03 -18.25
CA GLY D 727 -19.08 -1.17 -18.47
C GLY D 727 -18.62 -2.61 -18.35
N GLN D 728 -19.25 -3.39 -17.47
CA GLN D 728 -18.86 -4.79 -17.14
C GLN D 728 -19.12 -5.70 -18.36
N VAL D 729 -20.19 -5.46 -19.11
CA VAL D 729 -20.71 -6.39 -20.17
C VAL D 729 -20.39 -5.85 -21.58
N GLU D 730 -20.28 -4.53 -21.75
CA GLU D 730 -20.31 -3.85 -23.08
C GLU D 730 -19.04 -4.17 -23.90
N ILE D 731 -17.89 -4.35 -23.25
CA ILE D 731 -16.56 -4.45 -23.91
C ILE D 731 -16.29 -5.90 -24.35
N GLU D 732 -16.78 -6.89 -23.59
CA GLU D 732 -16.62 -8.34 -23.89
C GLU D 732 -17.20 -8.66 -25.27
N ASP D 733 -18.30 -7.98 -25.65
CA ASP D 733 -18.97 -8.10 -26.98
C ASP D 733 -18.10 -7.43 -28.05
N GLN D 734 -17.51 -6.26 -27.77
CA GLN D 734 -16.65 -5.50 -28.73
C GLN D 734 -15.44 -6.35 -29.09
N VAL D 735 -14.79 -6.96 -28.10
CA VAL D 735 -13.60 -7.86 -28.30
C VAL D 735 -14.01 -9.01 -29.21
N GLU D 736 -15.07 -9.73 -28.83
CA GLU D 736 -15.61 -10.90 -29.59
C GLU D 736 -15.88 -10.49 -31.04
N GLY D 737 -16.48 -9.31 -31.24
CA GLY D 737 -16.76 -8.75 -32.58
C GLY D 737 -15.47 -8.47 -33.33
N LEU D 738 -14.52 -7.82 -32.67
CA LEU D 738 -13.18 -7.43 -33.20
C LEU D 738 -12.45 -8.67 -33.74
N GLN D 739 -12.46 -9.78 -32.99
CA GLN D 739 -11.72 -11.04 -33.32
C GLN D 739 -12.36 -11.74 -34.53
N PHE D 740 -13.69 -11.69 -34.64
CA PHE D 740 -14.46 -12.30 -35.76
C PHE D 740 -14.06 -11.60 -37.06
N VAL D 741 -13.94 -10.28 -37.00
CA VAL D 741 -13.62 -9.39 -38.16
C VAL D 741 -12.23 -9.76 -38.69
N ALA D 742 -11.32 -10.12 -37.80
CA ALA D 742 -9.91 -10.49 -38.10
C ALA D 742 -9.86 -11.87 -38.79
N GLU D 743 -10.79 -12.77 -38.44
CA GLU D 743 -10.96 -14.11 -39.08
C GLU D 743 -11.64 -13.93 -40.45
N LYS D 744 -12.86 -13.37 -40.49
CA LYS D 744 -13.66 -13.20 -41.73
C LYS D 744 -12.84 -12.43 -42.78
N TYR D 745 -12.63 -11.13 -42.58
CA TYR D 745 -11.74 -10.30 -43.42
C TYR D 745 -10.31 -10.61 -42.97
N GLY D 746 -9.33 -10.51 -43.87
CA GLY D 746 -7.97 -11.02 -43.60
C GLY D 746 -7.00 -9.95 -43.14
N PHE D 747 -7.46 -8.70 -42.97
CA PHE D 747 -6.58 -7.50 -43.04
C PHE D 747 -6.43 -6.81 -41.68
N ILE D 748 -6.94 -7.40 -40.59
CA ILE D 748 -6.82 -6.84 -39.21
C ILE D 748 -5.48 -7.27 -38.61
N ASP D 749 -4.58 -6.32 -38.36
CA ASP D 749 -3.43 -6.50 -37.43
C ASP D 749 -3.95 -6.23 -36.02
N LEU D 750 -4.03 -7.28 -35.18
CA LEU D 750 -4.61 -7.23 -33.81
C LEU D 750 -3.60 -6.65 -32.81
N SER D 751 -2.31 -6.67 -33.15
CA SER D 751 -1.22 -6.13 -32.29
C SER D 751 -1.35 -4.61 -32.21
N ARG D 752 -1.98 -3.97 -33.21
CA ARG D 752 -2.15 -2.50 -33.32
C ARG D 752 -3.64 -2.16 -33.43
N VAL D 753 -4.36 -2.15 -32.30
CA VAL D 753 -5.80 -1.76 -32.25
C VAL D 753 -5.99 -0.59 -31.29
N ALA D 754 -6.76 0.41 -31.72
CA ALA D 754 -7.09 1.67 -30.99
C ALA D 754 -8.60 1.74 -30.75
N ILE D 755 -9.04 1.94 -29.50
CA ILE D 755 -10.49 2.08 -29.15
C ILE D 755 -10.79 3.57 -28.92
N HIS D 756 -11.77 4.10 -29.66
CA HIS D 756 -12.12 5.54 -29.68
C HIS D 756 -13.65 5.71 -29.75
N GLY D 757 -14.19 6.64 -28.96
CA GLY D 757 -15.63 6.96 -28.89
C GLY D 757 -15.93 8.24 -28.13
N TRP D 758 -17.20 8.64 -28.10
CA TRP D 758 -17.67 9.92 -27.53
C TRP D 758 -18.77 9.66 -26.51
N SER D 759 -18.68 10.31 -25.35
CA SER D 759 -19.60 10.17 -24.18
C SER D 759 -19.47 8.75 -23.60
N TYR D 760 -20.55 7.99 -23.57
CA TYR D 760 -20.53 6.52 -23.29
C TYR D 760 -19.36 5.87 -24.07
N GLY D 761 -19.11 6.33 -25.30
CA GLY D 761 -18.01 5.85 -26.17
C GLY D 761 -16.63 6.19 -25.61
N GLY D 762 -16.51 7.34 -24.94
CA GLY D 762 -15.30 7.68 -24.17
C GLY D 762 -15.20 6.79 -22.93
N PHE D 763 -16.32 6.62 -22.24
CA PHE D 763 -16.45 5.74 -21.05
C PHE D 763 -15.96 4.32 -21.41
N LEU D 764 -16.35 3.83 -22.58
CA LEU D 764 -15.99 2.46 -23.05
C LEU D 764 -14.52 2.42 -23.46
N SER D 765 -14.03 3.44 -24.15
CA SER D 765 -12.60 3.56 -24.53
C SER D 765 -11.74 3.30 -23.30
N LEU D 766 -11.97 4.08 -22.23
CA LEU D 766 -11.22 4.00 -20.95
C LEU D 766 -11.42 2.61 -20.32
N MET D 767 -12.66 2.15 -20.27
CA MET D 767 -13.03 0.80 -19.74
C MET D 767 -12.29 -0.31 -20.50
N GLY D 768 -12.24 -0.21 -21.83
CA GLY D 768 -11.50 -1.14 -22.69
C GLY D 768 -10.02 -1.15 -22.35
N LEU D 769 -9.46 0.02 -22.05
CA LEU D 769 -8.01 0.20 -21.80
C LEU D 769 -7.67 -0.33 -20.39
N ILE D 770 -8.67 -0.49 -19.53
CA ILE D 770 -8.54 -1.00 -18.13
C ILE D 770 -8.70 -2.53 -18.16
N HIS D 771 -9.80 -3.01 -18.74
CA HIS D 771 -10.23 -4.43 -18.74
C HIS D 771 -9.42 -5.26 -19.73
N LYS D 772 -8.87 -4.63 -20.78
CA LYS D 772 -8.27 -5.33 -21.95
C LYS D 772 -7.10 -4.52 -22.50
N PRO D 773 -6.02 -4.29 -21.69
CA PRO D 773 -4.84 -3.56 -22.17
C PRO D 773 -4.05 -4.30 -23.27
N GLN D 774 -4.10 -5.64 -23.25
CA GLN D 774 -3.45 -6.54 -24.23
C GLN D 774 -4.13 -6.39 -25.60
N VAL D 775 -5.41 -6.01 -25.64
CA VAL D 775 -6.24 -5.92 -26.87
C VAL D 775 -6.05 -4.55 -27.51
N PHE D 776 -6.17 -3.48 -26.71
CA PHE D 776 -6.07 -2.07 -27.15
C PHE D 776 -4.73 -1.49 -26.69
N LYS D 777 -3.94 -0.96 -27.61
CA LYS D 777 -2.62 -0.33 -27.33
C LYS D 777 -2.82 1.15 -26.97
N VAL D 778 -3.87 1.79 -27.51
CA VAL D 778 -4.22 3.20 -27.17
C VAL D 778 -5.73 3.29 -26.91
N ALA D 779 -6.15 4.34 -26.18
CA ALA D 779 -7.55 4.80 -26.05
C ALA D 779 -7.63 6.30 -26.40
N ILE D 780 -8.63 6.70 -27.17
CA ILE D 780 -8.98 8.14 -27.38
C ILE D 780 -10.41 8.33 -26.89
N ALA D 781 -10.55 8.87 -25.68
CA ALA D 781 -11.82 9.01 -24.92
C ALA D 781 -12.30 10.47 -25.02
N GLY D 782 -13.40 10.68 -25.74
CA GLY D 782 -14.04 12.00 -25.94
C GLY D 782 -15.24 12.17 -25.02
N ALA D 783 -15.21 13.20 -24.17
CA ALA D 783 -16.31 13.56 -23.24
C ALA D 783 -16.73 12.35 -22.41
N PRO D 784 -15.80 11.66 -21.70
CA PRO D 784 -16.12 10.43 -21.00
C PRO D 784 -16.87 10.69 -19.69
N VAL D 785 -17.87 9.85 -19.40
CA VAL D 785 -18.47 9.70 -18.05
C VAL D 785 -17.50 8.91 -17.17
N THR D 786 -16.80 9.58 -16.26
CA THR D 786 -15.71 9.00 -15.44
C THR D 786 -16.25 8.58 -14.07
N VAL D 787 -17.31 9.25 -13.59
CA VAL D 787 -17.94 9.06 -12.24
C VAL D 787 -19.45 9.05 -12.41
N TRP D 788 -20.10 7.90 -12.22
CA TRP D 788 -21.57 7.73 -12.38
C TRP D 788 -22.32 8.47 -11.26
N MET D 789 -21.82 8.35 -10.02
CA MET D 789 -22.34 9.06 -8.81
C MET D 789 -22.58 10.54 -9.13
N ALA D 790 -21.78 11.13 -10.03
CA ALA D 790 -21.82 12.56 -10.42
C ALA D 790 -22.86 12.81 -11.52
N TYR D 791 -23.23 11.77 -12.29
CA TYR D 791 -24.18 11.88 -13.44
C TYR D 791 -25.60 12.02 -12.88
N ASP D 792 -26.59 12.29 -13.72
CA ASP D 792 -27.95 12.73 -13.30
C ASP D 792 -28.84 11.54 -12.95
N THR D 793 -29.97 11.82 -12.30
CA THR D 793 -31.01 10.87 -11.83
C THR D 793 -31.63 10.13 -13.01
N GLY D 794 -32.20 10.90 -13.95
CA GLY D 794 -33.08 10.42 -15.02
C GLY D 794 -32.47 9.26 -15.79
N TYR D 795 -31.26 9.46 -16.30
CA TYR D 795 -30.48 8.44 -17.06
C TYR D 795 -30.01 7.35 -16.10
N THR D 796 -29.17 7.70 -15.12
CA THR D 796 -28.36 6.76 -14.30
C THR D 796 -29.28 5.79 -13.55
N GLU D 797 -30.27 6.30 -12.81
CA GLU D 797 -31.15 5.48 -11.95
C GLU D 797 -31.89 4.45 -12.81
N ARG D 798 -32.37 4.86 -13.98
CA ARG D 798 -33.07 3.97 -14.95
C ARG D 798 -32.25 2.69 -15.18
N TYR D 799 -30.95 2.80 -15.45
CA TYR D 799 -30.08 1.64 -15.83
C TYR D 799 -29.32 1.09 -14.60
N MET D 800 -28.95 1.94 -13.65
CA MET D 800 -27.95 1.62 -12.59
C MET D 800 -28.56 1.75 -11.19
N ASP D 801 -29.88 1.95 -11.06
CA ASP D 801 -30.57 2.10 -9.76
C ASP D 801 -30.03 3.37 -9.09
N VAL D 802 -30.16 3.49 -7.77
CA VAL D 802 -29.69 4.63 -6.93
C VAL D 802 -28.43 4.17 -6.19
N PRO D 803 -27.42 5.04 -5.97
CA PRO D 803 -26.14 4.59 -5.43
C PRO D 803 -26.23 3.82 -4.10
N GLU D 804 -27.13 4.23 -3.20
CA GLU D 804 -27.28 3.66 -1.84
C GLU D 804 -27.89 2.25 -1.91
N ASN D 805 -28.26 1.77 -3.11
CA ASN D 805 -28.67 0.36 -3.37
C ASN D 805 -27.56 -0.39 -4.10
N ASN D 806 -27.08 0.17 -5.23
CA ASN D 806 -26.17 -0.48 -6.20
C ASN D 806 -24.73 0.01 -5.96
N GLN D 807 -24.20 -0.21 -4.75
CA GLN D 807 -22.84 0.25 -4.34
C GLN D 807 -21.81 -0.39 -5.29
N HIS D 808 -21.81 -1.73 -5.34
CA HIS D 808 -20.84 -2.58 -6.09
C HIS D 808 -20.89 -2.27 -7.60
N GLY D 809 -22.05 -1.82 -8.12
CA GLY D 809 -22.26 -1.55 -9.55
C GLY D 809 -21.68 -0.21 -9.99
N TYR D 810 -21.88 0.85 -9.19
CA TYR D 810 -21.37 2.23 -9.42
C TYR D 810 -19.83 2.26 -9.33
N GLU D 811 -19.27 1.81 -8.21
CA GLU D 811 -17.81 1.75 -7.97
C GLU D 811 -17.13 1.08 -9.17
N ALA D 812 -17.62 -0.12 -9.53
CA ALA D 812 -17.05 -1.01 -10.56
C ALA D 812 -17.16 -0.38 -11.96
N GLY D 813 -18.21 0.40 -12.21
CA GLY D 813 -18.49 1.02 -13.52
C GLY D 813 -17.92 2.42 -13.65
N SER D 814 -17.27 2.93 -12.60
CA SER D 814 -16.67 4.29 -12.54
C SER D 814 -15.17 4.22 -12.84
N VAL D 815 -14.79 4.45 -14.09
CA VAL D 815 -13.38 4.32 -14.60
C VAL D 815 -12.42 5.11 -13.71
N ALA D 816 -12.86 6.24 -13.16
CA ALA D 816 -12.04 7.19 -12.35
C ALA D 816 -11.64 6.56 -11.01
N LEU D 817 -12.29 5.46 -10.59
CA LEU D 817 -11.97 4.73 -9.33
C LEU D 817 -11.03 3.55 -9.61
N HIS D 818 -10.80 3.23 -10.89
CA HIS D 818 -9.99 2.07 -11.34
C HIS D 818 -8.81 2.58 -12.17
N VAL D 819 -8.41 3.83 -11.93
CA VAL D 819 -7.30 4.54 -12.62
C VAL D 819 -6.01 3.73 -12.47
N GLU D 820 -5.76 3.15 -11.29
CA GLU D 820 -4.53 2.37 -10.94
C GLU D 820 -4.27 1.29 -12.00
N LYS D 821 -5.31 0.82 -12.70
CA LYS D 821 -5.21 -0.23 -13.75
C LYS D 821 -5.28 0.40 -15.15
N LEU D 822 -4.98 1.70 -15.27
CA LEU D 822 -4.68 2.39 -16.57
C LEU D 822 -3.18 2.23 -16.83
N PRO D 823 -2.71 2.42 -18.09
CA PRO D 823 -1.34 2.08 -18.43
C PRO D 823 -0.31 3.02 -17.80
N ASN D 824 0.89 2.51 -17.55
CA ASN D 824 2.09 3.28 -17.10
C ASN D 824 2.79 3.89 -18.31
N GLU D 825 2.55 3.33 -19.49
CA GLU D 825 3.15 3.80 -20.76
C GLU D 825 2.47 5.11 -21.13
N PRO D 826 3.22 6.21 -21.34
CA PRO D 826 2.66 7.40 -21.98
C PRO D 826 2.25 7.11 -23.43
N ASN D 827 1.37 7.94 -23.98
CA ASN D 827 0.93 7.90 -25.41
C ASN D 827 0.03 6.68 -25.66
N ARG D 828 -0.68 6.20 -24.63
CA ARG D 828 -1.67 5.10 -24.74
C ARG D 828 -3.06 5.61 -24.35
N LEU D 829 -3.21 6.92 -24.09
CA LEU D 829 -4.47 7.51 -23.56
C LEU D 829 -4.55 8.98 -23.98
N LEU D 830 -5.61 9.36 -24.73
CA LEU D 830 -5.84 10.75 -25.21
C LEU D 830 -7.27 11.19 -24.84
N ILE D 831 -7.39 12.10 -23.86
CA ILE D 831 -8.69 12.65 -23.37
C ILE D 831 -9.05 13.88 -24.19
N LEU D 832 -10.19 13.85 -24.88
CA LEU D 832 -10.82 15.03 -25.52
C LEU D 832 -12.03 15.44 -24.67
N HIS D 833 -12.28 16.75 -24.55
CA HIS D 833 -13.50 17.28 -23.87
C HIS D 833 -13.81 18.70 -24.37
N GLY D 834 -15.11 18.99 -24.50
CA GLY D 834 -15.65 20.37 -24.61
C GLY D 834 -15.87 20.97 -23.24
N PHE D 835 -15.27 22.12 -22.96
CA PHE D 835 -15.36 22.86 -21.67
C PHE D 835 -16.83 23.15 -21.35
N LEU D 836 -17.59 23.63 -22.32
CA LEU D 836 -19.00 24.09 -22.15
C LEU D 836 -19.98 22.90 -22.16
N ASP D 837 -19.48 21.67 -22.12
CA ASP D 837 -20.33 20.44 -22.09
C ASP D 837 -21.25 20.52 -20.86
N GLU D 838 -22.56 20.47 -21.11
CA GLU D 838 -23.64 20.69 -20.11
C GLU D 838 -24.34 19.35 -19.82
N ASN D 839 -24.07 18.32 -20.63
CA ASN D 839 -24.54 16.93 -20.41
C ASN D 839 -23.52 16.20 -19.53
N VAL D 840 -22.37 15.86 -20.10
CA VAL D 840 -21.19 15.29 -19.38
C VAL D 840 -20.30 16.47 -18.99
N HIS D 841 -20.46 17.00 -17.78
CA HIS D 841 -19.71 18.16 -17.25
C HIS D 841 -18.21 17.87 -17.32
N PHE D 842 -17.42 18.86 -17.72
CA PHE D 842 -15.94 18.76 -17.84
C PHE D 842 -15.39 18.12 -16.56
N PHE D 843 -16.02 18.41 -15.42
CA PHE D 843 -15.67 17.85 -14.08
C PHE D 843 -15.22 16.39 -14.18
N HIS D 844 -15.88 15.60 -15.03
CA HIS D 844 -15.56 14.17 -15.27
C HIS D 844 -14.10 14.04 -15.67
N THR D 845 -13.71 14.67 -16.78
CA THR D 845 -12.30 14.73 -17.25
C THR D 845 -11.43 15.17 -16.08
N ASN D 846 -11.80 16.30 -15.46
CA ASN D 846 -11.04 16.99 -14.39
C ASN D 846 -10.83 16.02 -13.21
N PHE D 847 -11.85 15.26 -12.84
CA PHE D 847 -11.81 14.27 -11.73
C PHE D 847 -10.83 13.15 -12.08
N LEU D 848 -11.01 12.54 -13.25
CA LEU D 848 -10.10 11.48 -13.78
C LEU D 848 -8.65 12.00 -13.78
N VAL D 849 -8.40 13.20 -14.31
CA VAL D 849 -7.04 13.81 -14.42
C VAL D 849 -6.43 13.89 -13.01
N SER D 850 -7.21 14.27 -12.00
CA SER D 850 -6.75 14.41 -10.60
C SER D 850 -6.45 13.01 -10.02
N GLN D 851 -7.20 12.00 -10.42
CA GLN D 851 -7.03 10.59 -9.97
C GLN D 851 -5.81 9.96 -10.66
N LEU D 852 -5.55 10.33 -11.92
CA LEU D 852 -4.36 9.89 -12.71
C LEU D 852 -3.09 10.43 -12.06
N ILE D 853 -3.12 11.68 -11.57
CA ILE D 853 -1.98 12.40 -10.95
C ILE D 853 -1.59 11.68 -9.64
N ARG D 854 -2.58 11.17 -8.90
CA ARG D 854 -2.39 10.47 -7.60
C ARG D 854 -1.82 9.07 -7.85
N ALA D 855 -2.28 8.38 -8.89
CA ALA D 855 -1.85 7.01 -9.28
C ALA D 855 -0.50 7.05 -10.01
N GLY D 856 -0.05 8.25 -10.41
CA GLY D 856 1.22 8.48 -11.12
C GLY D 856 1.18 7.93 -12.53
N LYS D 857 0.04 8.09 -13.21
CA LYS D 857 -0.20 7.62 -14.58
C LYS D 857 -0.02 8.78 -15.57
N PRO D 858 0.53 8.51 -16.77
CA PRO D 858 0.61 9.53 -17.83
C PRO D 858 -0.74 9.74 -18.53
N TYR D 859 -1.00 10.96 -19.00
CA TYR D 859 -2.15 11.32 -19.88
C TYR D 859 -1.69 12.38 -20.89
N GLN D 860 -2.41 12.46 -22.01
CA GLN D 860 -2.43 13.63 -22.93
C GLN D 860 -3.85 14.20 -22.88
N LEU D 861 -3.98 15.52 -23.02
CA LEU D 861 -5.31 16.19 -23.01
C LEU D 861 -5.43 17.17 -24.18
N GLN D 862 -6.59 17.15 -24.84
CA GLN D 862 -7.07 18.23 -25.73
C GLN D 862 -8.41 18.74 -25.20
N ILE D 863 -8.50 20.05 -24.98
CA ILE D 863 -9.72 20.79 -24.52
C ILE D 863 -10.30 21.55 -25.72
N TYR D 864 -11.63 21.65 -25.80
CA TYR D 864 -12.37 22.43 -26.83
C TYR D 864 -13.11 23.55 -26.13
N PRO D 865 -12.45 24.70 -25.88
CA PRO D 865 -12.98 25.77 -25.02
C PRO D 865 -14.35 26.36 -25.34
N ASN D 866 -14.83 26.27 -26.59
CA ASN D 866 -16.11 26.87 -27.04
C ASN D 866 -17.16 25.78 -27.30
N GLU D 867 -16.76 24.52 -27.44
CA GLU D 867 -17.65 23.39 -27.79
C GLU D 867 -18.31 22.81 -26.52
N ARG D 868 -19.59 22.45 -26.61
CA ARG D 868 -20.35 21.72 -25.57
C ARG D 868 -20.21 20.23 -25.85
N HIS D 869 -21.29 19.43 -25.73
CA HIS D 869 -21.24 17.95 -25.86
C HIS D 869 -20.82 17.54 -27.28
N SER D 870 -21.38 18.15 -28.33
CA SER D 870 -21.03 17.86 -29.74
C SER D 870 -20.22 19.01 -30.32
N ILE D 871 -19.19 18.70 -31.12
CA ILE D 871 -18.25 19.70 -31.71
C ILE D 871 -18.93 20.32 -32.93
N ARG D 872 -19.43 21.56 -32.79
CA ARG D 872 -20.25 22.28 -33.79
C ARG D 872 -19.36 23.03 -34.79
N CYS D 873 -18.57 24.00 -34.32
CA CYS D 873 -17.72 24.90 -35.15
C CYS D 873 -16.78 24.09 -36.04
N PRO D 874 -16.69 24.41 -37.35
CA PRO D 874 -15.87 23.64 -38.28
C PRO D 874 -14.39 23.50 -37.86
N GLU D 875 -13.79 24.60 -37.41
CA GLU D 875 -12.33 24.70 -37.08
C GLU D 875 -11.99 23.75 -35.94
N SER D 876 -12.83 23.73 -34.90
CA SER D 876 -12.72 22.78 -33.75
C SER D 876 -12.77 21.35 -34.30
N GLY D 877 -13.72 21.09 -35.21
CA GLY D 877 -13.96 19.77 -35.82
C GLY D 877 -12.79 19.34 -36.67
N GLU D 878 -12.20 20.25 -37.44
CA GLU D 878 -11.00 19.96 -38.28
C GLU D 878 -9.83 19.67 -37.32
N HIS D 879 -9.67 20.50 -36.28
CA HIS D 879 -8.58 20.33 -35.29
C HIS D 879 -8.72 18.96 -34.61
N TYR D 880 -9.93 18.62 -34.17
CA TYR D 880 -10.29 17.30 -33.61
C TYR D 880 -9.74 16.18 -34.51
N GLU D 881 -10.13 16.16 -35.78
CA GLU D 881 -9.81 15.09 -36.76
C GLU D 881 -8.31 15.10 -37.11
N VAL D 882 -7.68 16.28 -37.11
CA VAL D 882 -6.23 16.44 -37.44
C VAL D 882 -5.40 15.84 -36.30
N THR D 883 -5.76 16.12 -35.05
CA THR D 883 -5.17 15.51 -33.83
C THR D 883 -5.28 13.99 -33.88
N LEU D 884 -6.48 13.49 -34.19
CA LEU D 884 -6.84 12.04 -34.20
C LEU D 884 -5.84 11.27 -35.08
N LEU D 885 -5.67 11.72 -36.33
CA LEU D 885 -4.77 11.09 -37.32
C LEU D 885 -3.35 11.09 -36.76
N HIS D 886 -2.89 12.25 -36.27
CA HIS D 886 -1.51 12.47 -35.76
C HIS D 886 -1.22 11.57 -34.55
N PHE D 887 -2.19 11.37 -33.66
CA PHE D 887 -2.01 10.52 -32.46
C PHE D 887 -1.80 9.06 -32.90
N LEU D 888 -2.66 8.56 -33.79
CA LEU D 888 -2.63 7.14 -34.28
C LEU D 888 -1.40 6.93 -35.16
N GLN D 889 -1.08 7.94 -35.99
CA GLN D 889 0.13 7.97 -36.86
C GLN D 889 1.37 7.72 -36.00
N GLU D 890 1.56 8.55 -34.98
CA GLU D 890 2.75 8.56 -34.07
C GLU D 890 2.76 7.29 -33.20
N TYR D 891 1.66 7.01 -32.51
CA TYR D 891 1.65 6.16 -31.29
C TYR D 891 0.94 4.82 -31.52
N LEU D 892 0.12 4.65 -32.56
CA LEU D 892 -0.54 3.35 -32.84
C LEU D 892 0.53 2.38 -33.33
N HIS D 893 1.30 1.81 -32.39
CA HIS D 893 2.45 0.90 -32.61
C HIS D 893 2.54 -0.11 -31.46
#